data_7ZMH
#
_entry.id   7ZMH
#
_cell.length_a   1.00
_cell.length_b   1.00
_cell.length_c   1.00
_cell.angle_alpha   90.00
_cell.angle_beta   90.00
_cell.angle_gamma   90.00
#
_symmetry.space_group_name_H-M   'P 1'
#
loop_
_entity.id
_entity.type
_entity.pdbx_description
1 polymer 'NADH-ubiquinone oxidoreductase chain 1'
2 polymer 'NADH dehydrogenase subunit 2'
3 polymer 'NADH-ubiquinone oxidoreductase chain 3'
4 polymer 'NADH-ubiquinone oxidoreductase chain 4'
5 polymer 'NADH-ubiquinone oxidoreductase chain 5'
6 polymer 'NADH-ubiquinone oxidoreductase chain 6'
7 polymer 'NADH dehydrogenase [ubiquinone] 1 beta subcomplex subunit 7'
8 polymer 'Subunit NDUFS5 of NADH-ubiquinone oxidoreductase (Complex I)'
9 polymer 'Subunit NDUFA1 of NADH-ubiquinone oxidoreductase (Complex I)'
10 polymer 'NADH-ubiquinone oxidoreductase-like protein'
11 polymer 'NADH-ubiquinone oxidoreductase chain 4L'
12 polymer 'Acyl carrier protein'
13 polymer 'Complex I-B22'
14 polymer 'Complex I-ESSS'
15 polymer 'NADH-ubiquinone oxidoreductase'
16 polymer 'NADH dehydrogenase [ubiquinone] 1 alpha subcomplex subunit 13'
17 polymer 'NADH-ubiquinone oxidoreductase-like protein'
18 polymer 'NADH dehydrogenase (Ubiquinone)-like protein'
19 polymer 'Subunit NDUFC2 of NADH-ubiquinone oxidoreductase (Complex I)'
20 polymer 'Subunit NDUFB3 of NADH-ubiquinone oxidoreductase (Complex I)'
21 polymer 'Subunit NDUFB10 of NADH-ubiquinone oxidoreductase (Complex I)'
22 polymer 'Subunit NDUFB2 of NADH-ubiquinone oxidoreductase (Complex I)'
23 polymer 'Subunit NDUFA3 of NADH-ubiquinone oxidoreductase (Complex I)'
24 polymer 'Subunit NDUFB6 of NADH-ubiquinone oxidoreductase (Complex I)'
25 polymer 'Subunit NDUFB4 of NADH-ubiquinone oxidoreductase (Complex I)'
26 polymer 'Subunit NDUFB5 of NADH-ubiquinone oxidoreductase (Complex I)'
27 non-polymer 1,2-Distearoyl-sn-glycerophosphoethanolamine
28 non-polymer 1,2-DIACYL-SN-GLYCERO-3-PHOSPHOCHOLINE
29 non-polymer CARDIOLIPIN
30 non-polymer 'Lauryl Maltose Neopentyl Glycol'
31 non-polymer 'S-[2-({N-[(2S)-2-hydroxy-3,3-dimethyl-4-(phosphonooxy)butanoyl]-beta-alanyl}amino)ethyl] tetradecanethioate'
32 water water
#
loop_
_entity_poly.entity_id
_entity_poly.type
_entity_poly.pdbx_seq_one_letter_code
_entity_poly.pdbx_strand_id
1 'polypeptide(L)'
;MSYSQTINSLVEVVLVLVPSLVGIAYVTVGERKTMGSMQRRLGPNAVGIYGLLQAFADALKLLLKEYVGPTQANLVLFFL
GPVITLIFSLLGYAVIPYGPGLAVNDLSTGILYMLAVSSLATYGILLAGWSANSKYAFLGSLRSTAQLISYELVLSSSIL
LVIMLSGSLSLTVIVESQRAIWYILPLLPVFIIFFIGSVAETNRAPFDLAEAESELVSGFMTEHAAVIFVFFFLAEYGSI
VLMCILTSILFLGGYLLISLLDIIYNNLLSWIVIGKYIIFIFPFWGPVFIDLGLYEIISYLYNAPTVEGSFYGLSLGVKT
SILIFVFIWTRASFPRIRFDQLMSFCWTVLLPILFALIVLVPCILYSFNIFPVNISLL
;
1
2 'polypeptide(L)'
;MIMISILSLLLSTSVTLRRDMSILFNRISIIALAYCILHDTMSLSFISKGIGLHGGLLHITNLTQIFHIFIFIISILILQ
LTSFYPRKVWIPEYSSLKDIFFNKILYYRTKIINKMGEHMKIIEYPLILLFVISGAVFLISTNDLVSIFLSIELQSYGLY
LLSTIYRNSELSTTGGLIYFLLGGLSSCFILLGTSLLYVNSGTTSLDGLYILNSISDVNPVVAGVGEDGGLTSWYKPYYL
NFSLLIFSIGFLFKVSAAPFHFWSPDVYDAIPTIVTTFVAIIAKISIFIFLLELVYYTNSNANSYLSEFSWTYALLISSL
LSLIIGTVVGLTQFRIKRLLAYSTISHVGFILLALSVSSIESTQAFIFYLIQYSISNLNAFFILITIGFSLYGYVTNNKE
YKSLLDKNNSPIQLISQLKGYFYINPLLSLSLAITIFSFVGVPPLVGFFAKQMVLSAALDNGYIFLSLIAIITSVIGAVY
YLNVIKEIFFYSPEHEVNPVLNESDSNFSLRILNEKNVLIRSVLLKGRNIFISSPFSITISIITNVILLFIFMNKEWLSM
GTILVQILFSA
;
2
3 'polypeptide(L)'
;MSAMSIYIIFVSIIAILFLAIDLIFAPHNPYKEKLSAFECGFHSFSQSRSPFNISFFIYGLVFLLLDLEILLLYPFAVSE
YVNSAYGLAAALIFIGIITIGFVYELGHDALKVHSRQNISTKDLKSSVVISYLGNINNDSVNLHIK
;
3
4 'polypeptide(L)'
;MSLLYVLLIIPIIGIFLISTIDSFYPVTNTNIVLNKKFFRGFNDARQPIKYLYFSEGESFNIENKEDSFFNVSYYKKIAL
ITTILNLIVSLIIYILFDFSNNQFQFIQENLDLSFYDIYLGVDGVSIYFVLLTTIIMPIALVSNWNSITNNIKSYLIIML
LLETLLLAVFLVLDVLLFYIFFESILPPLFILIGLFGSSNKVRASFYIFLYTLLGSLFLLLSILTMSSIVGTTYFDVLLK
SSFEYTTQLFLFFGIFIAFAVKTPVWGLNSWLLRAHVESPLGGSIVLAAIVLKLSLYGVFRLILPILPQASLNLTYIVYA
IGAITVLYASFSTLRTVDVKELIAYSSVAHAAIYLMGVFSNTIQGLEGAILLGLAHGFVSSGLFICAGGILYDRTGTRLI
YFFRGLTQIMPLFSLFFFILCLGNAGTPLTLNFVGEFMSLYGTLERLPIAGMLASTSIIFSAAYSIYMYNRIAFGGSVSL
YFIDCFRDLTKREFFILFTLVSFTVILGIYPSFVLDGLHYNISSVVYGIEPNASYLTQGGNL
;
4
5 'polypeptide(L)'
;MYLSIIILPLLGSVVSGFFGRKVGVSGAQLITCSSVIITTILSIIAFFEVGFNNIPVTINIFRWIDSEWFIINWGFQYDS
LTVSMLIPVLIISSLVHIYSISYMSSDPHNQRFFSYLSLFTFMMIILVTANNYLLMFVGWEGVGVCSYLLVSFWFTRIAA
NQSSISAFLTNRVGDCFLTVGMFAILWSLGNLDYATVFSLAPYINSNVVIIIGICLLIGAMAKSSQVGLHVWLPMAMEGP
TPVSALIHAATMVTAGVYLLMRSSPLIEYSSTVLLLCLWLGAITTVFSSLIGLFQQDIKKVIAYSTMSQLGMMVLSIGLS
SYNIALFHLVNHAFYKALLFLGAGSVIHAVADNQDFRKFGGLISYLPLTYSVMLIASLSLVAFPFMTGFYSKDFILESAY
GQFSFSGVAVYIIATIGAIFTTLYSVKVLYLTFLSNPNGPRTYYRLAIDNFFSAQAIKSYKPAHEGDFFLTLPLVILALF
SIFFGFITKDIFIGLGSNFFVDNSLFIHPIHEIMIDTEFAVPVLFKLLPFIFTISFSVIALTLSELLSELVIYFKFSRFG
YNIFGFFNQRFLIEFFYNKYITNLILNLGGQITKILDKGSIELFGPYGLERGLVKLSKNISSLSTSHVTTYALYILVGFI
LYLIYNNLLLDYSYLLLIIILLLLLMMIGESNSEDVTLH
;
5
6 'polypeptide(L)'
;MNSQISLLLLKEIYTNGSTHIMLDILSVLAVISGICVIISKNPIVSVLHLIGLFAYVSFYLILIGLNFVGLSYLIVYIGA
VSILFLFILMLINIRTSELQSNTSNSIPLTILVGIIISSFLFKMLPYGVIISNQFNSSNLNENLYTIQIVGGEDNNINNI
NTDKNDLFFITSKIWDGALAENNHISSIGNIMYTNYNVWLILASFILLLAMVGAIVITIKPRKI
;
6
7 'polypeptide(L)'
;MATDAAETSRRATREEMRDAKVPLAYRDSCAHLLIPLNRCRYETYYLPWKCEDERHSYEKCQYLEFKKRVQKMEELREAK
GGARSN
;
8
8 'polypeptide(L)'
;MASGYGLNGGPSRCFPFWQELLACYVTNSSEDNPDGKNKCIPVMEDYYECLHHRKEAARVRALQAAYREAEAKKLQENPP
TAGQIRNLGLLNKEEDTKKVHCATATQQWMKMCFALSAKMPCLRGIEVFLTTRPDNEKIPEYPHPEGTSARVICGQHLIR
SPSLASNLSNSAITPPSSFSPRKANPLVSVYLPSVPGTPFTINYKISQVPPEPCKYLFFRLYINARPMVSWGIDPHSRPY
GKVIKSLWLPSDDRYRGLVGFEKRSFVFLPGEEFKSVAEDGGLIEVQVFRAKDRRARTPKLETFRFRDNYGIAAPSIGLL
DKPQNAFFYDWLLIDPKDEPFAKFRMHYRSWRNLKSLNLIPSSEWELLLAVSPKALRTAASTGKIEKPTSPAFSDSDSDD
SLCSATDSDECVFDDHSKKTKSNRSKESPFAFLNSPPERFRAMAPSSEKLPQPSKLLRDSQRAPYQSRPLPELPVEAGVN
STGLNPPSVKVAADLRRKPSATSMESNAVSITPSLLRCMEEGTLDLEKAEVGIAKLVKVAASGSEPSSSSSSATQLTVSA
VREVELRPPQPERKGGLPMDYSFSDYEKSSQSSFGDDERMSNISDMEEKPFPAPPTCYLPTTGSGLERELAMFDSPSPSP
VPYSAMEPPVTPSPSSTPYKTKLGRKPLLFSRRLGLFSPRKSLPSDFLLGQAKKLVVEEETTNSNVSLAFGELTVTDMRA
ESPSPAPKGKPLRRFSTIRVEEISIKEKRPLFNSLRRIASASPRKLAGRVLSMDLGKKGGEEKEG
;
9
9 'polypeptide(L)'
;MPVPFETLIPYGIIIAMFGVTGAGMAKVRHMFNGDKRHRWSVDQWDKQQMERDRRLTGHLRGQTDNPIAPPGFEFNNPWK
V(UNK)(UNK)(UNK)(UNK)(UNK)
;
D
10 'polypeptide(L)'
;MAPIEEEHEHYHPKDAVHLGLKGAAVVGGIGLLFAAVRTSLARKNVGPWAIFTRNGKLAATFAAVGGAYDFTRAAAANLR
EKEDWVNNGIGGLFAGATMGLTTGRIPRVLGFAALTGVVLATAEYAGSGLRGVFKRDVDEYERKEFLRKNRRRPIEETLA
EIGEGRGIKPPGYYERRAQRLKEKYGVDINPVCADPDQA
;
J
11 'polypeptide(L)'
;MNITLILFLIGILGFVLNRKNIILMLISIEIMLLSITFLILLSSLNMDDIIGQTYAIYIIVVAGAESAIGLGILVAFYRL
RGSIAIEYK
;
L
12 'polypeptide(L)'
;MFRSAVLRSAAAATRTTIRSIPPAAAKKFAVAPVSRVTSFIPKTASWQVIRCYASNEGLQKVEVYERIKSLLAGFDKVND
PNNITETAHFANDLGLDSLDTVEVVMAIEEEFSIEIPDKDADQIHSVDKAIEYILRQPDAH
;
Q
13 'polypeptide(L)'
;MSNRQAALSLYRRALKLALDWTVHRNLWRGQALYIRSLFEKNRNVTDPRLQRALLKETEKLLEKWKHPDPYCPPTAPGGS
KYERNLPVPNLEPPPPLKF
;
R
14 'polypeptide(L)'
;MDGGPPTFAFRPTARQAPGKLSSAPVTTRLAAAALSRASTVSSKALTPARFRFFSTTQRRAGGHGMQYDPPTGWLWGVRP
GEKYQNEGWEGPFFYGFWGSLIVFAIAYAYKPDTSIQTWALEEARRRLEAEGILEDPNPTKKE
;
S
15 'polypeptide(L)'
;MATRKPAFNQHVLLDTTPLPDSIPKVKEIGASSAPLLSASFFIGARCKDYNDDYMQCKNENPGRGEFECLKEGRRVTRCA
RSVLKDINTHCLEQFRAHWQCLDNNNQQLWQCRPAEWKLNKCVYENLKLEKVIPDQPKNSTPVHLRQRQIFAHHAIPPWE
RPFIPGQPEPQLPAGIEIPEKYKNQS
;
U
16 'polypeptide(L)'
;MPQDMPPPGGYEAVQYKRNLPSRGLFRPRPLLAGAAVLMLYGWYKLVKGIREQNELAREKMWARIHLIPLLQAEEDRDHV
RRYLADQAREKGLLGENIKVYNSDRYVRPTFAVTPSKPAQE
;
W
17 'polypeptide(L)'
;MSNTPTQTYQFPSKTVKTDYPLIDNDPHFTRVIRYARPSDYAHGLAAAAAGPAALWLMERISPSQVGRGGFAKAMRLAGF
IGLAGGFLYFYQRSILRFYGMSENAREVEMDMREMTDRVKAGLPLYGESRLSPAMQGVAARQSRYSALFFGVMPWFNFVN
HNQHGVDTAKYYQQAERELEAERLAREQAQQ
;
X
18 'polypeptide(L)'
;MLSRRLVRAVAPLRSPVLPAARRLPLIQQRTFLPEAMVGRSKIDEKYPDSDYPTLTDKEDPDMNGGYINPPRIKRQFRDP
HADWWDKQERRNFGEPVHEDHDILGMFSPYEYTWITPGKGLFQIGLFIASFLGLCYVVKLTYPDRVSYPREFEGGLEREL
GGAGAVRAFLCLDDEIMWMVSLYCLPASKLISSPVALQDKSTSSASAMRYDDWDVILFPTGRDSKIPFKEFKVACHVVPD
IELAHLHGAVGSPVMTCFVPSLPPGTPFQVSIHCWRRPEISQFARTYSKNPDLVKFEARVTLDGRLVASAILDRDVNGPH
LITSTFEFTKTGELERLTFPAFRQEILRQNHWHPGDDLGRIKVIISEGFPRDSLTVPIERVKNIVTFSFQHAPLGKIPGI
AWPNPGMWRRPTPNPAVSVPTYFPGDGAESHAHSPGKRSLLLKGIRNHGFPSTVIPGSIFHHQSNPAGLLNPPGFKVPHF
SASNPSVPNIFSPHDPFAEPTYRDWMSSITNVQAGDFWDGRTTWPINPRNFHKSDTIMADCPSQGGDPMQISGSSLEDDP
LRLKAPQNTPTEGGEGPNPGAQFAHPIPSELTADLESALSQSLLNQAPTSAISQRNFPMPHSDGLSRKEGRQVSLGQGTS
AQMPSTSSSMEARRLSQALFGMNNLPIEASVNNGVSASVTPLFAANQRSVNNPLVATFGSAILSQGSTNPSGTEQSTDTT
ATTTAAAAAAVTDVQVEPPAPTSNAANESVINLTSGTSSTSTVHANVPTSVSKRPRNFTPASARVIDEEDEPRRTSPQVQ
VGGFAETTSVEESIQ
;
a
19 'polypeptide(L)'
;MVNRILFWTGFGLAVRFWQLGIEMRPFFNRKSLWAYPLFGGVGASFGYWLQSIDEKQTKMLEERKQAILEKRARRAQRQA
EAAATAPSPSAQEA
;
b
20 'polypeptide(L)'
;MQPTRILRNNGEKPNITGFDMREFLRHTKTPTYDPWERHEAWRYTGRFSRFNRFKGALPGFGIATVAFTAYCVFEHFFLK
DDHHGHHGEKEHH
;
c
21 'polypeptide(L)'
;MPTPESEAFLAKKPQVPPTFDGVDYEDNKRLKQAQDAIIREQWVQVMMGRLVREELSKCYYREGVNHLEKCGKLRERYLQ
LLANAKVKGYLFEQQNYWSKENQQQ
;
d
22 'polypeptide(L)' MAGGGQHVSRVHRFLATGLGASMWFWIFYRAKKDGPVLLGWKHPWD e
23 'polypeptide(L)'
;MSATTPRFWSTPLKYCRWAARERPALFFSVVIGALGPVTLATVPPLRRLIGDVDAAPIPLTYPIPPGPRKQLKGYDDDTE
DN
;
g
24 'polypeptide(L)'
;MGGGPKIPYPKHVWSPAGGWYAQPANWKQNTAIFGLVIFGITAMVWKYSAEHEVRHKMPEPDRFYPSRYWVKQIKDYERA
QKEKQQNNTEASS
;
i
25 'polypeptide(L)' MAGLQHYKIAMDPALVRLGSMISNRYKYFRWTKRTALVSFMYVVVVPSTIGYLAYKTDGLWDLRAKRRGDLISER j
26 'polypeptide(L)'
;MLALRQRAALLARRVRPTVVVPRNARTYASSHDHDHHDHHHDHGHNVEEPLGAAFYIAVGGIASSFVIYNISRPGPNGEP
SSLHKWFSKISDYKDEWETRNTLMAAALEQAAHDKHLLLTAERSRHIELKYPEVFSHGSPFNVPAGFYPNLDHVIEHYRK
QHLEEEERKAKKLAAAAAAASEAR
;
n
#
loop_
_chem_comp.id
_chem_comp.type
_chem_comp.name
_chem_comp.formula
3PE non-polymer 1,2-Distearoyl-sn-glycerophosphoethanolamine 'C41 H82 N O8 P'
CDL non-polymer CARDIOLIPIN 'C81 H156 O17 P2 -2'
LMN non-polymer 'Lauryl Maltose Neopentyl Glycol' 'C47 H88 O22'
PC1 non-polymer 1,2-DIACYL-SN-GLYCERO-3-PHOSPHOCHOLINE 'C44 H88 N O8 P'
ZMP non-polymer 'S-[2-({N-[(2S)-2-hydroxy-3,3-dimethyl-4-(phosphonooxy)butanoyl]-beta-alanyl}amino)ethyl] tetradecanethioate' 'C25 H49 N2 O8 P S'
#
# COMPACT_ATOMS: atom_id res chain seq x y z
N MET A 1 -50.18 30.35 59.41
CA MET A 1 -50.70 31.64 59.00
C MET A 1 -52.18 31.80 59.36
N SER A 2 -52.64 33.06 59.40
CA SER A 2 -53.88 33.37 60.09
C SER A 2 -55.11 33.23 59.20
N TYR A 3 -55.09 33.80 58.01
CA TYR A 3 -56.19 33.64 57.08
C TYR A 3 -55.69 32.94 55.82
N SER A 4 -56.54 32.89 54.80
CA SER A 4 -56.24 32.12 53.61
C SER A 4 -55.03 32.67 52.86
N GLN A 5 -54.14 31.74 52.42
CA GLN A 5 -52.95 32.14 51.63
C GLN A 5 -53.38 32.73 50.29
N THR A 6 -54.40 32.21 49.66
CA THR A 6 -54.85 32.79 48.39
C THR A 6 -55.37 34.20 48.57
N ILE A 7 -56.13 34.44 49.65
CA ILE A 7 -56.60 35.78 49.95
C ILE A 7 -55.43 36.73 50.16
N ASN A 8 -54.44 36.29 50.95
CA ASN A 8 -53.28 37.12 51.22
C ASN A 8 -52.58 37.52 49.92
N SER A 9 -52.37 36.56 49.03
CA SER A 9 -51.66 36.84 47.79
C SER A 9 -52.46 37.78 46.90
N LEU A 10 -53.77 37.57 46.81
CA LEU A 10 -54.64 38.47 46.03
C LEU A 10 -54.52 39.91 46.51
N VAL A 11 -54.60 40.15 47.82
CA VAL A 11 -54.62 41.51 48.33
C VAL A 11 -53.28 42.19 48.11
N GLU A 12 -52.18 41.45 48.29
CA GLU A 12 -50.86 42.03 48.09
C GLU A 12 -50.65 42.45 46.64
N VAL A 13 -51.10 41.63 45.69
CA VAL A 13 -50.98 41.98 44.28
C VAL A 13 -51.86 43.18 43.96
N VAL A 14 -53.07 43.22 44.49
CA VAL A 14 -53.93 44.38 44.29
C VAL A 14 -53.30 45.62 44.91
N LEU A 15 -52.68 45.47 46.08
CA LEU A 15 -52.08 46.60 46.76
C LEU A 15 -50.87 47.15 46.02
N VAL A 16 -50.18 46.34 45.23
CA VAL A 16 -49.05 46.83 44.46
C VAL A 16 -49.48 47.34 43.10
N LEU A 17 -50.14 46.55 42.28
CA LEU A 17 -50.43 46.90 40.85
C LEU A 17 -51.38 48.08 40.71
N VAL A 18 -52.47 48.05 41.47
CA VAL A 18 -53.45 49.16 41.27
C VAL A 18 -52.86 50.53 41.65
N PRO A 19 -52.28 50.75 42.86
CA PRO A 19 -51.65 52.03 43.15
C PRO A 19 -50.51 52.35 42.18
N SER A 20 -49.78 51.34 41.71
CA SER A 20 -48.68 51.56 40.73
C SER A 20 -49.19 52.14 39.40
N LEU A 21 -50.37 51.74 38.94
CA LEU A 21 -50.93 52.19 37.66
C LEU A 21 -51.53 53.57 37.88
N VAL A 22 -52.10 53.83 39.04
CA VAL A 22 -52.53 55.20 39.36
C VAL A 22 -51.32 56.13 39.37
N GLY A 23 -50.23 55.69 39.97
CA GLY A 23 -49.00 56.47 39.93
C GLY A 23 -48.52 56.73 38.51
N ILE A 24 -48.59 55.71 37.66
CA ILE A 24 -48.16 55.89 36.28
C ILE A 24 -49.07 56.86 35.55
N ALA A 25 -50.37 56.80 35.83
CA ALA A 25 -51.31 57.72 35.20
C ALA A 25 -50.98 59.17 35.53
N TYR A 26 -50.63 59.46 36.78
CA TYR A 26 -50.35 60.82 37.17
C TYR A 26 -48.92 61.26 36.88
N VAL A 27 -48.02 60.33 36.56
CA VAL A 27 -46.72 60.74 36.05
C VAL A 27 -46.87 61.42 34.69
N THR A 28 -47.72 60.89 33.81
CA THR A 28 -47.94 61.54 32.53
C THR A 28 -48.64 62.88 32.69
N VAL A 29 -49.53 63.00 33.67
CA VAL A 29 -50.12 64.30 33.99
C VAL A 29 -49.07 65.24 34.55
N GLY A 30 -48.26 64.75 35.48
CA GLY A 30 -47.23 65.59 36.08
C GLY A 30 -46.17 66.01 35.09
N GLU A 31 -45.84 65.15 34.12
CA GLU A 31 -44.85 65.51 33.13
C GLU A 31 -45.29 66.73 32.31
N ARG A 32 -46.55 66.79 31.94
CA ARG A 32 -47.03 67.92 31.15
C ARG A 32 -47.15 69.18 31.99
N LYS A 33 -47.60 69.06 33.23
CA LYS A 33 -47.70 70.23 34.10
C LYS A 33 -46.33 70.78 34.45
N THR A 34 -45.37 69.90 34.72
CA THR A 34 -44.03 70.34 35.09
C THR A 34 -43.31 70.99 33.92
N MET A 35 -43.37 70.34 32.75
CA MET A 35 -42.81 70.96 31.56
C MET A 35 -43.53 72.24 31.22
N GLY A 36 -44.84 72.29 31.47
CA GLY A 36 -45.57 73.54 31.28
C GLY A 36 -45.08 74.67 32.17
N SER A 37 -44.88 74.38 33.47
CA SER A 37 -44.38 75.40 34.38
C SER A 37 -42.98 75.86 34.01
N MET A 38 -42.12 74.92 33.58
CA MET A 38 -40.81 75.28 33.08
C MET A 38 -40.91 76.12 31.82
N GLN A 39 -41.97 75.93 31.05
CA GLN A 39 -42.18 76.60 29.78
C GLN A 39 -43.03 77.85 29.92
N ARG A 40 -43.23 78.32 31.15
CA ARG A 40 -44.02 79.51 31.44
C ARG A 40 -45.47 79.36 31.01
N ARG A 41 -45.99 78.15 30.99
CA ARG A 41 -47.39 77.89 30.70
C ARG A 41 -47.98 77.07 31.85
N LEU A 42 -49.18 76.56 31.65
CA LEU A 42 -49.88 75.82 32.69
C LEU A 42 -49.76 74.31 32.52
N GLY A 43 -50.18 73.79 31.37
CA GLY A 43 -50.40 72.38 31.22
C GLY A 43 -51.85 72.05 31.53
N PRO A 44 -52.19 70.77 31.50
CA PRO A 44 -53.57 70.35 31.77
C PRO A 44 -54.18 70.88 33.05
N ASN A 45 -55.24 71.70 32.94
CA ASN A 45 -56.00 72.12 34.10
C ASN A 45 -57.51 72.15 33.81
N ALA A 46 -57.97 71.42 32.81
CA ALA A 46 -59.36 71.49 32.37
C ALA A 46 -60.06 70.14 32.42
N VAL A 47 -59.38 69.07 32.01
CA VAL A 47 -59.98 67.74 31.99
C VAL A 47 -59.91 67.20 33.41
N GLY A 48 -61.00 67.31 34.15
CA GLY A 48 -61.00 67.13 35.58
C GLY A 48 -60.60 68.40 36.31
N ILE A 49 -60.99 68.46 37.58
CA ILE A 49 -60.53 69.55 38.45
C ILE A 49 -59.02 69.54 38.49
N TYR A 50 -58.42 70.70 38.18
CA TYR A 50 -56.97 70.89 38.14
C TYR A 50 -56.30 70.02 37.08
N GLY A 51 -57.06 69.52 36.11
CA GLY A 51 -56.52 68.64 35.11
C GLY A 51 -56.20 67.24 35.60
N LEU A 52 -56.87 66.77 36.64
CA LEU A 52 -56.49 65.46 37.25
C LEU A 52 -57.16 64.28 36.56
N LEU A 53 -58.00 64.53 35.57
CA LEU A 53 -58.59 63.43 34.81
C LEU A 53 -57.99 63.31 33.42
N GLN A 54 -56.94 64.09 33.13
CA GLN A 54 -56.44 64.20 31.76
C GLN A 54 -55.94 62.87 31.22
N ALA A 55 -55.19 62.11 32.03
CA ALA A 55 -54.65 60.84 31.57
C ALA A 55 -55.75 59.81 31.33
N PHE A 56 -56.82 59.87 32.11
CA PHE A 56 -57.92 58.92 31.91
C PHE A 56 -58.70 59.24 30.65
N ALA A 57 -58.92 60.53 30.36
CA ALA A 57 -59.54 60.90 29.10
C ALA A 57 -58.71 60.43 27.92
N ASP A 58 -57.38 60.62 28.00
CA ASP A 58 -56.50 60.25 26.91
C ASP A 58 -56.55 58.74 26.66
N ALA A 59 -56.57 57.96 27.74
CA ALA A 59 -56.62 56.51 27.60
C ALA A 59 -57.96 56.04 27.05
N LEU A 60 -59.06 56.63 27.53
CA LEU A 60 -60.37 56.21 27.03
C LEU A 60 -60.58 56.64 25.58
N LYS A 61 -60.05 57.80 25.19
CA LYS A 61 -60.11 58.20 23.78
C LYS A 61 -59.40 57.17 22.92
N LEU A 62 -58.22 56.74 23.36
CA LEU A 62 -57.38 55.86 22.55
C LEU A 62 -57.95 54.46 22.48
N LEU A 63 -58.63 54.00 23.53
CA LEU A 63 -59.20 52.67 23.53
C LEU A 63 -60.46 52.56 22.69
N LEU A 64 -61.19 53.65 22.52
CA LEU A 64 -62.38 53.66 21.67
C LEU A 64 -62.05 54.06 20.24
N LYS A 65 -60.80 54.33 19.94
CA LYS A 65 -60.39 54.70 18.60
C LYS A 65 -60.17 53.45 17.75
N GLU A 66 -60.47 53.57 16.47
CA GLU A 66 -60.24 52.47 15.54
C GLU A 66 -58.76 52.19 15.36
N TYR A 67 -58.41 50.92 15.18
CA TYR A 67 -57.04 50.53 14.96
C TYR A 67 -56.83 50.14 13.51
N VAL A 68 -55.72 50.58 12.93
CA VAL A 68 -55.33 50.21 11.58
C VAL A 68 -54.10 49.32 11.68
N GLY A 69 -54.28 48.05 11.29
CA GLY A 69 -53.19 47.11 11.31
C GLY A 69 -52.41 47.15 10.01
N PRO A 70 -51.58 46.13 9.78
CA PRO A 70 -50.84 46.06 8.52
C PRO A 70 -51.74 45.61 7.38
N THR A 71 -51.15 45.37 6.21
CA THR A 71 -51.90 44.90 5.05
C THR A 71 -52.22 43.40 5.19
N GLN A 72 -52.93 43.07 6.27
CA GLN A 72 -53.31 41.70 6.60
C GLN A 72 -52.09 40.78 6.68
N ALA A 73 -50.99 41.31 7.21
CA ALA A 73 -49.78 40.52 7.38
C ALA A 73 -50.02 39.37 8.35
N ASN A 74 -50.28 39.71 9.62
CA ASN A 74 -50.63 38.70 10.63
C ASN A 74 -51.24 39.42 11.82
N LEU A 75 -52.48 39.07 12.15
CA LEU A 75 -53.15 39.73 13.27
C LEU A 75 -52.49 39.38 14.59
N VAL A 76 -52.17 38.10 14.79
CA VAL A 76 -51.52 37.66 16.05
C VAL A 76 -50.22 38.45 16.23
N LEU A 77 -49.37 38.48 15.21
CA LEU A 77 -48.05 39.09 15.36
C LEU A 77 -48.17 40.58 15.62
N PHE A 78 -49.20 41.23 15.07
CA PHE A 78 -49.36 42.66 15.28
C PHE A 78 -49.54 43.01 16.75
N PHE A 79 -50.32 42.21 17.48
CA PHE A 79 -50.55 42.47 18.88
C PHE A 79 -49.53 41.83 19.81
N LEU A 80 -48.75 40.86 19.32
CA LEU A 80 -47.88 40.09 20.20
C LEU A 80 -46.82 40.98 20.82
N GLY A 81 -46.10 41.73 20.00
CA GLY A 81 -45.03 42.59 20.47
C GLY A 81 -45.48 43.65 21.45
N PRO A 82 -46.56 44.38 21.13
CA PRO A 82 -47.12 45.29 22.13
C PRO A 82 -47.52 44.60 23.42
N VAL A 83 -48.13 43.42 23.34
CA VAL A 83 -48.54 42.72 24.54
C VAL A 83 -47.32 42.27 25.33
N ILE A 84 -46.30 41.74 24.64
CA ILE A 84 -45.06 41.38 25.29
C ILE A 84 -44.46 42.58 26.01
N THR A 85 -44.40 43.72 25.33
CA THR A 85 -43.74 44.89 25.89
C THR A 85 -44.40 45.33 27.18
N LEU A 86 -45.72 45.41 27.18
CA LEU A 86 -46.43 45.89 28.35
C LEU A 86 -46.32 44.91 29.52
N ILE A 87 -46.50 43.62 29.26
CA ILE A 87 -46.51 42.64 30.34
C ILE A 87 -45.16 42.61 31.05
N PHE A 88 -44.07 42.56 30.29
CA PHE A 88 -42.76 42.44 30.90
C PHE A 88 -42.26 43.76 31.44
N SER A 89 -42.90 44.87 31.04
CA SER A 89 -42.54 46.19 31.61
C SER A 89 -43.18 46.31 33.00
N LEU A 90 -44.33 45.68 33.22
CA LEU A 90 -45.00 45.76 34.54
C LEU A 90 -44.53 44.63 35.44
N LEU A 91 -43.83 43.63 34.91
CA LEU A 91 -43.50 42.48 35.75
C LEU A 91 -42.48 42.83 36.82
N GLY A 92 -41.61 43.80 36.55
CA GLY A 92 -40.57 44.18 37.47
C GLY A 92 -41.04 44.80 38.76
N TYR A 93 -42.32 45.17 38.86
CA TYR A 93 -42.89 45.73 40.11
C TYR A 93 -43.05 44.65 41.17
N ALA A 94 -43.04 43.38 40.76
CA ALA A 94 -43.33 42.29 41.68
C ALA A 94 -42.21 42.04 42.70
N VAL A 95 -41.01 42.61 42.52
CA VAL A 95 -39.94 42.40 43.47
C VAL A 95 -39.54 43.68 44.18
N ILE A 96 -40.28 44.76 43.99
CA ILE A 96 -39.97 46.03 44.62
C ILE A 96 -40.36 45.99 46.10
N PRO A 97 -39.42 46.18 47.05
CA PRO A 97 -39.81 46.09 48.43
C PRO A 97 -40.31 47.46 48.93
N TYR A 98 -41.58 47.51 49.33
CA TYR A 98 -42.16 48.74 49.91
C TYR A 98 -41.97 48.55 51.40
N GLY A 99 -40.73 48.55 51.87
CA GLY A 99 -40.43 48.15 53.25
C GLY A 99 -39.71 46.79 53.27
N PRO A 100 -39.01 46.35 54.36
CA PRO A 100 -38.22 45.11 54.38
C PRO A 100 -39.07 43.88 54.09
N GLY A 101 -38.75 43.22 52.98
CA GLY A 101 -39.48 42.06 52.52
C GLY A 101 -40.88 42.35 52.04
N LEU A 102 -41.29 43.61 51.98
CA LEU A 102 -42.65 43.97 51.63
C LEU A 102 -42.79 44.09 50.12
N ALA A 103 -42.59 42.95 49.47
CA ALA A 103 -42.70 42.82 48.04
C ALA A 103 -43.65 41.67 47.73
N VAL A 104 -44.20 41.70 46.52
CA VAL A 104 -44.99 40.59 46.02
C VAL A 104 -44.18 39.30 46.10
N ASN A 105 -42.90 39.39 45.78
CA ASN A 105 -41.98 38.26 45.82
C ASN A 105 -40.67 38.77 46.40
N ASP A 106 -40.33 38.32 47.61
CA ASP A 106 -39.07 38.69 48.24
C ASP A 106 -38.00 37.70 47.78
N LEU A 107 -37.46 37.98 46.61
CA LEU A 107 -36.63 37.04 45.87
C LEU A 107 -35.15 37.26 46.18
N SER A 108 -34.42 36.17 46.35
CA SER A 108 -32.98 36.28 46.57
C SER A 108 -32.25 36.66 45.29
N THR A 109 -32.83 36.40 44.11
CA THR A 109 -32.20 36.76 42.80
C THR A 109 -32.94 37.95 42.21
N GLY A 110 -33.52 38.80 43.07
CA GLY A 110 -34.43 39.83 42.62
C GLY A 110 -33.83 40.76 41.57
N ILE A 111 -32.55 41.09 41.72
CA ILE A 111 -31.89 41.99 40.78
C ILE A 111 -31.76 41.34 39.41
N LEU A 112 -31.43 40.05 39.38
CA LEU A 112 -31.37 39.31 38.13
C LEU A 112 -32.75 39.23 37.48
N TYR A 113 -33.79 39.10 38.31
CA TYR A 113 -35.15 39.06 37.80
C TYR A 113 -35.52 40.35 37.08
N MET A 114 -35.15 41.50 37.64
CA MET A 114 -35.40 42.77 36.96
C MET A 114 -34.65 42.83 35.63
N LEU A 115 -33.41 42.35 35.60
CA LEU A 115 -32.63 42.38 34.36
C LEU A 115 -33.23 41.47 33.29
N ALA A 116 -33.82 40.34 33.71
CA ALA A 116 -34.41 39.41 32.77
C ALA A 116 -35.71 39.94 32.17
N VAL A 117 -36.57 40.53 32.99
CA VAL A 117 -37.85 41.02 32.48
C VAL A 117 -37.63 42.22 31.55
N SER A 118 -36.64 43.05 31.86
CA SER A 118 -36.35 44.21 31.02
C SER A 118 -35.87 43.78 29.64
N SER A 119 -35.04 42.73 29.57
CA SER A 119 -34.56 42.26 28.29
C SER A 119 -35.63 41.53 27.50
N LEU A 120 -36.66 41.03 28.18
CA LEU A 120 -37.80 40.44 27.43
C LEU A 120 -38.68 41.56 26.85
N ALA A 121 -38.71 42.73 27.48
CA ALA A 121 -39.52 43.84 26.97
C ALA A 121 -38.95 44.42 25.69
N THR A 122 -37.65 44.30 25.46
CA THR A 122 -37.03 44.83 24.26
C THR A 122 -37.53 44.10 23.01
N TYR A 123 -37.94 42.85 23.16
CA TYR A 123 -38.38 42.06 22.01
C TYR A 123 -39.60 42.64 21.35
N GLY A 124 -40.54 43.15 22.15
CA GLY A 124 -41.76 43.69 21.57
C GLY A 124 -41.51 44.85 20.64
N ILE A 125 -40.55 45.71 20.98
CA ILE A 125 -40.19 46.83 20.11
C ILE A 125 -39.62 46.32 18.80
N LEU A 126 -38.68 45.39 18.87
CA LEU A 126 -38.15 44.81 17.65
C LEU A 126 -39.26 44.11 16.87
N LEU A 127 -40.09 43.34 17.57
CA LEU A 127 -41.17 42.61 16.91
C LEU A 127 -42.19 43.55 16.29
N ALA A 128 -42.54 44.63 16.99
CA ALA A 128 -43.52 45.57 16.47
C ALA A 128 -43.00 46.24 15.19
N GLY A 129 -41.74 46.67 15.19
CA GLY A 129 -41.20 47.35 14.03
C GLY A 129 -41.16 46.47 12.79
N TRP A 130 -40.88 45.18 12.98
CA TRP A 130 -40.90 44.25 11.87
C TRP A 130 -42.29 44.07 11.30
N SER A 131 -43.29 43.97 12.16
CA SER A 131 -44.66 43.78 11.72
C SER A 131 -45.23 44.98 11.00
N ALA A 132 -44.57 46.14 11.06
CA ALA A 132 -45.06 47.31 10.34
C ALA A 132 -45.01 47.12 8.83
N ASN A 133 -44.18 46.20 8.35
CA ASN A 133 -44.02 45.96 6.91
C ASN A 133 -43.59 47.22 6.17
N SER A 134 -42.83 48.08 6.84
CA SER A 134 -42.30 49.30 6.24
C SER A 134 -40.80 49.33 6.46
N LYS A 135 -40.05 49.65 5.40
CA LYS A 135 -38.60 49.64 5.50
C LYS A 135 -38.10 50.73 6.45
N TYR A 136 -38.56 51.96 6.25
CA TYR A 136 -38.08 53.08 7.07
C TYR A 136 -38.44 52.90 8.54
N ALA A 137 -39.68 52.50 8.81
CA ALA A 137 -40.12 52.37 10.20
C ALA A 137 -39.34 51.26 10.91
N PHE A 138 -39.05 50.18 10.20
CA PHE A 138 -38.31 49.08 10.80
C PHE A 138 -36.89 49.49 11.17
N LEU A 139 -36.23 50.27 10.31
CA LEU A 139 -34.87 50.70 10.61
C LEU A 139 -34.82 51.57 11.85
N GLY A 140 -35.85 52.38 12.08
CA GLY A 140 -35.93 53.14 13.32
C GLY A 140 -36.14 52.24 14.52
N SER A 141 -37.05 51.27 14.41
CA SER A 141 -37.26 50.33 15.51
C SER A 141 -36.01 49.51 15.76
N LEU A 142 -35.23 49.28 14.70
CA LEU A 142 -33.99 48.49 14.82
C LEU A 142 -32.97 49.36 15.53
N ARG A 143 -32.90 50.62 15.11
CA ARG A 143 -31.99 51.54 15.79
C ARG A 143 -32.36 51.70 17.26
N SER A 144 -33.65 51.68 17.57
CA SER A 144 -34.08 51.76 18.95
C SER A 144 -33.64 50.54 19.74
N THR A 145 -33.75 49.34 19.14
CA THR A 145 -33.33 48.12 19.82
C THR A 145 -31.83 48.12 20.07
N ALA A 146 -31.05 48.65 19.12
CA ALA A 146 -29.61 48.78 19.33
C ALA A 146 -29.31 49.65 20.51
N GLN A 147 -30.03 50.77 20.65
CA GLN A 147 -29.82 51.66 21.78
C GLN A 147 -30.16 50.96 23.10
N LEU A 148 -31.26 50.18 23.11
CA LEU A 148 -31.72 49.59 24.35
C LEU A 148 -30.76 48.53 24.90
N ILE A 149 -30.24 47.63 24.06
CA ILE A 149 -29.30 46.56 24.50
C ILE A 149 -27.97 47.21 24.92
N SER A 150 -27.54 48.25 24.20
CA SER A 150 -26.28 48.90 24.54
C SER A 150 -26.31 49.51 25.93
N TYR A 151 -27.34 50.28 26.24
CA TYR A 151 -27.44 50.90 27.54
C TYR A 151 -27.98 49.95 28.60
N GLU A 152 -28.52 48.81 28.17
CA GLU A 152 -28.74 47.70 29.10
C GLU A 152 -27.44 47.20 29.68
N LEU A 153 -26.38 47.17 28.87
CA LEU A 153 -25.06 46.81 29.35
C LEU A 153 -24.57 47.81 30.38
N VAL A 154 -24.88 49.09 30.17
CA VAL A 154 -24.50 50.14 31.12
C VAL A 154 -25.17 49.89 32.47
N LEU A 155 -26.47 49.59 32.45
CA LEU A 155 -27.18 49.34 33.70
C LEU A 155 -26.67 48.08 34.40
N SER A 156 -26.44 47.00 33.63
CA SER A 156 -25.91 45.77 34.22
C SER A 156 -24.52 45.98 34.80
N SER A 157 -23.65 46.70 34.09
CA SER A 157 -22.32 46.99 34.61
C SER A 157 -22.40 47.84 35.87
N SER A 158 -23.30 48.83 35.88
CA SER A 158 -23.50 49.67 37.06
C SER A 158 -24.03 48.86 38.23
N ILE A 159 -24.97 47.94 37.98
CA ILE A 159 -25.58 47.17 39.05
C ILE A 159 -24.57 46.26 39.71
N LEU A 160 -23.64 45.69 38.92
CA LEU A 160 -22.63 44.81 39.47
C LEU A 160 -21.80 45.53 40.54
N LEU A 161 -21.52 46.81 40.33
CA LEU A 161 -20.80 47.59 41.33
C LEU A 161 -21.59 47.69 42.63
N VAL A 162 -22.90 47.85 42.56
CA VAL A 162 -23.72 47.91 43.76
C VAL A 162 -23.76 46.55 44.47
N ILE A 163 -23.80 45.46 43.69
CA ILE A 163 -23.81 44.11 44.29
C ILE A 163 -22.52 43.82 45.01
N MET A 164 -21.39 44.32 44.50
CA MET A 164 -20.12 44.16 45.21
C MET A 164 -20.16 44.79 46.60
N LEU A 165 -20.87 45.91 46.76
CA LEU A 165 -20.94 46.53 48.09
C LEU A 165 -21.88 45.77 49.01
N SER A 166 -23.00 45.29 48.49
CA SER A 166 -24.01 44.63 49.30
C SER A 166 -23.78 43.13 49.42
N GLY A 167 -23.15 42.51 48.44
CA GLY A 167 -22.96 41.08 48.43
C GLY A 167 -24.22 40.27 48.19
N SER A 168 -25.25 40.88 47.60
CA SER A 168 -26.55 40.23 47.51
C SER A 168 -27.30 40.76 46.31
N LEU A 169 -28.13 39.90 45.73
CA LEU A 169 -29.05 40.27 44.67
C LEU A 169 -30.45 40.58 45.18
N SER A 170 -30.71 40.39 46.46
CA SER A 170 -32.01 40.68 47.03
C SER A 170 -32.18 42.18 47.23
N LEU A 171 -33.34 42.70 46.79
CA LEU A 171 -33.60 44.17 46.86
C LEU A 171 -33.73 44.66 48.30
N THR A 172 -34.27 43.84 49.17
CA THR A 172 -34.37 44.21 50.57
C THR A 172 -32.98 44.29 51.21
N VAL A 173 -32.10 43.36 50.86
CA VAL A 173 -30.75 43.39 51.41
C VAL A 173 -30.00 44.63 50.94
N ILE A 174 -30.15 44.99 49.66
CA ILE A 174 -29.48 46.17 49.13
C ILE A 174 -29.92 47.42 49.89
N VAL A 175 -31.21 47.53 50.20
CA VAL A 175 -31.69 48.69 50.94
C VAL A 175 -31.17 48.67 52.38
N GLU A 176 -31.32 47.54 53.07
CA GLU A 176 -30.88 47.41 54.49
C GLU A 176 -29.37 47.66 54.60
N SER A 177 -28.60 47.28 53.57
CA SER A 177 -27.18 47.55 53.58
C SER A 177 -26.89 49.05 53.63
N GLN A 178 -27.81 49.86 53.13
CA GLN A 178 -27.60 51.30 53.04
C GLN A 178 -27.98 52.05 54.32
N ARG A 179 -28.24 51.31 55.39
CA ARG A 179 -28.40 51.96 56.71
C ARG A 179 -27.01 52.44 57.11
N ALA A 180 -25.97 51.81 56.55
CA ALA A 180 -24.62 52.32 56.72
C ALA A 180 -24.45 53.67 56.02
N ILE A 181 -24.74 53.71 54.72
CA ILE A 181 -24.72 54.92 53.93
C ILE A 181 -25.47 54.65 52.64
N TRP A 182 -26.16 55.66 52.13
CA TRP A 182 -26.72 55.56 50.79
C TRP A 182 -25.59 55.43 49.78
N TYR A 183 -25.73 54.49 48.85
CA TYR A 183 -24.63 54.19 47.96
C TYR A 183 -24.32 55.34 47.01
N ILE A 184 -25.18 56.34 46.93
CA ILE A 184 -24.92 57.52 46.10
C ILE A 184 -23.64 58.24 46.55
N LEU A 185 -23.28 58.15 47.82
CA LEU A 185 -22.08 58.87 48.22
C LEU A 185 -20.80 58.11 47.90
N PRO A 186 -20.66 56.82 48.23
CA PRO A 186 -19.44 56.10 47.80
C PRO A 186 -19.43 55.70 46.33
N LEU A 187 -20.57 55.55 45.68
CA LEU A 187 -20.64 55.17 44.28
C LEU A 187 -21.19 56.31 43.42
N LEU A 188 -20.78 57.53 43.75
CA LEU A 188 -21.37 58.72 43.13
C LEU A 188 -21.25 58.76 41.62
N PRO A 189 -20.09 58.47 41.01
CA PRO A 189 -20.07 58.35 39.54
C PRO A 189 -20.92 57.23 39.00
N VAL A 190 -21.03 56.09 39.70
CA VAL A 190 -21.88 55.00 39.21
C VAL A 190 -23.34 55.43 39.17
N PHE A 191 -23.77 56.19 40.18
CA PHE A 191 -25.14 56.69 40.21
C PHE A 191 -25.44 57.62 39.03
N ILE A 192 -24.49 58.51 38.69
CA ILE A 192 -24.70 59.39 37.55
C ILE A 192 -24.82 58.58 36.26
N ILE A 193 -23.93 57.60 36.07
CA ILE A 193 -23.97 56.78 34.88
C ILE A 193 -25.25 55.96 34.83
N PHE A 194 -25.66 55.40 35.99
CA PHE A 194 -26.86 54.59 36.02
C PHE A 194 -28.10 55.42 35.70
N PHE A 195 -28.16 56.66 36.18
CA PHE A 195 -29.28 57.51 35.83
C PHE A 195 -29.29 57.83 34.34
N ILE A 196 -28.13 58.13 33.78
CA ILE A 196 -28.05 58.39 32.35
C ILE A 196 -28.47 57.16 31.56
N GLY A 197 -27.99 55.98 31.98
CA GLY A 197 -28.38 54.76 31.32
C GLY A 197 -29.86 54.47 31.42
N SER A 198 -30.52 54.81 32.47
CA SER A 198 -31.97 54.55 32.68
C SER A 198 -32.79 55.46 31.76
N VAL A 199 -32.29 56.72 31.50
CA VAL A 199 -32.98 57.57 30.55
C VAL A 199 -32.86 57.03 29.13
N ALA A 200 -31.65 56.61 28.74
CA ALA A 200 -31.47 55.98 27.44
C ALA A 200 -32.22 54.65 27.35
N GLU A 201 -32.25 53.89 28.45
CA GLU A 201 -32.95 52.61 28.45
C GLU A 201 -34.44 52.79 28.21
N THR A 202 -35.00 53.92 28.61
CA THR A 202 -36.41 54.17 28.50
C THR A 202 -36.79 54.93 27.25
N ASN A 203 -35.84 55.16 26.33
CA ASN A 203 -36.08 55.90 25.09
C ASN A 203 -36.48 57.34 25.36
N ARG A 204 -36.00 57.90 26.46
CA ARG A 204 -36.40 59.24 26.88
C ARG A 204 -35.40 60.28 26.40
N ALA A 205 -35.91 61.48 26.15
CA ALA A 205 -35.05 62.59 25.75
C ALA A 205 -34.01 62.87 26.83
N PRO A 206 -32.76 63.15 26.46
CA PRO A 206 -32.28 63.41 25.09
C PRO A 206 -31.95 62.18 24.22
N PHE A 207 -32.49 61.01 24.55
CA PHE A 207 -32.31 59.80 23.74
C PHE A 207 -33.64 59.33 23.14
N ASP A 208 -34.44 60.25 22.61
CA ASP A 208 -35.83 59.96 22.24
C ASP A 208 -36.03 59.87 20.72
N LEU A 209 -35.06 59.33 19.99
CA LEU A 209 -35.22 59.20 18.55
C LEU A 209 -36.41 58.34 18.18
N ALA A 210 -36.79 57.40 19.04
CA ALA A 210 -37.98 56.54 18.83
C ALA A 210 -39.24 57.38 18.60
N GLU A 211 -39.34 58.54 19.22
CA GLU A 211 -40.56 59.36 19.12
C GLU A 211 -40.28 60.70 18.46
N ALA A 212 -39.15 60.83 17.76
CA ALA A 212 -38.75 62.13 17.17
C ALA A 212 -39.29 62.34 15.75
N GLU A 213 -40.44 63.01 15.61
CA GLU A 213 -41.07 63.31 14.29
C GLU A 213 -40.23 64.30 13.48
N SER A 214 -39.55 65.24 14.14
CA SER A 214 -38.75 66.28 13.46
C SER A 214 -37.63 65.65 12.64
N GLU A 215 -36.96 64.63 13.17
CA GLU A 215 -35.83 63.98 12.46
C GLU A 215 -36.41 63.31 11.22
N LEU A 216 -35.64 63.23 10.13
CA LEU A 216 -36.20 62.72 8.85
C LEU A 216 -36.68 61.27 8.94
N VAL A 217 -35.84 60.35 9.41
CA VAL A 217 -36.23 58.90 9.36
C VAL A 217 -36.69 58.39 10.72
N SER A 218 -36.48 59.13 11.79
CA SER A 218 -36.81 58.64 13.12
C SER A 218 -38.31 58.68 13.37
N GLY A 219 -38.73 58.17 14.53
CA GLY A 219 -40.09 58.30 14.98
C GLY A 219 -41.04 57.20 14.54
N PHE A 220 -40.64 55.95 14.77
CA PHE A 220 -41.55 54.83 14.50
C PHE A 220 -42.62 54.70 15.58
N MET A 221 -42.31 55.14 16.81
CA MET A 221 -43.33 55.20 17.86
C MET A 221 -44.46 56.13 17.49
N THR A 222 -44.18 57.13 16.65
CA THR A 222 -45.20 58.09 16.25
C THR A 222 -46.24 57.46 15.33
N GLU A 223 -46.01 56.24 14.86
CA GLU A 223 -46.94 55.54 13.98
C GLU A 223 -47.79 54.51 14.72
N HIS A 224 -47.75 54.46 16.03
CA HIS A 224 -48.58 53.54 16.80
C HIS A 224 -49.98 54.12 16.99
N ALA A 225 -50.99 53.38 16.53
CA ALA A 225 -52.37 53.83 16.58
C ALA A 225 -53.06 53.35 17.85
N ALA A 226 -54.39 53.43 17.86
CA ALA A 226 -55.23 53.51 19.04
C ALA A 226 -54.86 52.62 20.23
N VAL A 227 -55.05 51.31 20.10
CA VAL A 227 -54.79 50.44 21.24
C VAL A 227 -53.30 50.13 21.36
N ILE A 228 -52.61 50.08 20.22
CA ILE A 228 -51.17 49.86 20.24
C ILE A 228 -50.46 51.02 20.91
N PHE A 229 -50.94 52.25 20.69
CA PHE A 229 -50.31 53.38 21.33
C PHE A 229 -50.47 53.28 22.84
N VAL A 230 -51.66 52.87 23.31
CA VAL A 230 -51.88 52.70 24.74
C VAL A 230 -50.90 51.70 25.32
N PHE A 231 -50.67 50.59 24.61
CA PHE A 231 -49.77 49.56 25.13
C PHE A 231 -48.36 50.09 25.28
N PHE A 232 -47.81 50.69 24.22
CA PHE A 232 -46.43 51.16 24.26
C PHE A 232 -46.28 52.36 25.19
N PHE A 233 -47.29 53.23 25.23
CA PHE A 233 -47.24 54.39 26.12
C PHE A 233 -47.22 53.97 27.57
N LEU A 234 -48.09 53.04 27.95
CA LEU A 234 -48.14 52.56 29.32
C LEU A 234 -46.88 51.80 29.68
N ALA A 235 -46.37 50.98 28.76
CA ALA A 235 -45.15 50.22 29.01
C ALA A 235 -43.98 51.17 29.24
N GLU A 236 -43.91 52.25 28.48
CA GLU A 236 -42.83 53.21 28.64
C GLU A 236 -42.92 53.95 29.96
N TYR A 237 -44.10 54.47 30.29
CA TYR A 237 -44.21 55.23 31.54
C TYR A 237 -44.17 54.30 32.74
N GLY A 238 -44.57 53.04 32.56
CA GLY A 238 -44.36 52.08 33.66
C GLY A 238 -42.91 51.68 33.78
N SER A 239 -42.12 51.89 32.72
CA SER A 239 -40.67 51.59 32.75
C SER A 239 -39.92 52.78 33.34
N ILE A 240 -40.39 54.00 33.07
CA ILE A 240 -39.76 55.18 33.66
C ILE A 240 -39.90 55.15 35.17
N VAL A 241 -41.10 54.87 35.66
CA VAL A 241 -41.33 54.81 37.10
C VAL A 241 -40.50 53.70 37.72
N LEU A 242 -40.46 52.54 37.07
CA LEU A 242 -39.71 51.38 37.60
C LEU A 242 -38.22 51.73 37.64
N MET A 243 -37.72 52.41 36.61
CA MET A 243 -36.32 52.82 36.61
C MET A 243 -36.02 53.77 37.76
N CYS A 244 -36.95 54.69 38.06
CA CYS A 244 -36.72 55.65 39.13
C CYS A 244 -36.88 55.00 40.50
N ILE A 245 -37.73 53.97 40.61
CA ILE A 245 -37.79 53.18 41.83
C ILE A 245 -36.50 52.39 42.02
N LEU A 246 -36.03 51.75 40.96
CA LEU A 246 -34.82 50.92 41.07
C LEU A 246 -33.59 51.77 41.34
N THR A 247 -33.56 52.99 40.83
CA THR A 247 -32.47 53.91 41.14
C THR A 247 -32.52 54.35 42.61
N SER A 248 -33.71 54.59 43.13
CA SER A 248 -33.85 54.91 44.55
C SER A 248 -33.44 53.74 45.42
N ILE A 249 -33.79 52.51 45.01
CA ILE A 249 -33.41 51.33 45.75
C ILE A 249 -31.89 51.19 45.80
N LEU A 250 -31.24 51.35 44.64
CA LEU A 250 -29.82 51.04 44.50
C LEU A 250 -28.92 52.12 45.08
N PHE A 251 -29.32 53.39 45.02
CA PHE A 251 -28.43 54.48 45.44
C PHE A 251 -29.01 55.45 46.46
N LEU A 252 -30.33 55.52 46.62
CA LEU A 252 -30.94 56.52 47.50
C LEU A 252 -31.45 55.93 48.80
N GLY A 253 -31.00 54.73 49.16
CA GLY A 253 -31.44 54.11 50.39
C GLY A 253 -32.80 53.44 50.33
N GLY A 254 -33.39 53.33 49.16
CA GLY A 254 -34.67 52.62 49.04
C GLY A 254 -35.76 53.28 49.86
N TYR A 255 -36.39 52.50 50.72
CA TYR A 255 -37.47 52.97 51.58
C TYR A 255 -36.99 53.60 52.88
N LEU A 256 -35.68 53.68 53.10
CA LEU A 256 -35.15 54.19 54.36
C LEU A 256 -35.54 55.64 54.60
N LEU A 257 -35.78 55.96 55.86
CA LEU A 257 -36.18 57.30 56.23
C LEU A 257 -34.96 58.22 56.35
N ILE A 258 -35.18 59.49 56.04
CA ILE A 258 -34.12 60.49 56.14
C ILE A 258 -33.85 60.83 57.59
N ASN A 303 -44.85 53.35 65.81
CA ASN A 303 -44.64 52.02 66.36
C ASN A 303 -45.70 51.05 65.86
N ALA A 304 -46.83 51.59 65.40
CA ALA A 304 -47.88 50.76 64.85
C ALA A 304 -47.45 50.18 63.50
N PRO A 305 -47.94 48.98 63.15
CA PRO A 305 -47.59 48.41 61.84
C PRO A 305 -47.99 49.30 60.68
N THR A 306 -49.14 49.97 60.76
CA THR A 306 -49.62 50.77 59.64
C THR A 306 -48.78 52.02 59.45
N VAL A 307 -48.44 52.71 60.54
CA VAL A 307 -47.70 53.96 60.44
C VAL A 307 -46.30 53.71 59.90
N GLU A 308 -45.61 52.70 60.44
CA GLU A 308 -44.27 52.38 59.97
C GLU A 308 -44.27 52.02 58.50
N GLY A 309 -45.27 51.28 58.05
CA GLY A 309 -45.42 50.95 56.65
C GLY A 309 -45.66 52.17 55.81
N SER A 310 -46.54 53.05 56.27
CA SER A 310 -46.85 54.27 55.52
C SER A 310 -45.59 55.11 55.31
N PHE A 311 -44.79 55.27 56.37
CA PHE A 311 -43.57 56.06 56.26
C PHE A 311 -42.57 55.45 55.28
N TYR A 312 -42.43 54.13 55.25
CA TYR A 312 -41.44 53.49 54.37
C TYR A 312 -41.90 53.66 52.92
N GLY A 313 -43.20 53.49 52.66
CA GLY A 313 -43.74 53.69 51.35
C GLY A 313 -43.63 55.14 50.93
N LEU A 314 -43.93 56.05 51.86
CA LEU A 314 -43.82 57.47 51.57
C LEU A 314 -42.37 57.87 51.28
N SER A 315 -41.42 57.26 51.98
CA SER A 315 -40.01 57.60 51.76
C SER A 315 -39.55 57.14 50.39
N LEU A 316 -39.89 55.91 50.01
CA LEU A 316 -39.58 55.45 48.67
C LEU A 316 -40.28 56.30 47.62
N GLY A 317 -41.54 56.68 47.86
CA GLY A 317 -42.26 57.49 46.91
C GLY A 317 -41.66 58.87 46.71
N VAL A 318 -41.21 59.50 47.79
CA VAL A 318 -40.57 60.80 47.68
C VAL A 318 -39.29 60.71 46.85
N LYS A 319 -38.48 59.68 47.10
CA LYS A 319 -37.24 59.53 46.35
C LYS A 319 -37.51 59.21 44.88
N THR A 320 -38.56 58.44 44.62
CA THR A 320 -38.92 58.12 43.25
C THR A 320 -39.53 59.33 42.54
N SER A 321 -40.38 60.09 43.24
CA SER A 321 -40.95 61.30 42.65
C SER A 321 -39.88 62.30 42.29
N ILE A 322 -38.83 62.41 43.10
CA ILE A 322 -37.75 63.34 42.82
C ILE A 322 -37.02 62.95 41.55
N LEU A 323 -36.72 61.67 41.39
CA LEU A 323 -36.07 61.21 40.17
C LEU A 323 -37.02 61.27 38.97
N ILE A 324 -38.31 61.08 39.20
CA ILE A 324 -39.29 61.30 38.14
C ILE A 324 -39.23 62.75 37.68
N PHE A 325 -39.14 63.67 38.63
CA PHE A 325 -39.02 65.09 38.29
C PHE A 325 -37.76 65.36 37.48
N VAL A 326 -36.65 64.71 37.83
CA VAL A 326 -35.41 64.92 37.10
C VAL A 326 -35.52 64.39 35.67
N PHE A 327 -36.16 63.23 35.50
CA PHE A 327 -36.46 62.73 34.17
C PHE A 327 -37.18 63.77 33.32
N ILE A 328 -38.23 64.37 33.88
CA ILE A 328 -38.97 65.40 33.16
C ILE A 328 -38.09 66.62 32.92
N TRP A 329 -37.32 67.01 33.94
CA TRP A 329 -36.48 68.18 33.85
C TRP A 329 -35.46 68.06 32.72
N THR A 330 -34.80 66.90 32.60
CA THR A 330 -33.80 66.76 31.55
C THR A 330 -34.44 66.81 30.18
N ARG A 331 -35.65 66.27 30.04
CA ARG A 331 -36.36 66.27 28.74
C ARG A 331 -36.66 67.70 28.29
N ALA A 332 -36.93 68.58 29.24
CA ALA A 332 -37.23 69.96 28.90
C ALA A 332 -35.99 70.81 28.69
N SER A 333 -34.80 70.29 29.01
CA SER A 333 -33.60 71.10 29.10
C SER A 333 -32.66 70.96 27.91
N PHE A 334 -32.70 69.85 27.19
CA PHE A 334 -31.64 69.53 26.24
C PHE A 334 -32.20 69.28 24.85
N PRO A 335 -31.36 69.43 23.83
CA PRO A 335 -31.73 68.93 22.50
C PRO A 335 -31.40 67.44 22.36
N ARG A 336 -31.92 66.88 21.28
CA ARG A 336 -31.79 65.46 21.00
C ARG A 336 -30.37 65.11 20.55
N ILE A 337 -29.89 63.96 20.95
CA ILE A 337 -28.58 63.45 20.54
C ILE A 337 -28.77 62.57 19.31
N ARG A 338 -27.86 62.68 18.34
CA ARG A 338 -27.91 61.82 17.17
C ARG A 338 -27.61 60.37 17.53
N PHE A 339 -28.14 59.44 16.74
CA PHE A 339 -28.00 58.02 17.04
C PHE A 339 -26.53 57.61 17.05
N ASP A 340 -25.75 58.10 16.08
CA ASP A 340 -24.34 57.76 16.03
C ASP A 340 -23.60 58.27 17.26
N GLN A 341 -23.95 59.47 17.73
CA GLN A 341 -23.24 59.97 18.90
C GLN A 341 -23.71 59.30 20.18
N LEU A 342 -24.99 58.92 20.28
CA LEU A 342 -25.43 58.26 21.50
C LEU A 342 -24.84 56.86 21.61
N MET A 343 -24.61 56.19 20.49
CA MET A 343 -23.97 54.90 20.56
C MET A 343 -22.48 55.04 20.86
N SER A 344 -21.86 56.11 20.37
CA SER A 344 -20.48 56.40 20.73
C SER A 344 -20.35 56.76 22.21
N PHE A 345 -21.33 57.50 22.75
CA PHE A 345 -21.32 57.85 24.16
C PHE A 345 -21.34 56.62 25.04
N CYS A 346 -22.18 55.64 24.69
CA CYS A 346 -22.28 54.42 25.48
C CYS A 346 -20.97 53.63 25.45
N TRP A 347 -20.38 53.47 24.27
CA TRP A 347 -19.32 52.49 24.07
C TRP A 347 -17.92 53.08 24.29
N THR A 348 -17.73 54.38 24.08
CA THR A 348 -16.41 54.97 24.27
C THR A 348 -16.33 55.90 25.46
N VAL A 349 -17.42 56.10 26.20
CA VAL A 349 -17.35 56.90 27.42
C VAL A 349 -17.85 56.08 28.62
N LEU A 350 -19.11 55.66 28.58
CA LEU A 350 -19.73 55.09 29.78
C LEU A 350 -19.15 53.71 30.13
N LEU A 351 -19.10 52.82 29.16
CA LEU A 351 -18.56 51.47 29.39
C LEU A 351 -17.08 51.45 29.75
N PRO A 352 -16.21 52.21 29.07
CA PRO A 352 -14.81 52.24 29.53
C PRO A 352 -14.65 52.73 30.96
N ILE A 353 -15.46 53.68 31.40
CA ILE A 353 -15.39 54.14 32.78
C ILE A 353 -15.91 53.07 33.72
N LEU A 354 -17.01 52.41 33.35
CA LEU A 354 -17.62 51.40 34.20
C LEU A 354 -16.69 50.20 34.41
N PHE A 355 -16.05 49.74 33.34
CA PHE A 355 -15.16 48.60 33.46
C PHE A 355 -13.88 48.94 34.19
N ALA A 356 -13.46 50.20 34.17
CA ALA A 356 -12.39 50.64 35.07
C ALA A 356 -12.83 50.59 36.52
N LEU A 357 -14.08 50.97 36.80
CA LEU A 357 -14.59 50.93 38.17
C LEU A 357 -14.81 49.50 38.63
N ILE A 358 -15.12 48.60 37.70
CA ILE A 358 -15.24 47.18 38.02
C ILE A 358 -13.90 46.61 38.49
N VAL A 359 -12.78 47.20 38.07
CA VAL A 359 -11.49 46.79 38.62
C VAL A 359 -11.22 47.47 39.95
N LEU A 360 -11.46 48.78 40.03
CA LEU A 360 -11.07 49.55 41.21
C LEU A 360 -11.86 49.13 42.44
N VAL A 361 -13.17 48.97 42.32
CA VAL A 361 -14.02 48.81 43.50
C VAL A 361 -13.67 47.56 44.31
N PRO A 362 -13.62 46.36 43.73
CA PRO A 362 -13.27 45.18 44.54
C PRO A 362 -11.85 45.21 45.05
N CYS A 363 -10.91 45.84 44.33
CA CYS A 363 -9.59 46.04 44.89
C CYS A 363 -9.66 46.90 46.15
N ILE A 364 -10.51 47.92 46.14
CA ILE A 364 -10.69 48.75 47.32
C ILE A 364 -11.37 47.96 48.43
N LEU A 365 -12.37 47.15 48.13
CA LEU A 365 -13.04 46.31 49.16
C LEU A 365 -12.06 45.33 49.80
N TYR A 366 -11.20 44.70 49.01
CA TYR A 366 -10.17 43.79 49.55
C TYR A 366 -9.14 44.55 50.39
N SER A 367 -8.75 45.74 49.98
CA SER A 367 -7.64 46.49 50.63
C SER A 367 -8.05 46.99 52.01
N PHE A 368 -9.35 47.13 52.22
CA PHE A 368 -9.82 47.61 53.51
C PHE A 368 -10.55 46.55 54.30
N ASN A 369 -10.52 45.29 53.86
CA ASN A 369 -11.19 44.18 54.54
C ASN A 369 -12.68 44.44 54.72
N ILE A 370 -13.32 44.82 53.62
CA ILE A 370 -14.74 45.20 53.61
C ILE A 370 -15.48 44.43 52.53
N PHE A 371 -14.98 43.28 52.09
CA PHE A 371 -15.83 42.42 51.25
C PHE A 371 -16.95 42.01 52.20
N PRO A 372 -18.22 42.27 51.88
CA PRO A 372 -19.31 41.88 52.75
C PRO A 372 -19.58 40.37 52.83
N VAL A 373 -20.18 39.90 53.91
CA VAL A 373 -20.59 38.51 53.96
C VAL A 373 -21.80 38.31 53.04
N ASN A 374 -21.88 37.14 52.42
CA ASN A 374 -22.95 36.86 51.48
C ASN A 374 -24.01 35.93 52.07
N ILE A 375 -23.96 35.68 53.37
CA ILE A 375 -24.99 34.89 54.04
C ILE A 375 -26.24 35.75 54.23
N SER A 376 -27.36 35.06 54.46
CA SER A 376 -28.60 35.78 54.81
C SER A 376 -28.39 36.53 56.14
N LEU A 377 -28.21 37.83 56.09
CA LEU A 377 -28.07 38.65 57.29
C LEU A 377 -29.10 39.76 57.39
N LEU A 378 -29.20 40.63 56.41
CA LEU A 378 -30.07 41.79 56.54
C LEU A 378 -31.43 41.59 55.85
N MET B 1 3.28 30.94 28.21
CA MET B 1 3.92 31.67 27.14
C MET B 1 3.02 31.91 25.94
N ILE B 2 2.31 30.89 25.48
CA ILE B 2 1.37 31.03 24.34
C ILE B 2 0.26 32.04 24.69
N MET B 3 -0.27 32.02 25.91
CA MET B 3 -1.30 32.99 26.37
C MET B 3 -0.74 34.43 26.46
N ILE B 4 0.53 34.57 26.81
CA ILE B 4 1.15 35.92 26.94
C ILE B 4 1.37 36.48 25.53
N SER B 5 1.86 35.64 24.64
CA SER B 5 2.05 36.08 23.27
C SER B 5 0.74 36.52 22.63
N ILE B 6 -0.35 35.79 22.87
CA ILE B 6 -1.63 36.15 22.29
C ILE B 6 -2.11 37.49 22.83
N LEU B 7 -2.01 37.70 24.14
CA LEU B 7 -2.51 38.93 24.74
C LEU B 7 -1.63 40.12 24.36
N SER B 8 -0.31 39.93 24.37
CA SER B 8 0.59 41.01 23.98
C SER B 8 0.45 41.34 22.50
N LEU B 9 0.34 40.32 21.65
CA LEU B 9 0.10 40.56 20.23
C LEU B 9 -1.23 41.25 20.01
N LEU B 10 -2.27 40.84 20.73
CA LEU B 10 -3.57 41.46 20.59
C LEU B 10 -3.51 42.94 20.93
N LEU B 11 -2.81 43.28 22.01
CA LEU B 11 -2.73 44.68 22.43
C LEU B 11 -2.00 45.53 21.40
N SER B 12 -0.88 45.05 20.87
CA SER B 12 -0.19 45.77 19.80
C SER B 12 -1.05 45.84 18.55
N THR B 13 -1.76 44.77 18.23
CA THR B 13 -2.63 44.75 17.06
C THR B 13 -3.81 45.67 17.25
N SER B 14 -4.30 45.81 18.49
CA SER B 14 -5.50 46.58 18.75
C SER B 14 -5.31 48.04 18.36
N VAL B 15 -4.16 48.62 18.67
CA VAL B 15 -3.94 50.04 18.46
C VAL B 15 -3.27 50.33 17.12
N THR B 16 -3.15 49.34 16.25
CA THR B 16 -2.65 49.55 14.90
C THR B 16 -3.74 49.24 13.88
N LEU B 17 -3.80 50.06 12.83
CA LEU B 17 -4.57 49.74 11.64
C LEU B 17 -3.69 49.66 10.40
N ARG B 18 -2.37 49.56 10.58
CA ARG B 18 -1.42 49.60 9.47
C ARG B 18 -1.22 48.20 8.91
N ARG B 19 -1.52 48.03 7.63
CA ARG B 19 -1.45 46.71 7.02
C ARG B 19 -0.03 46.32 6.62
N ASP B 20 0.90 47.27 6.55
CA ASP B 20 2.30 46.93 6.35
C ASP B 20 2.92 46.30 7.58
N MET B 21 2.21 46.28 8.71
CA MET B 21 2.67 45.63 9.91
C MET B 21 2.44 44.13 9.92
N SER B 22 1.68 43.59 8.95
CA SER B 22 1.33 42.19 8.96
C SER B 22 2.56 41.28 8.88
N ILE B 23 3.53 41.63 8.03
CA ILE B 23 4.71 40.79 7.89
C ILE B 23 5.52 40.82 9.18
N LEU B 24 5.56 41.97 9.85
CA LEU B 24 6.29 42.08 11.11
C LEU B 24 5.59 41.32 12.24
N PHE B 25 4.26 41.41 12.29
CA PHE B 25 3.52 40.68 13.33
C PHE B 25 3.69 39.18 13.18
N ASN B 26 3.74 38.70 11.93
CA ASN B 26 3.96 37.29 11.67
C ASN B 26 5.34 36.83 12.14
N ARG B 27 6.35 37.68 11.96
CA ARG B 27 7.70 37.33 12.38
C ARG B 27 7.82 37.27 13.90
N ILE B 28 7.07 38.13 14.60
CA ILE B 28 7.06 38.10 16.05
C ILE B 28 6.37 36.84 16.56
N SER B 29 5.30 36.40 15.89
CA SER B 29 4.66 35.15 16.25
C SER B 29 5.63 33.97 16.14
N ILE B 30 6.59 34.05 15.23
CA ILE B 30 7.61 33.01 15.13
C ILE B 30 8.52 33.05 16.36
N ILE B 31 8.95 34.25 16.76
CA ILE B 31 9.79 34.41 17.95
C ILE B 31 9.05 33.91 19.18
N ALA B 32 7.75 34.22 19.29
CA ALA B 32 6.98 33.81 20.44
C ALA B 32 6.88 32.30 20.54
N LEU B 33 6.69 31.62 19.41
CA LEU B 33 6.61 30.16 19.43
C LEU B 33 7.95 29.53 19.76
N ALA B 34 9.05 30.18 19.42
CA ALA B 34 10.36 29.66 19.76
C ALA B 34 10.58 29.65 21.28
N TYR B 35 10.07 30.67 21.98
CA TYR B 35 10.09 30.66 23.43
C TYR B 35 9.20 29.57 24.00
N CYS B 36 8.03 29.36 23.39
CA CYS B 36 7.16 28.27 23.82
C CYS B 36 7.85 26.93 23.71
N ILE B 37 8.65 26.74 22.66
CA ILE B 37 9.44 25.53 22.53
C ILE B 37 10.47 25.42 23.64
N LEU B 38 11.10 26.54 23.99
CA LEU B 38 12.12 26.54 25.03
C LEU B 38 11.54 26.12 26.37
N HIS B 39 10.38 26.66 26.73
CA HIS B 39 9.77 26.36 28.02
C HIS B 39 9.32 24.91 28.09
N ASP B 40 8.76 24.38 27.00
CA ASP B 40 8.34 22.99 26.98
C ASP B 40 9.52 22.04 26.89
N THR B 41 10.62 22.48 26.29
CA THR B 41 11.84 21.66 26.30
C THR B 41 12.36 21.47 27.71
N MET B 42 12.31 22.53 28.53
CA MET B 42 12.71 22.42 29.92
C MET B 42 11.75 21.55 30.74
N SER B 43 10.54 21.32 30.26
CA SER B 43 9.55 20.56 31.01
C SER B 43 9.58 19.07 30.67
N LEU B 44 10.74 18.54 30.28
CA LEU B 44 10.84 17.14 29.89
C LEU B 44 11.93 16.44 30.68
N SER B 45 12.01 16.56 31.92
CA SER B 45 13.03 15.93 32.80
C SER B 45 12.30 15.26 33.94
N PHE B 46 11.36 14.43 33.64
CA PHE B 46 10.67 13.55 34.58
C PHE B 46 10.09 12.39 33.79
N ILE B 47 9.74 11.32 34.50
CA ILE B 47 9.04 10.18 33.91
C ILE B 47 7.73 9.99 34.65
N SER B 48 6.61 10.13 33.95
CA SER B 48 5.32 9.89 34.56
C SER B 48 4.33 9.53 33.47
N LYS B 49 3.38 8.67 33.83
CA LYS B 49 2.19 8.49 33.02
C LYS B 49 1.33 9.75 32.97
N GLY B 50 1.52 10.65 33.92
CA GLY B 50 0.78 11.90 33.93
C GLY B 50 0.76 12.61 35.27
N ILE B 51 0.88 13.93 35.24
CA ILE B 51 0.76 14.75 36.43
C ILE B 51 -0.40 15.72 36.20
N GLY B 52 -1.42 15.61 37.04
CA GLY B 52 -2.52 16.55 36.99
C GLY B 52 -2.10 17.95 37.45
N LEU B 53 -2.62 18.96 36.77
CA LEU B 53 -2.27 20.35 37.03
C LEU B 53 -3.52 21.20 37.19
N HIS B 54 -3.36 22.29 37.93
CA HIS B 54 -4.36 23.35 38.05
C HIS B 54 -5.70 22.81 38.55
N GLY B 55 -5.65 22.18 39.72
CA GLY B 55 -6.83 21.59 40.29
C GLY B 55 -7.31 20.34 39.60
N GLY B 56 -6.45 19.66 38.84
CA GLY B 56 -6.83 18.46 38.12
C GLY B 56 -7.59 18.67 36.83
N LEU B 57 -7.67 19.91 36.34
CA LEU B 57 -8.38 20.14 35.08
C LEU B 57 -7.50 19.93 33.87
N LEU B 58 -6.19 20.02 34.04
CA LEU B 58 -5.23 19.75 32.98
C LEU B 58 -4.24 18.72 33.50
N HIS B 59 -3.42 18.20 32.59
CA HIS B 59 -2.41 17.22 32.95
C HIS B 59 -1.25 17.35 31.97
N ILE B 60 -0.11 16.83 32.37
CA ILE B 60 1.08 16.78 31.54
C ILE B 60 1.69 15.38 31.57
N THR B 61 2.11 14.91 30.41
CA THR B 61 2.86 13.68 30.24
C THR B 61 4.06 13.98 29.35
N ASN B 62 5.03 13.05 29.32
CA ASN B 62 6.12 13.19 28.37
C ASN B 62 5.59 13.25 26.94
N LEU B 63 4.62 12.40 26.63
CA LEU B 63 3.96 12.44 25.33
C LEU B 63 3.30 13.78 25.11
N THR B 64 2.62 14.33 26.08
CA THR B 64 1.96 15.65 25.95
C THR B 64 2.99 16.73 25.64
N GLN B 65 4.15 16.67 26.31
CA GLN B 65 5.11 17.74 26.10
C GLN B 65 5.83 17.63 24.75
N ILE B 66 6.06 16.40 24.29
CA ILE B 66 6.70 16.21 23.00
C ILE B 66 5.84 16.77 21.87
N PHE B 67 4.54 16.52 21.93
CA PHE B 67 3.66 16.97 20.86
C PHE B 67 3.24 18.42 21.02
N HIS B 68 3.41 19.00 22.21
CA HIS B 68 3.37 20.46 22.34
C HIS B 68 4.46 21.09 21.50
N ILE B 69 5.70 20.60 21.66
CA ILE B 69 6.82 21.13 20.91
C ILE B 69 6.63 20.90 19.42
N PHE B 70 6.12 19.72 19.04
CA PHE B 70 5.94 19.42 17.62
C PHE B 70 4.92 20.35 16.98
N ILE B 71 3.83 20.65 17.68
CA ILE B 71 2.83 21.59 17.18
C ILE B 71 3.46 22.98 17.01
N PHE B 72 4.30 23.39 17.95
CA PHE B 72 4.97 24.68 17.83
C PHE B 72 5.89 24.73 16.63
N ILE B 73 6.63 23.65 16.39
CA ILE B 73 7.60 23.63 15.29
C ILE B 73 6.90 23.66 13.94
N ILE B 74 5.80 22.91 13.80
CA ILE B 74 5.03 22.90 12.51
C ILE B 74 4.43 24.29 12.32
N SER B 75 4.02 24.91 13.41
CA SER B 75 3.40 26.25 13.34
C SER B 75 4.45 27.31 12.97
N ILE B 76 5.69 27.20 13.45
CA ILE B 76 6.75 28.12 13.01
C ILE B 76 7.00 27.96 11.51
N LEU B 77 7.04 26.72 11.04
CA LEU B 77 7.31 26.47 9.62
C LEU B 77 6.20 27.04 8.75
N ILE B 78 4.94 26.83 9.12
CA ILE B 78 3.78 27.38 8.35
C ILE B 78 3.78 28.89 8.42
N LEU B 79 4.18 29.47 9.55
CA LEU B 79 4.21 30.92 9.73
C LEU B 79 5.23 31.60 8.80
N GLN B 80 6.19 30.87 8.22
CA GLN B 80 7.09 31.47 7.23
C GLN B 80 6.34 32.00 6.02
N LEU B 81 5.28 31.31 5.60
CA LEU B 81 4.54 31.70 4.42
C LEU B 81 3.97 33.10 4.52
N THR B 82 3.75 33.59 5.73
CA THR B 82 3.25 34.94 5.94
C THR B 82 4.31 35.86 6.55
N SER B 83 5.54 35.39 6.70
CA SER B 83 6.61 36.17 7.29
C SER B 83 7.69 36.59 6.29
N PHE B 84 7.71 36.01 5.10
CA PHE B 84 8.68 36.38 4.08
C PHE B 84 7.96 36.52 2.75
N TYR B 85 8.43 37.48 1.96
CA TYR B 85 7.93 37.63 0.60
C TYR B 85 8.35 36.42 -0.23
N PRO B 86 7.52 36.03 -1.20
CA PRO B 86 7.78 34.77 -1.93
C PRO B 86 9.01 34.81 -2.82
N ARG B 87 9.40 35.96 -3.35
CA ARG B 87 10.48 36.05 -4.32
C ARG B 87 11.51 37.07 -3.86
N LYS B 88 12.75 36.85 -4.27
CA LYS B 88 13.86 37.72 -3.92
C LYS B 88 14.65 38.06 -5.17
N VAL B 89 15.47 39.10 -5.06
CA VAL B 89 16.45 39.42 -6.13
C VAL B 89 17.79 38.95 -5.59
N TRP B 90 18.51 38.08 -6.31
CA TRP B 90 19.83 37.62 -5.94
C TRP B 90 20.79 37.85 -7.11
N ILE B 91 21.98 38.35 -6.78
CA ILE B 91 23.05 38.50 -7.76
C ILE B 91 24.37 38.07 -7.13
N PRO B 92 25.34 37.67 -7.95
CA PRO B 92 26.59 37.13 -7.38
C PRO B 92 27.52 38.19 -6.83
N GLU B 93 27.15 39.46 -6.92
CA GLU B 93 27.94 40.56 -6.36
C GLU B 93 27.34 41.14 -5.09
N TYR B 94 26.33 40.48 -4.52
CA TYR B 94 25.80 40.79 -3.21
C TYR B 94 25.58 39.49 -2.45
N SER B 95 26.61 38.66 -2.41
CA SER B 95 26.43 37.29 -1.92
C SER B 95 27.36 36.99 -0.75
N SER B 96 28.34 37.86 -0.53
CA SER B 96 29.27 37.67 0.57
C SER B 96 28.61 37.99 1.92
N LEU B 97 29.20 37.49 2.99
CA LEU B 97 28.63 37.71 4.35
C LEU B 97 28.80 39.19 4.73
N LYS B 98 29.87 39.85 4.26
CA LYS B 98 30.01 41.31 4.48
C LYS B 98 28.94 42.09 3.72
N ASP B 99 28.59 41.65 2.53
CA ASP B 99 27.49 42.33 1.78
C ASP B 99 26.15 42.17 2.51
N ILE B 100 25.82 40.96 2.98
CA ILE B 100 24.51 40.71 3.62
C ILE B 100 24.41 41.47 4.95
N PHE B 101 25.50 41.56 5.69
CA PHE B 101 25.39 42.14 7.05
C PHE B 101 25.75 43.61 7.09
N PHE B 102 26.48 44.15 6.11
CA PHE B 102 26.91 45.57 6.23
C PHE B 102 26.43 46.40 5.05
N ASN B 103 26.15 45.75 3.94
CA ASN B 103 25.74 46.48 2.72
C ASN B 103 24.24 46.33 2.54
N LYS B 104 23.69 47.13 1.63
CA LYS B 104 22.24 47.11 1.37
C LYS B 104 22.02 47.23 -0.13
N ILE B 105 20.91 46.73 -0.62
CA ILE B 105 20.56 46.81 -2.02
C ILE B 105 19.26 47.60 -2.15
N LEU B 106 19.22 48.50 -3.13
CA LEU B 106 18.07 49.33 -3.41
C LEU B 106 17.56 49.06 -4.81
N TYR B 107 16.28 48.77 -4.92
CA TYR B 107 15.61 48.59 -6.20
C TYR B 107 14.12 48.65 -5.93
N TYR B 108 13.36 48.84 -6.99
CA TYR B 108 11.90 48.90 -6.90
C TYR B 108 11.38 47.48 -6.70
N ARG B 109 10.98 47.16 -5.47
CA ARG B 109 10.66 45.78 -5.10
C ARG B 109 9.17 45.45 -5.14
N THR B 110 8.31 46.47 -5.17
CA THR B 110 6.90 46.28 -4.85
C THR B 110 6.25 45.22 -5.74
N LYS B 111 6.43 45.32 -7.05
CA LYS B 111 5.82 44.35 -7.97
C LYS B 111 6.52 43.00 -7.89
N ILE B 112 7.85 43.01 -7.79
CA ILE B 112 8.61 41.76 -7.83
C ILE B 112 8.28 40.88 -6.63
N ILE B 113 8.35 41.45 -5.41
CA ILE B 113 8.17 40.65 -4.20
C ILE B 113 6.72 40.49 -3.81
N ASN B 114 5.79 41.09 -4.55
CA ASN B 114 4.37 41.10 -4.21
C ASN B 114 4.13 41.64 -2.81
N LYS B 115 4.62 42.86 -2.59
CA LYS B 115 4.61 43.45 -1.26
C LYS B 115 3.19 43.63 -0.73
N MET B 116 2.26 43.98 -1.60
CA MET B 116 0.87 44.23 -1.22
C MET B 116 -0.04 43.08 -1.62
N GLY B 117 0.48 41.85 -1.55
CA GLY B 117 -0.37 40.69 -1.75
C GLY B 117 -1.31 40.47 -0.59
N GLU B 118 -2.35 39.66 -0.84
CA GLU B 118 -3.41 39.49 0.14
C GLU B 118 -2.90 38.84 1.42
N HIS B 119 -2.00 37.85 1.30
CA HIS B 119 -1.43 37.12 2.47
C HIS B 119 -0.38 37.98 3.19
N MET B 120 -0.16 39.21 2.74
CA MET B 120 0.75 40.12 3.41
C MET B 120 0.04 41.31 4.04
N LYS B 121 -1.29 41.33 4.02
CA LYS B 121 -2.03 42.51 4.46
C LYS B 121 -3.14 42.18 5.45
N ILE B 122 -3.13 41.01 6.06
CA ILE B 122 -4.12 40.64 7.04
C ILE B 122 -3.45 40.69 8.41
N ILE B 123 -3.73 41.76 9.14
CA ILE B 123 -2.99 42.05 10.37
C ILE B 123 -3.21 40.97 11.41
N GLU B 124 -4.43 40.53 11.59
CA GLU B 124 -4.79 39.61 12.66
C GLU B 124 -4.57 38.15 12.30
N TYR B 125 -4.02 37.85 11.12
CA TYR B 125 -3.81 36.46 10.72
C TYR B 125 -2.87 35.71 11.65
N PRO B 126 -1.67 36.20 11.99
CA PRO B 126 -0.84 35.45 12.96
C PRO B 126 -1.50 35.31 14.32
N LEU B 127 -2.36 36.25 14.70
CA LEU B 127 -3.01 36.20 15.99
C LEU B 127 -4.07 35.10 16.04
N ILE B 128 -4.89 35.00 14.99
CA ILE B 128 -5.90 33.95 14.94
C ILE B 128 -5.25 32.59 14.88
N LEU B 129 -4.14 32.49 14.24
CA LEU B 129 -3.36 31.25 14.14
C LEU B 129 -2.92 30.80 15.55
N LEU B 130 -2.48 31.78 16.39
CA LEU B 130 -2.07 31.47 17.75
C LEU B 130 -3.24 30.99 18.60
N PHE B 131 -4.45 31.53 18.36
CA PHE B 131 -5.63 31.05 19.06
C PHE B 131 -5.91 29.58 18.75
N VAL B 132 -5.73 29.18 17.49
CA VAL B 132 -5.92 27.78 17.12
C VAL B 132 -4.89 26.91 17.82
N ILE B 133 -3.66 27.40 17.88
CA ILE B 133 -2.57 26.65 18.55
C ILE B 133 -2.91 26.44 20.03
N SER B 134 -3.41 27.49 20.69
CA SER B 134 -3.80 27.41 22.11
C SER B 134 -4.89 26.35 22.29
N GLY B 135 -5.88 26.34 21.41
CA GLY B 135 -6.93 25.32 21.42
C GLY B 135 -6.32 23.94 21.32
N ALA B 136 -5.28 23.78 20.48
CA ALA B 136 -4.72 22.47 20.24
C ALA B 136 -3.87 21.98 21.42
N VAL B 137 -2.99 22.82 21.95
CA VAL B 137 -2.13 22.50 23.13
C VAL B 137 -3.01 22.20 24.35
N PHE B 138 -4.00 23.04 24.61
CA PHE B 138 -4.93 22.82 25.74
C PHE B 138 -5.65 21.47 25.62
N LEU B 139 -5.98 21.02 24.41
CA LEU B 139 -6.74 19.78 24.21
C LEU B 139 -5.82 18.59 24.46
N ILE B 140 -4.58 18.72 24.07
CA ILE B 140 -3.61 17.68 24.41
C ILE B 140 -3.51 17.52 25.91
N SER B 141 -3.56 18.64 26.64
CA SER B 141 -3.29 18.66 28.06
C SER B 141 -4.55 18.56 28.91
N THR B 142 -5.68 18.22 28.32
CA THR B 142 -6.94 18.26 29.04
C THR B 142 -7.15 16.99 29.85
N ASN B 143 -7.53 17.16 31.11
CA ASN B 143 -7.75 16.06 32.05
C ASN B 143 -9.21 15.91 32.46
N ASP B 144 -10.13 16.55 31.73
CA ASP B 144 -11.44 16.83 32.31
C ASP B 144 -12.46 17.07 31.20
N LEU B 145 -13.69 16.58 31.41
CA LEU B 145 -14.71 16.61 30.35
C LEU B 145 -15.05 18.04 29.93
N VAL B 146 -15.12 18.97 30.89
CA VAL B 146 -15.41 20.36 30.55
C VAL B 146 -14.22 21.00 29.84
N SER B 147 -12.99 20.71 30.34
CA SER B 147 -11.77 21.17 29.64
C SER B 147 -11.72 20.63 28.20
N ILE B 148 -12.15 19.41 27.94
CA ILE B 148 -12.18 18.86 26.58
C ILE B 148 -13.05 19.72 25.69
N PHE B 149 -14.27 19.99 26.15
CA PHE B 149 -15.23 20.72 25.34
C PHE B 149 -14.74 22.14 25.06
N LEU B 150 -14.23 22.82 26.08
CA LEU B 150 -13.73 24.18 25.89
C LEU B 150 -12.57 24.20 24.91
N SER B 151 -11.63 23.27 25.06
CA SER B 151 -10.46 23.22 24.18
C SER B 151 -10.87 22.96 22.74
N ILE B 152 -11.79 22.03 22.51
CA ILE B 152 -12.14 21.67 21.14
C ILE B 152 -12.90 22.81 20.47
N GLU B 153 -13.78 23.51 21.19
CA GLU B 153 -14.42 24.68 20.61
C GLU B 153 -13.40 25.77 20.29
N LEU B 154 -12.42 25.99 21.18
CA LEU B 154 -11.44 27.04 20.95
C LEU B 154 -10.65 26.77 19.68
N GLN B 155 -10.22 25.53 19.47
CA GLN B 155 -9.48 25.20 18.27
C GLN B 155 -10.39 25.22 17.03
N SER B 156 -11.60 24.68 17.17
CA SER B 156 -12.53 24.64 16.03
C SER B 156 -12.95 26.04 15.59
N TYR B 157 -13.26 26.92 16.55
CA TYR B 157 -13.77 28.24 16.21
C TYR B 157 -12.71 29.06 15.49
N GLY B 158 -11.45 28.96 15.92
CA GLY B 158 -10.38 29.60 15.20
C GLY B 158 -10.19 29.07 13.80
N LEU B 159 -10.42 27.77 13.59
CA LEU B 159 -10.31 27.20 12.25
C LEU B 159 -11.41 27.73 11.33
N TYR B 160 -12.64 27.89 11.84
CA TYR B 160 -13.70 28.51 11.05
C TYR B 160 -13.34 29.94 10.68
N LEU B 161 -12.83 30.69 11.66
CA LEU B 161 -12.42 32.07 11.40
C LEU B 161 -11.28 32.13 10.40
N LEU B 162 -10.32 31.19 10.49
CA LEU B 162 -9.21 31.14 9.50
C LEU B 162 -9.71 30.85 8.10
N SER B 163 -10.72 29.98 7.96
CA SER B 163 -11.27 29.66 6.65
C SER B 163 -12.05 30.82 6.03
N THR B 164 -12.33 31.88 6.77
CA THR B 164 -13.15 33.00 6.28
C THR B 164 -12.36 34.32 6.37
N ILE B 165 -11.12 34.29 6.81
CA ILE B 165 -10.42 35.54 7.04
C ILE B 165 -10.13 36.28 5.74
N TYR B 166 -10.14 35.59 4.60
CA TYR B 166 -10.09 36.24 3.30
C TYR B 166 -11.52 36.63 2.92
N ARG B 167 -12.00 37.70 3.54
CA ARG B 167 -13.41 38.03 3.47
C ARG B 167 -13.85 38.51 2.09
N ASN B 168 -12.92 38.88 1.21
CA ASN B 168 -13.29 39.37 -0.11
C ASN B 168 -13.36 38.27 -1.16
N SER B 169 -13.18 37.02 -0.76
CA SER B 169 -13.27 35.88 -1.66
C SER B 169 -14.61 35.17 -1.45
N GLU B 170 -15.35 34.96 -2.54
CA GLU B 170 -16.59 34.20 -2.43
C GLU B 170 -16.31 32.75 -2.12
N LEU B 171 -15.22 32.21 -2.68
CA LEU B 171 -14.84 30.82 -2.40
C LEU B 171 -14.49 30.64 -0.93
N SER B 172 -13.76 31.63 -0.37
CA SER B 172 -13.28 31.49 1.02
C SER B 172 -14.47 31.59 1.99
N THR B 173 -15.33 32.57 1.76
CA THR B 173 -16.47 32.72 2.65
C THR B 173 -17.40 31.53 2.56
N THR B 174 -17.49 30.89 1.40
CA THR B 174 -18.30 29.69 1.26
C THR B 174 -17.72 28.53 2.06
N GLY B 175 -16.40 28.32 1.97
CA GLY B 175 -15.77 27.24 2.70
C GLY B 175 -15.84 27.43 4.20
N GLY B 176 -15.65 28.68 4.65
CA GLY B 176 -15.84 28.97 6.06
C GLY B 176 -17.25 28.68 6.55
N LEU B 177 -18.24 28.97 5.71
CA LEU B 177 -19.62 28.67 6.08
C LEU B 177 -19.85 27.16 6.19
N ILE B 178 -19.28 26.39 5.27
CA ILE B 178 -19.48 24.94 5.29
C ILE B 178 -18.81 24.33 6.51
N TYR B 179 -17.55 24.69 6.75
CA TYR B 179 -16.80 24.21 7.93
C TYR B 179 -17.58 24.50 9.22
N PHE B 180 -18.05 25.73 9.40
CA PHE B 180 -18.74 26.07 10.64
C PHE B 180 -20.04 25.30 10.78
N LEU B 181 -20.80 25.15 9.70
CA LEU B 181 -22.12 24.52 9.79
C LEU B 181 -22.00 23.05 10.18
N LEU B 182 -21.16 22.30 9.48
CA LEU B 182 -21.03 20.88 9.77
C LEU B 182 -20.15 20.63 10.98
N GLY B 183 -19.21 21.54 11.25
CA GLY B 183 -18.46 21.47 12.49
C GLY B 183 -19.27 21.76 13.72
N GLY B 184 -20.33 22.57 13.58
CA GLY B 184 -21.25 22.77 14.69
C GLY B 184 -22.04 21.51 15.01
N LEU B 185 -22.41 20.76 13.98
CA LEU B 185 -23.05 19.47 14.20
C LEU B 185 -22.15 18.50 14.94
N SER B 186 -20.87 18.47 14.55
CA SER B 186 -19.94 17.53 15.17
C SER B 186 -19.64 17.91 16.61
N SER B 187 -19.62 19.22 16.90
CA SER B 187 -19.42 19.67 18.28
C SER B 187 -20.57 19.25 19.18
N CYS B 188 -21.79 19.22 18.64
CA CYS B 188 -22.94 18.74 19.42
C CYS B 188 -22.79 17.28 19.80
N PHE B 189 -22.26 16.46 18.89
CA PHE B 189 -22.01 15.06 19.23
C PHE B 189 -20.97 14.93 20.31
N ILE B 190 -19.95 15.77 20.29
CA ILE B 190 -18.94 15.77 21.35
C ILE B 190 -19.56 16.20 22.67
N LEU B 191 -20.37 17.26 22.65
CA LEU B 191 -21.02 17.71 23.88
C LEU B 191 -22.03 16.69 24.39
N LEU B 192 -22.75 16.03 23.47
CA LEU B 192 -23.66 14.96 23.86
C LEU B 192 -22.92 13.81 24.52
N GLY B 193 -21.79 13.39 23.94
CA GLY B 193 -21.03 12.30 24.52
C GLY B 193 -20.48 12.65 25.89
N THR B 194 -19.92 13.85 26.02
CA THR B 194 -19.43 14.31 27.31
C THR B 194 -20.55 14.43 28.33
N SER B 195 -21.73 14.85 27.89
CA SER B 195 -22.85 15.01 28.80
C SER B 195 -23.39 13.67 29.29
N LEU B 196 -23.43 12.66 28.41
CA LEU B 196 -23.93 11.35 28.83
C LEU B 196 -22.95 10.67 29.78
N LEU B 197 -21.66 10.94 29.61
CA LEU B 197 -20.68 10.51 30.58
C LEU B 197 -20.96 11.09 31.96
N TYR B 198 -21.28 12.39 32.02
CA TYR B 198 -21.45 13.05 33.30
C TYR B 198 -22.73 12.62 34.00
N VAL B 199 -23.85 12.59 33.28
CA VAL B 199 -25.11 12.23 33.91
C VAL B 199 -25.14 10.79 34.39
N ASN B 200 -24.28 9.92 33.87
CA ASN B 200 -24.25 8.54 34.32
C ASN B 200 -23.21 8.29 35.41
N SER B 201 -22.04 8.90 35.30
CA SER B 201 -20.96 8.66 36.24
C SER B 201 -20.93 9.63 37.40
N GLY B 202 -21.57 10.79 37.27
CA GLY B 202 -21.47 11.81 38.28
C GLY B 202 -20.11 12.47 38.40
N THR B 203 -19.25 12.32 37.40
CA THR B 203 -17.93 12.93 37.47
C THR B 203 -17.59 13.57 36.14
N THR B 204 -16.82 14.65 36.20
CA THR B 204 -16.24 15.28 35.03
C THR B 204 -14.79 14.84 34.82
N SER B 205 -14.19 14.22 35.82
CA SER B 205 -12.78 13.84 35.77
C SER B 205 -12.56 12.64 34.86
N LEU B 206 -11.56 12.74 34.00
CA LEU B 206 -11.15 11.60 33.19
C LEU B 206 -10.54 10.50 34.05
N ASP B 207 -9.82 10.91 35.09
CA ASP B 207 -9.26 9.93 36.05
C ASP B 207 -10.39 9.10 36.64
N GLY B 208 -11.47 9.77 37.07
CA GLY B 208 -12.56 9.06 37.70
C GLY B 208 -13.29 8.12 36.75
N LEU B 209 -13.45 8.54 35.50
CA LEU B 209 -14.05 7.68 34.49
C LEU B 209 -13.19 6.45 34.24
N TYR B 210 -11.87 6.62 34.20
CA TYR B 210 -10.98 5.47 34.01
C TYR B 210 -11.03 4.51 35.19
N ILE B 211 -11.17 5.04 36.41
CA ILE B 211 -11.27 4.19 37.58
C ILE B 211 -12.56 3.37 37.55
N LEU B 212 -13.68 4.01 37.24
CA LEU B 212 -14.95 3.28 37.16
C LEU B 212 -14.87 2.19 36.10
N ASN B 213 -14.28 2.51 34.95
CA ASN B 213 -14.10 1.53 33.89
C ASN B 213 -13.18 0.40 34.33
N SER B 214 -12.12 0.73 35.07
CA SER B 214 -11.16 -0.28 35.50
C SER B 214 -11.81 -1.28 36.45
N ILE B 215 -12.63 -0.81 37.39
CA ILE B 215 -13.32 -1.72 38.30
C ILE B 215 -14.38 -2.51 37.56
N SER B 216 -15.09 -1.87 36.63
CA SER B 216 -16.14 -2.56 35.89
C SER B 216 -15.61 -3.62 34.94
N ASP B 217 -14.29 -3.67 34.71
CA ASP B 217 -13.67 -4.68 33.87
C ASP B 217 -13.19 -5.84 34.72
N VAL B 218 -14.16 -6.62 35.21
CA VAL B 218 -13.87 -7.66 36.19
C VAL B 218 -13.60 -9.01 35.52
N ASN B 219 -14.36 -9.35 34.47
CA ASN B 219 -14.17 -10.63 33.79
C ASN B 219 -14.82 -10.63 32.42
N SER B 233 -24.41 -5.94 38.58
CA SER B 233 -25.50 -6.28 37.67
C SER B 233 -26.59 -5.20 37.71
N TRP B 234 -26.63 -4.47 38.81
CA TRP B 234 -27.66 -3.44 38.99
C TRP B 234 -27.38 -2.18 38.20
N TYR B 235 -26.11 -1.86 37.99
CA TYR B 235 -25.74 -0.64 37.22
C TYR B 235 -24.66 -1.02 36.22
N LYS B 236 -24.94 -2.00 35.38
CA LYS B 236 -23.98 -2.44 34.37
C LYS B 236 -23.61 -1.27 33.45
N PRO B 237 -22.33 -1.06 33.18
CA PRO B 237 -21.84 0.22 32.67
C PRO B 237 -21.81 0.33 31.15
N TYR B 238 -22.95 0.07 30.51
CA TYR B 238 -23.02 0.23 29.07
C TYR B 238 -22.74 1.66 28.63
N TYR B 239 -22.94 2.63 29.52
CA TYR B 239 -22.90 4.04 29.12
C TYR B 239 -21.52 4.44 28.64
N LEU B 240 -20.45 3.89 29.22
CA LEU B 240 -19.11 4.40 28.91
C LEU B 240 -18.77 4.19 27.44
N ASN B 241 -18.91 2.97 26.94
CA ASN B 241 -18.65 2.74 25.53
C ASN B 241 -19.64 3.49 24.66
N PHE B 242 -20.91 3.53 25.06
CA PHE B 242 -21.90 4.17 24.21
C PHE B 242 -21.67 5.69 24.18
N SER B 243 -21.31 6.29 25.32
CA SER B 243 -20.98 7.71 25.35
C SER B 243 -19.77 8.03 24.49
N LEU B 244 -18.69 7.26 24.67
CA LEU B 244 -17.47 7.52 23.91
C LEU B 244 -17.69 7.29 22.43
N LEU B 245 -18.65 6.43 22.07
CA LEU B 245 -18.97 6.22 20.66
C LEU B 245 -19.51 7.50 20.03
N ILE B 246 -20.49 8.12 20.68
CA ILE B 246 -21.01 9.41 20.24
C ILE B 246 -19.91 10.46 20.29
N PHE B 247 -19.15 10.46 21.38
CA PHE B 247 -18.02 11.36 21.55
C PHE B 247 -17.02 11.23 20.39
N SER B 248 -16.71 9.99 20.00
CA SER B 248 -15.67 9.78 18.99
C SER B 248 -16.11 10.20 17.61
N ILE B 249 -17.41 10.08 17.31
CA ILE B 249 -17.91 10.44 15.98
C ILE B 249 -17.66 11.91 15.69
N GLY B 250 -17.86 12.76 16.70
CA GLY B 250 -17.56 14.17 16.52
C GLY B 250 -16.10 14.42 16.24
N PHE B 251 -15.22 13.59 16.81
CA PHE B 251 -13.79 13.74 16.54
C PHE B 251 -13.42 13.12 15.21
N LEU B 252 -14.19 12.13 14.75
CA LEU B 252 -13.95 11.59 13.41
C LEU B 252 -14.26 12.61 12.33
N PHE B 253 -15.28 13.44 12.56
CA PHE B 253 -15.56 14.52 11.63
C PHE B 253 -14.40 15.48 11.53
N LYS B 254 -13.77 15.81 12.66
CA LYS B 254 -12.80 16.88 12.66
C LYS B 254 -11.46 16.44 12.06
N VAL B 255 -11.13 15.14 12.13
CA VAL B 255 -10.00 14.61 11.37
C VAL B 255 -10.40 14.22 9.96
N SER B 256 -11.67 14.43 9.59
CA SER B 256 -12.17 14.15 8.25
C SER B 256 -12.04 12.68 7.87
N ALA B 257 -12.22 11.79 8.84
CA ALA B 257 -12.26 10.37 8.54
C ALA B 257 -13.57 10.01 7.87
N ALA B 258 -13.52 9.05 6.95
CA ALA B 258 -14.72 8.51 6.37
C ALA B 258 -15.52 7.72 7.42
N PRO B 259 -16.86 7.74 7.34
CA PRO B 259 -17.68 8.36 6.29
C PRO B 259 -18.09 9.79 6.58
N PHE B 260 -17.39 10.44 7.50
CA PHE B 260 -17.65 11.83 7.89
C PHE B 260 -16.65 12.77 7.24
N HIS B 261 -16.33 12.50 5.99
CA HIS B 261 -15.21 13.11 5.27
C HIS B 261 -15.65 14.17 4.26
N PHE B 262 -16.92 14.18 3.86
CA PHE B 262 -17.36 14.91 2.66
C PHE B 262 -16.98 16.38 2.69
N TRP B 263 -16.93 16.98 3.87
CA TRP B 263 -16.72 18.42 3.98
C TRP B 263 -15.32 18.84 3.52
N SER B 264 -14.31 18.02 3.78
CA SER B 264 -12.94 18.52 3.66
C SER B 264 -12.45 18.73 2.23
N PRO B 265 -12.82 17.89 1.25
CA PRO B 265 -12.41 18.20 -0.12
C PRO B 265 -12.99 19.51 -0.65
N ASP B 266 -14.22 19.87 -0.26
CA ASP B 266 -14.72 21.18 -0.63
C ASP B 266 -14.01 22.29 0.13
N VAL B 267 -13.91 22.16 1.46
CA VAL B 267 -13.35 23.26 2.25
C VAL B 267 -11.89 23.48 1.91
N TYR B 268 -11.11 22.41 1.82
CA TYR B 268 -9.68 22.57 1.55
C TYR B 268 -9.44 23.17 0.18
N ASP B 269 -10.30 22.87 -0.79
CA ASP B 269 -10.17 23.44 -2.11
C ASP B 269 -10.65 24.90 -2.17
N ALA B 270 -11.67 25.24 -1.39
CA ALA B 270 -12.27 26.57 -1.47
C ALA B 270 -11.42 27.64 -0.79
N ILE B 271 -10.79 27.31 0.34
CA ILE B 271 -10.06 28.32 1.09
C ILE B 271 -8.70 28.52 0.43
N PRO B 272 -8.03 29.65 0.66
CA PRO B 272 -6.72 29.87 0.02
C PRO B 272 -5.68 28.87 0.50
N THR B 273 -4.72 28.60 -0.39
CA THR B 273 -3.80 27.47 -0.21
C THR B 273 -2.93 27.64 1.04
N ILE B 274 -2.45 28.84 1.30
CA ILE B 274 -1.65 29.08 2.49
C ILE B 274 -2.45 28.78 3.75
N VAL B 275 -3.73 29.15 3.76
CA VAL B 275 -4.60 28.81 4.88
C VAL B 275 -4.77 27.29 4.98
N THR B 276 -4.97 26.64 3.83
CA THR B 276 -5.17 25.18 3.83
C THR B 276 -4.02 24.47 4.51
N THR B 277 -2.79 24.93 4.29
CA THR B 277 -1.62 24.33 4.89
C THR B 277 -1.76 24.20 6.40
N PHE B 278 -2.08 25.31 7.06
CA PHE B 278 -2.34 25.24 8.52
C PHE B 278 -3.62 24.46 8.82
N VAL B 279 -4.71 24.71 8.11
CA VAL B 279 -6.01 24.13 8.46
C VAL B 279 -5.99 22.61 8.32
N ALA B 280 -5.30 22.10 7.29
CA ALA B 280 -5.33 20.68 7.02
C ALA B 280 -4.37 19.87 7.89
N ILE B 281 -3.44 20.49 8.60
CA ILE B 281 -2.38 19.77 9.30
C ILE B 281 -2.54 19.84 10.81
N ILE B 282 -2.84 21.02 11.36
CA ILE B 282 -2.71 21.24 12.80
C ILE B 282 -3.75 20.44 13.59
N ALA B 283 -4.96 20.29 13.06
CA ALA B 283 -6.06 19.74 13.84
C ALA B 283 -5.93 18.24 14.02
N LYS B 284 -5.45 17.53 12.99
CA LYS B 284 -5.31 16.09 13.11
C LYS B 284 -4.31 15.73 14.20
N ILE B 285 -3.22 16.49 14.32
CA ILE B 285 -2.22 16.18 15.34
C ILE B 285 -2.85 16.21 16.72
N SER B 286 -3.62 17.25 17.01
CA SER B 286 -4.16 17.42 18.36
C SER B 286 -5.24 16.39 18.67
N ILE B 287 -6.12 16.09 17.73
CA ILE B 287 -7.20 15.17 18.01
C ILE B 287 -6.68 13.74 18.14
N PHE B 288 -5.76 13.35 17.26
CA PHE B 288 -5.21 12.00 17.30
C PHE B 288 -4.42 11.76 18.58
N ILE B 289 -3.62 12.73 19.01
CA ILE B 289 -2.86 12.59 20.25
C ILE B 289 -3.80 12.46 21.44
N PHE B 290 -4.84 13.29 21.46
CA PHE B 290 -5.81 13.23 22.55
C PHE B 290 -6.57 11.91 22.54
N LEU B 291 -6.90 11.41 21.35
CA LEU B 291 -7.58 10.13 21.23
C LEU B 291 -6.72 8.98 21.73
N LEU B 292 -5.39 9.10 21.59
CA LEU B 292 -4.48 8.01 21.96
C LEU B 292 -4.64 7.63 23.42
N GLU B 293 -4.54 8.62 24.32
CA GLU B 293 -4.67 8.35 25.74
C GLU B 293 -6.04 7.80 26.08
N LEU B 294 -7.09 8.37 25.50
CA LEU B 294 -8.44 7.90 25.77
C LEU B 294 -8.63 6.45 25.29
N VAL B 295 -7.97 6.08 24.19
CA VAL B 295 -8.03 4.70 23.72
C VAL B 295 -7.31 3.75 24.69
N TYR B 296 -6.14 4.15 25.18
CA TYR B 296 -5.36 3.29 26.06
C TYR B 296 -6.10 2.99 27.36
N TYR B 297 -6.68 4.00 27.99
CA TYR B 297 -7.21 3.85 29.33
C TYR B 297 -8.62 3.28 29.38
N THR B 298 -9.29 3.10 28.24
CA THR B 298 -10.58 2.45 28.20
C THR B 298 -10.50 1.03 27.65
N ASN B 299 -9.33 0.59 27.22
CA ASN B 299 -9.15 -0.74 26.64
C ASN B 299 -9.46 -1.84 27.65
N SER B 300 -10.55 -2.57 27.43
CA SER B 300 -10.93 -3.65 28.32
C SER B 300 -9.97 -4.81 28.15
N ASN B 301 -9.13 -5.05 29.16
CA ASN B 301 -8.15 -6.13 29.08
C ASN B 301 -8.82 -7.49 29.09
N ALA B 302 -9.74 -7.72 30.02
CA ALA B 302 -10.44 -8.98 30.11
C ALA B 302 -11.61 -9.00 29.14
N ASN B 303 -11.75 -10.11 28.41
CA ASN B 303 -12.83 -10.24 27.43
C ASN B 303 -14.17 -10.39 28.12
N SER B 304 -14.87 -9.29 28.32
CA SER B 304 -16.15 -9.26 28.99
C SER B 304 -17.21 -8.76 28.00
N TYR B 305 -18.42 -8.56 28.52
CA TYR B 305 -19.49 -8.01 27.68
C TYR B 305 -19.15 -6.60 27.21
N LEU B 306 -18.37 -5.85 28.00
CA LEU B 306 -18.04 -4.48 27.63
C LEU B 306 -17.26 -4.44 26.32
N SER B 307 -16.28 -5.34 26.16
CA SER B 307 -15.47 -5.35 24.95
C SER B 307 -16.31 -5.59 23.71
N GLU B 308 -17.45 -6.28 23.86
CA GLU B 308 -18.31 -6.55 22.71
C GLU B 308 -18.85 -5.26 22.10
N PHE B 309 -19.08 -4.26 22.95
CA PHE B 309 -19.65 -2.98 22.47
C PHE B 309 -18.59 -1.88 22.53
N SER B 310 -17.33 -2.21 22.31
CA SER B 310 -16.26 -1.23 22.47
C SER B 310 -16.41 -0.09 21.47
N TRP B 311 -16.32 1.15 21.98
CA TRP B 311 -16.48 2.32 21.12
C TRP B 311 -15.39 2.39 20.06
N THR B 312 -14.26 1.73 20.28
CA THR B 312 -13.13 1.80 19.38
C THR B 312 -13.37 1.06 18.06
N TYR B 313 -14.44 0.29 17.93
CA TYR B 313 -14.75 -0.27 16.62
C TYR B 313 -15.17 0.81 15.63
N ALA B 314 -15.74 1.91 16.12
CA ALA B 314 -16.00 3.05 15.24
C ALA B 314 -14.70 3.55 14.62
N LEU B 315 -13.61 3.52 15.37
CA LEU B 315 -12.32 3.88 14.81
C LEU B 315 -11.89 2.89 13.74
N LEU B 316 -12.13 1.60 13.97
CA LEU B 316 -11.72 0.58 13.02
C LEU B 316 -12.58 0.58 11.76
N ILE B 317 -13.89 0.83 11.91
CA ILE B 317 -14.75 0.96 10.74
C ILE B 317 -14.38 2.20 9.93
N SER B 318 -14.17 3.33 10.63
CA SER B 318 -13.73 4.54 9.95
C SER B 318 -12.40 4.33 9.24
N SER B 319 -11.52 3.54 9.85
CA SER B 319 -10.23 3.22 9.22
C SER B 319 -10.44 2.45 7.92
N LEU B 320 -11.29 1.42 7.96
CA LEU B 320 -11.63 0.67 6.76
C LEU B 320 -12.20 1.57 5.69
N LEU B 321 -13.19 2.38 6.05
CA LEU B 321 -13.86 3.24 5.10
C LEU B 321 -12.96 4.35 4.59
N SER B 322 -12.06 4.84 5.44
CA SER B 322 -11.12 5.87 4.98
C SER B 322 -10.08 5.30 4.03
N LEU B 323 -9.70 4.03 4.21
CA LEU B 323 -8.78 3.42 3.26
C LEU B 323 -9.41 3.33 1.87
N ILE B 324 -10.68 2.92 1.80
CA ILE B 324 -11.32 2.71 0.51
C ILE B 324 -11.73 4.03 -0.13
N ILE B 325 -12.46 4.88 0.61
CA ILE B 325 -12.93 6.14 0.04
C ILE B 325 -11.75 7.02 -0.36
N GLY B 326 -10.75 7.11 0.51
CA GLY B 326 -9.61 7.97 0.24
C GLY B 326 -8.86 7.63 -1.03
N THR B 327 -8.74 6.34 -1.33
CA THR B 327 -8.01 5.94 -2.53
C THR B 327 -8.89 5.87 -3.77
N VAL B 328 -10.12 5.34 -3.66
CA VAL B 328 -10.95 5.17 -4.84
C VAL B 328 -11.41 6.52 -5.39
N VAL B 329 -11.90 7.40 -4.51
CA VAL B 329 -12.42 8.68 -4.96
C VAL B 329 -11.33 9.56 -5.55
N GLY B 330 -10.10 9.43 -5.06
CA GLY B 330 -8.98 10.18 -5.61
C GLY B 330 -8.65 9.88 -7.06
N LEU B 331 -9.18 8.78 -7.61
CA LEU B 331 -8.83 8.38 -8.97
C LEU B 331 -9.25 9.43 -10.00
N THR B 332 -10.43 10.01 -9.85
CA THR B 332 -10.96 10.94 -10.85
C THR B 332 -10.95 12.39 -10.37
N GLN B 333 -10.09 12.72 -9.42
CA GLN B 333 -9.90 14.10 -9.04
C GLN B 333 -8.94 14.78 -10.01
N PHE B 334 -9.33 15.95 -10.51
CA PHE B 334 -8.47 16.74 -11.36
C PHE B 334 -8.01 18.04 -10.72
N ARG B 335 -8.61 18.44 -9.60
CA ARG B 335 -8.17 19.64 -8.89
C ARG B 335 -7.18 19.21 -7.82
N ILE B 336 -6.01 19.86 -7.79
CA ILE B 336 -4.87 19.34 -7.04
C ILE B 336 -5.16 19.37 -5.53
N LYS B 337 -5.90 20.37 -5.07
CA LYS B 337 -6.18 20.47 -3.64
C LYS B 337 -7.23 19.48 -3.18
N ARG B 338 -8.19 19.13 -4.04
CA ARG B 338 -9.14 18.08 -3.71
C ARG B 338 -8.46 16.72 -3.66
N LEU B 339 -7.43 16.52 -4.46
CA LEU B 339 -6.68 15.25 -4.45
C LEU B 339 -5.94 15.11 -3.13
N LEU B 340 -5.32 16.20 -2.65
CA LEU B 340 -4.63 16.18 -1.35
C LEU B 340 -5.59 15.91 -0.21
N ALA B 341 -6.80 16.43 -0.29
CA ALA B 341 -7.81 16.14 0.74
C ALA B 341 -8.11 14.62 0.77
N TYR B 342 -8.33 14.00 -0.40
CA TYR B 342 -8.62 12.57 -0.44
C TYR B 342 -7.39 11.75 -0.10
N SER B 343 -6.21 12.27 -0.41
CA SER B 343 -4.95 11.60 -0.02
C SER B 343 -4.83 11.57 1.51
N THR B 344 -5.22 12.67 2.17
CA THR B 344 -5.18 12.75 3.66
C THR B 344 -6.17 11.76 4.26
N ILE B 345 -7.31 11.57 3.61
CA ILE B 345 -8.34 10.70 4.20
C ILE B 345 -7.78 9.28 4.13
N SER B 346 -7.09 8.97 3.03
CA SER B 346 -6.47 7.65 2.93
C SER B 346 -5.40 7.46 4.01
N HIS B 347 -4.57 8.47 4.24
CA HIS B 347 -3.53 8.35 5.25
C HIS B 347 -4.11 8.33 6.65
N VAL B 348 -5.26 8.98 6.85
CA VAL B 348 -5.97 8.92 8.13
C VAL B 348 -6.44 7.49 8.40
N GLY B 349 -6.79 6.75 7.35
CA GLY B 349 -7.13 5.35 7.53
C GLY B 349 -5.99 4.54 8.12
N PHE B 350 -4.76 4.85 7.72
CA PHE B 350 -3.60 4.17 8.33
C PHE B 350 -3.46 4.59 9.79
N ILE B 351 -3.53 5.89 10.06
CA ILE B 351 -3.38 6.39 11.43
C ILE B 351 -4.44 5.77 12.32
N LEU B 352 -5.67 5.64 11.82
CA LEU B 352 -6.78 5.11 12.63
C LEU B 352 -6.59 3.62 12.90
N LEU B 353 -5.99 2.90 11.96
CA LEU B 353 -5.69 1.47 12.16
C LEU B 353 -4.69 1.30 13.30
N ALA B 354 -3.64 2.10 13.31
CA ALA B 354 -2.60 2.01 14.37
C ALA B 354 -3.19 2.35 15.73
N LEU B 355 -4.05 3.38 15.81
CA LEU B 355 -4.71 3.76 17.07
C LEU B 355 -5.68 2.67 17.54
N SER B 356 -6.44 2.08 16.65
CA SER B 356 -7.46 1.06 17.00
C SER B 356 -6.82 -0.20 17.58
N VAL B 357 -5.70 -0.62 16.99
CA VAL B 357 -4.97 -1.78 17.56
C VAL B 357 -4.18 -1.16 18.71
N SER B 358 -4.47 -1.50 19.95
CA SER B 358 -3.71 -0.80 21.01
C SER B 358 -2.62 -1.73 21.54
N SER B 359 -1.42 -1.54 21.03
CA SER B 359 -0.30 -2.44 21.39
C SER B 359 0.90 -1.54 21.49
N ILE B 360 1.98 -2.03 22.08
CA ILE B 360 3.22 -1.23 22.10
C ILE B 360 3.66 -0.94 20.66
N GLU B 361 3.61 -1.95 19.78
CA GLU B 361 4.06 -1.78 18.37
C GLU B 361 3.16 -0.78 17.62
N SER B 362 1.84 -0.89 17.76
CA SER B 362 0.88 0.00 17.06
C SER B 362 0.98 1.44 17.58
N THR B 363 1.36 1.62 18.84
CA THR B 363 1.41 2.96 19.46
C THR B 363 2.72 3.58 18.95
N GLN B 364 3.77 2.77 18.90
CA GLN B 364 4.98 3.25 18.26
C GLN B 364 4.72 3.61 16.80
N ALA B 365 4.02 2.74 16.08
CA ALA B 365 3.70 3.02 14.69
C ALA B 365 2.83 4.27 14.58
N PHE B 366 1.85 4.40 15.48
CA PHE B 366 0.98 5.58 15.46
C PHE B 366 1.78 6.86 15.68
N ILE B 367 2.67 6.87 16.67
CA ILE B 367 3.41 8.09 16.98
C ILE B 367 4.32 8.47 15.82
N PHE B 368 5.05 7.50 15.27
CA PHE B 368 5.93 7.80 14.15
C PHE B 368 5.14 8.20 12.91
N TYR B 369 4.00 7.54 12.66
CA TYR B 369 3.26 7.82 11.44
C TYR B 369 2.73 9.24 11.42
N LEU B 370 2.20 9.71 12.55
CA LEU B 370 1.61 11.04 12.60
C LEU B 370 2.64 12.12 12.35
N ILE B 371 3.83 11.98 12.91
CA ILE B 371 4.85 13.02 12.77
C ILE B 371 5.40 13.06 11.35
N GLN B 372 5.64 11.88 10.74
CA GLN B 372 6.19 11.81 9.36
C GLN B 372 5.15 12.30 8.36
N TYR B 373 3.86 12.00 8.59
CA TYR B 373 2.75 12.42 7.71
C TYR B 373 2.58 13.93 7.76
N SER B 374 2.86 14.52 8.92
CA SER B 374 2.62 15.96 9.09
C SER B 374 3.74 16.71 8.38
N ILE B 375 4.97 16.20 8.45
CA ILE B 375 6.08 16.85 7.76
C ILE B 375 5.98 16.63 6.25
N SER B 376 5.46 15.50 5.83
CA SER B 376 5.31 15.19 4.39
C SER B 376 4.19 16.02 3.75
N ASN B 377 3.01 16.08 4.38
CA ASN B 377 1.86 16.87 3.87
C ASN B 377 2.27 18.34 3.90
N LEU B 378 3.21 18.65 4.78
CA LEU B 378 3.73 20.03 4.89
C LEU B 378 4.60 20.30 3.67
N ASN B 379 5.45 19.34 3.32
CA ASN B 379 6.31 19.50 2.15
C ASN B 379 5.49 19.65 0.88
N ALA B 380 4.41 18.87 0.74
CA ALA B 380 3.54 19.00 -0.44
C ALA B 380 2.90 20.40 -0.56
N PHE B 381 2.34 20.94 0.53
CA PHE B 381 1.75 22.30 0.52
C PHE B 381 2.82 23.36 0.24
N PHE B 382 3.96 23.30 0.72
CA PHE B 382 5.06 24.27 0.55
C PHE B 382 5.56 24.23 -0.89
N ILE B 383 5.64 22.95 -1.44
CA ILE B 383 6.02 22.87 -2.84
C ILE B 383 4.93 23.42 -3.74
N LEU B 384 3.67 23.12 -3.43
CA LEU B 384 2.55 23.65 -4.22
C LEU B 384 2.52 25.17 -4.19
N ILE B 385 2.71 25.78 -3.01
CA ILE B 385 2.73 27.23 -2.91
C ILE B 385 3.92 27.80 -3.67
N THR B 386 5.09 27.20 -3.50
CA THR B 386 6.30 27.70 -4.14
C THR B 386 6.21 27.62 -5.65
N ILE B 387 5.65 26.52 -6.18
CA ILE B 387 5.42 26.43 -7.62
C ILE B 387 4.48 27.53 -8.09
N GLY B 388 3.42 27.77 -7.32
CA GLY B 388 2.49 28.83 -7.68
C GLY B 388 3.15 30.19 -7.72
N PHE B 389 4.05 30.45 -6.77
CA PHE B 389 4.77 31.71 -6.74
C PHE B 389 5.93 31.75 -7.72
N SER B 390 6.26 30.63 -8.37
CA SER B 390 7.33 30.59 -9.35
C SER B 390 6.85 30.90 -10.76
N LEU B 391 5.55 30.81 -11.02
CA LEU B 391 4.99 31.13 -12.32
C LEU B 391 4.91 32.61 -12.56
N TYR B 392 5.43 33.43 -11.65
CA TYR B 392 5.37 34.87 -11.81
C TYR B 392 5.95 35.31 -13.15
N GLY B 393 7.09 34.75 -13.54
CA GLY B 393 7.69 35.09 -14.81
C GLY B 393 7.38 34.10 -15.90
N TYR B 394 6.15 33.60 -15.93
CA TYR B 394 5.70 32.68 -16.95
C TYR B 394 4.33 33.08 -17.43
N VAL B 395 4.02 32.71 -18.67
CA VAL B 395 2.73 33.01 -19.27
C VAL B 395 2.23 31.75 -19.93
N THR B 396 0.91 31.60 -19.95
CA THR B 396 0.29 30.50 -20.65
C THR B 396 -0.92 31.03 -21.41
N ASN B 397 -1.19 30.42 -22.56
CA ASN B 397 -2.37 30.72 -23.35
C ASN B 397 -3.48 29.70 -23.15
N ASN B 398 -3.33 28.83 -22.15
CA ASN B 398 -4.32 27.81 -21.88
C ASN B 398 -5.69 28.43 -21.59
N LYS B 399 -6.72 27.90 -22.23
CA LYS B 399 -8.08 28.39 -22.02
C LYS B 399 -8.67 27.91 -20.72
N GLU B 400 -8.27 26.74 -20.25
CA GLU B 400 -8.83 26.20 -18.98
C GLU B 400 -8.31 27.03 -17.82
N TYR B 401 -7.00 27.27 -17.83
CA TYR B 401 -6.40 28.04 -16.75
C TYR B 401 -6.96 29.45 -16.66
N LYS B 402 -7.44 29.99 -17.77
CA LYS B 402 -7.93 31.36 -17.80
C LYS B 402 -9.29 31.51 -17.11
N SER B 403 -10.01 30.41 -16.95
CA SER B 403 -11.35 30.42 -16.32
C SER B 403 -11.30 29.96 -14.86
N LEU B 404 -10.13 29.94 -14.22
CA LEU B 404 -10.05 29.56 -12.83
C LEU B 404 -10.46 30.72 -11.92
N LEU B 405 -11.04 30.38 -10.77
CA LEU B 405 -11.50 31.35 -9.80
C LEU B 405 -10.48 31.52 -8.67
N ASP B 406 -10.47 32.76 -8.12
CA ASP B 406 -9.53 33.11 -7.03
C ASP B 406 -8.13 32.64 -7.38
N LYS B 407 -7.65 33.04 -8.54
CA LYS B 407 -6.31 32.61 -8.95
C LYS B 407 -5.24 33.12 -7.99
N ASN B 408 -5.43 34.31 -7.42
CA ASN B 408 -4.42 34.82 -6.50
C ASN B 408 -4.38 34.00 -5.21
N ASN B 409 -5.54 33.61 -4.69
CA ASN B 409 -5.57 32.85 -3.45
C ASN B 409 -5.01 31.43 -3.64
N SER B 410 -5.30 30.81 -4.78
CA SER B 410 -4.86 29.45 -5.06
C SER B 410 -4.27 29.38 -6.46
N PRO B 411 -3.02 29.85 -6.63
CA PRO B 411 -2.43 29.90 -7.98
C PRO B 411 -2.42 28.57 -8.72
N ILE B 412 -2.12 27.46 -8.05
CA ILE B 412 -2.22 26.14 -8.64
C ILE B 412 -3.50 25.51 -8.13
N GLN B 413 -4.45 25.27 -9.03
CA GLN B 413 -5.68 24.59 -8.70
C GLN B 413 -5.90 23.30 -9.49
N LEU B 414 -5.19 23.11 -10.58
CA LEU B 414 -5.38 21.98 -11.47
C LEU B 414 -4.11 21.16 -11.53
N ILE B 415 -4.27 19.84 -11.54
CA ILE B 415 -3.13 18.97 -11.76
C ILE B 415 -2.51 19.25 -13.13
N SER B 416 -3.34 19.59 -14.11
CA SER B 416 -2.84 19.90 -15.45
C SER B 416 -1.94 21.13 -15.46
N GLN B 417 -2.03 21.99 -14.45
CA GLN B 417 -1.15 23.14 -14.38
C GLN B 417 0.31 22.72 -14.15
N LEU B 418 0.54 21.54 -13.61
CA LEU B 418 1.89 21.04 -13.37
C LEU B 418 2.49 20.34 -14.59
N LYS B 419 1.75 20.24 -15.69
CA LYS B 419 2.23 19.59 -16.93
C LYS B 419 3.55 20.22 -17.39
N GLY B 420 4.60 19.42 -17.53
CA GLY B 420 5.89 19.88 -17.96
C GLY B 420 6.62 20.74 -16.97
N TYR B 421 6.24 20.71 -15.69
CA TYR B 421 6.92 21.54 -14.72
C TYR B 421 8.34 21.07 -14.46
N PHE B 422 8.64 19.81 -14.77
CA PHE B 422 10.00 19.31 -14.64
C PHE B 422 10.95 20.01 -15.60
N TYR B 423 10.44 20.49 -16.73
CA TYR B 423 11.21 21.31 -17.64
C TYR B 423 11.29 22.77 -17.23
N ILE B 424 10.47 23.21 -16.27
CA ILE B 424 10.57 24.56 -15.74
C ILE B 424 11.53 24.63 -14.57
N ASN B 425 11.46 23.67 -13.66
CA ASN B 425 12.35 23.61 -12.50
C ASN B 425 12.50 22.14 -12.12
N PRO B 426 13.61 21.51 -12.50
CA PRO B 426 13.71 20.05 -12.28
C PRO B 426 13.91 19.65 -10.83
N LEU B 427 14.74 20.37 -10.07
CA LEU B 427 14.97 19.95 -8.69
C LEU B 427 13.75 20.16 -7.82
N LEU B 428 12.97 21.22 -8.06
CA LEU B 428 11.73 21.38 -7.32
C LEU B 428 10.70 20.34 -7.74
N SER B 429 10.75 19.91 -9.00
CA SER B 429 9.88 18.82 -9.46
C SER B 429 10.29 17.49 -8.84
N LEU B 430 11.59 17.28 -8.67
CA LEU B 430 12.07 16.08 -8.00
C LEU B 430 11.64 16.05 -6.54
N SER B 431 11.67 17.21 -5.88
CA SER B 431 11.23 17.28 -4.48
C SER B 431 9.76 16.91 -4.36
N LEU B 432 8.93 17.37 -5.30
CA LEU B 432 7.54 16.97 -5.32
C LEU B 432 7.41 15.48 -5.55
N ALA B 433 8.20 14.93 -6.49
CA ALA B 433 8.12 13.52 -6.79
C ALA B 433 8.56 12.66 -5.61
N ILE B 434 9.60 13.10 -4.89
CA ILE B 434 10.04 12.37 -3.71
C ILE B 434 8.95 12.38 -2.64
N THR B 435 8.30 13.53 -2.44
CA THR B 435 7.25 13.62 -1.44
C THR B 435 6.07 12.72 -1.79
N ILE B 436 5.69 12.68 -3.07
CA ILE B 436 4.56 11.88 -3.49
C ILE B 436 4.89 10.39 -3.41
N PHE B 437 6.11 10.00 -3.77
CA PHE B 437 6.51 8.61 -3.66
C PHE B 437 6.58 8.17 -2.19
N SER B 438 6.82 9.10 -1.28
CA SER B 438 6.76 8.81 0.16
C SER B 438 5.33 8.56 0.60
N PHE B 439 4.36 9.28 0.03
CA PHE B 439 2.95 9.02 0.31
C PHE B 439 2.54 7.63 -0.14
N VAL B 440 3.07 7.18 -1.28
CA VAL B 440 2.79 5.83 -1.76
C VAL B 440 3.37 4.80 -0.80
N GLY B 441 4.57 5.04 -0.30
CA GLY B 441 5.26 4.08 0.54
C GLY B 441 6.29 3.27 -0.23
N VAL B 442 7.09 3.93 -1.05
CA VAL B 442 8.18 3.29 -1.77
C VAL B 442 9.44 3.37 -0.91
N PRO B 443 10.09 2.25 -0.62
CA PRO B 443 11.35 2.32 0.11
C PRO B 443 12.43 2.99 -0.71
N PRO B 444 13.42 3.62 -0.05
CA PRO B 444 13.56 3.72 1.40
C PRO B 444 13.10 5.09 1.93
N LEU B 445 12.00 5.60 1.41
CA LEU B 445 11.50 6.88 1.88
C LEU B 445 10.77 6.72 3.21
N VAL B 446 10.67 7.83 3.94
CA VAL B 446 10.13 7.77 5.29
C VAL B 446 8.70 7.26 5.29
N GLY B 447 7.98 7.48 4.19
CA GLY B 447 6.61 7.00 4.09
C GLY B 447 6.50 5.50 4.04
N PHE B 448 7.44 4.83 3.37
CA PHE B 448 7.44 3.37 3.38
C PHE B 448 7.63 2.83 4.79
N PHE B 449 8.61 3.35 5.51
CA PHE B 449 8.88 2.87 6.86
C PHE B 449 7.70 3.13 7.78
N ALA B 450 6.97 4.22 7.54
CA ALA B 450 5.78 4.50 8.32
C ALA B 450 4.70 3.45 8.07
N LYS B 451 4.41 3.19 6.80
CA LYS B 451 3.40 2.16 6.43
C LYS B 451 3.86 0.78 6.90
N GLN B 452 5.16 0.51 6.82
CA GLN B 452 5.70 -0.79 7.20
C GLN B 452 5.47 -1.07 8.68
N MET B 453 5.64 -0.05 9.54
CA MET B 453 5.46 -0.23 10.97
C MET B 453 4.00 -0.48 11.33
N VAL B 454 3.06 0.23 10.70
CA VAL B 454 1.65 0.02 10.99
C VAL B 454 1.21 -1.37 10.55
N LEU B 455 1.68 -1.83 9.39
CA LEU B 455 1.33 -3.16 8.90
C LEU B 455 1.87 -4.25 9.84
N SER B 456 3.10 -4.09 10.31
CA SER B 456 3.75 -5.04 11.24
C SER B 456 2.87 -5.27 12.46
N ALA B 457 2.53 -4.18 13.14
CA ALA B 457 1.75 -4.24 14.37
C ALA B 457 0.37 -4.84 14.11
N ALA B 458 -0.26 -4.43 13.01
CA ALA B 458 -1.62 -4.94 12.72
C ALA B 458 -1.56 -6.45 12.51
N LEU B 459 -0.57 -6.94 11.76
CA LEU B 459 -0.38 -8.38 11.51
C LEU B 459 -0.04 -9.12 12.81
N ASP B 460 0.81 -8.54 13.66
CA ASP B 460 1.23 -9.15 14.94
C ASP B 460 0.07 -9.23 15.94
N ASN B 461 -0.94 -8.38 15.81
CA ASN B 461 -2.14 -8.43 16.69
C ASN B 461 -3.33 -9.11 15.98
N GLY B 462 -3.11 -9.75 14.84
CA GLY B 462 -4.19 -10.49 14.15
C GLY B 462 -5.11 -9.66 13.27
N TYR B 463 -4.77 -8.41 12.99
CA TYR B 463 -5.60 -7.58 12.07
C TYR B 463 -5.11 -7.88 10.64
N ILE B 464 -5.41 -9.08 10.14
CA ILE B 464 -4.93 -9.52 8.79
C ILE B 464 -5.87 -8.95 7.75
N PHE B 465 -7.17 -9.09 7.99
CA PHE B 465 -8.13 -8.61 7.00
C PHE B 465 -7.95 -7.12 6.74
N LEU B 466 -7.73 -6.34 7.80
CA LEU B 466 -7.45 -4.92 7.62
C LEU B 466 -6.08 -4.69 7.03
N SER B 467 -5.12 -5.58 7.34
CA SER B 467 -3.81 -5.49 6.72
C SER B 467 -3.90 -5.68 5.21
N LEU B 468 -4.75 -6.60 4.75
CA LEU B 468 -4.85 -6.86 3.33
C LEU B 468 -5.59 -5.75 2.61
N ILE B 469 -6.64 -5.21 3.23
CA ILE B 469 -7.33 -4.08 2.63
C ILE B 469 -6.41 -2.87 2.56
N ALA B 470 -5.49 -2.76 3.51
CA ALA B 470 -4.56 -1.62 3.48
C ALA B 470 -3.63 -1.71 2.26
N ILE B 471 -3.05 -2.88 1.99
CA ILE B 471 -2.12 -3.05 0.82
C ILE B 471 -2.88 -2.88 -0.51
N ILE B 472 -4.09 -3.43 -0.62
CA ILE B 472 -4.89 -3.33 -1.88
C ILE B 472 -5.26 -1.87 -2.15
N THR B 473 -5.69 -1.14 -1.12
CA THR B 473 -6.05 0.30 -1.27
C THR B 473 -4.80 1.09 -1.65
N SER B 474 -3.65 0.72 -1.11
CA SER B 474 -2.39 1.43 -1.41
C SER B 474 -2.06 1.38 -2.92
N VAL B 475 -2.29 0.25 -3.58
CA VAL B 475 -2.07 0.18 -5.04
C VAL B 475 -3.03 1.12 -5.77
N ILE B 476 -4.30 1.16 -5.34
CA ILE B 476 -5.31 2.07 -5.96
C ILE B 476 -4.88 3.51 -5.72
N GLY B 477 -4.44 3.83 -4.50
CA GLY B 477 -4.01 5.19 -4.16
C GLY B 477 -2.81 5.59 -4.96
N ALA B 478 -1.94 4.62 -5.23
CA ALA B 478 -0.71 4.90 -6.00
C ALA B 478 -1.08 5.40 -7.40
N VAL B 479 -2.26 5.06 -7.92
CA VAL B 479 -2.59 5.43 -9.29
C VAL B 479 -2.68 6.95 -9.44
N TYR B 480 -3.40 7.62 -8.54
CA TYR B 480 -3.51 9.07 -8.68
C TYR B 480 -2.24 9.78 -8.25
N TYR B 481 -1.44 9.17 -7.38
CA TYR B 481 -0.11 9.70 -7.11
C TYR B 481 0.77 9.64 -8.35
N LEU B 482 0.78 8.48 -9.03
CA LEU B 482 1.53 8.34 -10.27
C LEU B 482 1.03 9.31 -11.34
N ASN B 483 -0.25 9.67 -11.28
CA ASN B 483 -0.82 10.55 -12.29
C ASN B 483 -0.31 11.99 -12.14
N VAL B 484 -0.13 12.44 -10.91
CA VAL B 484 0.52 13.73 -10.69
C VAL B 484 1.94 13.71 -11.24
N ILE B 485 2.68 12.64 -10.96
CA ILE B 485 4.07 12.56 -11.41
C ILE B 485 4.13 12.47 -12.94
N LYS B 486 3.22 11.71 -13.54
CA LYS B 486 3.16 11.65 -15.00
C LYS B 486 2.99 13.03 -15.60
N GLU B 487 2.15 13.86 -14.98
CA GLU B 487 1.88 15.19 -15.50
C GLU B 487 3.14 16.05 -15.47
N ILE B 488 3.90 15.96 -14.39
CA ILE B 488 5.08 16.81 -14.21
C ILE B 488 6.20 16.40 -15.17
N PHE B 489 6.39 15.11 -15.37
CA PHE B 489 7.57 14.61 -16.06
C PHE B 489 7.35 14.24 -17.52
N PHE B 490 6.20 13.67 -17.88
CA PHE B 490 6.05 12.99 -19.16
C PHE B 490 5.67 13.90 -20.31
N TYR B 491 5.43 15.17 -20.06
CA TYR B 491 4.89 16.07 -21.06
C TYR B 491 5.69 17.35 -21.08
N SER B 492 5.56 18.08 -22.18
CA SER B 492 6.07 19.43 -22.27
C SER B 492 5.16 20.38 -21.53
N PRO B 493 5.70 21.48 -21.03
CA PRO B 493 4.88 22.45 -20.31
C PRO B 493 4.04 23.31 -21.24
N GLU B 494 2.99 23.87 -20.68
CA GLU B 494 2.18 24.88 -21.36
C GLU B 494 2.50 26.28 -20.89
N HIS B 495 3.43 26.43 -19.96
CA HIS B 495 3.89 27.73 -19.50
C HIS B 495 5.17 28.11 -20.22
N GLU B 496 5.26 29.37 -20.64
CA GLU B 496 6.46 29.91 -21.26
C GLU B 496 6.91 31.13 -20.46
N VAL B 497 8.23 31.30 -20.36
CA VAL B 497 8.78 32.50 -19.75
C VAL B 497 8.19 33.74 -20.43
N ASN B 498 7.87 34.75 -19.63
CA ASN B 498 7.36 36.01 -20.14
C ASN B 498 8.36 36.66 -21.08
N PRO B 499 7.98 36.96 -22.33
CA PRO B 499 8.91 37.64 -23.24
C PRO B 499 9.41 38.96 -22.70
N VAL B 500 8.53 39.75 -22.07
CA VAL B 500 8.93 41.08 -21.62
C VAL B 500 9.75 41.03 -20.34
N LEU B 501 9.64 39.97 -19.55
CA LEU B 501 10.46 39.87 -18.34
C LEU B 501 11.93 39.78 -18.69
N ASN B 502 12.26 39.19 -19.84
CA ASN B 502 13.63 39.15 -20.36
C ASN B 502 13.54 39.42 -21.86
N GLU B 503 13.63 40.70 -22.23
CA GLU B 503 13.49 41.13 -23.62
C GLU B 503 14.72 41.86 -24.12
N SER B 504 15.86 41.71 -23.44
CA SER B 504 17.16 42.27 -23.80
C SER B 504 17.22 43.78 -23.72
N ASP B 505 16.13 44.45 -23.36
CA ASP B 505 16.16 45.90 -23.21
C ASP B 505 15.35 46.37 -22.00
N SER B 506 14.89 45.45 -21.15
CA SER B 506 14.08 45.79 -19.99
C SER B 506 14.88 45.41 -18.74
N ASN B 507 15.72 46.33 -18.29
CA ASN B 507 16.54 46.15 -17.10
C ASN B 507 16.04 47.09 -16.01
N PHE B 508 15.79 46.54 -14.82
CA PHE B 508 15.55 47.42 -13.69
C PHE B 508 16.85 47.62 -12.92
N SER B 509 16.92 48.72 -12.19
CA SER B 509 18.16 49.17 -11.58
C SER B 509 18.25 48.68 -10.15
N LEU B 510 19.44 48.24 -9.76
CA LEU B 510 19.75 47.91 -8.37
C LEU B 510 20.98 48.71 -7.96
N ARG B 511 20.72 49.40 -6.72
CA ARG B 511 21.85 50.13 -6.09
C ARG B 511 22.40 49.31 -4.94
N ILE B 512 23.70 49.21 -4.81
CA ILE B 512 24.38 48.53 -3.67
C ILE B 512 25.03 49.64 -2.85
N LEU B 513 24.75 49.73 -1.60
CA LEU B 513 25.19 50.77 -0.71
C LEU B 513 25.83 50.15 0.53
N ASN B 514 26.70 50.91 1.18
CA ASN B 514 27.41 50.44 2.35
C ASN B 514 26.67 50.90 3.61
N GLU B 515 27.31 50.69 4.76
CA GLU B 515 26.68 51.05 6.04
C GLU B 515 26.46 52.55 6.18
N LYS B 516 27.20 53.37 5.43
CA LYS B 516 27.05 54.81 5.48
C LYS B 516 26.12 55.33 4.39
N ASN B 517 25.34 54.44 3.77
CA ASN B 517 24.40 54.79 2.72
C ASN B 517 25.09 55.51 1.56
N VAL B 518 26.30 55.06 1.23
CA VAL B 518 27.07 55.57 0.11
C VAL B 518 27.07 54.51 -0.98
N LEU B 519 26.78 54.94 -2.21
CA LEU B 519 26.66 54.01 -3.32
C LEU B 519 28.01 53.38 -3.62
N ILE B 520 28.03 52.05 -3.74
CA ILE B 520 29.23 51.31 -4.08
C ILE B 520 29.25 50.94 -5.55
N ARG B 521 28.12 50.40 -5.98
CA ARG B 521 28.01 50.07 -7.41
C ARG B 521 26.55 50.00 -7.84
N SER B 522 26.34 50.14 -9.14
CA SER B 522 25.01 49.94 -9.69
C SER B 522 25.05 48.77 -10.65
N VAL B 523 23.89 48.14 -10.85
CA VAL B 523 23.81 46.96 -11.69
C VAL B 523 22.42 46.93 -12.31
N LEU B 524 22.35 46.44 -13.55
CA LEU B 524 21.10 46.29 -14.27
C LEU B 524 20.65 44.83 -14.18
N LEU B 525 19.34 44.63 -14.03
CA LEU B 525 18.82 43.34 -13.64
C LEU B 525 17.65 42.94 -14.52
N LYS B 526 17.45 41.62 -14.56
CA LYS B 526 16.43 41.07 -15.46
C LYS B 526 15.54 40.12 -14.67
N GLY B 527 14.52 39.57 -15.32
CA GLY B 527 13.66 38.60 -14.68
C GLY B 527 14.41 37.36 -14.23
N ARG B 528 15.56 37.11 -14.87
CA ARG B 528 16.41 35.92 -14.59
C ARG B 528 17.12 36.09 -13.26
N ASN B 529 17.05 37.27 -12.66
CA ASN B 529 17.66 37.53 -11.37
C ASN B 529 16.63 37.52 -10.23
N ILE B 530 15.45 36.96 -10.46
CA ILE B 530 14.39 36.86 -9.46
C ILE B 530 14.24 35.39 -9.10
N PHE B 531 14.31 35.10 -7.81
CA PHE B 531 14.34 33.73 -7.34
C PHE B 531 13.33 33.52 -6.22
N ILE B 532 12.96 32.25 -6.03
CA ILE B 532 12.29 31.82 -4.81
C ILE B 532 13.06 32.34 -3.60
N SER B 533 12.33 32.86 -2.62
CA SER B 533 12.95 33.29 -1.38
C SER B 533 13.55 32.10 -0.61
N SER B 534 14.67 32.37 0.05
CA SER B 534 15.40 31.33 0.77
C SER B 534 14.59 30.57 1.81
N PRO B 535 13.72 31.19 2.62
CA PRO B 535 12.97 30.40 3.62
C PRO B 535 12.19 29.24 3.04
N PHE B 536 11.63 29.39 1.84
CA PHE B 536 10.84 28.31 1.28
C PHE B 536 11.72 27.25 0.63
N SER B 537 12.77 27.66 -0.07
CA SER B 537 13.68 26.69 -0.69
C SER B 537 14.38 25.84 0.37
N ILE B 538 14.83 26.48 1.46
CA ILE B 538 15.52 25.75 2.51
C ILE B 538 14.59 24.78 3.22
N THR B 539 13.35 25.20 3.47
CA THR B 539 12.42 24.33 4.18
C THR B 539 12.06 23.12 3.32
N ILE B 540 11.82 23.33 2.03
CA ILE B 540 11.57 22.21 1.13
C ILE B 540 12.79 21.30 1.09
N SER B 541 13.99 21.90 1.07
CA SER B 541 15.21 21.12 0.93
C SER B 541 15.46 20.23 2.15
N ILE B 542 15.27 20.79 3.35
CA ILE B 542 15.50 20.02 4.57
C ILE B 542 14.51 18.85 4.65
N ILE B 543 13.24 19.13 4.41
CA ILE B 543 12.21 18.10 4.53
C ILE B 543 12.36 17.06 3.44
N THR B 544 12.70 17.49 2.23
CA THR B 544 12.92 16.53 1.15
C THR B 544 14.09 15.60 1.49
N ASN B 545 15.14 16.14 2.11
CA ASN B 545 16.27 15.30 2.45
C ASN B 545 15.98 14.44 3.69
N VAL B 546 15.07 14.87 4.56
CA VAL B 546 14.65 14.02 5.67
C VAL B 546 13.84 12.84 5.15
N ILE B 547 12.95 13.09 4.19
CA ILE B 547 12.18 12.01 3.58
C ILE B 547 13.11 11.04 2.87
N LEU B 548 14.10 11.57 2.14
CA LEU B 548 14.98 10.76 1.31
C LEU B 548 15.99 9.97 2.13
N LEU B 549 16.61 10.60 3.15
CA LEU B 549 17.75 10.01 3.84
C LEU B 549 17.38 9.43 5.20
N PHE B 550 16.10 9.14 5.42
CA PHE B 550 15.64 8.68 6.73
C PHE B 550 16.36 7.43 7.19
N ILE B 551 16.74 6.55 6.24
CA ILE B 551 17.35 5.28 6.58
C ILE B 551 18.70 5.44 7.27
N PHE B 552 19.34 6.60 7.14
CA PHE B 552 20.59 6.87 7.84
C PHE B 552 20.40 7.70 9.11
N MET B 553 19.18 8.13 9.40
CA MET B 553 18.94 9.05 10.50
C MET B 553 17.91 8.54 11.50
N ASN B 554 17.53 7.27 11.43
CA ASN B 554 16.29 6.84 12.06
C ASN B 554 16.40 6.54 13.55
N LYS B 555 17.61 6.42 14.10
CA LYS B 555 17.75 5.84 15.43
C LYS B 555 17.08 6.69 16.51
N GLU B 556 17.51 7.94 16.66
CA GLU B 556 17.00 8.78 17.75
C GLU B 556 15.52 9.06 17.58
N TRP B 557 15.09 9.29 16.33
CA TRP B 557 13.69 9.59 16.07
C TRP B 557 12.79 8.41 16.41
N LEU B 558 13.18 7.19 16.02
CA LEU B 558 12.39 6.03 16.36
C LEU B 558 12.50 5.67 17.84
N SER B 559 13.67 5.90 18.44
CA SER B 559 13.84 5.62 19.87
C SER B 559 12.96 6.51 20.74
N MET B 560 12.69 7.75 20.30
CA MET B 560 11.85 8.63 21.09
C MET B 560 10.45 8.05 21.26
N GLY B 561 9.87 7.56 20.17
CA GLY B 561 8.58 6.91 20.26
C GLY B 561 8.62 5.62 21.07
N THR B 562 9.72 4.87 20.98
CA THR B 562 9.84 3.67 21.78
C THR B 562 9.80 3.98 23.27
N ILE B 563 10.51 5.02 23.70
CA ILE B 563 10.52 5.38 25.12
C ILE B 563 9.16 5.91 25.55
N LEU B 564 8.52 6.73 24.72
CA LEU B 564 7.23 7.30 25.07
C LEU B 564 6.19 6.22 25.29
N VAL B 565 6.16 5.20 24.42
CA VAL B 565 5.17 4.15 24.55
C VAL B 565 5.47 3.28 25.76
N GLN B 566 6.74 3.00 26.01
CA GLN B 566 7.12 2.21 27.18
C GLN B 566 6.67 2.89 28.47
N ILE B 567 6.72 4.23 28.51
CA ILE B 567 6.18 4.94 29.67
C ILE B 567 4.66 4.79 29.75
N LEU B 568 3.97 4.95 28.62
CA LEU B 568 2.51 4.86 28.62
C LEU B 568 2.02 3.46 29.02
N PHE B 569 2.78 2.41 28.68
CA PHE B 569 2.39 1.04 28.98
C PHE B 569 3.02 0.51 30.25
N SER B 570 3.81 1.33 30.93
CA SER B 570 4.64 0.87 32.06
C SER B 570 3.87 0.26 33.21
N ALA B 571 3.76 -1.05 33.22
CA ALA B 571 3.19 -1.76 34.35
C ALA B 571 4.23 -1.90 35.45
N MET C 1 -52.00 29.47 46.20
CA MET C 1 -51.74 30.27 45.01
C MET C 1 -50.88 31.45 45.43
N SER C 2 -49.71 31.60 44.81
CA SER C 2 -48.73 32.54 45.31
C SER C 2 -48.95 33.93 44.72
N ALA C 3 -48.37 34.92 45.41
CA ALA C 3 -48.49 36.30 44.98
C ALA C 3 -47.88 36.50 43.60
N MET C 4 -46.72 35.90 43.35
CA MET C 4 -46.05 36.03 42.04
C MET C 4 -46.92 35.41 40.96
N SER C 5 -47.50 34.23 41.23
CA SER C 5 -48.34 33.58 40.23
C SER C 5 -49.60 34.40 39.93
N ILE C 6 -50.22 34.95 40.97
CA ILE C 6 -51.39 35.80 40.79
C ILE C 6 -51.01 37.07 40.05
N TYR C 7 -49.81 37.59 40.31
CA TYR C 7 -49.38 38.83 39.69
C TYR C 7 -49.30 38.70 38.17
N ILE C 8 -48.73 37.59 37.69
CA ILE C 8 -48.63 37.40 36.25
C ILE C 8 -50.01 37.26 35.63
N ILE C 9 -50.94 36.62 36.35
CA ILE C 9 -52.30 36.50 35.84
C ILE C 9 -52.94 37.87 35.69
N PHE C 10 -52.84 38.71 36.72
CA PHE C 10 -53.51 40.00 36.69
C PHE C 10 -52.91 40.90 35.63
N VAL C 11 -51.59 40.90 35.47
CA VAL C 11 -50.95 41.74 34.46
C VAL C 11 -51.38 41.32 33.07
N SER C 12 -51.43 40.01 32.82
CA SER C 12 -51.92 39.53 31.52
C SER C 12 -53.40 39.85 31.33
N ILE C 13 -54.20 39.76 32.40
CA ILE C 13 -55.61 40.09 32.30
C ILE C 13 -55.80 41.57 31.93
N ILE C 14 -54.92 42.44 32.45
CA ILE C 14 -54.97 43.85 32.08
C ILE C 14 -54.79 44.01 30.57
N ALA C 15 -53.81 43.30 30.01
CA ALA C 15 -53.55 43.40 28.58
C ALA C 15 -54.72 42.85 27.77
N ILE C 16 -55.40 41.83 28.29
CA ILE C 16 -56.52 41.25 27.58
C ILE C 16 -57.69 42.23 27.53
N LEU C 17 -57.99 42.87 28.66
CA LEU C 17 -59.10 43.81 28.70
C LEU C 17 -58.90 44.95 27.71
N PHE C 18 -57.69 45.53 27.68
CA PHE C 18 -57.41 46.63 26.77
C PHE C 18 -57.60 46.19 25.33
N LEU C 19 -57.10 45.01 24.99
CA LEU C 19 -57.37 44.43 23.68
C LEU C 19 -58.86 44.20 23.48
N ALA C 20 -59.55 43.72 24.52
CA ALA C 20 -60.97 43.43 24.41
C ALA C 20 -61.77 44.68 24.10
N ILE C 21 -61.54 45.77 24.82
CA ILE C 21 -62.31 46.98 24.60
C ILE C 21 -62.13 47.46 23.17
N ASP C 22 -60.89 47.55 22.69
CA ASP C 22 -60.65 48.07 21.35
C ASP C 22 -61.12 47.12 20.27
N LEU C 23 -61.23 45.82 20.56
CA LEU C 23 -61.70 44.85 19.59
C LEU C 23 -63.21 44.61 19.67
N ILE C 24 -63.90 45.24 20.62
CA ILE C 24 -65.33 45.07 20.80
C ILE C 24 -66.09 46.36 20.53
N PHE C 25 -65.59 47.47 21.07
CA PHE C 25 -66.33 48.73 21.06
C PHE C 25 -65.83 49.71 20.01
N ALA C 26 -64.54 49.76 19.76
CA ALA C 26 -64.03 50.72 18.78
C ALA C 26 -64.51 50.33 17.38
N PRO C 27 -64.87 51.31 16.55
CA PRO C 27 -65.34 51.00 15.21
C PRO C 27 -64.26 50.33 14.39
N HIS C 28 -64.68 49.39 13.54
CA HIS C 28 -63.70 48.65 12.69
C HIS C 28 -64.18 48.51 11.25
N ASN C 29 -63.30 48.79 10.29
CA ASN C 29 -63.58 48.68 8.86
C ASN C 29 -62.30 48.34 8.13
N PRO C 30 -62.29 47.26 7.34
CA PRO C 30 -61.04 46.86 6.67
C PRO C 30 -60.67 47.75 5.52
N TYR C 31 -60.01 48.88 5.82
CA TYR C 31 -59.56 49.78 4.76
C TYR C 31 -58.54 49.12 3.85
N LYS C 32 -57.57 48.42 4.45
CA LYS C 32 -56.50 47.75 3.71
C LYS C 32 -55.78 48.68 2.74
N SER C 46 -42.07 43.39 -6.83
CA SER C 46 -42.43 43.62 -5.44
C SER C 46 -41.56 44.69 -4.81
N GLN C 47 -41.10 44.43 -3.59
CA GLN C 47 -40.24 45.38 -2.88
C GLN C 47 -38.85 45.38 -3.48
N SER C 48 -38.01 46.33 -3.02
CA SER C 48 -36.62 46.42 -3.50
C SER C 48 -35.66 45.94 -2.41
N ARG C 49 -34.50 45.40 -2.79
CA ARG C 49 -33.51 44.88 -1.82
C ARG C 49 -32.38 45.91 -1.70
N SER C 50 -32.06 46.39 -0.50
CA SER C 50 -30.89 47.28 -0.36
C SER C 50 -29.82 46.65 0.57
N PRO C 51 -28.52 47.01 0.52
CA PRO C 51 -27.55 46.46 1.47
C PRO C 51 -27.77 47.04 2.86
N PHE C 52 -27.48 46.24 3.87
CA PHE C 52 -27.64 46.73 5.24
C PHE C 52 -26.30 47.10 5.84
N ASN C 53 -26.37 47.91 6.88
CA ASN C 53 -25.19 48.45 7.52
C ASN C 53 -24.59 47.43 8.48
N ILE C 54 -23.29 47.18 8.34
CA ILE C 54 -22.61 46.23 9.21
C ILE C 54 -22.61 46.69 10.65
N SER C 55 -22.82 47.98 10.90
CA SER C 55 -22.76 48.51 12.25
C SER C 55 -23.79 47.85 13.16
N PHE C 56 -24.93 47.43 12.61
CA PHE C 56 -25.97 46.89 13.45
C PHE C 56 -25.65 45.48 13.91
N PHE C 57 -24.99 44.69 13.06
CA PHE C 57 -24.48 43.40 13.50
C PHE C 57 -23.42 43.59 14.58
N ILE C 58 -22.57 44.61 14.42
CA ILE C 58 -21.47 44.82 15.34
C ILE C 58 -21.99 45.24 16.71
N TYR C 59 -23.00 46.11 16.75
CA TYR C 59 -23.61 46.47 18.02
C TYR C 59 -24.11 45.24 18.76
N GLY C 60 -24.86 44.39 18.06
CA GLY C 60 -25.38 43.19 18.68
C GLY C 60 -24.28 42.21 19.05
N LEU C 61 -23.27 42.15 18.16
CA LEU C 61 -22.13 41.27 18.47
C LEU C 61 -21.47 41.72 19.78
N VAL C 62 -20.99 42.93 19.88
CA VAL C 62 -20.25 43.39 21.04
C VAL C 62 -21.14 43.40 22.27
N PHE C 63 -22.43 43.70 22.10
CA PHE C 63 -23.36 43.58 23.22
C PHE C 63 -23.38 42.16 23.76
N LEU C 64 -23.56 41.19 22.87
CA LEU C 64 -23.74 39.80 23.29
C LEU C 64 -22.50 39.27 24.03
N LEU C 65 -21.32 39.52 23.48
CA LEU C 65 -20.10 39.02 24.12
C LEU C 65 -19.83 39.75 25.43
N LEU C 66 -20.11 41.06 25.47
CA LEU C 66 -19.90 41.82 26.70
C LEU C 66 -20.94 41.45 27.74
N ASP C 67 -22.15 41.10 27.30
CA ASP C 67 -23.27 40.73 28.22
C ASP C 67 -22.94 39.36 28.82
N LEU C 68 -22.27 38.50 28.04
CA LEU C 68 -21.84 37.22 28.57
C LEU C 68 -20.75 37.38 29.61
N GLU C 69 -19.86 38.36 29.43
CA GLU C 69 -18.78 38.56 30.38
C GLU C 69 -19.29 39.12 31.71
N ILE C 70 -20.29 39.98 31.67
CA ILE C 70 -20.87 40.51 32.89
C ILE C 70 -21.56 39.40 33.68
N LEU C 71 -22.26 38.51 32.97
CA LEU C 71 -22.94 37.42 33.66
C LEU C 71 -21.95 36.54 34.43
N LEU C 72 -20.76 36.32 33.85
CA LEU C 72 -19.74 35.53 34.51
C LEU C 72 -19.12 36.24 35.69
N LEU C 73 -19.36 37.54 35.86
CA LEU C 73 -18.87 38.25 37.03
C LEU C 73 -19.90 38.36 38.15
N TYR C 74 -21.18 38.14 37.87
CA TYR C 74 -22.20 38.23 38.91
C TYR C 74 -22.04 37.21 40.03
N PRO C 75 -21.64 35.95 39.78
CA PRO C 75 -21.35 35.07 40.93
C PRO C 75 -20.26 35.62 41.83
N PHE C 76 -19.28 36.35 41.27
CA PHE C 76 -18.22 36.90 42.11
C PHE C 76 -18.76 37.95 43.08
N ALA C 77 -19.70 38.79 42.62
CA ALA C 77 -20.27 39.82 43.47
C ALA C 77 -21.10 39.27 44.62
N VAL C 78 -21.60 38.04 44.55
CA VAL C 78 -22.33 37.45 45.67
C VAL C 78 -21.50 36.38 46.37
N SER C 79 -20.17 36.34 46.19
CA SER C 79 -19.27 35.30 46.75
C SER C 79 -17.93 35.90 47.18
N GLU C 80 -17.86 37.22 47.34
CA GLU C 80 -16.60 37.95 47.65
C GLU C 80 -15.93 37.57 48.98
N TYR C 81 -16.73 37.33 50.03
CA TYR C 81 -16.20 37.02 51.37
C TYR C 81 -15.37 35.74 51.31
N VAL C 82 -15.92 34.72 50.67
CA VAL C 82 -15.23 33.41 50.54
C VAL C 82 -14.09 33.50 49.54
N ASN C 83 -14.27 34.19 48.42
CA ASN C 83 -13.24 34.25 47.36
C ASN C 83 -12.00 34.93 47.90
N SER C 84 -12.19 36.01 48.65
CA SER C 84 -11.09 36.76 49.31
C SER C 84 -10.03 37.19 48.28
N ALA C 85 -8.77 37.16 48.68
CA ALA C 85 -7.65 37.52 47.78
C ALA C 85 -7.55 36.57 46.59
N TYR C 86 -7.65 35.27 46.82
CA TYR C 86 -7.41 34.28 45.74
C TYR C 86 -8.45 34.43 44.61
N GLY C 87 -9.73 34.52 44.93
CA GLY C 87 -10.80 34.70 43.93
C GLY C 87 -10.68 36.00 43.20
N LEU C 88 -10.30 37.06 43.92
CA LEU C 88 -10.15 38.39 43.33
C LEU C 88 -9.07 38.31 42.24
N ALA C 89 -7.98 37.60 42.48
CA ALA C 89 -6.89 37.51 41.49
C ALA C 89 -7.41 36.92 40.19
N ALA C 90 -8.11 35.80 40.25
CA ALA C 90 -8.63 35.18 39.06
C ALA C 90 -9.76 35.99 38.45
N ALA C 91 -10.56 36.67 39.26
CA ALA C 91 -11.55 37.58 38.74
C ALA C 91 -10.89 38.74 38.01
N LEU C 92 -9.80 39.27 38.57
CA LEU C 92 -9.06 40.34 37.91
C LEU C 92 -8.38 39.84 36.63
N ILE C 93 -7.86 38.62 36.63
CA ILE C 93 -7.28 38.07 35.41
C ILE C 93 -8.35 37.98 34.33
N PHE C 94 -9.55 37.52 34.70
CA PHE C 94 -10.65 37.43 33.75
C PHE C 94 -11.04 38.80 33.24
N ILE C 95 -11.10 39.79 34.14
CA ILE C 95 -11.42 41.14 33.72
C ILE C 95 -10.35 41.69 32.79
N GLY C 96 -9.09 41.46 33.16
CA GLY C 96 -8.00 41.95 32.32
C GLY C 96 -8.02 41.37 30.92
N ILE C 97 -8.36 40.09 30.80
CA ILE C 97 -8.39 39.47 29.48
C ILE C 97 -9.52 40.05 28.64
N ILE C 98 -10.71 40.25 29.24
CA ILE C 98 -11.83 40.75 28.47
C ILE C 98 -11.73 42.24 28.17
N THR C 99 -11.03 43.02 29.00
CA THR C 99 -10.86 44.42 28.62
C THR C 99 -9.88 44.58 27.46
N ILE C 100 -8.98 43.62 27.25
CA ILE C 100 -8.10 43.67 26.09
C ILE C 100 -8.92 43.58 24.81
N GLY C 101 -9.89 42.67 24.78
CA GLY C 101 -10.77 42.57 23.62
C GLY C 101 -11.61 43.80 23.42
N PHE C 102 -11.98 44.48 24.50
CA PHE C 102 -12.65 45.77 24.36
C PHE C 102 -11.71 46.81 23.76
N VAL C 103 -10.44 46.76 24.14
CA VAL C 103 -9.46 47.68 23.56
C VAL C 103 -9.31 47.43 22.06
N TYR C 104 -9.36 46.16 21.65
CA TYR C 104 -9.41 45.87 20.23
C TYR C 104 -10.65 46.47 19.58
N GLU C 105 -11.82 46.35 20.18
CA GLU C 105 -13.07 46.92 19.63
C GLU C 105 -12.96 48.44 19.48
N LEU C 106 -12.44 49.13 20.50
CA LEU C 106 -12.30 50.58 20.37
C LEU C 106 -11.27 50.95 19.31
N GLY C 107 -10.08 50.35 19.39
CA GLY C 107 -8.98 50.80 18.56
C GLY C 107 -9.23 50.60 17.07
N HIS C 108 -10.00 49.59 16.70
CA HIS C 108 -10.31 49.32 15.31
C HIS C 108 -11.59 50.02 14.88
N ASP C 109 -12.18 50.85 15.73
CA ASP C 109 -13.28 51.74 15.37
C ASP C 109 -14.43 50.98 14.73
N ALA C 110 -14.70 49.78 15.24
CA ALA C 110 -15.76 48.96 14.70
C ALA C 110 -17.14 49.44 15.12
N LEU C 111 -17.21 50.42 16.00
CA LEU C 111 -18.45 51.13 16.29
C LEU C 111 -18.67 52.31 15.37
N LYS C 112 -17.78 52.51 14.38
CA LYS C 112 -17.85 53.63 13.45
C LYS C 112 -17.81 54.97 14.21
N VAL C 113 -16.66 55.19 14.83
CA VAL C 113 -16.47 56.40 15.65
C VAL C 113 -16.67 57.66 14.81
N HIS C 114 -16.07 57.69 13.62
CA HIS C 114 -16.22 58.84 12.74
C HIS C 114 -16.66 58.41 11.34
N MET D 1 36.99 1.26 4.76
CA MET D 1 35.81 1.14 3.91
C MET D 1 35.80 -0.18 3.16
N SER D 2 34.68 -0.89 3.22
CA SER D 2 34.55 -2.17 2.54
C SER D 2 34.50 -1.98 1.03
N LEU D 3 35.01 -2.97 0.31
CA LEU D 3 34.92 -2.95 -1.14
C LEU D 3 33.48 -2.99 -1.61
N LEU D 4 32.59 -3.60 -0.84
CA LEU D 4 31.19 -3.64 -1.21
C LEU D 4 30.53 -2.28 -1.10
N TYR D 5 30.94 -1.47 -0.14
CA TYR D 5 30.44 -0.10 -0.06
C TYR D 5 31.01 0.76 -1.18
N VAL D 6 32.26 0.51 -1.57
CA VAL D 6 32.84 1.18 -2.73
C VAL D 6 32.01 0.89 -3.97
N LEU D 7 31.53 -0.35 -4.10
CA LEU D 7 30.68 -0.70 -5.22
C LEU D 7 29.43 0.17 -5.27
N LEU D 8 28.83 0.44 -4.11
CA LEU D 8 27.62 1.24 -4.06
C LEU D 8 27.89 2.74 -4.10
N ILE D 9 29.14 3.15 -3.87
CA ILE D 9 29.47 4.57 -3.71
C ILE D 9 29.93 5.19 -5.02
N ILE D 10 30.70 4.44 -5.82
CA ILE D 10 31.21 4.95 -7.08
C ILE D 10 30.11 5.53 -7.98
N PRO D 11 28.97 4.85 -8.21
CA PRO D 11 27.93 5.45 -9.06
C PRO D 11 27.33 6.71 -8.49
N ILE D 12 27.25 6.82 -7.16
CA ILE D 12 26.74 8.04 -6.55
C ILE D 12 27.70 9.20 -6.78
N ILE D 13 29.01 8.92 -6.76
CA ILE D 13 29.99 9.95 -7.08
C ILE D 13 29.81 10.44 -8.50
N GLY D 14 29.64 9.51 -9.44
CA GLY D 14 29.41 9.90 -10.82
C GLY D 14 28.14 10.71 -11.00
N ILE D 15 27.10 10.37 -10.23
CA ILE D 15 25.89 11.20 -10.25
C ILE D 15 26.22 12.61 -9.78
N PHE D 16 27.02 12.72 -8.72
CA PHE D 16 27.40 14.03 -8.21
C PHE D 16 28.22 14.81 -9.24
N LEU D 17 29.17 14.16 -9.89
CA LEU D 17 29.99 14.85 -10.88
C LEU D 17 29.15 15.30 -12.08
N ILE D 18 28.25 14.45 -12.54
CA ILE D 18 27.41 14.79 -13.68
C ILE D 18 26.57 16.02 -13.37
N SER D 19 26.10 16.13 -12.14
CA SER D 19 25.19 17.19 -11.77
C SER D 19 25.89 18.47 -11.35
N THR D 20 27.21 18.47 -11.21
CA THR D 20 27.93 19.65 -10.77
C THR D 20 28.96 20.17 -11.76
N ILE D 21 29.31 19.41 -12.79
CA ILE D 21 30.41 19.80 -13.66
C ILE D 21 30.07 21.01 -14.53
N ASP D 22 28.80 21.40 -14.60
CA ASP D 22 28.43 22.63 -15.28
C ASP D 22 29.00 23.87 -14.59
N SER D 23 29.40 23.75 -13.33
CA SER D 23 29.90 24.89 -12.57
C SER D 23 31.41 25.07 -12.69
N PHE D 24 32.12 24.14 -13.31
CA PHE D 24 33.56 24.23 -13.45
C PHE D 24 34.02 24.42 -14.89
N TYR D 25 33.11 24.28 -15.86
CA TYR D 25 33.48 24.46 -17.26
C TYR D 25 32.49 25.39 -17.96
N PHE D 69 28.29 26.11 -21.59
CA PHE D 69 27.49 24.94 -21.92
C PHE D 69 28.38 23.71 -22.13
N PHE D 70 28.44 22.85 -21.13
CA PHE D 70 29.22 21.63 -21.24
C PHE D 70 28.60 20.68 -22.26
N ASN D 71 29.46 20.08 -23.08
CA ASN D 71 28.97 19.15 -24.09
C ASN D 71 28.41 17.90 -23.44
N VAL D 72 27.41 17.31 -23.99
CA VAL D 72 26.78 16.12 -23.36
C VAL D 72 27.73 14.93 -23.51
N SER D 73 28.69 15.03 -24.48
CA SER D 73 29.69 13.97 -24.56
C SER D 73 30.44 13.85 -23.25
N TYR D 74 30.75 14.98 -22.61
CA TYR D 74 31.43 14.94 -21.33
C TYR D 74 30.60 14.21 -20.29
N TYR D 75 29.29 14.46 -20.27
CA TYR D 75 28.41 13.79 -19.32
C TYR D 75 28.43 12.29 -19.53
N LYS D 76 28.32 11.85 -20.78
CA LYS D 76 28.29 10.43 -21.08
C LYS D 76 29.64 9.78 -20.83
N LYS D 77 30.72 10.53 -21.02
CA LYS D 77 32.04 10.01 -20.67
C LYS D 77 32.15 9.78 -19.17
N ILE D 78 31.64 10.70 -18.35
CA ILE D 78 31.72 10.54 -16.90
C ILE D 78 30.93 9.31 -16.48
N ALA D 79 29.71 9.15 -17.00
CA ALA D 79 28.87 8.02 -16.60
C ALA D 79 29.49 6.70 -17.03
N LEU D 80 30.05 6.65 -18.23
CA LEU D 80 30.66 5.42 -18.72
C LEU D 80 31.88 5.04 -17.88
N ILE D 81 32.77 6.01 -17.61
CA ILE D 81 33.94 5.71 -16.81
C ILE D 81 33.53 5.31 -15.40
N THR D 82 32.47 5.92 -14.89
CA THR D 82 31.91 5.52 -13.61
C THR D 82 31.52 4.04 -13.61
N THR D 83 30.86 3.57 -14.67
CA THR D 83 30.51 2.16 -14.73
C THR D 83 31.73 1.27 -14.91
N ILE D 84 32.76 1.74 -15.62
CA ILE D 84 33.96 0.93 -15.80
C ILE D 84 34.65 0.70 -14.45
N LEU D 85 34.76 1.76 -13.64
CA LEU D 85 35.41 1.63 -12.34
C LEU D 85 34.63 0.70 -11.44
N ASN D 86 33.30 0.76 -11.49
CA ASN D 86 32.48 -0.15 -10.72
C ASN D 86 32.71 -1.59 -11.15
N LEU D 87 32.88 -1.80 -12.45
CA LEU D 87 33.21 -3.13 -12.96
C LEU D 87 34.61 -3.55 -12.51
N ILE D 88 35.58 -2.63 -12.52
CA ILE D 88 36.93 -2.96 -12.09
C ILE D 88 36.94 -3.39 -10.62
N VAL D 89 36.12 -2.74 -9.80
CA VAL D 89 36.07 -3.09 -8.38
C VAL D 89 35.47 -4.48 -8.20
N SER D 90 34.40 -4.79 -8.94
CA SER D 90 33.78 -6.12 -8.85
C SER D 90 34.72 -7.21 -9.31
N LEU D 91 35.56 -6.93 -10.32
CA LEU D 91 36.56 -7.88 -10.75
C LEU D 91 37.60 -8.11 -9.65
N ILE D 92 38.01 -7.05 -8.96
CA ILE D 92 38.96 -7.16 -7.86
C ILE D 92 38.37 -8.00 -6.74
N ILE D 93 37.09 -7.77 -6.41
CA ILE D 93 36.43 -8.56 -5.38
C ILE D 93 36.45 -10.03 -5.75
N TYR D 94 36.15 -10.34 -7.01
CA TYR D 94 36.06 -11.72 -7.44
C TYR D 94 37.42 -12.42 -7.38
N ILE D 95 38.49 -11.70 -7.72
CA ILE D 95 39.83 -12.28 -7.63
C ILE D 95 40.17 -12.67 -6.19
N LEU D 96 39.72 -11.87 -5.22
CA LEU D 96 39.96 -12.16 -3.81
C LEU D 96 38.96 -13.13 -3.21
N PHE D 97 37.84 -13.38 -3.89
CA PHE D 97 36.75 -14.17 -3.34
C PHE D 97 37.14 -15.64 -3.25
N ASP D 98 36.68 -16.29 -2.18
CA ASP D 98 36.98 -17.68 -1.89
C ASP D 98 35.76 -18.54 -2.20
N PHE D 99 35.98 -19.64 -2.92
CA PHE D 99 34.89 -20.43 -3.48
C PHE D 99 34.25 -21.41 -2.48
N SER D 100 34.90 -21.67 -1.35
CA SER D 100 34.36 -22.70 -0.44
C SER D 100 34.23 -22.22 1.00
N ASN D 101 33.75 -21.00 1.20
CA ASN D 101 33.55 -20.43 2.52
C ASN D 101 32.07 -20.25 2.77
N ASN D 102 31.58 -20.70 3.91
CA ASN D 102 30.19 -20.46 4.29
C ASN D 102 30.04 -19.23 5.17
N GLN D 103 31.10 -18.46 5.38
CA GLN D 103 31.01 -17.16 6.00
C GLN D 103 30.89 -16.10 4.92
N PHE D 104 30.05 -15.10 5.17
CA PHE D 104 29.94 -13.98 4.26
C PHE D 104 31.25 -13.20 4.21
N GLN D 105 31.66 -12.83 3.02
CA GLN D 105 32.97 -12.27 2.78
C GLN D 105 32.87 -10.79 2.47
N PHE D 106 33.92 -10.05 2.83
CA PHE D 106 34.01 -8.61 2.60
C PHE D 106 32.93 -7.85 3.36
N ILE D 107 32.66 -8.28 4.56
CA ILE D 107 31.68 -7.62 5.41
C ILE D 107 32.38 -6.59 6.28
N GLN D 108 31.62 -5.60 6.75
CA GLN D 108 32.13 -4.58 7.64
C GLN D 108 31.36 -4.63 8.95
N GLU D 109 32.08 -4.67 10.07
CA GLU D 109 31.45 -4.63 11.38
C GLU D 109 30.81 -3.27 11.61
N ASN D 110 29.60 -3.27 12.16
CA ASN D 110 28.87 -2.03 12.44
C ASN D 110 29.07 -1.57 13.88
N LEU D 111 28.67 -2.39 14.85
CA LEU D 111 28.76 -2.08 16.28
C LEU D 111 28.04 -0.78 16.64
N ASP D 112 27.17 -0.30 15.76
CA ASP D 112 26.40 0.93 15.95
C ASP D 112 24.95 0.68 15.57
N LEU D 113 24.38 -0.39 16.12
CA LEU D 113 23.09 -0.89 15.67
C LEU D 113 22.01 0.18 15.76
N SER D 114 21.20 0.26 14.70
CA SER D 114 20.05 1.13 14.63
C SER D 114 18.84 0.30 14.23
N PHE D 115 17.75 0.95 13.88
CA PHE D 115 16.56 0.22 13.47
C PHE D 115 16.68 -0.35 12.06
N TYR D 116 17.43 0.31 11.18
CA TYR D 116 17.55 -0.12 9.78
C TYR D 116 18.99 0.16 9.33
N ASP D 117 19.85 -0.83 9.45
CA ASP D 117 21.26 -0.65 9.12
C ASP D 117 21.63 -1.51 7.92
N ILE D 118 22.36 -0.93 7.00
CA ILE D 118 22.71 -1.59 5.75
C ILE D 118 23.95 -2.43 5.99
N TYR D 119 23.78 -3.75 6.03
CA TYR D 119 24.89 -4.68 6.15
C TYR D 119 25.17 -5.32 4.80
N LEU D 120 26.41 -5.28 4.36
CA LEU D 120 26.82 -5.77 3.06
C LEU D 120 27.72 -6.99 3.19
N GLY D 121 27.47 -7.98 2.35
CA GLY D 121 28.25 -9.20 2.36
C GLY D 121 27.99 -9.98 1.08
N VAL D 122 28.91 -10.86 0.76
CA VAL D 122 28.87 -11.58 -0.50
C VAL D 122 29.25 -13.04 -0.27
N ASP D 123 28.56 -13.93 -0.97
CA ASP D 123 28.94 -15.33 -1.08
C ASP D 123 28.76 -15.76 -2.54
N GLY D 124 28.91 -17.06 -2.78
CA GLY D 124 28.90 -17.55 -4.15
C GLY D 124 27.58 -17.41 -4.87
N VAL D 125 26.47 -17.48 -4.13
CA VAL D 125 25.15 -17.40 -4.76
C VAL D 125 24.75 -15.98 -5.10
N SER D 126 25.54 -14.98 -4.67
CA SER D 126 25.31 -13.60 -5.06
C SER D 126 26.45 -12.99 -5.86
N ILE D 127 27.63 -13.61 -5.87
CA ILE D 127 28.78 -12.97 -6.49
C ILE D 127 28.61 -12.83 -8.00
N TYR D 128 27.90 -13.76 -8.63
CA TYR D 128 27.80 -13.76 -10.12
C TYR D 128 26.77 -12.74 -10.59
N PHE D 129 25.73 -12.52 -9.80
CA PHE D 129 24.72 -11.47 -10.07
C PHE D 129 25.37 -10.10 -9.95
N VAL D 130 26.27 -9.93 -8.99
CA VAL D 130 27.03 -8.65 -8.89
C VAL D 130 27.85 -8.44 -10.15
N LEU D 131 28.53 -9.49 -10.63
CA LEU D 131 29.34 -9.40 -11.87
C LEU D 131 28.46 -9.12 -13.09
N LEU D 132 27.29 -9.74 -13.15
CA LEU D 132 26.38 -9.54 -14.30
C LEU D 132 25.92 -8.08 -14.35
N THR D 133 25.62 -7.51 -13.19
CA THR D 133 25.18 -6.11 -13.08
C THR D 133 26.29 -5.13 -13.49
N THR D 134 27.54 -5.44 -13.19
CA THR D 134 28.66 -4.51 -13.46
C THR D 134 29.19 -4.72 -14.86
N ILE D 135 28.85 -5.82 -15.51
CA ILE D 135 29.24 -5.97 -16.91
C ILE D 135 28.16 -5.40 -17.83
N ILE D 136 26.91 -5.63 -17.47
CA ILE D 136 25.78 -5.19 -18.29
C ILE D 136 25.69 -3.67 -18.32
N MET D 137 25.91 -3.02 -17.17
CA MET D 137 25.72 -1.58 -17.06
C MET D 137 26.56 -0.75 -18.03
N PRO D 138 27.86 -1.01 -18.23
CA PRO D 138 28.59 -0.26 -19.27
C PRO D 138 28.07 -0.54 -20.67
N ILE D 139 27.70 -1.78 -20.98
CA ILE D 139 27.19 -2.09 -22.32
C ILE D 139 25.88 -1.37 -22.57
N ALA D 140 25.01 -1.32 -21.55
CA ALA D 140 23.74 -0.61 -21.68
C ALA D 140 23.96 0.89 -21.91
N LEU D 141 25.00 1.45 -21.33
CA LEU D 141 25.29 2.87 -21.53
C LEU D 141 25.73 3.13 -22.96
N VAL D 142 26.60 2.27 -23.51
CA VAL D 142 27.10 2.45 -24.86
C VAL D 142 25.99 2.21 -25.88
N SER D 143 25.06 1.32 -25.57
CA SER D 143 23.97 1.02 -26.49
C SER D 143 23.04 2.20 -26.69
N ASN D 144 23.05 3.18 -25.80
CA ASN D 144 22.19 4.36 -25.91
C ASN D 144 23.01 5.63 -26.16
N TRP D 145 24.26 5.48 -26.60
CA TRP D 145 25.17 6.61 -26.72
C TRP D 145 24.63 7.68 -27.65
N ASN D 146 23.95 7.27 -28.72
CA ASN D 146 23.45 8.22 -29.71
C ASN D 146 21.94 8.38 -29.70
N SER D 147 21.21 7.37 -29.23
CA SER D 147 19.76 7.38 -29.37
C SER D 147 19.06 8.21 -28.29
N ILE D 148 19.75 8.62 -27.24
CA ILE D 148 19.19 9.54 -26.25
C ILE D 148 19.58 10.94 -26.67
N THR D 149 18.60 11.74 -27.10
CA THR D 149 18.89 13.04 -27.68
C THR D 149 18.48 14.23 -26.82
N ASN D 150 17.53 14.05 -25.91
CA ASN D 150 17.10 15.09 -25.00
C ASN D 150 17.16 14.56 -23.58
N ASN D 151 17.36 15.46 -22.62
CA ASN D 151 17.37 15.12 -21.20
C ASN D 151 18.46 14.13 -20.86
N ILE D 152 19.65 14.33 -21.44
CA ILE D 152 20.72 13.35 -21.34
C ILE D 152 21.24 13.24 -19.90
N LYS D 153 21.30 14.37 -19.20
CA LYS D 153 21.74 14.34 -17.81
C LYS D 153 20.80 13.50 -16.96
N SER D 154 19.49 13.66 -17.16
CA SER D 154 18.53 12.87 -16.39
C SER D 154 18.64 11.39 -16.70
N TYR D 155 18.88 11.06 -17.97
CA TYR D 155 19.01 9.66 -18.36
C TYR D 155 20.21 9.00 -17.67
N LEU D 156 21.33 9.70 -17.65
CA LEU D 156 22.55 9.14 -17.08
C LEU D 156 22.45 9.01 -15.56
N ILE D 157 21.80 9.95 -14.90
CA ILE D 157 21.67 9.90 -13.45
C ILE D 157 20.75 8.76 -13.04
N ILE D 158 19.68 8.52 -13.81
CA ILE D 158 18.79 7.41 -13.51
C ILE D 158 19.51 6.08 -13.67
N MET D 159 20.28 5.92 -14.74
CA MET D 159 21.00 4.67 -14.97
C MET D 159 22.06 4.46 -13.89
N LEU D 160 22.77 5.51 -13.50
CA LEU D 160 23.75 5.40 -12.44
C LEU D 160 23.09 5.05 -11.11
N LEU D 161 21.93 5.64 -10.83
CA LEU D 161 21.23 5.32 -9.60
C LEU D 161 20.69 3.90 -9.64
N LEU D 162 20.22 3.46 -10.82
CA LEU D 162 19.80 2.08 -10.99
C LEU D 162 20.94 1.11 -10.70
N GLU D 163 22.16 1.46 -11.12
CA GLU D 163 23.30 0.59 -10.83
C GLU D 163 23.50 0.40 -9.33
N THR D 164 23.46 1.49 -8.56
CA THR D 164 23.65 1.38 -7.11
C THR D 164 22.55 0.56 -6.46
N LEU D 165 21.30 0.81 -6.84
CA LEU D 165 20.18 0.12 -6.20
C LEU D 165 20.16 -1.36 -6.52
N LEU D 166 20.39 -1.72 -7.78
CA LEU D 166 20.38 -3.14 -8.16
C LEU D 166 21.52 -3.89 -7.49
N LEU D 167 22.70 -3.28 -7.42
CA LEU D 167 23.82 -3.92 -6.72
C LEU D 167 23.50 -4.14 -5.25
N ALA D 168 22.89 -3.15 -4.62
CA ALA D 168 22.53 -3.26 -3.18
C ALA D 168 21.57 -4.44 -2.95
N VAL D 169 20.69 -4.73 -3.91
CA VAL D 169 19.81 -5.91 -3.79
C VAL D 169 20.63 -7.20 -3.57
N PHE D 170 21.65 -7.45 -4.39
CA PHE D 170 22.50 -8.68 -4.29
C PHE D 170 23.36 -8.69 -3.02
N LEU D 171 23.80 -7.54 -2.52
CA LEU D 171 24.75 -7.46 -1.40
C LEU D 171 24.15 -7.35 0.01
N VAL D 172 22.86 -7.03 0.18
CA VAL D 172 22.35 -6.81 1.53
C VAL D 172 22.17 -8.15 2.24
N LEU D 173 22.45 -8.17 3.54
CA LEU D 173 22.42 -9.39 4.34
C LEU D 173 21.21 -9.46 5.24
N ASP D 174 20.18 -8.70 4.89
CA ASP D 174 18.95 -8.67 5.71
C ASP D 174 17.77 -8.82 4.74
N VAL D 175 16.76 -9.58 5.12
CA VAL D 175 15.60 -9.86 4.23
C VAL D 175 14.74 -8.59 4.01
N LEU D 176 14.59 -7.77 5.04
CA LEU D 176 13.87 -6.51 4.83
C LEU D 176 14.71 -5.52 4.03
N LEU D 177 16.04 -5.63 4.11
CA LEU D 177 16.90 -4.79 3.24
C LEU D 177 16.70 -5.20 1.78
N PHE D 178 16.42 -6.49 1.56
CA PHE D 178 16.22 -7.00 0.18
C PHE D 178 14.99 -6.33 -0.41
N TYR D 179 13.90 -6.25 0.35
CA TYR D 179 12.65 -5.62 -0.12
C TYR D 179 12.90 -4.15 -0.40
N ILE D 180 13.65 -3.49 0.47
CA ILE D 180 13.87 -2.03 0.34
C ILE D 180 14.58 -1.72 -0.99
N PHE D 181 15.63 -2.46 -1.33
CA PHE D 181 16.35 -2.27 -2.62
C PHE D 181 15.52 -2.78 -3.81
N PHE D 182 14.77 -3.87 -3.63
CA PHE D 182 13.94 -4.47 -4.70
C PHE D 182 12.90 -3.44 -5.14
N GLU D 183 12.36 -2.68 -4.10
CA GLU D 183 11.25 -1.75 -4.42
C GLU D 183 11.80 -0.36 -4.77
N SER D 184 12.99 -0.04 -4.38
CA SER D 184 13.60 1.29 -4.58
C SER D 184 13.75 1.61 -6.08
N ILE D 185 13.95 0.59 -6.92
CA ILE D 185 14.21 0.76 -8.38
C ILE D 185 12.94 1.15 -9.15
N LEU D 186 11.77 1.08 -8.60
CA LEU D 186 10.48 1.39 -9.26
C LEU D 186 10.36 2.87 -9.65
N PRO D 187 10.53 3.89 -8.70
CA PRO D 187 10.40 5.29 -9.14
C PRO D 187 11.39 5.65 -10.24
N PRO D 188 12.68 5.30 -10.13
CA PRO D 188 13.57 5.59 -11.28
C PRO D 188 13.12 4.90 -12.55
N LEU D 189 12.62 3.66 -12.44
CA LEU D 189 12.13 2.94 -13.61
C LEU D 189 10.87 3.60 -14.18
N PHE D 190 9.97 4.06 -13.31
CA PHE D 190 8.82 4.82 -13.76
C PHE D 190 9.24 6.06 -14.52
N ILE D 191 10.21 6.79 -13.99
CA ILE D 191 10.66 8.02 -14.64
C ILE D 191 11.43 7.70 -15.92
N LEU D 192 12.25 6.65 -15.90
CA LEU D 192 13.03 6.29 -17.08
C LEU D 192 12.12 5.95 -18.26
N ILE D 193 11.08 5.16 -18.00
CA ILE D 193 10.15 4.82 -19.07
C ILE D 193 9.40 6.06 -19.55
N GLY D 194 8.93 6.89 -18.62
CA GLY D 194 8.11 8.02 -18.99
C GLY D 194 8.85 9.17 -19.64
N LEU D 195 10.14 9.31 -19.39
CA LEU D 195 10.91 10.37 -20.02
C LEU D 195 11.55 9.96 -21.33
N PHE D 196 11.76 8.67 -21.56
CA PHE D 196 12.53 8.22 -22.71
C PHE D 196 11.86 7.11 -23.50
N GLY D 197 10.63 6.73 -23.16
CA GLY D 197 9.97 5.63 -23.83
C GLY D 197 9.30 6.01 -25.13
N SER D 198 8.79 4.97 -25.77
CA SER D 198 8.14 5.17 -27.08
C SER D 198 6.71 5.67 -26.94
N SER D 199 5.87 5.43 -27.94
CA SER D 199 4.57 6.12 -27.98
C SER D 199 3.66 5.70 -26.84
N ASN D 200 3.72 4.43 -26.42
CA ASN D 200 2.86 3.91 -25.38
C ASN D 200 3.51 3.90 -24.01
N LYS D 201 4.37 4.90 -23.73
CA LYS D 201 5.21 4.84 -22.54
C LYS D 201 4.42 5.04 -21.25
N VAL D 202 3.32 5.80 -21.30
CA VAL D 202 2.55 6.06 -20.09
C VAL D 202 1.90 4.77 -19.59
N ARG D 203 1.21 4.05 -20.48
CA ARG D 203 0.57 2.81 -20.06
C ARG D 203 1.61 1.79 -19.59
N ALA D 204 2.78 1.77 -20.23
CA ALA D 204 3.83 0.85 -19.81
C ALA D 204 4.39 1.22 -18.45
N SER D 205 4.64 2.51 -18.23
CA SER D 205 5.19 2.94 -16.94
C SER D 205 4.23 2.61 -15.80
N PHE D 206 2.93 2.86 -16.00
CA PHE D 206 1.96 2.54 -14.95
C PHE D 206 1.90 1.03 -14.68
N TYR D 207 1.93 0.22 -15.75
CA TYR D 207 1.78 -1.23 -15.58
C TYR D 207 2.91 -1.81 -14.73
N ILE D 208 4.15 -1.46 -15.06
CA ILE D 208 5.27 -2.06 -14.34
C ILE D 208 5.30 -1.58 -12.89
N PHE D 209 4.91 -0.33 -12.65
CA PHE D 209 4.89 0.18 -11.29
C PHE D 209 3.82 -0.49 -10.45
N LEU D 210 2.61 -0.60 -10.98
CA LEU D 210 1.50 -1.11 -10.18
C LEU D 210 1.55 -2.62 -10.02
N TYR D 211 2.00 -3.34 -11.05
CA TYR D 211 2.16 -4.78 -10.93
C TYR D 211 3.23 -5.13 -9.89
N THR D 212 4.39 -4.49 -9.99
CA THR D 212 5.47 -4.79 -9.06
C THR D 212 5.09 -4.42 -7.64
N LEU D 213 4.48 -3.24 -7.47
CA LEU D 213 4.06 -2.81 -6.14
C LEU D 213 3.06 -3.78 -5.54
N LEU D 214 2.06 -4.18 -6.33
CA LEU D 214 1.01 -5.05 -5.82
C LEU D 214 1.58 -6.38 -5.36
N GLY D 215 2.40 -7.01 -6.20
CA GLY D 215 3.05 -8.25 -5.80
C GLY D 215 3.94 -8.06 -4.59
N SER D 216 4.72 -6.99 -4.58
CA SER D 216 5.67 -6.74 -3.50
C SER D 216 4.97 -6.54 -2.16
N LEU D 217 3.76 -6.01 -2.19
CA LEU D 217 3.04 -5.74 -0.92
C LEU D 217 2.68 -7.07 -0.26
N PHE D 218 2.47 -8.13 -1.04
CA PHE D 218 2.24 -9.44 -0.47
C PHE D 218 3.52 -10.08 0.04
N LEU D 219 4.66 -9.77 -0.60
CA LEU D 219 5.95 -10.19 -0.07
C LEU D 219 6.28 -9.47 1.23
N LEU D 220 5.95 -8.18 1.30
CA LEU D 220 6.26 -7.41 2.51
C LEU D 220 5.52 -7.97 3.71
N LEU D 221 4.27 -8.35 3.53
CA LEU D 221 3.50 -8.93 4.64
C LEU D 221 4.12 -10.26 5.08
N SER D 222 4.64 -11.02 4.13
CA SER D 222 5.36 -12.25 4.46
C SER D 222 6.64 -11.96 5.24
N ILE D 223 7.38 -10.93 4.83
CA ILE D 223 8.63 -10.56 5.50
C ILE D 223 8.35 -10.05 6.90
N LEU D 224 7.28 -9.25 7.06
CA LEU D 224 6.98 -8.68 8.37
C LEU D 224 6.57 -9.75 9.36
N THR D 225 5.88 -10.79 8.91
CA THR D 225 5.56 -11.91 9.76
C THR D 225 6.82 -12.62 10.23
N MET D 226 7.80 -12.78 9.34
CA MET D 226 9.07 -13.41 9.72
C MET D 226 9.80 -12.60 10.77
N SER D 227 9.80 -11.25 10.53
CA SER D 227 10.48 -10.29 11.41
C SER D 227 9.87 -10.33 12.83
N SER D 228 8.61 -10.62 12.93
CA SER D 228 7.92 -10.63 14.20
C SER D 228 8.18 -11.93 14.97
N ILE D 229 8.27 -13.05 14.25
CA ILE D 229 8.50 -14.34 14.90
C ILE D 229 9.94 -14.48 15.36
N VAL D 230 10.89 -13.97 14.58
CA VAL D 230 12.30 -14.24 14.79
C VAL D 230 12.95 -13.06 15.52
N GLY D 231 12.42 -11.86 15.31
CA GLY D 231 13.00 -10.68 15.89
C GLY D 231 13.91 -9.90 14.99
N THR D 232 14.27 -10.44 13.83
CA THR D 232 15.04 -9.72 12.82
C THR D 232 14.95 -10.50 11.52
N THR D 233 15.48 -9.89 10.45
CA THR D 233 15.56 -10.53 9.15
C THR D 233 17.00 -10.64 8.65
N TYR D 234 17.96 -10.42 9.54
CA TYR D 234 19.36 -10.67 9.24
C TYR D 234 19.58 -12.12 8.85
N PHE D 235 20.35 -12.36 7.80
CA PHE D 235 20.41 -13.70 7.21
C PHE D 235 20.98 -14.72 8.17
N ASP D 236 22.07 -14.39 8.86
CA ASP D 236 22.74 -15.38 9.69
C ASP D 236 21.94 -15.74 10.93
N VAL D 237 20.85 -15.03 11.19
CA VAL D 237 19.93 -15.34 12.34
C VAL D 237 18.67 -16.05 11.81
N LEU D 238 18.00 -15.50 10.80
CA LEU D 238 16.73 -16.04 10.24
C LEU D 238 16.93 -17.42 9.62
N LEU D 239 18.08 -17.65 9.00
CA LEU D 239 18.37 -18.96 8.35
C LEU D 239 18.49 -20.08 9.39
N LYS D 240 18.69 -19.75 10.66
CA LYS D 240 18.77 -20.74 11.75
C LYS D 240 17.39 -20.97 12.35
N SER D 241 16.42 -20.10 12.06
CA SER D 241 15.08 -20.29 12.55
C SER D 241 14.40 -21.44 11.83
N SER D 242 13.44 -22.02 12.49
CA SER D 242 12.68 -23.14 11.91
C SER D 242 11.20 -22.80 12.08
N PHE D 243 10.64 -22.24 11.07
CA PHE D 243 9.21 -21.93 11.05
C PHE D 243 8.39 -23.20 10.99
N GLU D 244 7.24 -23.16 11.65
CA GLU D 244 6.36 -24.31 11.68
C GLU D 244 5.60 -24.40 10.35
N TYR D 245 5.15 -25.61 10.02
CA TYR D 245 4.78 -25.94 8.65
C TYR D 245 3.64 -25.06 8.13
N THR D 246 2.61 -24.83 8.94
CA THR D 246 1.50 -24.01 8.47
C THR D 246 1.93 -22.57 8.27
N THR D 247 2.82 -22.06 9.14
CA THR D 247 3.39 -20.74 8.93
C THR D 247 4.15 -20.70 7.61
N GLN D 248 4.93 -21.74 7.31
CA GLN D 248 5.67 -21.82 6.05
C GLN D 248 4.73 -21.74 4.85
N LEU D 249 3.59 -22.43 4.91
CA LEU D 249 2.67 -22.44 3.79
C LEU D 249 2.14 -21.05 3.47
N PHE D 250 1.70 -20.33 4.50
CA PHE D 250 1.21 -18.98 4.29
C PHE D 250 2.35 -17.99 4.09
N LEU D 251 3.57 -18.33 4.50
CA LEU D 251 4.71 -17.51 4.13
C LEU D 251 5.08 -17.72 2.66
N PHE D 252 4.99 -18.98 2.19
CA PHE D 252 5.27 -19.27 0.79
C PHE D 252 4.34 -18.49 -0.12
N PHE D 253 3.04 -18.57 0.13
CA PHE D 253 2.11 -17.69 -0.55
C PHE D 253 2.31 -16.28 -0.03
N GLY D 254 2.52 -15.34 -0.94
CA GLY D 254 2.87 -14.00 -0.53
C GLY D 254 4.28 -13.70 -0.97
N ILE D 255 5.17 -14.68 -0.77
CA ILE D 255 6.51 -14.52 -1.36
C ILE D 255 6.37 -15.03 -2.81
N PHE D 256 5.66 -16.13 -3.00
CA PHE D 256 5.47 -16.69 -4.36
C PHE D 256 4.66 -15.74 -5.23
N ILE D 257 3.65 -15.09 -4.66
CA ILE D 257 2.77 -14.19 -5.45
C ILE D 257 3.68 -13.12 -6.03
N ALA D 258 4.54 -12.54 -5.20
CA ALA D 258 5.46 -11.48 -5.65
C ALA D 258 6.44 -12.00 -6.70
N PHE D 259 7.06 -13.15 -6.47
CA PHE D 259 8.08 -13.69 -7.40
C PHE D 259 7.45 -14.13 -8.74
N ALA D 260 6.16 -14.48 -8.77
CA ALA D 260 5.45 -14.92 -10.00
C ALA D 260 5.04 -13.68 -10.78
N VAL D 261 4.79 -12.59 -10.07
CA VAL D 261 4.57 -11.28 -10.73
C VAL D 261 5.90 -10.82 -11.33
N LYS D 262 7.00 -11.11 -10.66
CA LYS D 262 8.31 -10.60 -11.15
C LYS D 262 9.02 -11.58 -12.08
N THR D 263 8.61 -12.84 -12.17
CA THR D 263 9.36 -13.82 -13.00
C THR D 263 9.39 -13.41 -14.50
N PRO D 264 8.33 -12.95 -15.14
CA PRO D 264 6.98 -13.17 -14.65
C PRO D 264 6.41 -14.49 -15.14
N VAL D 265 5.47 -15.07 -14.40
CA VAL D 265 4.78 -16.22 -14.96
C VAL D 265 3.75 -15.74 -15.97
N TRP D 266 3.37 -16.63 -16.88
CA TRP D 266 2.36 -16.28 -17.87
C TRP D 266 1.04 -15.98 -17.17
N GLY D 267 0.38 -14.91 -17.60
CA GLY D 267 -0.82 -14.42 -16.96
C GLY D 267 -0.59 -13.29 -15.99
N LEU D 268 0.65 -13.07 -15.58
CA LEU D 268 1.04 -11.92 -14.77
C LEU D 268 2.16 -11.16 -15.45
N ASN D 269 2.16 -11.15 -16.77
CA ASN D 269 3.31 -10.75 -17.56
C ASN D 269 3.02 -9.65 -18.57
N SER D 270 1.85 -9.01 -18.48
CA SER D 270 1.54 -7.94 -19.43
C SER D 270 2.33 -6.67 -19.11
N TRP D 271 2.71 -6.47 -17.85
CA TRP D 271 3.60 -5.37 -17.53
C TRP D 271 4.93 -5.50 -18.27
N LEU D 272 5.45 -6.73 -18.39
CA LEU D 272 6.72 -6.92 -19.09
C LEU D 272 6.55 -6.72 -20.59
N LEU D 273 5.46 -7.23 -21.16
CA LEU D 273 5.23 -7.06 -22.59
C LEU D 273 5.03 -5.60 -22.95
N ARG D 274 4.62 -4.77 -21.99
CA ARG D 274 4.56 -3.34 -22.23
C ARG D 274 5.88 -2.67 -21.89
N ALA D 275 6.37 -2.83 -20.66
CA ALA D 275 7.51 -2.05 -20.19
C ALA D 275 8.78 -2.43 -20.93
N HIS D 276 9.02 -3.71 -21.19
CA HIS D 276 10.24 -4.10 -21.87
C HIS D 276 10.25 -3.62 -23.31
N VAL D 277 9.09 -3.34 -23.88
CA VAL D 277 9.03 -2.85 -25.25
C VAL D 277 9.09 -1.33 -25.30
N GLU D 278 8.31 -0.65 -24.44
CA GLU D 278 8.26 0.81 -24.52
C GLU D 278 9.51 1.46 -23.96
N SER D 279 10.26 0.76 -23.13
CA SER D 279 11.46 1.30 -22.49
C SER D 279 12.48 1.74 -23.54
N PRO D 280 13.30 2.75 -23.23
CA PRO D 280 14.50 2.96 -24.03
C PRO D 280 15.39 1.73 -23.99
N LEU D 281 16.33 1.68 -24.94
CA LEU D 281 17.13 0.48 -25.13
C LEU D 281 17.95 0.15 -23.88
N GLY D 282 18.57 1.16 -23.27
CA GLY D 282 19.32 0.93 -22.05
C GLY D 282 18.42 0.49 -20.90
N GLY D 283 17.20 1.02 -20.84
CA GLY D 283 16.23 0.55 -19.87
C GLY D 283 15.87 -0.90 -20.08
N SER D 284 15.68 -1.31 -21.34
CA SER D 284 15.29 -2.68 -21.65
C SER D 284 16.39 -3.66 -21.24
N ILE D 285 17.65 -3.31 -21.53
CA ILE D 285 18.75 -4.18 -21.17
C ILE D 285 18.81 -4.38 -19.67
N VAL D 286 18.71 -3.29 -18.91
CA VAL D 286 18.72 -3.39 -17.47
C VAL D 286 17.49 -4.16 -16.98
N LEU D 287 16.32 -3.87 -17.55
CA LEU D 287 15.10 -4.52 -17.10
C LEU D 287 15.12 -6.02 -17.36
N ALA D 288 15.64 -6.49 -18.51
CA ALA D 288 15.61 -7.95 -18.77
C ALA D 288 16.86 -8.66 -18.25
N ALA D 289 18.07 -8.10 -18.40
CA ALA D 289 19.32 -8.70 -17.86
C ALA D 289 19.43 -8.75 -16.33
N ILE D 290 18.98 -7.72 -15.61
CA ILE D 290 19.21 -7.70 -14.13
C ILE D 290 17.90 -7.76 -13.35
N VAL D 291 16.91 -6.95 -13.73
CA VAL D 291 15.65 -6.86 -12.95
C VAL D 291 14.89 -8.19 -12.89
N LEU D 292 14.84 -8.98 -13.97
CA LEU D 292 14.21 -10.33 -13.93
C LEU D 292 14.96 -11.26 -12.98
N LYS D 293 16.26 -11.07 -12.82
CA LYS D 293 17.11 -11.92 -11.95
C LYS D 293 16.84 -11.69 -10.46
N LEU D 294 16.29 -10.54 -10.08
CA LEU D 294 15.93 -10.29 -8.66
C LEU D 294 15.04 -11.39 -8.05
N SER D 295 13.99 -11.85 -8.73
CA SER D 295 13.05 -12.89 -8.21
C SER D 295 13.78 -14.23 -8.07
N LEU D 296 14.81 -14.46 -8.88
CA LEU D 296 15.55 -15.72 -8.89
C LEU D 296 16.53 -15.72 -7.73
N TYR D 297 17.28 -14.64 -7.61
CA TYR D 297 18.15 -14.57 -6.45
C TYR D 297 17.36 -14.50 -5.16
N GLY D 298 16.19 -13.92 -5.23
CA GLY D 298 15.26 -13.86 -4.10
C GLY D 298 14.79 -15.23 -3.64
N VAL D 299 14.60 -16.17 -4.57
CA VAL D 299 14.23 -17.56 -4.19
C VAL D 299 15.34 -18.20 -3.34
N PHE D 300 16.60 -17.99 -3.69
CA PHE D 300 17.76 -18.55 -2.95
C PHE D 300 17.95 -17.91 -1.57
N ARG D 301 17.35 -16.76 -1.29
CA ARG D 301 17.46 -16.17 0.04
C ARG D 301 16.19 -16.29 0.86
N LEU D 302 15.02 -16.34 0.24
CA LEU D 302 13.78 -16.15 0.95
C LEU D 302 12.90 -17.40 1.02
N ILE D 303 13.17 -18.42 0.22
CA ILE D 303 12.34 -19.62 0.17
C ILE D 303 13.14 -20.87 0.52
N LEU D 304 14.28 -21.07 -0.12
CA LEU D 304 15.01 -22.32 0.04
C LEU D 304 15.47 -22.58 1.47
N PRO D 305 16.08 -21.63 2.20
CA PRO D 305 16.59 -21.98 3.53
C PRO D 305 15.53 -21.95 4.63
N ILE D 306 14.51 -21.12 4.48
CA ILE D 306 13.57 -20.90 5.57
C ILE D 306 12.19 -21.46 5.30
N LEU D 307 11.86 -21.80 4.07
CA LEU D 307 10.59 -22.44 3.81
C LEU D 307 10.77 -23.78 3.12
N PRO D 308 11.64 -24.67 3.63
CA PRO D 308 11.93 -25.91 2.88
C PRO D 308 10.74 -26.84 2.77
N GLN D 309 9.93 -26.94 3.82
CA GLN D 309 8.83 -27.89 3.83
C GLN D 309 7.69 -27.42 2.94
N ALA D 310 7.40 -26.12 2.96
CA ALA D 310 6.38 -25.58 2.08
C ALA D 310 6.84 -25.62 0.63
N SER D 311 8.12 -25.39 0.39
CA SER D 311 8.63 -25.44 -0.99
C SER D 311 8.52 -26.82 -1.59
N LEU D 312 8.89 -27.86 -0.82
CA LEU D 312 8.79 -29.22 -1.32
C LEU D 312 7.35 -29.68 -1.48
N ASN D 313 6.45 -29.25 -0.61
CA ASN D 313 5.07 -29.71 -0.69
C ASN D 313 4.29 -28.99 -1.79
N LEU D 314 4.78 -27.84 -2.26
CA LEU D 314 4.06 -27.05 -3.25
C LEU D 314 4.73 -27.06 -4.61
N THR D 315 5.79 -27.84 -4.78
CA THR D 315 6.55 -27.82 -6.03
C THR D 315 5.68 -28.18 -7.23
N TYR D 316 4.65 -29.00 -7.02
CA TYR D 316 3.77 -29.35 -8.12
C TYR D 316 2.92 -28.17 -8.58
N ILE D 317 2.52 -27.28 -7.68
CA ILE D 317 1.85 -26.05 -8.11
C ILE D 317 2.83 -25.15 -8.85
N VAL D 318 4.05 -25.02 -8.35
CA VAL D 318 5.06 -24.22 -9.04
C VAL D 318 5.34 -24.80 -10.42
N TYR D 319 5.36 -26.12 -10.52
CA TYR D 319 5.73 -26.76 -11.77
C TYR D 319 4.63 -26.71 -12.80
N ALA D 320 3.37 -26.79 -12.38
CA ALA D 320 2.26 -26.61 -13.31
C ALA D 320 2.26 -25.21 -13.91
N ILE D 321 2.49 -24.20 -13.07
CA ILE D 321 2.57 -22.82 -13.55
C ILE D 321 3.77 -22.65 -14.46
N GLY D 322 4.92 -23.20 -14.06
CA GLY D 322 6.11 -23.09 -14.90
C GLY D 322 5.98 -23.86 -16.19
N ALA D 323 5.29 -25.00 -16.16
CA ALA D 323 5.06 -25.75 -17.39
C ALA D 323 4.09 -25.02 -18.31
N ILE D 324 3.01 -24.47 -17.75
CA ILE D 324 2.05 -23.74 -18.55
C ILE D 324 2.72 -22.51 -19.18
N THR D 325 3.55 -21.83 -18.41
CA THR D 325 4.24 -20.66 -18.91
C THR D 325 5.16 -21.01 -20.07
N VAL D 326 5.84 -22.15 -19.98
CA VAL D 326 6.74 -22.55 -21.06
C VAL D 326 5.96 -22.76 -22.36
N LEU D 327 4.78 -23.34 -22.32
CA LEU D 327 4.07 -23.62 -23.58
C LEU D 327 3.34 -22.38 -24.07
N TYR D 328 2.62 -21.73 -23.15
CA TYR D 328 1.79 -20.63 -23.62
C TYR D 328 2.64 -19.50 -24.16
N ALA D 329 3.69 -19.12 -23.43
CA ALA D 329 4.57 -18.06 -23.88
C ALA D 329 5.24 -18.41 -25.20
N SER D 330 5.57 -19.69 -25.39
CA SER D 330 6.22 -20.10 -26.63
C SER D 330 5.30 -19.94 -27.83
N PHE D 331 4.04 -20.36 -27.69
CA PHE D 331 3.10 -20.26 -28.80
C PHE D 331 2.79 -18.81 -29.14
N SER D 332 2.68 -17.94 -28.13
CA SER D 332 2.38 -16.55 -28.41
C SER D 332 3.58 -15.80 -28.95
N THR D 333 4.79 -16.20 -28.55
CA THR D 333 5.99 -15.66 -29.17
C THR D 333 6.00 -15.92 -30.66
N LEU D 334 5.53 -17.11 -31.07
CA LEU D 334 5.49 -17.47 -32.48
C LEU D 334 4.56 -16.59 -33.29
N ARG D 335 3.57 -15.97 -32.65
CA ARG D 335 2.60 -15.14 -33.35
C ARG D 335 2.76 -13.65 -33.05
N THR D 336 3.87 -13.25 -32.43
CA THR D 336 4.10 -11.87 -32.07
C THR D 336 4.78 -11.14 -33.23
N VAL D 337 4.22 -10.00 -33.62
CA VAL D 337 4.70 -9.31 -34.83
C VAL D 337 5.56 -8.10 -34.53
N ASP D 338 5.66 -7.66 -33.28
CA ASP D 338 6.60 -6.62 -32.88
C ASP D 338 7.92 -7.30 -32.51
N VAL D 339 9.00 -6.88 -33.17
CA VAL D 339 10.28 -7.58 -33.03
C VAL D 339 10.77 -7.50 -31.60
N LYS D 340 10.66 -6.34 -30.95
CA LYS D 340 11.09 -6.17 -29.54
C LYS D 340 10.15 -6.94 -28.61
N GLU D 341 8.86 -6.99 -28.92
CA GLU D 341 7.89 -7.77 -28.12
C GLU D 341 8.18 -9.26 -28.22
N LEU D 342 8.72 -9.71 -29.35
CA LEU D 342 9.03 -11.13 -29.54
C LEU D 342 10.25 -11.48 -28.68
N ILE D 343 11.25 -10.61 -28.65
CA ILE D 343 12.39 -10.86 -27.77
C ILE D 343 11.96 -10.74 -26.31
N ALA D 344 11.05 -9.82 -26.00
CA ALA D 344 10.53 -9.71 -24.65
C ALA D 344 9.77 -10.97 -24.23
N TYR D 345 8.96 -11.57 -25.11
CA TYR D 345 8.15 -12.77 -24.77
C TYR D 345 9.04 -14.01 -24.62
N SER D 346 10.14 -14.07 -25.35
CA SER D 346 11.03 -15.22 -25.16
C SER D 346 11.70 -15.18 -23.80
N SER D 347 11.89 -13.99 -23.23
CA SER D 347 12.39 -13.90 -21.86
C SER D 347 11.46 -14.61 -20.89
N VAL D 348 10.15 -14.53 -21.15
CA VAL D 348 9.17 -15.18 -20.28
C VAL D 348 9.35 -16.68 -20.30
N ALA D 349 9.58 -17.23 -21.49
CA ALA D 349 9.73 -18.70 -21.64
C ALA D 349 11.02 -19.19 -20.95
N HIS D 350 12.13 -18.47 -21.14
CA HIS D 350 13.42 -18.81 -20.48
C HIS D 350 13.31 -18.70 -18.96
N ALA D 351 12.54 -17.73 -18.46
CA ALA D 351 12.53 -17.50 -17.00
C ALA D 351 11.73 -18.62 -16.35
N ALA D 352 10.77 -19.21 -17.05
CA ALA D 352 10.02 -20.37 -16.59
C ALA D 352 10.97 -21.55 -16.29
N ILE D 353 11.94 -21.79 -17.14
CA ILE D 353 12.94 -22.88 -16.95
C ILE D 353 13.85 -22.68 -15.74
N TYR D 354 14.32 -21.45 -15.49
CA TYR D 354 15.17 -21.18 -14.30
C TYR D 354 14.32 -21.23 -13.03
N LEU D 355 13.02 -20.92 -13.15
CA LEU D 355 12.11 -20.99 -12.01
C LEU D 355 11.85 -22.45 -11.65
N MET D 356 11.68 -23.29 -12.66
CA MET D 356 11.53 -24.74 -12.40
C MET D 356 12.85 -25.33 -11.92
N GLY D 357 13.99 -24.86 -12.44
CA GLY D 357 15.26 -25.35 -11.92
C GLY D 357 15.51 -24.96 -10.48
N VAL D 358 15.08 -23.75 -10.09
CA VAL D 358 15.28 -23.27 -8.69
C VAL D 358 14.42 -24.00 -7.67
N PHE D 359 13.32 -24.61 -8.08
CA PHE D 359 12.48 -25.42 -7.16
C PHE D 359 12.77 -26.92 -7.30
N SER D 360 13.87 -27.31 -7.89
CA SER D 360 14.17 -28.74 -8.19
C SER D 360 14.71 -29.45 -6.94
N ASN D 361 15.29 -28.67 -6.04
CA ASN D 361 15.92 -29.21 -4.84
C ASN D 361 17.03 -30.20 -5.18
N THR D 362 17.69 -29.99 -6.31
CA THR D 362 18.85 -30.76 -6.72
C THR D 362 19.98 -29.78 -7.03
N ILE D 363 21.21 -30.22 -6.84
CA ILE D 363 22.40 -29.37 -7.07
C ILE D 363 22.43 -28.88 -8.52
N GLN D 364 22.27 -29.79 -9.48
CA GLN D 364 22.42 -29.39 -10.89
C GLN D 364 21.29 -28.48 -11.34
N GLY D 365 20.08 -28.69 -10.83
CA GLY D 365 18.98 -27.80 -11.16
C GLY D 365 19.17 -26.41 -10.60
N LEU D 366 19.72 -26.31 -9.39
CA LEU D 366 19.95 -25.00 -8.79
C LEU D 366 21.10 -24.27 -9.47
N GLU D 367 22.20 -24.96 -9.76
CA GLU D 367 23.30 -24.34 -10.47
C GLU D 367 22.91 -23.98 -11.90
N GLY D 368 22.15 -24.86 -12.55
CA GLY D 368 21.66 -24.56 -13.88
C GLY D 368 20.75 -23.35 -13.92
N ALA D 369 19.98 -23.14 -12.85
CA ALA D 369 19.11 -21.96 -12.80
C ALA D 369 19.94 -20.68 -12.81
N ILE D 370 20.97 -20.62 -11.97
CA ILE D 370 21.86 -19.47 -11.95
C ILE D 370 22.59 -19.35 -13.29
N LEU D 371 23.03 -20.45 -13.87
CA LEU D 371 23.71 -20.43 -15.18
C LEU D 371 22.80 -19.87 -16.26
N LEU D 372 21.52 -20.32 -16.27
CA LEU D 372 20.55 -19.83 -17.26
C LEU D 372 20.24 -18.36 -17.06
N GLY D 373 20.08 -17.94 -15.80
CA GLY D 373 19.85 -16.53 -15.50
C GLY D 373 20.94 -15.67 -16.08
N LEU D 374 22.18 -16.09 -15.90
CA LEU D 374 23.30 -15.31 -16.41
C LEU D 374 23.33 -15.34 -17.93
N ALA D 375 23.13 -16.52 -18.51
CA ALA D 375 23.19 -16.66 -19.98
C ALA D 375 22.05 -15.88 -20.64
N HIS D 376 20.89 -15.82 -19.97
CA HIS D 376 19.75 -15.03 -20.49
C HIS D 376 20.13 -13.55 -20.51
N GLY D 377 20.86 -13.10 -19.50
CA GLY D 377 21.27 -11.69 -19.41
C GLY D 377 22.13 -11.26 -20.59
N PHE D 378 23.12 -12.07 -20.97
CA PHE D 378 23.92 -11.75 -22.18
C PHE D 378 23.07 -11.86 -23.45
N VAL D 379 22.27 -12.92 -23.58
CA VAL D 379 21.53 -13.13 -24.87
C VAL D 379 20.40 -12.10 -25.07
N SER D 380 19.66 -11.78 -24.01
CA SER D 380 18.50 -10.87 -24.17
C SER D 380 19.07 -9.46 -24.37
N SER D 381 20.21 -9.17 -23.75
CA SER D 381 20.84 -7.88 -24.01
C SER D 381 21.22 -7.75 -25.48
N GLY D 382 21.80 -8.80 -26.05
CA GLY D 382 22.18 -8.76 -27.44
C GLY D 382 21.00 -8.70 -28.40
N LEU D 383 19.93 -9.44 -28.10
CA LEU D 383 18.77 -9.41 -28.98
C LEU D 383 17.98 -8.11 -28.85
N PHE D 384 18.00 -7.49 -27.68
CA PHE D 384 17.38 -6.17 -27.58
C PHE D 384 18.20 -5.12 -28.31
N ILE D 385 19.53 -5.23 -28.26
CA ILE D 385 20.37 -4.34 -29.05
C ILE D 385 20.10 -4.52 -30.53
N CYS D 386 19.95 -5.77 -30.97
CA CYS D 386 19.70 -6.04 -32.39
C CYS D 386 18.37 -5.47 -32.83
N ALA D 387 17.34 -5.55 -31.99
CA ALA D 387 16.01 -5.09 -32.38
C ALA D 387 15.74 -3.65 -31.96
N GLY D 388 15.81 -3.37 -30.66
CA GLY D 388 15.51 -2.03 -30.18
C GLY D 388 16.59 -1.02 -30.44
N GLY D 389 17.77 -1.43 -30.93
CA GLY D 389 18.84 -0.49 -31.15
C GLY D 389 19.39 -0.42 -32.55
N ILE D 390 19.31 -1.50 -33.32
CA ILE D 390 19.83 -1.51 -34.67
C ILE D 390 18.70 -1.41 -35.69
N LEU D 391 17.70 -2.28 -35.59
CA LEU D 391 16.55 -2.17 -36.48
C LEU D 391 15.76 -0.91 -36.20
N TYR D 392 15.52 -0.61 -34.92
CA TYR D 392 14.64 0.49 -34.57
C TYR D 392 15.26 1.84 -34.95
N ASP D 393 16.55 2.01 -34.71
CA ASP D 393 17.19 3.27 -35.05
C ASP D 393 17.19 3.50 -36.55
N ARG D 394 17.29 2.43 -37.35
CA ARG D 394 17.39 2.58 -38.79
C ARG D 394 16.02 2.78 -39.44
N THR D 395 14.98 2.13 -38.94
CA THR D 395 13.67 2.18 -39.59
C THR D 395 12.64 3.02 -38.88
N GLY D 396 12.75 3.18 -37.56
CA GLY D 396 11.70 3.84 -36.81
C GLY D 396 10.48 3.00 -36.56
N THR D 397 10.53 1.71 -36.86
CA THR D 397 9.40 0.83 -36.67
C THR D 397 9.89 -0.47 -36.05
N ARG D 398 8.96 -1.19 -35.44
CA ARG D 398 9.26 -2.45 -34.78
C ARG D 398 8.41 -3.58 -35.32
N LEU D 399 7.65 -3.32 -36.39
CA LEU D 399 6.79 -4.33 -37.00
C LEU D 399 7.60 -5.25 -37.90
N ILE D 400 7.41 -6.56 -37.70
CA ILE D 400 8.12 -7.57 -38.47
C ILE D 400 7.78 -7.54 -39.95
N TYR D 401 6.61 -7.03 -40.33
CA TYR D 401 6.19 -7.12 -41.71
C TYR D 401 7.07 -6.31 -42.65
N PHE D 402 7.84 -5.36 -42.11
CA PHE D 402 8.63 -4.47 -42.94
C PHE D 402 10.06 -4.94 -43.14
N PHE D 403 10.46 -6.06 -42.55
CA PHE D 403 11.85 -6.52 -42.61
C PHE D 403 11.93 -7.81 -43.41
N ARG D 404 13.00 -7.92 -44.20
CA ARG D 404 13.26 -9.11 -44.99
C ARG D 404 14.62 -8.98 -45.64
N GLY D 405 15.36 -10.09 -45.69
CA GLY D 405 16.58 -10.17 -46.46
C GLY D 405 17.68 -9.22 -46.04
N LEU D 406 17.79 -8.92 -44.75
CA LEU D 406 18.77 -7.95 -44.29
C LEU D 406 20.20 -8.44 -44.43
N THR D 407 20.41 -9.75 -44.57
CA THR D 407 21.76 -10.28 -44.73
C THR D 407 22.46 -9.67 -45.94
N GLN D 408 21.72 -9.42 -47.02
CA GLN D 408 22.32 -8.92 -48.25
C GLN D 408 23.10 -7.63 -48.03
N ILE D 409 22.57 -6.72 -47.23
CA ILE D 409 23.20 -5.43 -47.00
C ILE D 409 23.82 -5.29 -45.63
N MET D 410 23.50 -6.16 -44.67
CA MET D 410 24.00 -6.04 -43.30
C MET D 410 24.60 -7.37 -42.85
N PRO D 411 25.69 -7.81 -43.48
CA PRO D 411 26.25 -9.12 -43.10
C PRO D 411 26.75 -9.19 -41.67
N LEU D 412 27.32 -8.11 -41.14
CA LEU D 412 27.83 -8.15 -39.77
C LEU D 412 26.70 -8.24 -38.76
N PHE D 413 25.60 -7.54 -39.02
CA PHE D 413 24.43 -7.66 -38.15
C PHE D 413 23.86 -9.07 -38.20
N SER D 414 23.78 -9.65 -39.40
CA SER D 414 23.16 -10.96 -39.53
C SER D 414 24.01 -12.04 -38.87
N LEU D 415 25.33 -11.85 -38.84
CA LEU D 415 26.21 -12.82 -38.19
C LEU D 415 26.02 -12.82 -36.68
N PHE D 416 25.97 -11.65 -36.07
CA PHE D 416 25.77 -11.59 -34.62
C PHE D 416 24.34 -11.94 -34.26
N PHE D 417 23.38 -11.47 -35.07
CA PHE D 417 21.98 -11.75 -34.83
C PHE D 417 21.70 -13.25 -34.87
N PHE D 418 22.35 -13.97 -35.80
CA PHE D 418 22.18 -15.41 -35.88
C PHE D 418 22.77 -16.12 -34.66
N ILE D 419 23.98 -15.75 -34.27
CA ILE D 419 24.60 -16.37 -33.10
C ILE D 419 23.74 -16.12 -31.86
N LEU D 420 23.19 -14.91 -31.74
CA LEU D 420 22.29 -14.62 -30.63
C LEU D 420 21.02 -15.46 -30.69
N CYS D 421 20.49 -15.67 -31.89
CA CYS D 421 19.29 -16.49 -32.03
C CYS D 421 19.58 -17.97 -31.73
N LEU D 422 20.80 -18.43 -31.94
CA LEU D 422 21.18 -19.80 -31.51
C LEU D 422 21.25 -19.84 -29.98
N GLY D 423 21.78 -18.80 -29.35
CA GLY D 423 21.81 -18.71 -27.87
C GLY D 423 20.41 -18.77 -27.30
N ASN D 424 19.48 -18.04 -27.92
CA ASN D 424 18.06 -18.03 -27.49
C ASN D 424 17.46 -19.42 -27.65
N ALA D 425 17.85 -20.15 -28.68
CA ALA D 425 17.40 -21.55 -28.89
C ALA D 425 18.18 -22.52 -27.97
N GLY D 426 19.11 -22.03 -27.15
CA GLY D 426 19.92 -22.90 -26.27
C GLY D 426 20.83 -23.85 -27.02
N THR D 427 21.44 -23.38 -28.11
CA THR D 427 22.37 -24.20 -28.92
C THR D 427 23.64 -24.53 -28.12
N PRO D 428 24.20 -25.76 -28.09
CA PRO D 428 25.47 -25.99 -27.39
C PRO D 428 26.57 -25.08 -27.93
N LEU D 429 27.57 -24.85 -27.08
CA LEU D 429 28.64 -23.87 -27.13
C LEU D 429 28.19 -22.49 -26.63
N THR D 430 26.93 -22.30 -26.30
CA THR D 430 26.49 -21.13 -25.56
C THR D 430 26.26 -21.52 -24.11
N LEU D 431 26.35 -20.54 -23.23
CA LEU D 431 26.08 -20.81 -21.80
C LEU D 431 24.59 -21.15 -21.63
N ASN D 432 23.78 -20.78 -22.61
CA ASN D 432 22.32 -21.05 -22.62
C ASN D 432 22.03 -22.55 -22.65
N PHE D 433 22.74 -23.33 -23.46
CA PHE D 433 22.59 -24.80 -23.44
C PHE D 433 22.96 -25.36 -22.06
N VAL D 434 24.06 -24.93 -21.48
CA VAL D 434 24.54 -25.51 -20.19
C VAL D 434 23.48 -25.26 -19.11
N GLY D 435 22.97 -24.03 -19.04
CA GLY D 435 21.92 -23.68 -18.06
C GLY D 435 20.61 -24.39 -18.31
N GLU D 436 20.16 -24.46 -19.57
CA GLU D 436 18.88 -25.13 -19.93
C GLU D 436 18.96 -26.62 -19.60
N PHE D 437 20.05 -27.28 -19.99
CA PHE D 437 20.27 -28.73 -19.74
C PHE D 437 20.25 -29.03 -18.23
N MET D 438 21.04 -28.31 -17.45
CA MET D 438 21.13 -28.54 -16.00
C MET D 438 19.81 -28.20 -15.29
N SER D 439 19.18 -27.10 -15.70
CA SER D 439 17.87 -26.70 -15.14
C SER D 439 16.84 -27.75 -15.49
N LEU D 440 16.83 -28.18 -16.74
CA LEU D 440 15.83 -29.17 -17.24
C LEU D 440 16.05 -30.54 -16.60
N TYR D 441 17.31 -30.87 -16.29
CA TYR D 441 17.62 -32.19 -15.71
C TYR D 441 17.11 -32.18 -14.27
N GLY D 442 17.31 -31.07 -13.57
CA GLY D 442 16.85 -31.02 -12.20
C GLY D 442 15.33 -31.01 -12.11
N THR D 443 14.69 -30.30 -13.02
CA THR D 443 13.23 -30.29 -13.06
C THR D 443 12.69 -31.67 -13.39
N LEU D 444 13.34 -32.38 -14.31
CA LEU D 444 12.90 -33.72 -14.67
C LEU D 444 13.06 -34.67 -13.49
N GLU D 445 14.19 -34.60 -12.79
CA GLU D 445 14.46 -35.53 -11.70
C GLU D 445 13.56 -35.25 -10.50
N ARG D 446 13.18 -34.00 -10.29
CA ARG D 446 12.26 -33.66 -9.20
C ARG D 446 10.84 -34.11 -9.51
N LEU D 447 10.35 -33.91 -10.73
CA LEU D 447 8.94 -34.19 -11.11
C LEU D 447 8.93 -34.50 -12.61
N PRO D 448 9.01 -35.78 -13.04
CA PRO D 448 9.23 -36.11 -14.47
C PRO D 448 8.23 -35.53 -15.45
N ILE D 449 6.94 -35.49 -15.12
CA ILE D 449 5.98 -34.99 -16.10
C ILE D 449 6.20 -33.50 -16.33
N ALA D 450 6.60 -32.76 -15.30
CA ALA D 450 6.85 -31.34 -15.47
C ALA D 450 8.10 -31.08 -16.28
N GLY D 451 9.14 -31.90 -16.11
CA GLY D 451 10.35 -31.75 -16.91
C GLY D 451 10.11 -32.07 -18.36
N MET D 452 9.32 -33.11 -18.63
CA MET D 452 9.04 -33.50 -20.01
C MET D 452 8.32 -32.39 -20.77
N LEU D 453 7.33 -31.76 -20.15
CA LEU D 453 6.68 -30.62 -20.78
C LEU D 453 7.64 -29.45 -20.91
N ALA D 454 8.43 -29.19 -19.87
CA ALA D 454 9.40 -28.10 -19.92
C ALA D 454 10.47 -28.34 -20.98
N SER D 455 10.75 -29.60 -21.27
CA SER D 455 11.77 -29.98 -22.27
C SER D 455 11.33 -29.56 -23.67
N THR D 456 10.02 -29.42 -23.88
CA THR D 456 9.44 -29.12 -25.21
C THR D 456 9.92 -27.73 -25.62
N SER D 457 10.49 -26.99 -24.68
CA SER D 457 11.09 -25.66 -24.93
C SER D 457 12.24 -25.82 -25.92
N ILE D 458 12.97 -26.92 -25.87
CA ILE D 458 14.06 -27.22 -26.83
C ILE D 458 13.50 -27.22 -28.26
N ILE D 459 12.24 -27.58 -28.44
CA ILE D 459 11.63 -27.53 -29.77
C ILE D 459 11.11 -26.12 -30.06
N PHE D 460 10.45 -25.49 -29.10
CA PHE D 460 9.73 -24.26 -29.39
C PHE D 460 10.60 -23.01 -29.31
N SER D 461 11.61 -22.99 -28.44
CA SER D 461 12.55 -21.88 -28.47
C SER D 461 13.29 -21.83 -29.79
N ALA D 462 13.65 -22.99 -30.33
CA ALA D 462 14.22 -23.03 -31.67
C ALA D 462 13.24 -22.49 -32.69
N ALA D 463 11.96 -22.86 -32.57
CA ALA D 463 10.97 -22.44 -33.55
C ALA D 463 10.87 -20.92 -33.62
N TYR D 464 10.67 -20.23 -32.50
CA TYR D 464 10.50 -18.80 -32.62
C TYR D 464 11.82 -18.08 -32.86
N SER D 465 12.94 -18.60 -32.38
CA SER D 465 14.23 -17.99 -32.68
C SER D 465 14.57 -18.13 -34.16
N ILE D 466 14.42 -19.33 -34.72
CA ILE D 466 14.76 -19.53 -36.12
C ILE D 466 13.76 -18.83 -37.02
N TYR D 467 12.48 -18.83 -36.63
CA TYR D 467 11.47 -18.14 -37.43
C TYR D 467 11.75 -16.64 -37.48
N MET D 468 12.11 -16.05 -36.34
CA MET D 468 12.36 -14.62 -36.33
C MET D 468 13.65 -14.29 -37.06
N TYR D 469 14.69 -15.13 -36.92
CA TYR D 469 15.92 -14.90 -37.67
C TYR D 469 15.68 -15.00 -39.17
N ASN D 470 14.93 -16.01 -39.61
CA ASN D 470 14.73 -16.21 -41.04
C ASN D 470 13.95 -15.06 -41.65
N ARG D 471 12.94 -14.55 -40.95
CA ARG D 471 12.10 -13.50 -41.52
C ARG D 471 12.85 -12.17 -41.64
N ILE D 472 13.85 -11.93 -40.80
CA ILE D 472 14.53 -10.65 -40.78
C ILE D 472 15.79 -10.67 -41.65
N ALA D 473 16.67 -11.65 -41.43
CA ALA D 473 17.95 -11.71 -42.12
C ALA D 473 17.84 -12.40 -43.48
N PHE D 474 16.94 -13.37 -43.59
CA PHE D 474 16.76 -14.18 -44.79
C PHE D 474 15.35 -13.93 -45.29
N GLY D 475 14.85 -14.81 -46.14
CA GLY D 475 13.45 -14.75 -46.51
C GLY D 475 13.18 -13.91 -47.71
N GLY D 476 14.14 -13.77 -48.61
CA GLY D 476 14.01 -13.02 -49.82
C GLY D 476 15.17 -12.07 -49.97
N SER D 477 15.08 -11.22 -50.99
CA SER D 477 15.99 -10.10 -51.13
C SER D 477 15.62 -9.02 -50.11
N VAL D 478 16.36 -7.92 -50.13
CA VAL D 478 16.12 -6.85 -49.18
C VAL D 478 14.71 -6.32 -49.34
N SER D 479 14.05 -6.07 -48.21
CA SER D 479 12.67 -5.62 -48.18
C SER D 479 12.45 -4.42 -49.08
N LEU D 480 11.38 -4.48 -49.89
CA LEU D 480 11.02 -3.38 -50.83
C LEU D 480 10.40 -2.19 -50.10
N TYR D 481 10.20 -2.28 -48.80
CA TYR D 481 9.73 -1.13 -48.06
C TYR D 481 10.86 -0.16 -47.72
N PHE D 482 12.11 -0.59 -47.84
CA PHE D 482 13.24 0.28 -47.57
C PHE D 482 13.49 1.15 -48.79
N ILE D 483 13.32 2.47 -48.63
CA ILE D 483 13.61 3.39 -49.72
C ILE D 483 15.11 3.65 -49.79
N ASP D 484 15.68 4.13 -48.71
CA ASP D 484 17.13 4.20 -48.59
C ASP D 484 17.72 2.82 -48.35
N CYS D 485 18.98 2.67 -48.72
CA CYS D 485 19.77 1.54 -48.26
C CYS D 485 20.19 1.79 -46.81
N PHE D 486 20.57 0.71 -46.14
CA PHE D 486 20.95 0.76 -44.74
C PHE D 486 22.45 0.54 -44.63
N ARG D 487 23.09 1.27 -43.74
CA ARG D 487 24.44 0.93 -43.37
C ARG D 487 24.43 -0.29 -42.43
N ASP D 488 25.55 -1.01 -42.41
CA ASP D 488 25.70 -2.16 -41.53
C ASP D 488 26.04 -1.66 -40.12
N LEU D 489 26.44 -2.56 -39.24
CA LEU D 489 26.74 -2.20 -37.87
C LEU D 489 27.81 -1.12 -37.82
N THR D 490 27.59 -0.10 -37.00
CA THR D 490 28.69 0.79 -36.70
C THR D 490 29.64 0.11 -35.73
N LYS D 491 30.84 0.69 -35.61
CA LYS D 491 31.83 0.13 -34.68
C LYS D 491 31.23 -0.04 -33.29
N ARG D 492 30.41 0.92 -32.86
CA ARG D 492 29.76 0.83 -31.56
C ARG D 492 28.86 -0.40 -31.49
N GLU D 493 28.00 -0.57 -32.47
CA GLU D 493 27.08 -1.70 -32.47
C GLU D 493 27.83 -3.02 -32.54
N PHE D 494 28.87 -3.07 -33.37
CA PHE D 494 29.69 -4.28 -33.48
C PHE D 494 30.29 -4.68 -32.14
N PHE D 495 30.82 -3.73 -31.39
CA PHE D 495 31.60 -4.07 -30.22
C PHE D 495 30.76 -4.25 -28.96
N ILE D 496 29.49 -3.87 -28.98
CA ILE D 496 28.62 -4.29 -27.89
C ILE D 496 28.03 -5.68 -28.18
N LEU D 497 27.77 -5.99 -29.45
CA LEU D 497 27.32 -7.33 -29.80
C LEU D 497 28.46 -8.33 -29.66
N PHE D 498 29.65 -7.96 -30.14
CA PHE D 498 30.79 -8.87 -30.04
C PHE D 498 31.11 -9.20 -28.60
N THR D 499 31.05 -8.19 -27.71
CA THR D 499 31.33 -8.41 -26.31
C THR D 499 30.30 -9.34 -25.66
N LEU D 500 29.02 -9.12 -25.96
CA LEU D 500 27.98 -9.98 -25.41
C LEU D 500 28.08 -11.38 -25.97
N VAL D 501 28.33 -11.49 -27.27
CA VAL D 501 28.49 -12.80 -27.90
C VAL D 501 29.73 -13.50 -27.36
N SER D 502 30.77 -12.74 -27.01
CA SER D 502 31.97 -13.33 -26.46
C SER D 502 31.69 -14.00 -25.11
N PHE D 503 30.91 -13.34 -24.25
CA PHE D 503 30.64 -13.88 -22.93
C PHE D 503 29.85 -15.18 -23.01
N THR D 504 28.82 -15.24 -23.86
CA THR D 504 28.01 -16.44 -23.94
C THR D 504 28.81 -17.62 -24.50
N VAL D 505 29.72 -17.37 -25.44
CA VAL D 505 30.42 -18.48 -26.05
C VAL D 505 31.56 -18.96 -25.16
N ILE D 506 32.32 -18.05 -24.57
CA ILE D 506 33.42 -18.44 -23.69
C ILE D 506 32.88 -19.22 -22.48
N LEU D 507 31.80 -18.74 -21.89
CA LEU D 507 31.19 -19.47 -20.77
C LEU D 507 30.42 -20.70 -21.22
N GLY D 508 30.04 -20.78 -22.49
CA GLY D 508 29.44 -21.99 -23.01
C GLY D 508 30.42 -23.12 -23.21
N ILE D 509 31.70 -22.80 -23.32
CA ILE D 509 32.74 -23.79 -23.51
C ILE D 509 33.44 -24.13 -22.20
N TYR D 510 33.62 -23.15 -21.32
CA TYR D 510 34.17 -23.36 -20.00
C TYR D 510 33.25 -22.77 -18.95
N PRO D 511 32.10 -23.39 -18.72
CA PRO D 511 31.20 -22.92 -17.65
C PRO D 511 31.74 -23.15 -16.25
N SER D 512 32.89 -23.81 -16.09
CA SER D 512 33.51 -23.95 -14.79
C SER D 512 33.86 -22.60 -14.16
N PHE D 513 34.03 -21.57 -14.98
CA PHE D 513 34.37 -20.24 -14.48
C PHE D 513 33.30 -19.67 -13.55
N VAL D 514 32.08 -20.19 -13.63
CA VAL D 514 31.01 -19.81 -12.71
C VAL D 514 30.65 -20.95 -11.77
N LEU D 515 30.65 -22.19 -12.27
CA LEU D 515 30.23 -23.32 -11.45
C LEU D 515 31.18 -23.55 -10.28
N ASP D 516 32.48 -23.37 -10.49
CA ASP D 516 33.46 -23.62 -9.43
C ASP D 516 33.21 -22.72 -8.21
N GLY D 517 32.80 -21.48 -8.45
CA GLY D 517 32.43 -20.60 -7.37
C GLY D 517 31.00 -20.73 -6.91
N LEU D 518 30.25 -21.69 -7.44
CA LEU D 518 28.87 -21.91 -7.04
C LEU D 518 28.69 -23.13 -6.15
N HIS D 519 29.54 -24.14 -6.28
CA HIS D 519 29.25 -25.48 -5.76
C HIS D 519 29.04 -25.47 -4.25
N TYR D 520 30.00 -24.91 -3.51
CA TYR D 520 29.98 -25.03 -2.06
C TYR D 520 28.80 -24.28 -1.45
N ASN D 521 28.58 -23.04 -1.87
CA ASN D 521 27.52 -22.24 -1.28
C ASN D 521 26.15 -22.77 -1.64
N ILE D 522 25.97 -23.22 -2.89
CA ILE D 522 24.68 -23.74 -3.33
C ILE D 522 24.34 -25.06 -2.66
N SER D 523 25.33 -25.75 -2.09
CA SER D 523 25.03 -26.94 -1.30
C SER D 523 24.14 -26.62 -0.11
N SER D 524 24.27 -25.41 0.43
CA SER D 524 23.62 -25.03 1.68
C SER D 524 22.12 -24.85 1.56
N VAL D 525 21.63 -24.74 0.33
CA VAL D 525 20.17 -24.53 0.08
C VAL D 525 19.46 -25.84 -0.29
N VAL D 526 20.15 -26.98 -0.38
CA VAL D 526 19.52 -28.26 -0.69
C VAL D 526 18.88 -28.82 0.58
N TYR D 527 17.73 -29.45 0.41
CA TYR D 527 16.93 -29.98 1.52
C TYR D 527 16.73 -31.49 1.33
N GLY D 528 17.12 -32.27 2.31
CA GLY D 528 17.01 -33.72 2.24
C GLY D 528 18.14 -34.50 2.88
N ILE D 529 18.06 -35.82 2.85
CA ILE D 529 19.07 -36.67 3.50
C ILE D 529 19.09 -38.01 2.78
N GLU D 530 20.20 -38.61 2.77
CA GLU D 530 20.46 -39.99 2.42
C GLU D 530 20.48 -40.85 3.68
N PRO D 531 20.01 -42.09 3.62
CA PRO D 531 19.82 -42.86 4.85
C PRO D 531 21.12 -43.29 5.51
N ASN D 532 22.09 -43.74 4.73
CA ASN D 532 23.37 -44.18 5.25
C ASN D 532 24.41 -43.06 5.26
N ALA D 533 24.03 -41.86 4.82
CA ALA D 533 24.93 -40.71 4.88
C ALA D 533 24.59 -39.75 6.01
N SER D 534 23.36 -39.76 6.49
CA SER D 534 22.92 -38.80 7.48
C SER D 534 23.13 -39.32 8.90
N TYR D 535 23.18 -38.38 9.85
CA TYR D 535 23.25 -38.67 11.27
C TYR D 535 24.44 -39.57 11.60
N LEU D 536 25.62 -39.09 11.23
CA LEU D 536 26.85 -39.84 11.46
C LEU D 536 27.28 -39.73 12.92
N THR D 537 27.90 -40.81 13.41
CA THR D 537 28.41 -40.83 14.78
C THR D 537 29.77 -41.51 14.83
N MET E 1 48.42 -36.01 -33.61
CA MET E 1 47.67 -36.32 -34.81
C MET E 1 46.19 -36.50 -34.52
N TYR E 2 45.88 -37.15 -33.40
CA TYR E 2 44.49 -37.45 -33.09
C TYR E 2 43.69 -36.19 -32.78
N LEU E 3 44.29 -35.23 -32.07
CA LEU E 3 43.70 -33.91 -31.97
C LEU E 3 43.77 -33.14 -33.27
N SER E 4 44.84 -33.33 -34.04
CA SER E 4 45.01 -32.57 -35.27
C SER E 4 43.93 -32.90 -36.30
N ILE E 5 43.35 -34.10 -36.23
CA ILE E 5 42.21 -34.43 -37.07
C ILE E 5 41.00 -33.57 -36.68
N ILE E 6 40.86 -33.27 -35.40
CA ILE E 6 39.67 -32.56 -34.93
C ILE E 6 39.75 -31.08 -35.32
N ILE E 7 40.90 -30.45 -35.10
CA ILE E 7 40.96 -28.99 -35.23
C ILE E 7 41.30 -28.51 -36.63
N LEU E 8 41.87 -29.35 -37.48
CA LEU E 8 42.30 -28.88 -38.79
C LEU E 8 41.13 -28.43 -39.66
N PRO E 9 40.04 -29.20 -39.81
CA PRO E 9 38.89 -28.67 -40.56
C PRO E 9 38.28 -27.42 -39.94
N LEU E 10 38.36 -27.24 -38.68
CA LEU E 10 37.82 -26.02 -38.02
C LEU E 10 38.70 -24.82 -38.37
N LEU E 11 40.04 -25.06 -38.42
CA LEU E 11 40.93 -23.94 -38.71
C LEU E 11 40.70 -23.41 -40.12
N GLY E 12 40.59 -24.30 -41.09
CA GLY E 12 40.31 -23.86 -42.45
C GLY E 12 38.99 -23.13 -42.55
N SER E 13 37.99 -23.59 -41.80
CA SER E 13 36.66 -22.98 -41.85
C SER E 13 36.68 -21.53 -41.39
N VAL E 14 37.43 -21.23 -40.34
CA VAL E 14 37.45 -19.86 -39.84
C VAL E 14 38.25 -18.95 -40.77
N VAL E 15 39.24 -19.48 -41.48
CA VAL E 15 39.93 -18.66 -42.47
C VAL E 15 39.05 -18.40 -43.67
N SER E 16 38.37 -19.44 -44.16
CA SER E 16 37.49 -19.27 -45.30
C SER E 16 36.34 -18.31 -44.99
N GLY E 17 35.82 -18.37 -43.76
CA GLY E 17 34.65 -17.60 -43.41
C GLY E 17 34.93 -16.23 -42.86
N PHE E 18 35.80 -16.16 -41.85
CA PHE E 18 36.02 -14.89 -41.17
C PHE E 18 37.17 -14.09 -41.76
N PHE E 19 37.89 -14.64 -42.74
CA PHE E 19 38.92 -13.89 -43.47
C PHE E 19 38.84 -14.16 -44.97
N GLY E 20 37.63 -14.32 -45.50
CA GLY E 20 37.48 -14.53 -46.93
C GLY E 20 38.00 -13.37 -47.75
N ARG E 21 37.76 -12.15 -47.29
CA ARG E 21 38.31 -10.95 -47.96
C ARG E 21 39.84 -11.00 -48.07
N LYS E 22 40.54 -11.64 -47.14
CA LYS E 22 42.00 -11.72 -47.18
C LYS E 22 42.48 -12.72 -48.20
N VAL E 23 41.89 -13.91 -48.22
CA VAL E 23 42.37 -14.96 -49.11
C VAL E 23 41.60 -15.03 -50.43
N GLY E 24 40.42 -14.43 -50.51
CA GLY E 24 39.69 -14.45 -51.75
C GLY E 24 39.10 -15.83 -52.02
N VAL E 25 38.66 -15.99 -53.26
CA VAL E 25 38.03 -17.25 -53.66
C VAL E 25 39.06 -18.37 -53.70
N SER E 26 40.19 -18.12 -54.35
CA SER E 26 41.19 -19.17 -54.54
C SER E 26 41.88 -19.52 -53.24
N GLY E 27 42.18 -18.51 -52.42
CA GLY E 27 42.77 -18.79 -51.12
C GLY E 27 41.85 -19.60 -50.24
N ALA E 28 40.56 -19.27 -50.25
CA ALA E 28 39.61 -20.02 -49.45
C ALA E 28 39.53 -21.48 -49.89
N GLN E 29 39.52 -21.73 -51.20
CA GLN E 29 39.45 -23.10 -51.68
C GLN E 29 40.74 -23.85 -51.38
N LEU E 30 41.88 -23.18 -51.50
CA LEU E 30 43.15 -23.84 -51.24
C LEU E 30 43.27 -24.20 -49.77
N ILE E 31 42.86 -23.31 -48.88
CA ILE E 31 43.00 -23.58 -47.46
C ILE E 31 42.02 -24.65 -47.00
N THR E 32 40.76 -24.59 -47.43
CA THR E 32 39.78 -25.56 -46.95
C THR E 32 40.07 -26.96 -47.49
N CYS E 33 40.30 -27.06 -48.80
CA CYS E 33 40.53 -28.37 -49.39
C CYS E 33 41.79 -29.01 -48.84
N SER E 34 42.85 -28.12 -48.72
CA SER E 34 44.12 -28.57 -48.09
C SER E 34 43.85 -29.06 -46.65
N SER E 35 43.17 -28.34 -45.86
CA SER E 35 42.89 -28.67 -44.46
C SER E 35 41.99 -29.88 -44.31
N VAL E 36 41.18 -30.20 -45.33
CA VAL E 36 40.36 -31.40 -45.29
C VAL E 36 41.13 -32.61 -45.82
N ILE E 37 41.91 -32.41 -46.88
CA ILE E 37 42.70 -33.52 -47.44
C ILE E 37 43.74 -34.00 -46.44
N ILE E 38 44.44 -33.07 -45.79
CA ILE E 38 45.43 -33.46 -44.79
C ILE E 38 44.77 -34.22 -43.65
N THR E 39 43.59 -33.75 -43.22
CA THR E 39 42.84 -34.46 -42.19
C THR E 39 42.47 -35.87 -42.65
N THR E 40 42.13 -36.02 -43.93
CA THR E 40 41.76 -37.34 -44.46
C THR E 40 42.93 -38.31 -44.41
N ILE E 41 44.14 -37.84 -44.76
CA ILE E 41 45.31 -38.72 -44.67
C ILE E 41 45.53 -39.17 -43.24
N LEU E 42 45.45 -38.24 -42.28
CA LEU E 42 45.61 -38.60 -40.89
C LEU E 42 44.52 -39.54 -40.42
N SER E 43 43.35 -39.48 -41.04
CA SER E 43 42.29 -40.41 -40.71
C SER E 43 42.61 -41.81 -41.22
N ILE E 44 43.21 -41.91 -42.40
CA ILE E 44 43.60 -43.21 -42.94
C ILE E 44 44.69 -43.81 -42.06
N ILE E 45 45.64 -42.99 -41.63
CA ILE E 45 46.68 -43.45 -40.71
C ILE E 45 46.06 -43.87 -39.39
N ALA E 46 45.08 -43.10 -38.90
CA ALA E 46 44.40 -43.45 -37.66
C ALA E 46 43.68 -44.78 -37.77
N PHE E 47 43.07 -45.05 -38.92
CA PHE E 47 42.33 -46.29 -39.10
C PHE E 47 43.24 -47.51 -38.96
N PHE E 48 44.52 -47.36 -39.31
CA PHE E 48 45.48 -48.46 -39.18
C PHE E 48 45.97 -48.59 -37.75
N GLU E 49 46.30 -47.47 -37.12
CA GLU E 49 46.75 -47.47 -35.73
C GLU E 49 45.70 -48.04 -34.79
N VAL E 50 44.46 -47.55 -34.90
CA VAL E 50 43.43 -47.90 -33.93
C VAL E 50 42.73 -49.20 -34.30
N GLY E 51 42.39 -49.38 -35.56
CA GLY E 51 41.60 -50.52 -35.96
C GLY E 51 42.40 -51.78 -36.20
N PHE E 52 43.48 -51.68 -36.96
CA PHE E 52 44.22 -52.88 -37.32
C PHE E 52 45.09 -53.39 -36.18
N ASN E 53 45.65 -52.49 -35.38
CA ASN E 53 46.45 -52.86 -34.22
C ASN E 53 45.63 -52.92 -32.94
N ASN E 54 44.35 -52.58 -33.02
CA ASN E 54 43.42 -52.65 -31.89
C ASN E 54 43.95 -51.87 -30.69
N ILE E 55 44.46 -50.67 -30.97
CA ILE E 55 44.90 -49.77 -29.90
C ILE E 55 43.97 -48.57 -29.86
N PRO E 56 42.98 -48.56 -28.98
CA PRO E 56 42.18 -47.35 -28.78
C PRO E 56 43.01 -46.25 -28.16
N VAL E 57 42.65 -45.01 -28.46
CA VAL E 57 43.36 -43.85 -27.98
C VAL E 57 42.37 -42.95 -27.23
N THR E 58 42.71 -42.63 -25.99
CA THR E 58 41.93 -41.72 -25.17
C THR E 58 42.62 -40.37 -25.13
N ILE E 59 41.85 -39.30 -25.23
CA ILE E 59 42.39 -37.96 -25.07
C ILE E 59 41.37 -37.08 -24.37
N ASN E 60 41.77 -36.47 -23.26
CA ASN E 60 40.95 -35.54 -22.49
C ASN E 60 41.73 -34.24 -22.34
N ILE E 61 41.08 -33.11 -22.57
CA ILE E 61 41.80 -31.85 -22.56
C ILE E 61 41.45 -31.02 -21.34
N PHE E 62 40.22 -30.56 -21.28
CA PHE E 62 39.75 -29.78 -20.10
C PHE E 62 38.31 -30.21 -19.85
N ARG E 63 37.86 -30.09 -18.63
CA ARG E 63 36.49 -30.41 -18.29
C ARG E 63 35.54 -29.42 -18.94
N TRP E 64 34.37 -29.90 -19.35
CA TRP E 64 33.33 -29.03 -19.87
C TRP E 64 32.33 -28.65 -18.79
N ILE E 65 31.62 -29.62 -18.23
CA ILE E 65 30.59 -29.36 -17.23
C ILE E 65 30.86 -30.26 -16.02
N ASP E 66 31.01 -29.63 -14.86
CA ASP E 66 31.43 -30.31 -13.62
C ASP E 66 30.40 -29.95 -12.55
N SER E 67 29.43 -30.85 -12.28
CA SER E 67 28.48 -30.64 -11.19
C SER E 67 28.20 -31.95 -10.45
N GLU E 68 28.91 -31.98 -9.31
CA GLU E 68 28.76 -33.06 -8.32
C GLU E 68 29.01 -34.43 -8.94
N TRP E 69 28.07 -34.93 -9.70
CA TRP E 69 28.16 -36.31 -10.16
C TRP E 69 28.42 -36.34 -11.63
N PHE E 70 28.03 -35.28 -12.32
CA PHE E 70 28.25 -35.10 -13.74
C PHE E 70 29.59 -34.43 -13.91
N ILE E 71 30.53 -35.11 -14.54
CA ILE E 71 31.77 -34.51 -14.98
C ILE E 71 31.89 -34.86 -16.46
N ILE E 72 31.64 -33.88 -17.32
CA ILE E 72 31.75 -34.03 -18.76
C ILE E 72 33.00 -33.28 -19.20
N ASN E 73 33.89 -33.97 -19.91
CA ASN E 73 35.12 -33.35 -20.38
C ASN E 73 35.03 -33.06 -21.87
N TRP E 74 35.83 -32.10 -22.30
CA TRP E 74 36.23 -32.06 -23.69
C TRP E 74 37.17 -33.22 -23.90
N GLY E 75 36.63 -34.35 -24.33
CA GLY E 75 37.37 -35.58 -24.39
C GLY E 75 36.97 -36.39 -25.58
N PHE E 76 37.93 -37.10 -26.14
CA PHE E 76 37.72 -37.84 -27.36
C PHE E 76 38.27 -39.25 -27.22
N GLN E 77 37.52 -40.20 -27.75
CA GLN E 77 37.91 -41.60 -27.77
C GLN E 77 37.96 -42.06 -29.22
N TYR E 78 39.06 -42.68 -29.60
CA TYR E 78 39.18 -43.33 -30.89
C TYR E 78 39.13 -44.83 -30.66
N ASP E 79 38.16 -45.49 -31.27
CA ASP E 79 38.03 -46.94 -31.21
C ASP E 79 37.73 -47.41 -32.63
N SER E 80 37.46 -48.71 -32.78
CA SER E 80 37.30 -49.26 -34.13
C SER E 80 36.12 -48.63 -34.85
N LEU E 81 35.02 -48.38 -34.13
CA LEU E 81 33.88 -47.70 -34.73
C LEU E 81 34.23 -46.27 -35.14
N THR E 82 35.02 -45.58 -34.33
CA THR E 82 35.35 -44.18 -34.58
C THR E 82 36.10 -44.03 -35.91
N VAL E 83 37.13 -44.85 -36.11
CA VAL E 83 37.92 -44.75 -37.32
C VAL E 83 37.17 -45.34 -38.51
N SER E 84 36.26 -46.27 -38.27
CA SER E 84 35.39 -46.76 -39.33
C SER E 84 34.47 -45.66 -39.83
N MET E 85 33.95 -44.83 -38.93
CA MET E 85 33.08 -43.75 -39.33
C MET E 85 33.85 -42.63 -40.02
N LEU E 86 35.11 -42.43 -39.64
CA LEU E 86 35.87 -41.30 -40.15
C LEU E 86 36.31 -41.50 -41.59
N ILE E 87 36.35 -42.73 -42.07
CA ILE E 87 36.84 -43.01 -43.42
C ILE E 87 35.87 -42.45 -44.47
N PRO E 88 34.59 -42.84 -44.48
CA PRO E 88 33.68 -42.20 -45.45
C PRO E 88 33.54 -40.71 -45.24
N VAL E 89 33.52 -40.24 -43.99
CA VAL E 89 33.23 -38.85 -43.73
C VAL E 89 34.35 -37.95 -44.25
N LEU E 90 35.61 -38.37 -44.06
CA LEU E 90 36.72 -37.53 -44.48
C LEU E 90 36.99 -37.64 -45.97
N ILE E 91 36.88 -38.84 -46.55
CA ILE E 91 37.16 -39.00 -47.97
C ILE E 91 36.10 -38.28 -48.80
N ILE E 92 34.83 -38.47 -48.47
CA ILE E 92 33.77 -37.84 -49.24
C ILE E 92 33.79 -36.33 -49.05
N SER E 93 34.12 -35.86 -47.84
CA SER E 93 34.26 -34.42 -47.65
C SER E 93 35.41 -33.84 -48.45
N SER E 94 36.52 -34.58 -48.57
CA SER E 94 37.61 -34.10 -49.40
C SER E 94 37.21 -34.06 -50.86
N LEU E 95 36.49 -35.06 -51.35
CA LEU E 95 36.06 -35.08 -52.74
C LEU E 95 34.92 -34.12 -53.01
N VAL E 96 34.18 -33.69 -51.99
CA VAL E 96 33.12 -32.73 -52.20
C VAL E 96 33.64 -31.29 -52.16
N HIS E 97 34.67 -31.03 -51.34
CA HIS E 97 35.38 -29.76 -51.46
C HIS E 97 35.95 -29.58 -52.86
N ILE E 98 36.61 -30.61 -53.37
CA ILE E 98 37.24 -30.53 -54.69
C ILE E 98 36.19 -30.33 -55.77
N TYR E 99 35.12 -31.12 -55.68
CA TYR E 99 34.06 -31.05 -56.67
C TYR E 99 33.41 -29.67 -56.68
N SER E 100 33.32 -29.03 -55.52
CA SER E 100 32.68 -27.73 -55.41
C SER E 100 33.49 -26.62 -56.08
N ILE E 101 34.81 -26.80 -56.19
CA ILE E 101 35.66 -25.81 -56.85
C ILE E 101 35.16 -25.55 -58.25
N SER E 102 34.68 -26.60 -58.88
CA SER E 102 34.15 -26.45 -60.25
C SER E 102 32.66 -26.18 -60.21
N TYR E 103 31.94 -26.88 -59.36
CA TYR E 103 30.48 -26.83 -59.40
C TYR E 103 29.94 -25.44 -59.10
N MET E 104 30.55 -24.74 -58.15
CA MET E 104 30.04 -23.44 -57.72
C MET E 104 30.93 -22.31 -58.22
N SER E 105 31.67 -22.56 -59.30
CA SER E 105 32.61 -21.58 -59.84
C SER E 105 31.95 -20.25 -60.19
N SER E 106 30.68 -20.28 -60.56
CA SER E 106 29.97 -19.06 -60.94
C SER E 106 29.11 -18.49 -59.81
N ASP E 107 29.11 -19.11 -58.64
CA ASP E 107 28.38 -18.56 -57.52
C ASP E 107 29.11 -17.35 -56.95
N PRO E 108 28.39 -16.32 -56.51
CA PRO E 108 29.05 -15.14 -55.94
C PRO E 108 29.51 -15.28 -54.50
N HIS E 109 29.34 -16.42 -53.84
CA HIS E 109 29.61 -16.49 -52.41
C HIS E 109 30.42 -17.74 -52.09
N ASN E 110 31.52 -17.94 -52.82
CA ASN E 110 32.31 -19.14 -52.68
C ASN E 110 32.97 -19.27 -51.30
N GLN E 111 33.42 -18.16 -50.71
CA GLN E 111 34.11 -18.23 -49.44
C GLN E 111 33.18 -18.76 -48.35
N ARG E 112 31.97 -18.21 -48.27
CA ARG E 112 31.02 -18.65 -47.26
C ARG E 112 30.64 -20.10 -47.47
N PHE E 113 30.50 -20.53 -48.71
CA PHE E 113 30.12 -21.90 -49.01
C PHE E 113 31.19 -22.90 -48.55
N PHE E 114 32.46 -22.60 -48.83
CA PHE E 114 33.52 -23.49 -48.41
C PHE E 114 33.78 -23.43 -46.92
N SER E 115 33.50 -22.30 -46.28
CA SER E 115 33.54 -22.26 -44.82
C SER E 115 32.50 -23.19 -44.22
N TYR E 116 31.28 -23.20 -44.78
CA TYR E 116 30.23 -24.09 -44.29
C TYR E 116 30.60 -25.54 -44.51
N LEU E 117 31.19 -25.84 -45.67
CA LEU E 117 31.61 -27.21 -45.99
C LEU E 117 32.64 -27.73 -45.00
N SER E 118 33.58 -26.89 -44.60
CA SER E 118 34.63 -27.30 -43.64
C SER E 118 34.11 -27.31 -42.20
N LEU E 119 33.16 -26.43 -41.87
CA LEU E 119 32.58 -26.42 -40.54
C LEU E 119 31.70 -27.64 -40.29
N PHE E 120 31.00 -28.11 -41.31
CA PHE E 120 30.24 -29.34 -41.19
C PHE E 120 31.14 -30.53 -40.91
N THR E 121 32.27 -30.60 -41.62
CA THR E 121 33.20 -31.71 -41.44
C THR E 121 33.71 -31.75 -40.01
N PHE E 122 33.96 -30.59 -39.42
CA PHE E 122 34.46 -30.52 -38.06
C PHE E 122 33.41 -30.97 -37.05
N MET E 123 32.15 -30.63 -37.28
CA MET E 123 31.10 -31.04 -36.36
C MET E 123 30.83 -32.53 -36.44
N MET E 124 30.91 -33.09 -37.64
CA MET E 124 30.77 -34.53 -37.82
C MET E 124 31.87 -35.29 -37.08
N ILE E 125 33.10 -34.80 -37.18
CA ILE E 125 34.23 -35.43 -36.51
C ILE E 125 34.06 -35.36 -35.00
N ILE E 126 33.63 -34.21 -34.49
CA ILE E 126 33.35 -34.08 -33.07
C ILE E 126 32.32 -35.11 -32.64
N LEU E 127 31.30 -35.30 -33.47
CA LEU E 127 30.19 -36.18 -33.13
C LEU E 127 30.65 -37.62 -32.95
N VAL E 128 31.59 -38.07 -33.78
CA VAL E 128 32.01 -39.47 -33.72
C VAL E 128 33.24 -39.69 -32.85
N THR E 129 34.01 -38.64 -32.54
CA THR E 129 35.20 -38.79 -31.71
C THR E 129 34.95 -38.53 -30.23
N ALA E 130 33.81 -37.94 -29.88
CA ALA E 130 33.53 -37.63 -28.48
C ALA E 130 33.40 -38.92 -27.66
N ASN E 131 33.88 -38.87 -26.41
CA ASN E 131 33.83 -40.04 -25.53
C ASN E 131 32.66 -40.03 -24.56
N ASN E 132 31.70 -39.13 -24.72
CA ASN E 132 30.56 -39.03 -23.83
C ASN E 132 29.36 -38.54 -24.64
N TYR E 133 28.15 -38.80 -24.15
CA TYR E 133 26.89 -38.47 -24.87
C TYR E 133 26.68 -36.98 -25.18
N LEU E 134 26.98 -36.11 -24.22
CA LEU E 134 26.77 -34.65 -24.35
C LEU E 134 27.69 -34.00 -25.39
N LEU E 135 28.97 -34.39 -25.43
CA LEU E 135 29.92 -33.85 -26.42
C LEU E 135 29.50 -34.31 -27.81
N MET E 136 28.98 -35.53 -27.89
CA MET E 136 28.42 -36.01 -29.15
C MET E 136 27.24 -35.10 -29.53
N PHE E 137 26.42 -34.72 -28.55
CA PHE E 137 25.24 -33.85 -28.79
C PHE E 137 25.68 -32.52 -29.37
N VAL E 138 26.88 -32.06 -29.01
CA VAL E 138 27.40 -30.81 -29.59
C VAL E 138 27.58 -31.04 -31.08
N GLY E 139 28.26 -32.11 -31.47
CA GLY E 139 28.38 -32.36 -32.89
C GLY E 139 27.05 -32.72 -33.53
N TRP E 140 26.13 -33.27 -32.74
CA TRP E 140 24.79 -33.55 -33.22
C TRP E 140 24.07 -32.27 -33.60
N GLU E 141 24.14 -31.25 -32.74
CA GLU E 141 23.60 -29.94 -33.07
C GLU E 141 24.50 -29.19 -34.02
N GLY E 142 25.80 -29.42 -33.92
CA GLY E 142 26.73 -28.77 -34.83
C GLY E 142 26.41 -29.11 -36.28
N VAL E 143 26.18 -30.38 -36.57
CA VAL E 143 25.85 -30.75 -37.94
C VAL E 143 24.47 -30.23 -38.32
N GLY E 144 23.56 -30.13 -37.34
CA GLY E 144 22.24 -29.59 -37.61
C GLY E 144 22.27 -28.12 -37.95
N VAL E 145 23.09 -27.34 -37.23
CA VAL E 145 23.23 -25.93 -37.57
C VAL E 145 23.89 -25.77 -38.93
N CYS E 146 24.93 -26.57 -39.20
CA CYS E 146 25.58 -26.49 -40.50
C CYS E 146 24.65 -26.91 -41.62
N SER E 147 23.79 -27.90 -41.35
CA SER E 147 22.82 -28.32 -42.34
C SER E 147 21.80 -27.22 -42.63
N TYR E 148 21.36 -26.51 -41.59
CA TYR E 148 20.43 -25.42 -41.80
C TYR E 148 21.06 -24.30 -42.62
N LEU E 149 22.33 -23.96 -42.34
CA LEU E 149 23.00 -22.91 -43.08
C LEU E 149 23.20 -23.31 -44.54
N LEU E 150 23.47 -24.59 -44.81
CA LEU E 150 23.77 -24.99 -46.17
C LEU E 150 22.51 -25.21 -46.99
N VAL E 151 21.41 -25.60 -46.35
CA VAL E 151 20.14 -25.71 -47.07
C VAL E 151 19.61 -24.34 -47.44
N SER E 152 19.84 -23.34 -46.59
CA SER E 152 19.39 -21.98 -46.84
C SER E 152 20.44 -21.12 -47.50
N PHE E 153 21.47 -21.73 -48.11
CA PHE E 153 22.62 -20.97 -48.56
C PHE E 153 22.21 -19.89 -49.57
N TRP E 154 21.36 -20.25 -50.53
CA TRP E 154 20.73 -19.30 -51.43
C TRP E 154 19.52 -18.73 -50.71
N PHE E 155 19.76 -17.75 -49.85
CA PHE E 155 18.77 -17.38 -48.86
C PHE E 155 17.72 -16.38 -49.35
N THR E 156 17.86 -15.87 -50.57
CA THR E 156 16.81 -15.00 -51.12
C THR E 156 15.65 -15.79 -51.69
N ARG E 157 15.73 -17.12 -51.71
CA ARG E 157 14.70 -17.98 -52.25
C ARG E 157 13.81 -18.48 -51.12
N ILE E 158 12.50 -18.19 -51.22
CA ILE E 158 11.57 -18.44 -50.13
C ILE E 158 11.47 -19.93 -49.83
N ALA E 159 11.42 -20.76 -50.87
CA ALA E 159 11.27 -22.20 -50.68
C ALA E 159 12.48 -22.80 -49.96
N ALA E 160 13.67 -22.26 -50.18
CA ALA E 160 14.83 -22.71 -49.44
C ALA E 160 14.80 -22.21 -47.99
N ASN E 161 14.09 -21.12 -47.72
CA ASN E 161 13.85 -20.71 -46.35
C ASN E 161 12.94 -21.68 -45.63
N GLN E 162 11.88 -22.11 -46.30
CA GLN E 162 10.95 -23.07 -45.70
C GLN E 162 11.63 -24.40 -45.43
N SER E 163 12.50 -24.82 -46.35
CA SER E 163 13.20 -26.09 -46.19
C SER E 163 14.18 -26.03 -45.02
N SER E 164 14.87 -24.90 -44.86
CA SER E 164 15.85 -24.81 -43.79
C SER E 164 15.19 -24.81 -42.43
N ILE E 165 14.01 -24.20 -42.31
CA ILE E 165 13.26 -24.26 -41.07
C ILE E 165 12.81 -25.68 -40.80
N SER E 166 12.36 -26.38 -41.83
CA SER E 166 11.92 -27.76 -41.66
C SER E 166 13.05 -28.65 -41.14
N ALA E 167 14.25 -28.50 -41.70
CA ALA E 167 15.35 -29.32 -41.24
C ALA E 167 15.77 -28.96 -39.82
N PHE E 168 15.81 -27.66 -39.50
CA PHE E 168 16.18 -27.25 -38.16
C PHE E 168 15.14 -27.72 -37.14
N LEU E 169 13.85 -27.52 -37.42
CA LEU E 169 12.83 -27.84 -36.43
C LEU E 169 12.58 -29.34 -36.30
N THR E 170 12.51 -30.06 -37.41
CA THR E 170 12.27 -31.50 -37.33
C THR E 170 13.37 -32.20 -36.55
N ASN E 171 14.62 -31.81 -36.81
CA ASN E 171 15.73 -32.40 -36.07
C ASN E 171 15.69 -32.00 -34.60
N ARG E 172 15.22 -30.78 -34.31
CA ARG E 172 15.06 -30.37 -32.92
C ARG E 172 14.01 -31.19 -32.19
N VAL E 173 13.00 -31.70 -32.91
CA VAL E 173 12.05 -32.61 -32.29
C VAL E 173 12.78 -33.87 -31.81
N GLY E 174 13.67 -34.41 -32.65
CA GLY E 174 14.47 -35.53 -32.22
C GLY E 174 15.52 -35.17 -31.19
N ASP E 175 15.97 -33.92 -31.18
CA ASP E 175 16.91 -33.46 -30.17
C ASP E 175 16.28 -33.46 -28.79
N CYS E 176 14.99 -33.11 -28.72
CA CYS E 176 14.29 -33.10 -27.44
C CYS E 176 14.21 -34.51 -26.84
N PHE E 177 13.96 -35.52 -27.67
CA PHE E 177 13.95 -36.89 -27.18
C PHE E 177 15.36 -37.35 -26.82
N LEU E 178 16.38 -36.96 -27.56
CA LEU E 178 17.76 -37.35 -27.20
C LEU E 178 18.18 -36.71 -25.86
N THR E 179 17.67 -35.53 -25.56
CA THR E 179 18.02 -34.81 -24.33
C THR E 179 17.41 -35.52 -23.12
N VAL E 180 16.16 -35.94 -23.25
CA VAL E 180 15.46 -36.66 -22.15
C VAL E 180 16.19 -37.99 -21.92
N GLY E 181 16.60 -38.68 -22.99
CA GLY E 181 17.37 -39.92 -22.86
C GLY E 181 18.68 -39.69 -22.16
N MET E 182 19.41 -38.64 -22.52
CA MET E 182 20.62 -38.26 -21.76
C MET E 182 20.25 -37.98 -20.30
N PHE E 183 19.13 -37.28 -20.04
CA PHE E 183 18.65 -36.99 -18.67
C PHE E 183 18.38 -38.31 -17.94
N ALA E 184 17.81 -39.28 -18.65
CA ALA E 184 17.56 -40.58 -18.03
C ALA E 184 18.85 -41.33 -17.74
N ILE E 185 19.87 -41.18 -18.60
CA ILE E 185 21.16 -41.79 -18.31
C ILE E 185 21.81 -41.13 -17.11
N LEU E 186 21.79 -39.79 -17.07
CA LEU E 186 22.35 -39.07 -15.93
C LEU E 186 21.65 -39.46 -14.65
N TRP E 187 20.33 -39.56 -14.69
CA TRP E 187 19.55 -39.86 -13.50
C TRP E 187 19.90 -41.25 -12.95
N SER E 188 20.08 -42.23 -13.83
CA SER E 188 20.33 -43.59 -13.38
C SER E 188 21.80 -43.88 -13.08
N LEU E 189 22.73 -43.34 -13.87
CA LEU E 189 24.13 -43.75 -13.77
C LEU E 189 25.08 -42.69 -13.25
N GLY E 190 24.62 -41.46 -13.06
CA GLY E 190 25.44 -40.43 -12.48
C GLY E 190 26.26 -39.62 -13.46
N ASN E 191 26.45 -40.08 -14.68
CA ASN E 191 27.05 -39.27 -15.74
C ASN E 191 26.87 -40.00 -17.06
N LEU E 192 27.41 -39.37 -18.12
CA LEU E 192 27.16 -39.85 -19.49
C LEU E 192 28.41 -40.14 -20.33
N ASP E 193 29.56 -40.43 -19.72
CA ASP E 193 30.70 -40.88 -20.52
C ASP E 193 30.47 -42.33 -20.96
N TYR E 194 30.98 -42.66 -22.14
CA TYR E 194 30.63 -43.92 -22.78
C TYR E 194 31.04 -45.11 -21.93
N ALA E 195 32.26 -45.09 -21.39
CA ALA E 195 32.77 -46.22 -20.63
C ALA E 195 31.88 -46.54 -19.44
N THR E 196 31.47 -45.52 -18.69
CA THR E 196 30.59 -45.74 -17.54
C THR E 196 29.27 -46.37 -17.96
N VAL E 197 28.61 -45.79 -18.96
CA VAL E 197 27.30 -46.29 -19.38
C VAL E 197 27.41 -47.74 -19.84
N PHE E 198 28.42 -48.05 -20.64
CA PHE E 198 28.54 -49.37 -21.22
C PHE E 198 29.04 -50.41 -20.21
N SER E 199 29.74 -49.97 -19.17
CA SER E 199 30.16 -50.90 -18.13
C SER E 199 29.02 -51.27 -17.20
N LEU E 200 28.04 -50.39 -17.02
CA LEU E 200 26.95 -50.63 -16.09
C LEU E 200 25.67 -51.11 -16.77
N ALA E 201 25.61 -51.07 -18.10
CA ALA E 201 24.39 -51.43 -18.82
C ALA E 201 23.84 -52.82 -18.49
N PRO E 202 24.63 -53.89 -18.38
CA PRO E 202 24.03 -55.20 -18.10
C PRO E 202 23.26 -55.28 -16.79
N TYR E 203 23.50 -54.37 -15.85
CA TYR E 203 22.97 -54.48 -14.51
C TYR E 203 21.80 -53.55 -14.21
N ILE E 204 21.62 -52.52 -15.03
CA ILE E 204 20.58 -51.52 -14.71
C ILE E 204 19.18 -52.08 -14.94
N ASN E 205 18.19 -51.46 -14.31
CA ASN E 205 16.81 -51.88 -14.43
C ASN E 205 16.37 -51.94 -15.89
N SER E 206 15.72 -53.05 -16.26
CA SER E 206 15.37 -53.28 -17.66
C SER E 206 14.38 -52.25 -18.18
N ASN E 207 13.50 -51.74 -17.30
CA ASN E 207 12.61 -50.68 -17.73
C ASN E 207 13.37 -49.38 -17.97
N VAL E 208 14.45 -49.14 -17.22
CA VAL E 208 15.28 -47.96 -17.45
C VAL E 208 15.94 -48.03 -18.83
N VAL E 209 16.41 -49.22 -19.21
CA VAL E 209 17.02 -49.40 -20.51
C VAL E 209 16.03 -49.10 -21.63
N ILE E 210 14.76 -49.46 -21.44
CA ILE E 210 13.76 -49.17 -22.44
C ILE E 210 13.55 -47.67 -22.59
N ILE E 211 13.44 -46.96 -21.46
CA ILE E 211 13.22 -45.51 -21.52
C ILE E 211 14.36 -44.83 -22.26
N ILE E 212 15.59 -45.16 -21.90
CA ILE E 212 16.75 -44.59 -22.58
C ILE E 212 16.78 -45.03 -24.04
N GLY E 213 16.53 -46.31 -24.29
CA GLY E 213 16.64 -46.83 -25.64
C GLY E 213 15.62 -46.23 -26.59
N ILE E 214 14.36 -46.15 -26.16
CA ILE E 214 13.34 -45.53 -26.98
C ILE E 214 13.65 -44.07 -27.21
N CYS E 215 14.14 -43.39 -26.17
CA CYS E 215 14.48 -41.97 -26.31
C CYS E 215 15.56 -41.77 -27.35
N LEU E 216 16.61 -42.59 -27.34
CA LEU E 216 17.67 -42.37 -28.31
C LEU E 216 17.31 -42.95 -29.66
N LEU E 217 16.31 -43.83 -29.72
CA LEU E 217 15.80 -44.27 -31.01
C LEU E 217 15.04 -43.15 -31.73
N ILE E 218 14.26 -42.37 -30.99
CA ILE E 218 13.49 -41.31 -31.62
C ILE E 218 14.41 -40.21 -32.14
N GLY E 219 15.46 -39.89 -31.38
CA GLY E 219 16.45 -38.98 -31.89
C GLY E 219 17.13 -39.51 -33.13
N ALA E 220 17.42 -40.81 -33.15
CA ALA E 220 18.02 -41.42 -34.34
C ALA E 220 17.07 -41.34 -35.53
N MET E 221 15.76 -41.48 -35.28
CA MET E 221 14.79 -41.41 -36.36
C MET E 221 14.85 -40.07 -37.09
N ALA E 222 14.94 -38.98 -36.35
CA ALA E 222 14.95 -37.66 -36.97
C ALA E 222 16.21 -37.43 -37.78
N LYS E 223 17.37 -37.74 -37.21
CA LYS E 223 18.66 -37.49 -37.92
C LYS E 223 18.84 -38.44 -39.10
N SER E 224 18.31 -39.66 -39.00
CA SER E 224 18.40 -40.61 -40.10
C SER E 224 17.10 -40.72 -40.89
N SER E 225 16.17 -39.79 -40.68
CA SER E 225 15.00 -39.62 -41.53
C SER E 225 14.22 -40.92 -41.71
N GLN E 226 13.79 -41.48 -40.59
CA GLN E 226 12.88 -42.62 -40.60
C GLN E 226 11.44 -42.12 -40.57
N VAL E 227 10.52 -43.03 -40.90
CA VAL E 227 9.18 -42.66 -41.37
C VAL E 227 8.49 -41.62 -40.48
N GLY E 228 8.72 -41.66 -39.18
CA GLY E 228 8.08 -40.68 -38.31
C GLY E 228 8.55 -39.26 -38.58
N LEU E 229 9.87 -39.08 -38.68
CA LEU E 229 10.50 -37.76 -38.68
C LEU E 229 11.38 -37.61 -39.91
N HIS E 230 10.84 -38.00 -41.05
CA HIS E 230 11.58 -38.11 -42.29
C HIS E 230 11.44 -36.90 -43.20
N VAL E 231 10.39 -36.09 -43.02
CA VAL E 231 9.96 -35.16 -44.05
C VAL E 231 11.01 -34.11 -44.36
N TRP E 232 11.90 -33.81 -43.41
CA TRP E 232 12.88 -32.76 -43.64
C TRP E 232 13.86 -33.14 -44.75
N LEU E 233 14.31 -34.40 -44.78
CA LEU E 233 15.40 -34.77 -45.68
C LEU E 233 15.06 -34.58 -47.14
N PRO E 234 13.89 -35.00 -47.65
CA PRO E 234 13.56 -34.65 -49.04
C PRO E 234 13.54 -33.15 -49.28
N MET E 235 13.05 -32.36 -48.33
CA MET E 235 13.03 -30.92 -48.51
C MET E 235 14.44 -30.33 -48.45
N ALA E 236 15.40 -31.05 -47.90
CA ALA E 236 16.77 -30.57 -47.81
C ALA E 236 17.47 -30.54 -49.15
N MET E 237 16.88 -31.11 -50.20
CA MET E 237 17.42 -31.06 -51.54
C MET E 237 17.41 -29.67 -52.15
N GLU E 238 16.97 -28.66 -51.41
CA GLU E 238 16.95 -27.29 -51.88
C GLU E 238 18.31 -26.63 -51.85
N GLY E 239 19.27 -27.20 -51.15
CA GLY E 239 20.61 -26.67 -51.12
C GLY E 239 21.35 -26.99 -52.39
N PRO E 240 22.54 -26.40 -52.54
CA PRO E 240 23.39 -26.73 -53.68
C PRO E 240 23.76 -28.20 -53.68
N THR E 241 23.99 -28.75 -54.87
CA THR E 241 24.12 -30.19 -55.04
C THR E 241 25.23 -30.81 -54.21
N PRO E 242 26.45 -30.25 -54.14
CA PRO E 242 27.48 -30.89 -53.31
C PRO E 242 27.10 -30.98 -51.84
N VAL E 243 26.16 -30.16 -51.38
CA VAL E 243 25.65 -30.31 -50.02
C VAL E 243 24.85 -31.60 -49.88
N SER E 244 24.01 -31.91 -50.88
CA SER E 244 23.21 -33.12 -50.80
C SER E 244 24.09 -34.36 -50.75
N ALA E 245 25.12 -34.41 -51.59
CA ALA E 245 26.00 -35.57 -51.60
C ALA E 245 26.73 -35.73 -50.28
N LEU E 246 27.23 -34.62 -49.72
CA LEU E 246 28.03 -34.71 -48.52
C LEU E 246 27.17 -34.85 -47.27
N ILE E 247 26.26 -33.91 -47.05
CA ILE E 247 25.58 -33.79 -45.76
C ILE E 247 24.38 -34.72 -45.67
N HIS E 248 23.53 -34.67 -46.69
CA HIS E 248 22.21 -35.38 -46.59
C HIS E 248 22.18 -36.78 -47.22
N ALA E 249 23.30 -37.26 -47.71
CA ALA E 249 23.33 -38.59 -48.29
C ALA E 249 24.36 -39.51 -47.66
N ALA E 250 25.53 -38.97 -47.29
CA ALA E 250 26.66 -39.81 -46.93
C ALA E 250 27.04 -39.73 -45.46
N THR E 251 27.02 -38.55 -44.85
CA THR E 251 27.62 -38.41 -43.53
C THR E 251 26.61 -38.04 -42.44
N MET E 252 25.89 -36.92 -42.56
CA MET E 252 25.04 -36.50 -41.45
C MET E 252 23.80 -37.36 -41.30
N VAL E 253 23.25 -37.87 -42.41
CA VAL E 253 22.11 -38.76 -42.32
C VAL E 253 22.46 -40.04 -41.58
N THR E 254 23.75 -40.36 -41.50
CA THR E 254 24.22 -41.55 -40.81
C THR E 254 24.50 -41.33 -39.32
N ALA E 255 24.28 -40.11 -38.81
CA ALA E 255 24.53 -39.85 -37.39
C ALA E 255 23.56 -40.61 -36.51
N GLY E 256 22.30 -40.74 -36.93
CA GLY E 256 21.36 -41.55 -36.17
C GLY E 256 21.78 -43.01 -36.13
N VAL E 257 22.25 -43.53 -37.27
CA VAL E 257 22.78 -44.89 -37.30
C VAL E 257 24.00 -45.01 -36.40
N TYR E 258 24.86 -43.99 -36.41
CA TYR E 258 26.02 -44.02 -35.53
C TYR E 258 25.61 -44.03 -34.06
N LEU E 259 24.57 -43.26 -33.72
CA LEU E 259 24.12 -43.20 -32.34
C LEU E 259 23.69 -44.57 -31.83
N LEU E 260 22.99 -45.35 -32.65
CA LEU E 260 22.52 -46.66 -32.21
C LEU E 260 23.67 -47.67 -32.12
N MET E 261 24.61 -47.59 -33.06
CA MET E 261 25.75 -48.52 -33.03
C MET E 261 26.68 -48.22 -31.87
N ARG E 262 26.93 -46.93 -31.59
CA ARG E 262 27.75 -46.59 -30.45
C ARG E 262 27.05 -46.97 -29.15
N SER E 263 25.72 -46.92 -29.13
CA SER E 263 24.94 -47.32 -27.98
C SER E 263 24.66 -48.81 -27.94
N SER E 264 25.22 -49.59 -28.86
CA SER E 264 24.98 -51.03 -28.88
C SER E 264 25.26 -51.74 -27.55
N PRO E 265 26.31 -51.40 -26.78
CA PRO E 265 26.48 -52.07 -25.49
C PRO E 265 25.31 -51.84 -24.53
N LEU E 266 24.58 -50.75 -24.66
CA LEU E 266 23.42 -50.53 -23.83
C LEU E 266 22.15 -51.15 -24.42
N ILE E 267 21.83 -50.83 -25.68
CA ILE E 267 20.57 -51.26 -26.26
C ILE E 267 20.55 -52.75 -26.61
N GLU E 268 21.68 -53.44 -26.51
CA GLU E 268 21.67 -54.89 -26.65
C GLU E 268 20.88 -55.54 -25.53
N TYR E 269 20.84 -54.91 -24.35
CA TYR E 269 20.10 -55.42 -23.21
C TYR E 269 18.65 -54.96 -23.21
N SER E 270 18.10 -54.61 -24.36
CA SER E 270 16.69 -54.28 -24.50
C SER E 270 16.18 -54.83 -25.82
N SER E 271 15.46 -55.95 -25.75
CA SER E 271 14.84 -56.50 -26.95
C SER E 271 13.72 -55.61 -27.46
N THR E 272 13.09 -54.84 -26.58
CA THR E 272 12.03 -53.93 -27.01
C THR E 272 12.57 -52.90 -28.00
N VAL E 273 13.66 -52.23 -27.66
CA VAL E 273 14.23 -51.23 -28.55
C VAL E 273 14.75 -51.86 -29.82
N LEU E 274 15.30 -53.08 -29.72
CA LEU E 274 15.77 -53.78 -30.91
C LEU E 274 14.61 -54.10 -31.85
N LEU E 275 13.49 -54.56 -31.29
CA LEU E 275 12.35 -54.92 -32.12
C LEU E 275 11.72 -53.68 -32.76
N LEU E 276 11.71 -52.57 -32.03
CA LEU E 276 11.22 -51.32 -32.62
C LEU E 276 12.18 -50.81 -33.68
N CYS E 277 13.48 -50.98 -33.48
CA CYS E 277 14.45 -50.66 -34.53
C CYS E 277 14.21 -51.50 -35.77
N LEU E 278 13.90 -52.78 -35.56
CA LEU E 278 13.79 -53.74 -36.65
C LEU E 278 12.64 -53.39 -37.58
N TRP E 279 11.47 -53.06 -37.02
CA TRP E 279 10.30 -52.76 -37.84
C TRP E 279 10.37 -51.36 -38.41
N LEU E 280 10.88 -50.41 -37.62
CA LEU E 280 11.03 -49.04 -38.08
C LEU E 280 11.92 -48.97 -39.32
N GLY E 281 13.00 -49.74 -39.34
CA GLY E 281 13.85 -49.78 -40.52
C GLY E 281 13.13 -50.35 -41.74
N ALA E 282 12.35 -51.42 -41.54
CA ALA E 282 11.62 -52.03 -42.64
C ALA E 282 10.58 -51.08 -43.23
N ILE E 283 9.85 -50.38 -42.36
CA ILE E 283 8.83 -49.45 -42.85
C ILE E 283 9.49 -48.38 -43.71
N THR E 284 10.59 -47.82 -43.21
CA THR E 284 11.30 -46.77 -43.91
C THR E 284 11.79 -47.23 -45.27
N THR E 285 12.14 -48.51 -45.39
CA THR E 285 12.62 -49.04 -46.69
C THR E 285 11.50 -48.97 -47.74
N VAL E 286 10.36 -49.55 -47.44
CA VAL E 286 9.29 -49.59 -48.44
C VAL E 286 8.66 -48.22 -48.61
N PHE E 287 8.54 -47.46 -47.51
CA PHE E 287 7.89 -46.16 -47.56
C PHE E 287 8.56 -45.24 -48.56
N SER E 288 9.88 -45.13 -48.48
CA SER E 288 10.62 -44.24 -49.37
C SER E 288 10.79 -44.82 -50.75
N SER E 289 11.02 -46.15 -50.84
CA SER E 289 11.18 -46.81 -52.16
C SER E 289 9.92 -46.59 -53.00
N LEU E 290 8.75 -46.70 -52.42
CA LEU E 290 7.51 -46.45 -53.15
C LEU E 290 7.46 -45.00 -53.61
N ILE E 291 7.78 -44.06 -52.72
CA ILE E 291 7.67 -42.65 -53.02
C ILE E 291 8.63 -42.25 -54.13
N GLY E 292 9.85 -42.79 -54.08
CA GLY E 292 10.87 -42.37 -55.03
C GLY E 292 10.58 -42.74 -56.47
N LEU E 293 9.81 -43.80 -56.70
CA LEU E 293 9.46 -44.17 -58.06
C LEU E 293 8.54 -43.15 -58.72
N PHE E 294 7.81 -42.38 -57.93
CA PHE E 294 6.84 -41.43 -58.46
C PHE E 294 7.31 -39.98 -58.31
N GLN E 295 8.61 -39.77 -58.21
CA GLN E 295 9.16 -38.43 -58.12
C GLN E 295 9.59 -37.95 -59.50
N GLN E 296 9.40 -36.65 -59.75
CA GLN E 296 9.76 -36.06 -61.03
C GLN E 296 11.13 -35.39 -61.03
N ASP E 297 11.65 -35.07 -59.86
CA ASP E 297 12.97 -34.42 -59.74
C ASP E 297 14.04 -35.47 -59.44
N ILE E 298 15.20 -35.35 -60.08
CA ILE E 298 16.23 -36.37 -59.94
C ILE E 298 16.82 -36.36 -58.53
N LYS E 299 17.02 -35.17 -57.95
CA LYS E 299 17.51 -35.11 -56.58
C LYS E 299 16.49 -35.67 -55.60
N LYS E 300 15.20 -35.51 -55.87
CA LYS E 300 14.19 -36.06 -54.97
C LYS E 300 14.16 -37.57 -55.04
N VAL E 301 14.38 -38.16 -56.21
CA VAL E 301 14.47 -39.61 -56.29
C VAL E 301 15.66 -40.11 -55.48
N ILE E 302 16.81 -39.46 -55.66
CA ILE E 302 18.02 -39.88 -54.95
C ILE E 302 17.87 -39.69 -53.44
N ALA E 303 17.14 -38.66 -53.02
CA ALA E 303 16.94 -38.44 -51.59
C ALA E 303 16.10 -39.55 -50.97
N TYR E 304 15.07 -40.00 -51.68
CA TYR E 304 14.28 -41.11 -51.18
C TYR E 304 15.02 -42.43 -51.25
N SER E 305 16.04 -42.54 -52.11
CA SER E 305 16.86 -43.75 -52.11
C SER E 305 17.84 -43.75 -50.94
N THR E 306 18.29 -42.58 -50.49
CA THR E 306 19.07 -42.51 -49.27
C THR E 306 18.24 -42.93 -48.07
N MET E 307 16.92 -42.41 -48.11
CA MET E 307 16.06 -42.75 -46.96
C MET E 307 15.84 -44.28 -46.91
N SER E 308 15.80 -44.96 -47.98
CA SER E 308 15.54 -46.38 -48.01
C SER E 308 16.76 -47.20 -47.62
N GLN E 309 17.95 -46.69 -47.89
CA GLN E 309 19.16 -47.37 -47.45
C GLN E 309 19.41 -47.15 -45.96
N LEU E 310 19.11 -45.96 -45.45
CA LEU E 310 19.23 -45.72 -44.03
C LEU E 310 18.26 -46.58 -43.24
N GLY E 311 17.09 -46.86 -43.81
CA GLY E 311 16.18 -47.79 -43.18
C GLY E 311 16.75 -49.19 -43.13
N MET E 312 17.50 -49.58 -44.17
CA MET E 312 18.14 -50.89 -44.18
C MET E 312 19.16 -51.02 -43.06
N MET E 313 19.86 -49.92 -42.74
CA MET E 313 20.80 -49.93 -41.64
C MET E 313 20.08 -50.08 -40.31
N VAL E 314 19.02 -49.31 -40.11
CA VAL E 314 18.25 -49.40 -38.87
C VAL E 314 17.62 -50.77 -38.74
N LEU E 315 17.14 -51.32 -39.85
CA LEU E 315 16.66 -52.70 -39.88
C LEU E 315 17.75 -53.65 -39.40
N SER E 316 18.96 -53.50 -39.94
CA SER E 316 20.07 -54.35 -39.55
C SER E 316 20.40 -54.19 -38.08
N ILE E 317 20.33 -52.95 -37.57
CA ILE E 317 20.58 -52.70 -36.16
C ILE E 317 19.53 -53.41 -35.30
N GLY E 318 18.31 -53.56 -35.82
CA GLY E 318 17.28 -54.27 -35.10
C GLY E 318 17.45 -55.78 -35.06
N LEU E 319 18.36 -56.31 -35.88
CA LEU E 319 18.76 -57.71 -35.83
C LEU E 319 20.06 -57.91 -35.06
N SER E 320 20.44 -56.94 -34.24
CA SER E 320 21.68 -57.01 -33.44
C SER E 320 22.90 -57.22 -34.34
N SER E 321 22.91 -56.53 -35.47
CA SER E 321 23.90 -56.79 -36.52
C SER E 321 24.67 -55.53 -36.85
N TYR E 322 25.15 -54.85 -35.81
CA TYR E 322 25.71 -53.51 -35.95
C TYR E 322 26.89 -53.48 -36.91
N ASN E 323 27.65 -54.57 -36.97
CA ASN E 323 28.77 -54.62 -37.91
C ASN E 323 28.29 -54.56 -39.35
N ILE E 324 27.19 -55.25 -39.65
CA ILE E 324 26.60 -55.17 -40.98
C ILE E 324 25.92 -53.84 -41.20
N ALA E 325 25.35 -53.24 -40.15
CA ALA E 325 24.86 -51.87 -40.27
C ALA E 325 25.98 -50.90 -40.57
N LEU E 326 27.13 -51.06 -39.90
CA LEU E 326 28.27 -50.20 -40.16
C LEU E 326 28.84 -50.43 -41.56
N PHE E 327 28.89 -51.68 -42.01
CA PHE E 327 29.40 -51.99 -43.34
C PHE E 327 28.58 -51.30 -44.42
N HIS E 328 27.25 -51.39 -44.30
CA HIS E 328 26.38 -50.74 -45.27
C HIS E 328 26.51 -49.23 -45.22
N LEU E 329 26.65 -48.66 -44.01
CA LEU E 329 26.82 -47.22 -43.89
C LEU E 329 28.04 -46.74 -44.64
N VAL E 330 29.18 -47.41 -44.47
CA VAL E 330 30.40 -47.01 -45.15
C VAL E 330 30.26 -47.20 -46.66
N ASN E 331 29.74 -48.35 -47.08
CA ASN E 331 29.64 -48.64 -48.50
C ASN E 331 28.65 -47.71 -49.19
N HIS E 332 27.49 -47.48 -48.55
CA HIS E 332 26.47 -46.63 -49.15
C HIS E 332 26.98 -45.22 -49.33
N ALA E 333 27.78 -44.72 -48.38
CA ALA E 333 28.29 -43.36 -48.47
C ALA E 333 29.10 -43.15 -49.73
N PHE E 334 29.82 -44.18 -50.17
CA PHE E 334 30.63 -44.05 -51.38
C PHE E 334 29.77 -43.96 -52.63
N TYR E 335 28.92 -44.95 -52.88
CA TYR E 335 28.21 -44.97 -54.16
C TYR E 335 27.01 -44.05 -54.19
N LYS E 336 26.43 -43.69 -53.04
CA LYS E 336 25.33 -42.76 -53.04
C LYS E 336 25.81 -41.33 -53.24
N ALA E 337 27.00 -41.01 -52.74
CA ALA E 337 27.62 -39.74 -53.08
C ALA E 337 27.98 -39.67 -54.56
N LEU E 338 28.36 -40.81 -55.14
CA LEU E 338 28.65 -40.86 -56.57
C LEU E 338 27.41 -40.51 -57.38
N LEU E 339 26.27 -41.07 -57.01
CA LEU E 339 25.03 -40.75 -57.71
C LEU E 339 24.69 -39.27 -57.60
N PHE E 340 24.83 -38.69 -56.41
CA PHE E 340 24.51 -37.27 -56.25
C PHE E 340 25.44 -36.39 -57.07
N LEU E 341 26.73 -36.71 -57.08
CA LEU E 341 27.68 -35.91 -57.86
C LEU E 341 27.49 -36.14 -59.34
N GLY E 342 27.13 -37.36 -59.75
CA GLY E 342 26.79 -37.60 -61.14
C GLY E 342 25.53 -36.87 -61.56
N ALA E 343 24.53 -36.83 -60.68
CA ALA E 343 23.34 -36.05 -60.95
C ALA E 343 23.67 -34.58 -61.09
N GLY E 344 24.56 -34.07 -60.23
CA GLY E 344 24.98 -32.69 -60.34
C GLY E 344 25.63 -32.37 -61.66
N SER E 345 26.32 -33.36 -62.22
CA SER E 345 26.91 -33.20 -63.58
C SER E 345 25.81 -33.01 -64.61
N VAL E 346 24.72 -33.78 -64.51
CA VAL E 346 23.62 -33.66 -65.44
C VAL E 346 22.94 -32.30 -65.29
N ILE E 347 22.67 -31.91 -64.05
CA ILE E 347 21.97 -30.66 -63.80
C ILE E 347 22.79 -29.47 -64.29
N HIS E 348 24.12 -29.55 -64.17
CA HIS E 348 24.96 -28.53 -64.76
C HIS E 348 24.89 -28.57 -66.29
N ALA E 349 24.88 -29.78 -66.87
CA ALA E 349 24.97 -29.90 -68.32
C ALA E 349 23.74 -29.36 -69.03
N VAL E 350 22.58 -29.37 -68.39
CA VAL E 350 21.36 -28.97 -69.07
C VAL E 350 20.77 -27.73 -68.44
N ALA E 351 21.64 -26.85 -67.95
CA ALA E 351 21.24 -25.54 -67.45
C ALA E 351 20.24 -25.65 -66.32
N ASP E 352 20.60 -26.44 -65.31
CA ASP E 352 19.86 -26.45 -64.03
C ASP E 352 18.49 -27.09 -64.07
N ASN E 353 18.10 -27.68 -65.18
CA ASN E 353 16.87 -28.43 -65.16
C ASN E 353 17.04 -29.67 -64.31
N GLN E 354 16.00 -29.99 -63.54
CA GLN E 354 16.08 -31.13 -62.60
C GLN E 354 14.94 -32.13 -62.84
N ASP E 355 14.18 -31.94 -63.90
CA ASP E 355 12.96 -32.77 -64.11
C ASP E 355 13.20 -33.82 -65.18
N PHE E 356 12.93 -35.08 -64.82
CA PHE E 356 13.15 -36.17 -65.76
C PHE E 356 12.45 -35.91 -67.10
N ARG E 357 11.32 -35.21 -67.06
CA ARG E 357 10.49 -34.99 -68.23
C ARG E 357 11.17 -34.11 -69.29
N LYS E 358 12.30 -33.50 -68.97
CA LYS E 358 13.05 -32.68 -69.91
C LYS E 358 14.46 -33.23 -70.17
N PHE E 359 14.76 -34.44 -69.73
CA PHE E 359 16.01 -35.11 -70.09
C PHE E 359 15.76 -35.99 -71.32
N GLY E 360 16.68 -36.91 -71.59
CA GLY E 360 16.61 -37.78 -72.74
C GLY E 360 17.85 -37.57 -73.55
N GLY E 361 18.30 -38.54 -74.33
CA GLY E 361 19.59 -38.35 -74.98
C GLY E 361 20.67 -38.30 -73.92
N LEU E 362 21.66 -37.43 -74.14
CA LEU E 362 22.70 -37.18 -73.14
C LEU E 362 23.63 -38.37 -72.97
N ILE E 363 23.28 -39.52 -73.56
CA ILE E 363 24.11 -40.71 -73.43
C ILE E 363 25.42 -40.51 -74.16
N SER E 364 25.37 -39.90 -75.35
CA SER E 364 26.56 -39.51 -76.09
C SER E 364 27.09 -38.16 -75.66
N TYR E 365 26.33 -37.39 -74.90
CA TYR E 365 26.77 -36.08 -74.44
C TYR E 365 27.51 -36.14 -73.13
N LEU E 366 27.14 -37.07 -72.25
CA LEU E 366 27.78 -37.21 -70.95
C LEU E 366 28.19 -38.66 -70.73
N PRO E 367 29.09 -39.19 -71.58
CA PRO E 367 29.45 -40.60 -71.43
C PRO E 367 30.09 -40.94 -70.10
N LEU E 368 30.98 -40.10 -69.60
CA LEU E 368 31.60 -40.37 -68.31
C LEU E 368 30.56 -40.30 -67.19
N THR E 369 29.69 -39.31 -67.24
CA THR E 369 28.63 -39.21 -66.24
C THR E 369 27.73 -40.43 -66.27
N TYR E 370 27.37 -40.90 -67.47
CA TYR E 370 26.52 -42.08 -67.56
C TYR E 370 27.20 -43.31 -66.98
N SER E 371 28.48 -43.50 -67.30
CA SER E 371 29.19 -44.69 -66.84
C SER E 371 29.22 -44.79 -65.32
N VAL E 372 29.64 -43.71 -64.65
CA VAL E 372 29.73 -43.75 -63.19
C VAL E 372 28.34 -43.81 -62.56
N MET E 373 27.35 -43.16 -63.17
CA MET E 373 25.98 -43.27 -62.69
C MET E 373 25.45 -44.69 -62.86
N LEU E 374 25.88 -45.38 -63.91
CA LEU E 374 25.53 -46.79 -64.06
C LEU E 374 26.28 -47.64 -63.03
N ILE E 375 27.56 -47.36 -62.82
CA ILE E 375 28.34 -48.10 -61.82
C ILE E 375 27.73 -47.91 -60.44
N ALA E 376 27.38 -46.68 -60.09
CA ALA E 376 26.78 -46.43 -58.78
C ALA E 376 25.44 -47.14 -58.64
N SER E 377 24.65 -47.18 -59.71
CA SER E 377 23.33 -47.78 -59.63
C SER E 377 23.40 -49.29 -59.40
N LEU E 378 24.33 -49.97 -60.07
CA LEU E 378 24.49 -51.40 -59.81
C LEU E 378 24.95 -51.66 -58.39
N SER E 379 25.67 -50.73 -57.79
CA SER E 379 26.05 -50.89 -56.37
C SER E 379 24.84 -50.67 -55.48
N LEU E 380 23.97 -49.75 -55.88
CA LEU E 380 22.78 -49.49 -55.08
C LEU E 380 21.80 -50.67 -55.11
N VAL E 381 21.71 -51.37 -56.24
CA VAL E 381 20.75 -52.46 -56.36
C VAL E 381 21.40 -53.77 -55.93
N ALA E 382 22.60 -53.67 -55.34
CA ALA E 382 23.35 -54.83 -54.86
C ALA E 382 23.51 -55.87 -55.96
N PHE E 383 23.94 -55.39 -57.12
CA PHE E 383 24.31 -56.30 -58.19
C PHE E 383 25.50 -57.15 -57.75
N PRO E 384 25.55 -58.42 -58.10
CA PRO E 384 26.58 -59.32 -57.54
C PRO E 384 28.00 -58.79 -57.76
N PHE E 385 28.80 -58.87 -56.71
CA PHE E 385 30.21 -58.54 -56.66
C PHE E 385 30.49 -57.04 -56.80
N MET E 386 29.47 -56.21 -56.79
CA MET E 386 29.68 -54.79 -56.58
C MET E 386 29.83 -54.50 -55.10
N THR E 387 30.23 -53.26 -54.81
CA THR E 387 30.44 -52.86 -53.42
C THR E 387 29.16 -52.95 -52.60
N GLY E 388 28.04 -52.44 -53.13
CA GLY E 388 26.80 -52.52 -52.40
C GLY E 388 26.27 -53.94 -52.25
N PHE E 389 26.74 -54.86 -53.09
CA PHE E 389 26.30 -56.25 -53.00
C PHE E 389 26.66 -56.87 -51.67
N TYR E 390 27.87 -56.61 -51.18
CA TYR E 390 28.35 -57.27 -49.98
C TYR E 390 27.65 -56.78 -48.72
N SER E 391 27.10 -55.58 -48.73
CA SER E 391 26.44 -55.04 -47.54
C SER E 391 24.94 -55.31 -47.56
N LYS E 392 24.25 -54.82 -48.57
CA LYS E 392 22.78 -54.91 -48.57
C LYS E 392 22.32 -56.35 -48.55
N ASP E 393 22.89 -57.17 -49.42
CA ASP E 393 22.38 -58.53 -49.54
C ASP E 393 22.60 -59.31 -48.25
N PHE E 394 23.69 -59.05 -47.54
CA PHE E 394 23.89 -59.70 -46.26
C PHE E 394 22.84 -59.27 -45.24
N ILE E 395 22.44 -58.00 -45.29
CA ILE E 395 21.37 -57.52 -44.41
C ILE E 395 20.09 -58.31 -44.65
N LEU E 396 19.78 -58.57 -45.92
CA LEU E 396 18.56 -59.29 -46.25
C LEU E 396 18.59 -60.72 -45.72
N GLU E 397 19.64 -61.47 -46.03
CA GLU E 397 19.69 -62.86 -45.58
C GLU E 397 19.85 -62.94 -44.08
N SER E 398 20.43 -61.91 -43.47
CA SER E 398 20.49 -61.87 -42.01
C SER E 398 19.10 -61.74 -41.41
N ALA E 399 18.23 -60.96 -42.06
CA ALA E 399 16.84 -60.90 -41.62
C ALA E 399 16.20 -62.27 -41.69
N TYR E 400 16.41 -62.99 -42.78
CA TYR E 400 15.94 -64.37 -42.84
C TYR E 400 16.72 -65.26 -41.88
N GLY E 401 18.03 -65.03 -41.76
CA GLY E 401 18.87 -65.87 -40.91
C GLY E 401 18.47 -65.85 -39.45
N GLN E 402 17.80 -64.80 -39.00
CA GLN E 402 17.13 -64.79 -37.71
C GLN E 402 15.76 -65.41 -37.92
N PHE E 403 15.64 -66.70 -37.65
CA PHE E 403 14.44 -67.45 -37.98
C PHE E 403 13.33 -67.06 -36.99
N SER E 404 12.79 -65.88 -37.19
CA SER E 404 11.67 -65.36 -36.41
C SER E 404 10.66 -64.75 -37.36
N PHE E 405 9.42 -64.62 -36.89
CA PHE E 405 8.37 -64.07 -37.74
C PHE E 405 8.69 -62.63 -38.15
N SER E 406 9.15 -61.82 -37.20
CA SER E 406 9.54 -60.46 -37.54
C SER E 406 10.69 -60.46 -38.54
N GLY E 407 11.66 -61.33 -38.34
CA GLY E 407 12.78 -61.40 -39.27
C GLY E 407 12.37 -61.82 -40.65
N VAL E 408 11.44 -62.77 -40.74
CA VAL E 408 10.96 -63.19 -42.05
C VAL E 408 10.12 -62.09 -42.67
N ALA E 409 9.27 -61.45 -41.87
CA ALA E 409 8.41 -60.38 -42.38
C ALA E 409 9.23 -59.22 -42.94
N VAL E 410 10.29 -58.80 -42.23
CA VAL E 410 11.06 -57.67 -42.71
C VAL E 410 11.78 -58.05 -44.00
N TYR E 411 12.22 -59.31 -44.09
CA TYR E 411 12.83 -59.80 -45.33
C TYR E 411 11.90 -59.58 -46.51
N ILE E 412 10.64 -59.98 -46.38
CA ILE E 412 9.69 -59.77 -47.46
C ILE E 412 9.48 -58.28 -47.70
N ILE E 413 9.35 -57.51 -46.62
CA ILE E 413 9.14 -56.07 -46.76
C ILE E 413 10.32 -55.43 -47.48
N ALA E 414 11.53 -55.70 -47.00
CA ALA E 414 12.71 -55.12 -47.62
C ALA E 414 12.96 -55.66 -49.02
N THR E 415 12.36 -56.81 -49.35
CA THR E 415 12.50 -57.34 -50.74
C THR E 415 11.66 -56.49 -51.67
N ILE E 416 10.44 -56.15 -51.28
CA ILE E 416 9.61 -55.27 -52.09
C ILE E 416 10.26 -53.91 -52.24
N GLY E 417 10.86 -53.41 -51.16
CA GLY E 417 11.64 -52.19 -51.26
C GLY E 417 12.76 -52.32 -52.26
N ALA E 418 13.41 -53.48 -52.30
CA ALA E 418 14.46 -53.70 -53.28
C ALA E 418 13.90 -53.69 -54.70
N ILE E 419 12.69 -54.22 -54.88
CA ILE E 419 12.05 -54.17 -56.18
C ILE E 419 11.91 -52.73 -56.67
N PHE E 420 11.39 -51.86 -55.82
CA PHE E 420 11.20 -50.48 -56.27
C PHE E 420 12.49 -49.68 -56.32
N THR E 421 13.52 -50.10 -55.58
CA THR E 421 14.84 -49.50 -55.79
C THR E 421 15.29 -49.71 -57.22
N THR E 422 15.14 -50.94 -57.72
CA THR E 422 15.48 -51.23 -59.11
C THR E 422 14.63 -50.41 -60.07
N LEU E 423 13.34 -50.25 -59.75
CA LEU E 423 12.45 -49.50 -60.62
C LEU E 423 12.87 -48.05 -60.76
N TYR E 424 13.09 -47.35 -59.65
CA TYR E 424 13.49 -45.95 -59.80
C TYR E 424 14.95 -45.81 -60.20
N SER E 425 15.79 -46.82 -59.95
CA SER E 425 17.13 -46.81 -60.52
C SER E 425 17.08 -46.90 -62.03
N VAL E 426 16.22 -47.77 -62.56
CA VAL E 426 16.01 -47.80 -64.01
C VAL E 426 15.43 -46.47 -64.47
N LYS E 427 14.47 -45.92 -63.72
CA LYS E 427 13.82 -44.70 -64.11
C LYS E 427 14.82 -43.56 -64.29
N VAL E 428 15.82 -43.47 -63.42
CA VAL E 428 16.78 -42.38 -63.51
C VAL E 428 17.65 -42.55 -64.75
N LEU E 429 18.34 -43.68 -64.87
CA LEU E 429 19.31 -43.85 -65.94
C LEU E 429 18.64 -43.79 -67.31
N TYR E 430 17.47 -44.41 -67.45
CA TYR E 430 16.80 -44.40 -68.74
C TYR E 430 16.26 -43.02 -69.11
N LEU E 431 15.55 -42.37 -68.19
CA LEU E 431 14.96 -41.07 -68.49
C LEU E 431 16.01 -39.98 -68.68
N THR E 432 17.21 -40.18 -68.14
CA THR E 432 18.28 -39.21 -68.32
C THR E 432 19.11 -39.47 -69.56
N PHE E 433 19.44 -40.72 -69.82
CA PHE E 433 20.41 -41.07 -70.85
C PHE E 433 19.83 -41.90 -71.98
N LEU E 434 19.08 -42.96 -71.68
CA LEU E 434 18.75 -43.96 -72.68
C LEU E 434 17.54 -43.61 -73.54
N SER E 435 16.65 -42.74 -73.07
CA SER E 435 15.40 -42.47 -73.78
C SER E 435 15.63 -41.49 -74.93
N ASN E 436 14.55 -41.23 -75.67
CA ASN E 436 14.55 -40.19 -76.67
C ASN E 436 14.60 -38.81 -76.01
N PRO E 437 15.14 -37.81 -76.68
CA PRO E 437 15.25 -36.48 -76.06
C PRO E 437 13.90 -35.81 -75.84
N ASN E 438 13.52 -35.68 -74.57
CA ASN E 438 12.33 -34.93 -74.22
C ASN E 438 12.63 -33.46 -73.93
N GLY E 439 13.89 -33.07 -73.94
CA GLY E 439 14.28 -31.70 -73.78
C GLY E 439 14.40 -31.00 -75.11
N PRO E 440 14.73 -29.71 -75.09
CA PRO E 440 14.75 -28.92 -76.32
C PRO E 440 16.05 -29.07 -77.09
N ARG E 441 16.01 -28.59 -78.35
CA ARG E 441 17.16 -28.41 -79.21
C ARG E 441 18.48 -28.00 -78.54
N THR E 442 18.42 -27.01 -77.66
CA THR E 442 19.64 -26.43 -77.10
C THR E 442 20.51 -27.49 -76.41
N TYR E 443 19.88 -28.45 -75.73
CA TYR E 443 20.66 -29.47 -75.03
C TYR E 443 21.47 -30.31 -76.00
N TYR E 444 20.91 -30.60 -77.18
CA TYR E 444 21.49 -31.58 -78.08
C TYR E 444 22.04 -30.98 -79.35
N ARG E 445 21.88 -29.68 -79.56
CA ARG E 445 22.35 -29.07 -80.80
C ARG E 445 23.86 -28.97 -80.77
N LEU E 446 24.51 -29.65 -81.71
CA LEU E 446 25.96 -29.71 -81.77
C LEU E 446 26.48 -28.87 -82.93
N ALA E 447 27.73 -28.41 -82.81
CA ALA E 447 28.33 -27.63 -83.87
C ALA E 447 28.70 -28.48 -85.07
N ILE E 448 28.77 -29.80 -84.91
CA ILE E 448 29.10 -30.67 -86.04
C ILE E 448 28.05 -30.55 -87.13
N ASP E 449 26.78 -30.55 -86.75
CA ASP E 449 25.69 -30.33 -87.70
C ASP E 449 25.45 -28.83 -87.83
N ASN E 450 25.45 -28.34 -89.07
CA ASN E 450 25.34 -26.91 -89.31
C ASN E 450 23.90 -26.45 -89.06
N PHE E 451 23.74 -25.47 -88.18
CA PHE E 451 22.44 -24.88 -87.89
C PHE E 451 22.44 -23.37 -88.01
N PHE E 452 23.52 -22.71 -87.59
CA PHE E 452 23.62 -21.26 -87.63
C PHE E 452 24.58 -20.82 -88.73
N SER E 453 24.47 -19.55 -89.12
CA SER E 453 25.28 -18.98 -90.18
C SER E 453 26.23 -17.91 -89.66
N ALA E 454 25.72 -16.88 -88.99
CA ALA E 454 26.56 -15.82 -88.46
C ALA E 454 26.94 -16.06 -87.00
N GLN E 455 26.08 -16.71 -86.23
CA GLN E 455 26.38 -17.07 -84.84
C GLN E 455 26.93 -18.49 -84.76
N ALA E 456 28.04 -18.70 -85.47
CA ALA E 456 28.65 -20.02 -85.55
C ALA E 456 29.81 -20.19 -84.59
N ILE E 457 30.58 -19.13 -84.33
CA ILE E 457 31.70 -19.22 -83.41
C ILE E 457 31.21 -19.53 -82.00
N LYS E 458 30.05 -19.00 -81.63
CA LYS E 458 29.47 -19.24 -80.32
C LYS E 458 28.04 -19.73 -80.48
N SER E 459 27.27 -19.70 -79.39
CA SER E 459 25.82 -19.92 -79.43
C SER E 459 25.46 -21.35 -79.78
N TYR E 460 26.11 -22.32 -79.14
CA TYR E 460 25.76 -23.72 -79.34
C TYR E 460 25.37 -24.42 -78.06
N LYS E 461 26.12 -24.18 -76.96
CA LYS E 461 25.80 -24.76 -75.62
C LYS E 461 25.31 -26.20 -75.80
N PRO E 462 26.14 -27.23 -76.12
CA PRO E 462 25.58 -28.55 -76.46
C PRO E 462 25.45 -29.55 -75.33
N ALA E 463 25.46 -29.12 -74.06
CA ALA E 463 25.31 -30.02 -72.91
C ALA E 463 26.44 -31.05 -72.84
N HIS E 464 27.62 -30.54 -72.53
CA HIS E 464 28.84 -31.33 -72.44
C HIS E 464 29.15 -31.66 -70.97
N GLU E 465 30.26 -32.36 -70.77
CA GLU E 465 30.70 -32.76 -69.44
C GLU E 465 31.45 -31.63 -68.75
N GLY E 466 31.76 -31.86 -67.47
CA GLY E 466 32.45 -30.88 -66.66
C GLY E 466 33.95 -31.02 -66.71
N ASP E 467 34.63 -30.17 -65.93
CA ASP E 467 36.07 -30.05 -65.94
C ASP E 467 36.70 -31.07 -65.00
N PHE E 468 38.00 -30.89 -64.75
CA PHE E 468 38.76 -31.86 -63.96
C PHE E 468 38.23 -31.95 -62.52
N PHE E 469 38.08 -30.82 -61.85
CA PHE E 469 37.55 -30.83 -60.49
C PHE E 469 36.14 -31.41 -60.45
N LEU E 470 35.39 -31.30 -61.55
CA LEU E 470 34.07 -31.89 -61.59
C LEU E 470 34.11 -33.39 -61.79
N THR E 471 35.11 -33.90 -62.51
CA THR E 471 35.11 -35.28 -62.96
C THR E 471 36.05 -36.18 -62.17
N LEU E 472 37.11 -35.63 -61.59
CA LEU E 472 38.01 -36.45 -60.79
C LEU E 472 37.31 -37.16 -59.64
N PRO E 473 36.49 -36.49 -58.81
CA PRO E 473 35.79 -37.24 -57.75
C PRO E 473 34.90 -38.35 -58.27
N LEU E 474 34.30 -38.19 -59.45
CA LEU E 474 33.47 -39.26 -60.00
C LEU E 474 34.29 -40.52 -60.26
N VAL E 475 35.49 -40.37 -60.82
CA VAL E 475 36.32 -41.53 -61.12
C VAL E 475 36.74 -42.24 -59.84
N ILE E 476 37.12 -41.47 -58.82
CA ILE E 476 37.57 -42.05 -57.56
C ILE E 476 36.42 -42.80 -56.88
N LEU E 477 35.26 -42.15 -56.77
CA LEU E 477 34.12 -42.80 -56.13
C LEU E 477 33.61 -43.98 -56.94
N ALA E 478 33.84 -43.97 -58.25
CA ALA E 478 33.49 -45.12 -59.08
C ALA E 478 34.31 -46.34 -58.69
N LEU E 479 35.59 -46.13 -58.38
CA LEU E 479 36.44 -47.25 -58.00
C LEU E 479 36.04 -47.83 -56.66
N PHE E 480 35.71 -46.97 -55.69
CA PHE E 480 35.22 -47.47 -54.41
C PHE E 480 33.91 -48.22 -54.58
N SER E 481 33.08 -47.81 -55.53
CA SER E 481 31.80 -48.45 -55.74
C SER E 481 31.93 -49.84 -56.36
N ILE E 482 33.10 -50.22 -56.83
CA ILE E 482 33.29 -51.52 -57.46
C ILE E 482 34.04 -52.49 -56.54
N PHE E 483 35.16 -52.05 -55.97
CA PHE E 483 36.05 -52.97 -55.28
C PHE E 483 36.05 -52.86 -53.76
N PHE E 484 35.62 -51.72 -53.22
CA PHE E 484 35.82 -51.45 -51.80
C PHE E 484 35.08 -52.47 -50.93
N GLY E 485 33.88 -52.85 -51.33
CA GLY E 485 33.13 -53.82 -50.54
C GLY E 485 33.82 -55.17 -50.47
N PHE E 486 34.31 -55.66 -51.60
CA PHE E 486 35.05 -56.92 -51.61
C PHE E 486 36.34 -56.82 -50.82
N ILE E 487 37.04 -55.70 -50.95
CA ILE E 487 38.33 -55.54 -50.30
C ILE E 487 38.19 -55.55 -48.78
N THR E 488 37.02 -55.16 -48.26
CA THR E 488 36.88 -54.88 -46.84
C THR E 488 35.85 -55.73 -46.11
N LYS E 489 35.20 -56.70 -46.76
CA LYS E 489 34.11 -57.39 -46.06
C LYS E 489 34.64 -58.19 -44.88
N ASP E 490 35.85 -58.75 -45.00
CA ASP E 490 36.38 -59.60 -43.95
C ASP E 490 36.59 -58.82 -42.66
N ILE E 491 36.92 -57.54 -42.75
CA ILE E 491 36.96 -56.67 -41.57
C ILE E 491 35.58 -56.61 -40.93
N PHE E 492 34.60 -56.11 -41.68
CA PHE E 492 33.33 -55.74 -41.10
C PHE E 492 32.45 -56.94 -40.82
N ILE E 493 32.52 -57.96 -41.67
CA ILE E 493 31.73 -59.15 -41.45
C ILE E 493 32.65 -60.26 -40.96
N GLY E 494 33.59 -60.67 -41.80
CA GLY E 494 34.35 -61.84 -41.45
C GLY E 494 33.41 -63.00 -41.18
N LEU E 495 33.82 -63.89 -40.32
CA LEU E 495 32.85 -64.76 -39.66
C LEU E 495 33.05 -64.77 -38.16
N GLY E 496 34.28 -64.79 -37.69
CA GLY E 496 34.53 -64.61 -36.28
C GLY E 496 35.43 -63.40 -36.09
N SER E 497 35.29 -62.44 -36.99
CA SER E 497 36.19 -61.30 -37.05
C SER E 497 36.21 -60.54 -35.74
N ASN E 498 37.40 -60.13 -35.34
CA ASN E 498 37.62 -59.48 -34.05
C ASN E 498 38.02 -58.01 -34.21
N PHE E 499 37.58 -57.37 -35.29
CA PHE E 499 37.94 -55.97 -35.51
C PHE E 499 37.37 -55.09 -34.41
N PHE E 500 36.15 -55.36 -33.97
CA PHE E 500 35.51 -54.62 -32.89
C PHE E 500 35.56 -55.40 -31.58
N VAL E 501 36.77 -55.60 -31.06
CA VAL E 501 36.94 -56.20 -29.74
C VAL E 501 37.29 -55.17 -28.68
N ASP E 502 37.43 -53.93 -29.05
CA ASP E 502 37.51 -52.86 -28.06
C ASP E 502 36.19 -52.55 -27.47
N ASN E 503 35.20 -53.37 -27.83
CA ASN E 503 33.81 -53.24 -27.43
C ASN E 503 33.11 -52.03 -28.06
N SER E 504 33.65 -51.51 -29.16
CA SER E 504 32.95 -50.47 -29.92
C SER E 504 31.54 -50.92 -30.27
N LEU E 505 31.42 -52.12 -30.81
CA LEU E 505 30.14 -52.77 -31.00
C LEU E 505 30.08 -53.96 -30.05
N PHE E 506 28.97 -54.08 -29.34
CA PHE E 506 28.70 -55.22 -28.49
C PHE E 506 27.57 -56.03 -29.10
N ILE E 507 27.81 -57.32 -29.29
CA ILE E 507 26.77 -58.26 -29.70
C ILE E 507 26.68 -59.34 -28.62
N HIS E 508 25.56 -59.38 -27.91
CA HIS E 508 25.36 -60.41 -26.93
C HIS E 508 25.24 -61.76 -27.63
N PRO E 509 25.85 -62.81 -27.10
CA PRO E 509 25.84 -64.10 -27.80
C PRO E 509 24.45 -64.65 -28.06
N ILE E 510 23.48 -64.35 -27.20
CA ILE E 510 22.11 -64.80 -27.44
C ILE E 510 21.50 -64.14 -28.65
N HIS E 511 22.08 -63.02 -29.12
CA HIS E 511 21.56 -62.30 -30.27
C HIS E 511 22.30 -62.65 -31.56
N GLU E 512 23.10 -63.70 -31.56
CA GLU E 512 23.85 -64.08 -32.74
C GLU E 512 22.95 -64.81 -33.74
N ILE E 513 23.05 -64.43 -35.00
CA ILE E 513 22.27 -65.06 -36.06
C ILE E 513 23.18 -65.42 -37.23
N MET E 514 24.43 -64.95 -37.18
CA MET E 514 25.29 -65.03 -38.36
C MET E 514 25.57 -66.46 -38.79
N ILE E 515 25.66 -67.40 -37.84
CA ILE E 515 25.88 -68.79 -38.19
C ILE E 515 24.70 -69.31 -39.02
N ASP E 516 23.48 -69.04 -38.56
CA ASP E 516 22.30 -69.47 -39.30
C ASP E 516 22.18 -68.73 -40.63
N THR E 517 22.64 -67.49 -40.70
CA THR E 517 22.59 -66.75 -41.96
C THR E 517 23.53 -67.38 -42.98
N GLU E 518 24.69 -67.85 -42.53
CA GLU E 518 25.66 -68.44 -43.47
C GLU E 518 25.27 -69.84 -43.90
N PHE E 519 24.66 -70.63 -43.01
CA PHE E 519 24.44 -72.04 -43.28
C PHE E 519 22.98 -72.45 -43.34
N ALA E 520 22.10 -71.83 -42.57
CA ALA E 520 20.72 -72.27 -42.50
C ALA E 520 19.80 -71.62 -43.52
N VAL E 521 20.24 -70.56 -44.19
CA VAL E 521 19.37 -69.87 -45.15
C VAL E 521 19.35 -70.67 -46.45
N PRO E 522 18.18 -71.03 -46.97
CA PRO E 522 18.13 -71.74 -48.25
C PRO E 522 18.64 -70.86 -49.39
N VAL E 523 19.22 -71.53 -50.39
CA VAL E 523 19.87 -70.82 -51.49
C VAL E 523 18.86 -70.00 -52.28
N LEU E 524 17.60 -70.45 -52.35
CA LEU E 524 16.61 -69.73 -53.12
C LEU E 524 16.40 -68.33 -52.58
N PHE E 525 16.28 -68.20 -51.26
CA PHE E 525 16.09 -66.89 -50.65
C PHE E 525 17.36 -66.07 -50.63
N LYS E 526 18.52 -66.69 -50.81
CA LYS E 526 19.76 -65.93 -50.90
C LYS E 526 19.86 -65.20 -52.23
N LEU E 527 19.52 -65.87 -53.32
CA LEU E 527 19.61 -65.27 -54.65
C LEU E 527 18.32 -64.62 -55.09
N LEU E 528 17.27 -64.66 -54.27
CA LEU E 528 16.01 -64.04 -54.65
C LEU E 528 16.14 -62.56 -54.98
N PRO E 529 16.87 -61.74 -54.23
CA PRO E 529 17.01 -60.33 -54.66
C PRO E 529 17.58 -60.18 -56.05
N PHE E 530 18.56 -61.01 -56.43
CA PHE E 530 19.16 -60.88 -57.75
C PHE E 530 18.20 -61.31 -58.85
N ILE E 531 17.41 -62.35 -58.61
CA ILE E 531 16.39 -62.75 -59.57
C ILE E 531 15.38 -61.62 -59.77
N PHE E 532 14.94 -61.01 -58.67
CA PHE E 532 14.02 -59.88 -58.77
C PHE E 532 14.69 -58.69 -59.44
N THR E 533 15.95 -58.42 -59.10
CA THR E 533 16.64 -57.27 -59.68
C THR E 533 16.82 -57.43 -61.17
N ILE E 534 17.26 -58.61 -61.61
CA ILE E 534 17.54 -58.83 -63.02
C ILE E 534 16.28 -58.93 -63.87
N SER E 535 15.11 -59.04 -63.25
CA SER E 535 13.86 -59.21 -63.98
C SER E 535 13.04 -57.93 -64.03
N PHE E 536 12.85 -57.26 -62.90
CA PHE E 536 12.14 -55.98 -62.91
C PHE E 536 12.93 -54.92 -63.68
N SER E 537 14.25 -55.06 -63.76
CA SER E 537 15.02 -54.22 -64.67
C SER E 537 14.61 -54.50 -66.12
N VAL E 538 14.45 -55.77 -66.48
CA VAL E 538 13.92 -56.10 -67.79
C VAL E 538 12.49 -55.61 -67.93
N ILE E 539 11.68 -55.78 -66.87
CA ILE E 539 10.29 -55.34 -66.92
C ILE E 539 10.21 -53.83 -67.05
N ALA E 540 11.03 -53.11 -66.28
CA ALA E 540 11.02 -51.65 -66.37
C ALA E 540 11.54 -51.18 -67.71
N LEU E 541 12.66 -51.74 -68.17
CA LEU E 541 13.23 -51.30 -69.43
C LEU E 541 12.32 -51.65 -70.61
N THR E 542 11.54 -52.73 -70.50
CA THR E 542 10.60 -53.07 -71.57
C THR E 542 9.38 -52.16 -71.55
N LEU E 543 8.92 -51.80 -70.35
CA LEU E 543 7.73 -50.97 -70.23
C LEU E 543 7.94 -49.61 -70.86
N SER E 544 9.17 -49.12 -70.86
CA SER E 544 9.54 -47.92 -71.57
C SER E 544 10.30 -48.28 -72.84
N GLU E 545 10.20 -47.40 -73.83
CA GLU E 545 11.02 -47.48 -75.03
C GLU E 545 10.61 -48.66 -75.90
N LEU E 546 9.79 -49.55 -75.35
CA LEU E 546 9.16 -50.62 -76.11
C LEU E 546 7.64 -50.59 -76.01
N LEU E 547 7.15 -50.53 -74.78
CA LEU E 547 5.68 -50.40 -74.58
C LEU E 547 5.41 -48.91 -74.47
N SER E 548 5.40 -48.37 -73.25
CA SER E 548 5.30 -46.91 -73.03
C SER E 548 3.85 -46.43 -73.06
N GLU E 549 2.90 -47.28 -73.44
CA GLU E 549 1.48 -46.88 -73.39
C GLU E 549 0.83 -47.56 -72.19
N LEU E 550 1.39 -48.67 -71.76
CA LEU E 550 0.74 -49.43 -70.67
C LEU E 550 0.80 -48.59 -69.40
N VAL E 551 2.00 -48.11 -69.04
CA VAL E 551 2.07 -47.22 -67.88
C VAL E 551 1.11 -46.05 -68.05
N ILE E 552 0.99 -45.55 -69.28
CA ILE E 552 0.06 -44.45 -69.53
C ILE E 552 -1.38 -44.88 -69.26
N TYR E 553 -1.74 -46.08 -69.71
CA TYR E 553 -3.07 -46.61 -69.43
C TYR E 553 -3.31 -46.69 -67.92
N PHE E 554 -2.29 -47.12 -67.17
CA PHE E 554 -2.41 -47.16 -65.72
C PHE E 554 -2.59 -45.75 -65.15
N LYS E 555 -1.78 -44.79 -65.63
CA LYS E 555 -1.85 -43.44 -65.10
C LYS E 555 -3.23 -42.84 -65.30
N PHE E 556 -3.82 -43.05 -66.46
CA PHE E 556 -5.09 -42.45 -66.80
C PHE E 556 -6.28 -43.26 -66.34
N SER E 557 -6.04 -44.37 -65.63
CA SER E 557 -7.08 -45.00 -64.84
C SER E 557 -7.25 -44.26 -63.52
N ARG E 558 -8.48 -44.26 -63.00
CA ARG E 558 -8.72 -43.63 -61.71
C ARG E 558 -7.96 -44.35 -60.59
N PHE E 559 -7.87 -45.67 -60.67
CA PHE E 559 -7.06 -46.41 -59.72
C PHE E 559 -5.60 -45.97 -59.82
N GLY E 560 -5.04 -45.99 -61.02
CA GLY E 560 -3.65 -45.61 -61.18
C GLY E 560 -3.39 -44.14 -60.88
N TYR E 561 -4.29 -43.26 -61.33
CA TYR E 561 -4.18 -41.84 -61.03
C TYR E 561 -4.08 -41.60 -59.53
N ASN E 562 -4.95 -42.25 -58.77
CA ASN E 562 -4.90 -42.09 -57.32
C ASN E 562 -3.63 -42.70 -56.74
N ILE E 563 -3.22 -43.85 -57.26
CA ILE E 563 -1.98 -44.46 -56.81
C ILE E 563 -0.80 -43.55 -57.13
N PHE E 564 -0.77 -43.01 -58.35
CA PHE E 564 0.33 -42.14 -58.74
C PHE E 564 0.39 -40.92 -57.85
N GLY E 565 -0.75 -40.30 -57.59
CA GLY E 565 -0.76 -39.09 -56.78
C GLY E 565 -0.36 -39.34 -55.34
N PHE E 566 -0.85 -40.45 -54.76
CA PHE E 566 -0.57 -40.74 -53.36
C PHE E 566 0.92 -40.90 -53.13
N PHE E 567 1.60 -41.66 -53.99
CA PHE E 567 3.02 -41.89 -53.82
C PHE E 567 3.86 -40.68 -54.22
N ASN E 568 3.41 -39.94 -55.25
CA ASN E 568 4.06 -38.69 -55.59
C ASN E 568 3.92 -37.67 -54.47
N GLN E 569 2.82 -37.72 -53.73
CA GLN E 569 2.60 -36.81 -52.61
C GLN E 569 3.07 -37.39 -51.29
N ARG E 570 3.93 -38.40 -51.32
CA ARG E 570 4.70 -38.86 -50.16
C ARG E 570 3.80 -39.31 -49.01
N PHE E 571 2.84 -40.18 -49.32
CA PHE E 571 1.83 -40.68 -48.38
C PHE E 571 1.00 -39.57 -47.75
N LEU E 572 1.07 -38.34 -48.29
CA LEU E 572 0.32 -37.19 -47.79
C LEU E 572 0.74 -36.78 -46.38
N ILE E 573 1.97 -37.11 -45.99
CA ILE E 573 2.43 -36.79 -44.64
C ILE E 573 2.66 -35.29 -44.48
N GLU E 574 3.32 -34.67 -45.46
CA GLU E 574 3.53 -33.22 -45.40
C GLU E 574 2.22 -32.47 -45.38
N PHE E 575 1.21 -33.00 -46.08
CA PHE E 575 -0.11 -32.40 -46.06
C PHE E 575 -0.72 -32.50 -44.66
N PHE E 576 -0.69 -33.69 -44.06
CA PHE E 576 -1.31 -33.88 -42.76
C PHE E 576 -0.47 -33.27 -41.64
N TYR E 577 0.86 -33.26 -41.77
CA TYR E 577 1.69 -32.56 -40.79
C TYR E 577 1.40 -31.07 -40.79
N ASN E 578 1.37 -30.47 -41.98
CA ASN E 578 1.14 -29.03 -42.08
C ASN E 578 -0.25 -28.67 -41.55
N LYS E 579 -1.26 -29.47 -41.88
CA LYS E 579 -2.63 -29.16 -41.49
C LYS E 579 -2.81 -29.23 -39.98
N TYR E 580 -2.39 -30.33 -39.36
CA TYR E 580 -2.79 -30.65 -38.00
C TYR E 580 -1.67 -30.54 -36.98
N ILE E 581 -0.46 -30.16 -37.38
CA ILE E 581 0.57 -29.95 -36.38
C ILE E 581 1.06 -28.52 -36.48
N THR E 582 1.64 -28.15 -37.62
CA THR E 582 2.19 -26.81 -37.77
C THR E 582 1.10 -25.75 -37.65
N ASN E 583 0.04 -25.88 -38.44
CA ASN E 583 -1.02 -24.89 -38.39
C ASN E 583 -1.79 -24.96 -37.08
N LEU E 584 -1.83 -26.15 -36.44
CA LEU E 584 -2.42 -26.25 -35.12
C LEU E 584 -1.66 -25.41 -34.11
N ILE E 585 -0.32 -25.43 -34.15
CA ILE E 585 0.46 -24.64 -33.20
C ILE E 585 0.26 -23.15 -33.47
N LEU E 586 0.23 -22.75 -34.74
CA LEU E 586 0.07 -21.34 -35.08
C LEU E 586 -1.28 -20.81 -34.61
N ASN E 587 -2.33 -21.63 -34.71
CA ASN E 587 -3.65 -21.21 -34.27
C ASN E 587 -3.75 -21.20 -32.75
N LEU E 588 -3.03 -22.08 -32.07
CA LEU E 588 -2.97 -22.00 -30.61
C LEU E 588 -2.36 -20.67 -30.17
N GLY E 589 -1.27 -20.27 -30.81
CA GLY E 589 -0.67 -18.99 -30.50
C GLY E 589 -1.59 -17.83 -30.83
N GLY E 590 -2.34 -17.95 -31.93
CA GLY E 590 -3.31 -16.92 -32.26
C GLY E 590 -4.37 -16.74 -31.19
N GLN E 591 -4.89 -17.85 -30.67
CA GLN E 591 -5.87 -17.78 -29.60
C GLN E 591 -5.27 -17.16 -28.34
N ILE E 592 -4.06 -17.59 -27.99
CA ILE E 592 -3.44 -17.13 -26.72
C ILE E 592 -3.22 -15.62 -26.77
N THR E 593 -2.63 -15.17 -27.89
CA THR E 593 -2.40 -13.71 -28.05
C THR E 593 -3.73 -12.94 -28.08
N LYS E 594 -4.72 -13.39 -28.84
CA LYS E 594 -5.98 -12.63 -29.03
C LYS E 594 -7.03 -12.75 -27.92
N ILE E 595 -7.31 -13.95 -27.44
CA ILE E 595 -8.42 -14.12 -26.45
C ILE E 595 -7.91 -14.06 -25.01
N LEU E 596 -6.62 -14.29 -24.78
CA LEU E 596 -6.17 -14.31 -23.37
C LEU E 596 -5.30 -13.11 -23.05
N ASP E 597 -4.07 -13.05 -23.59
CA ASP E 597 -3.11 -11.95 -23.30
C ASP E 597 -3.61 -10.58 -23.75
N LYS E 598 -4.14 -10.45 -24.97
CA LYS E 598 -4.71 -9.16 -25.41
C LYS E 598 -6.22 -9.26 -25.29
N GLY E 599 -6.71 -10.03 -24.32
CA GLY E 599 -8.16 -10.27 -24.17
C GLY E 599 -8.65 -10.41 -22.76
N SER E 600 -9.00 -11.63 -22.37
CA SER E 600 -9.56 -11.96 -21.03
C SER E 600 -8.60 -11.57 -19.90
N ILE E 601 -7.31 -11.76 -20.09
CA ILE E 601 -6.32 -11.40 -19.05
C ILE E 601 -6.32 -9.87 -18.87
N GLU E 602 -6.49 -9.10 -19.92
CA GLU E 602 -6.63 -7.62 -19.75
C GLU E 602 -7.93 -7.24 -19.03
N LEU E 603 -9.06 -7.89 -19.30
CA LEU E 603 -10.38 -7.57 -18.72
C LEU E 603 -10.47 -8.20 -17.33
N PHE E 604 -10.03 -9.43 -17.15
CA PHE E 604 -9.95 -9.87 -15.76
C PHE E 604 -8.59 -9.50 -15.16
N GLY E 605 -8.23 -8.25 -15.34
CA GLY E 605 -6.95 -7.75 -14.89
C GLY E 605 -6.93 -6.25 -14.94
N PRO E 606 -5.79 -5.69 -15.33
CA PRO E 606 -5.62 -4.23 -15.25
C PRO E 606 -6.67 -3.44 -16.00
N TYR E 607 -7.03 -3.86 -17.21
CA TYR E 607 -7.92 -3.04 -18.03
C TYR E 607 -9.34 -3.04 -17.47
N GLY E 608 -9.83 -4.21 -17.05
CA GLY E 608 -11.13 -4.25 -16.39
C GLY E 608 -11.15 -3.45 -15.11
N LEU E 609 -10.07 -3.50 -14.34
CA LEU E 609 -9.98 -2.69 -13.12
C LEU E 609 -10.04 -1.21 -13.44
N GLU E 610 -9.31 -0.78 -14.48
CA GLU E 610 -9.31 0.62 -14.86
C GLU E 610 -10.71 1.08 -15.26
N ARG E 611 -11.41 0.28 -16.06
CA ARG E 611 -12.76 0.65 -16.47
C ARG E 611 -13.69 0.76 -15.27
N GLY E 612 -13.72 -0.28 -14.44
CA GLY E 612 -14.66 -0.31 -13.33
C GLY E 612 -14.35 0.71 -12.27
N LEU E 613 -13.07 0.87 -11.90
CA LEU E 613 -12.73 1.76 -10.80
C LEU E 613 -12.92 3.22 -11.17
N VAL E 614 -12.69 3.59 -12.44
CA VAL E 614 -12.99 4.94 -12.88
C VAL E 614 -14.48 5.21 -12.78
N LYS E 615 -15.29 4.23 -13.21
CA LYS E 615 -16.74 4.36 -13.06
C LYS E 615 -17.14 4.47 -11.59
N LEU E 616 -16.57 3.60 -10.75
CA LEU E 616 -16.87 3.64 -9.33
C LEU E 616 -16.43 4.97 -8.70
N SER E 617 -15.26 5.47 -9.10
CA SER E 617 -14.77 6.72 -8.56
C SER E 617 -15.70 7.88 -8.94
N LYS E 618 -16.19 7.90 -10.18
CA LYS E 618 -17.03 9.01 -10.62
C LYS E 618 -18.41 8.96 -9.98
N ASN E 619 -18.96 7.77 -9.74
CA ASN E 619 -20.26 7.66 -9.09
C ASN E 619 -20.19 8.07 -7.62
N ILE E 620 -19.12 7.71 -6.92
CA ILE E 620 -19.00 8.13 -5.53
C ILE E 620 -18.83 9.64 -5.47
N SER E 621 -18.04 10.21 -6.38
CA SER E 621 -17.83 11.65 -6.40
C SER E 621 -19.11 12.42 -6.71
N SER E 622 -20.10 11.78 -7.30
CA SER E 622 -21.38 12.44 -7.56
C SER E 622 -22.09 12.82 -6.28
N LEU E 623 -21.84 12.11 -5.18
CA LEU E 623 -22.46 12.43 -3.90
C LEU E 623 -21.96 13.74 -3.34
N SER E 624 -20.81 14.18 -3.80
CA SER E 624 -20.19 15.42 -3.26
C SER E 624 -20.74 16.63 -4.00
N THR E 625 -21.96 17.00 -3.69
CA THR E 625 -22.64 18.10 -4.34
C THR E 625 -22.27 19.46 -3.77
N SER E 626 -21.51 19.49 -2.68
CA SER E 626 -21.18 20.70 -1.92
C SER E 626 -22.41 21.37 -1.32
N HIS E 627 -23.55 20.68 -1.28
CA HIS E 627 -24.73 21.19 -0.60
C HIS E 627 -24.61 20.88 0.89
N VAL E 628 -24.43 21.94 1.70
CA VAL E 628 -24.15 21.77 3.11
C VAL E 628 -25.29 21.03 3.81
N THR E 629 -26.52 21.19 3.33
CA THR E 629 -27.64 20.47 3.91
C THR E 629 -27.56 18.97 3.60
N THR E 630 -26.99 18.61 2.45
CA THR E 630 -26.86 17.21 2.10
C THR E 630 -25.76 16.53 2.89
N TYR E 631 -24.63 17.22 3.07
CA TYR E 631 -23.57 16.68 3.91
C TYR E 631 -24.05 16.50 5.33
N ALA E 632 -24.90 17.40 5.80
CA ALA E 632 -25.45 17.29 7.16
C ALA E 632 -26.25 16.00 7.30
N LEU E 633 -27.07 15.68 6.30
CA LEU E 633 -27.79 14.42 6.34
C LEU E 633 -26.86 13.22 6.23
N TYR E 634 -25.79 13.33 5.44
CA TYR E 634 -24.81 12.26 5.32
C TYR E 634 -24.14 11.98 6.66
N ILE E 635 -23.75 13.03 7.39
CA ILE E 635 -23.18 12.85 8.73
C ILE E 635 -24.19 12.16 9.63
N LEU E 636 -25.46 12.50 9.50
CA LEU E 636 -26.49 11.96 10.35
C LEU E 636 -26.69 10.47 10.08
N VAL E 637 -26.77 10.07 8.80
CA VAL E 637 -26.97 8.66 8.49
C VAL E 637 -25.76 7.85 8.90
N GLY E 638 -24.56 8.39 8.71
CA GLY E 638 -23.37 7.73 9.21
C GLY E 638 -23.40 7.55 10.70
N PHE E 639 -23.84 8.58 11.42
CA PHE E 639 -24.00 8.50 12.87
C PHE E 639 -24.90 7.35 13.27
N ILE E 640 -26.07 7.24 12.64
CA ILE E 640 -27.03 6.20 13.00
C ILE E 640 -26.50 4.81 12.69
N LEU E 641 -25.78 4.66 11.57
CA LEU E 641 -25.23 3.36 11.21
C LEU E 641 -24.20 2.89 12.24
N TYR E 642 -23.35 3.80 12.71
CA TYR E 642 -22.39 3.45 13.75
C TYR E 642 -23.11 3.04 15.04
N LEU E 643 -24.18 3.75 15.36
CA LEU E 643 -24.97 3.45 16.58
C LEU E 643 -25.62 2.06 16.45
N ILE E 644 -26.14 1.74 15.26
CA ILE E 644 -26.80 0.44 15.06
C ILE E 644 -25.80 -0.69 15.17
N TYR E 645 -24.64 -0.55 14.52
CA TYR E 645 -23.67 -1.62 14.49
C TYR E 645 -23.21 -2.00 15.89
N ASN E 646 -23.01 -1.01 16.76
CA ASN E 646 -22.51 -1.29 18.10
C ASN E 646 -23.64 -1.66 19.05
N ASN E 647 -24.79 -1.00 18.95
CA ASN E 647 -25.87 -1.24 19.90
C ASN E 647 -26.45 -2.64 19.74
N LEU E 648 -26.64 -3.09 18.52
CA LEU E 648 -27.30 -4.36 18.25
C LEU E 648 -26.34 -5.55 18.25
N LEU E 649 -25.06 -5.32 18.53
CA LEU E 649 -24.04 -6.38 18.50
C LEU E 649 -24.09 -7.13 17.17
N LEU E 650 -24.11 -6.37 16.09
CA LEU E 650 -24.27 -6.94 14.76
C LEU E 650 -23.10 -7.85 14.42
N ASP E 651 -23.51 -8.90 13.55
CA ASP E 651 -22.48 -9.81 12.99
C ASP E 651 -21.59 -9.01 12.05
N TYR E 652 -20.21 -9.11 12.30
CA TYR E 652 -19.32 -8.33 11.45
C TYR E 652 -19.52 -8.65 9.98
N SER E 653 -19.91 -9.91 9.68
CA SER E 653 -20.16 -10.33 8.28
C SER E 653 -21.27 -9.49 7.67
N TYR E 654 -22.21 -9.05 8.46
CA TYR E 654 -23.26 -8.17 7.93
C TYR E 654 -22.67 -6.85 7.47
N LEU E 655 -21.76 -6.28 8.26
CA LEU E 655 -21.16 -5.00 7.90
C LEU E 655 -20.39 -5.11 6.58
N LEU E 656 -19.62 -6.18 6.42
CA LEU E 656 -18.88 -6.37 5.18
C LEU E 656 -19.81 -6.57 4.00
N LEU E 657 -20.88 -7.34 4.21
CA LEU E 657 -21.89 -7.51 3.17
C LEU E 657 -22.52 -6.17 2.79
N ILE E 658 -22.74 -5.31 3.78
CA ILE E 658 -23.32 -4.00 3.52
C ILE E 658 -22.38 -3.15 2.68
N ILE E 659 -21.08 -3.18 3.00
CA ILE E 659 -20.11 -2.39 2.24
C ILE E 659 -20.04 -2.87 0.80
N ILE E 660 -19.97 -4.19 0.60
CA ILE E 660 -19.94 -4.74 -0.75
C ILE E 660 -21.19 -4.35 -1.52
N LEU E 661 -22.34 -4.37 -0.86
CA LEU E 661 -23.58 -3.94 -1.50
C LEU E 661 -23.49 -2.48 -1.95
N LEU E 662 -22.91 -1.62 -1.12
CA LEU E 662 -22.81 -0.21 -1.46
C LEU E 662 -21.89 0.02 -2.65
N LEU E 663 -20.81 -0.74 -2.75
CA LEU E 663 -19.99 -0.69 -3.94
C LEU E 663 -20.76 -1.18 -5.17
N LEU E 664 -21.55 -2.24 -5.01
CA LEU E 664 -22.40 -2.71 -6.08
C LEU E 664 -23.29 -1.60 -6.62
N LEU E 665 -23.97 -0.89 -5.73
CA LEU E 665 -24.86 0.18 -6.17
C LEU E 665 -24.09 1.30 -6.85
N MET E 666 -22.94 1.67 -6.31
CA MET E 666 -22.13 2.70 -6.93
C MET E 666 -21.47 2.22 -8.21
N MET E 667 -21.42 0.91 -8.45
CA MET E 667 -21.10 0.40 -9.77
C MET E 667 -22.13 0.84 -10.80
N ILE E 668 -23.40 0.85 -10.42
CA ILE E 668 -24.49 1.21 -11.32
C ILE E 668 -24.69 2.72 -11.29
N GLY E 669 -24.68 3.34 -12.46
CA GLY E 669 -24.93 4.76 -12.55
C GLY E 669 -26.40 5.10 -12.36
N GLU E 670 -26.66 6.40 -12.21
CA GLU E 670 -28.01 6.93 -12.03
C GLU E 670 -28.72 6.27 -10.85
N SER F 3 -53.26 -2.05 65.88
CA SER F 3 -54.31 -1.90 64.88
C SER F 3 -54.31 -0.49 64.30
N GLN F 4 -53.54 0.39 64.91
CA GLN F 4 -53.47 1.77 64.48
C GLN F 4 -52.71 1.89 63.16
N ILE F 5 -52.98 2.99 62.44
CA ILE F 5 -52.31 3.28 61.18
C ILE F 5 -51.06 4.09 61.53
N SER F 6 -49.90 3.38 61.52
CA SER F 6 -48.63 4.05 61.94
C SER F 6 -48.16 5.04 60.88
N LEU F 7 -48.42 4.79 59.62
CA LEU F 7 -48.08 5.74 58.56
C LEU F 7 -49.29 6.62 58.26
N LEU F 8 -49.09 7.93 58.34
CA LEU F 8 -50.16 8.90 58.15
C LEU F 8 -49.76 9.88 57.05
N LEU F 9 -50.71 10.15 56.16
CA LEU F 9 -50.48 11.03 55.02
C LEU F 9 -51.56 12.10 54.99
N LEU F 10 -51.15 13.35 54.85
CA LEU F 10 -52.09 14.45 54.83
C LEU F 10 -51.52 15.61 54.02
N LYS F 11 -52.46 16.44 53.54
CA LYS F 11 -52.09 17.59 52.69
C LYS F 11 -51.36 18.65 53.51
N GLU F 12 -50.48 19.40 52.86
CA GLU F 12 -49.71 20.46 53.51
C GLU F 12 -50.39 21.79 53.24
N ILE F 13 -50.56 22.60 54.30
CA ILE F 13 -51.45 23.74 54.23
C ILE F 13 -50.71 24.99 53.74
N TYR F 14 -49.77 25.48 54.52
CA TYR F 14 -48.84 26.48 54.05
C TYR F 14 -47.50 25.79 53.86
N THR F 15 -46.49 26.54 53.44
CA THR F 15 -45.19 25.97 53.09
C THR F 15 -45.37 24.86 52.04
N ASN F 16 -46.38 25.06 51.18
CA ASN F 16 -46.91 23.97 50.38
C ASN F 16 -45.96 23.58 49.27
N GLY F 17 -45.71 24.47 48.33
CA GLY F 17 -44.93 24.12 47.17
C GLY F 17 -45.78 24.10 45.90
N SER F 18 -45.10 24.28 44.78
CA SER F 18 -45.79 24.38 43.50
C SER F 18 -46.28 23.01 43.04
N THR F 19 -47.19 23.01 42.07
CA THR F 19 -47.77 21.79 41.55
C THR F 19 -46.91 21.25 40.41
N HIS F 20 -46.68 19.94 40.41
CA HIS F 20 -45.91 19.32 39.34
C HIS F 20 -46.67 19.32 38.02
N ILE F 21 -47.96 19.63 38.05
CA ILE F 21 -48.73 19.72 36.82
C ILE F 21 -48.13 20.77 35.89
N MET F 22 -47.69 21.90 36.45
CA MET F 22 -47.10 22.95 35.66
C MET F 22 -45.86 22.48 34.89
N LEU F 23 -45.17 21.46 35.39
CA LEU F 23 -44.05 20.91 34.64
C LEU F 23 -44.51 20.22 33.36
N ASP F 24 -45.73 19.68 33.39
CA ASP F 24 -46.26 19.00 32.21
C ASP F 24 -46.68 19.99 31.12
N ILE F 25 -47.33 21.09 31.51
CA ILE F 25 -47.72 22.09 30.51
C ILE F 25 -46.49 22.67 29.83
N LEU F 26 -45.45 22.99 30.61
CA LEU F 26 -44.24 23.56 30.03
C LEU F 26 -43.55 22.58 29.10
N SER F 27 -43.60 21.29 29.40
CA SER F 27 -42.94 20.29 28.55
C SER F 27 -43.62 20.20 27.19
N VAL F 28 -44.96 20.19 27.14
CA VAL F 28 -45.64 20.15 25.85
C VAL F 28 -45.51 21.48 25.12
N LEU F 29 -45.47 22.58 25.78
CA LEU F 29 -45.27 23.87 25.11
C LEU F 29 -43.89 23.90 24.45
N ALA F 30 -42.86 23.30 25.11
CA ALA F 30 -41.53 23.27 24.52
C ALA F 30 -41.51 22.45 23.23
N VAL F 31 -42.15 21.28 23.22
CA VAL F 31 -42.14 20.45 22.02
C VAL F 31 -42.97 21.08 20.91
N ILE F 32 -44.13 21.67 21.25
CA ILE F 32 -44.94 22.34 20.24
C ILE F 32 -44.17 23.50 19.62
N SER F 33 -43.56 24.32 20.46
CA SER F 33 -42.75 25.41 19.93
C SER F 33 -41.55 24.87 19.17
N GLY F 34 -40.97 23.77 19.66
CA GLY F 34 -39.83 23.17 18.97
C GLY F 34 -40.20 22.64 17.60
N ILE F 35 -41.35 21.97 17.50
CA ILE F 35 -41.82 21.48 16.21
C ILE F 35 -42.10 22.67 15.29
N CYS F 36 -42.73 23.71 15.83
CA CYS F 36 -43.03 24.89 15.02
C CYS F 36 -41.77 25.55 14.50
N VAL F 37 -40.64 25.37 15.19
CA VAL F 37 -39.39 25.96 14.71
C VAL F 37 -38.98 25.35 13.39
N ILE F 38 -39.06 24.02 13.25
CA ILE F 38 -38.50 23.37 12.07
C ILE F 38 -39.51 23.16 10.96
N ILE F 39 -40.78 23.53 11.18
CA ILE F 39 -41.79 23.43 10.14
C ILE F 39 -42.32 24.79 9.72
N SER F 40 -41.89 25.87 10.36
CA SER F 40 -42.31 27.20 9.99
C SER F 40 -41.71 27.61 8.65
N LYS F 41 -42.51 28.29 7.83
CA LYS F 41 -42.04 28.69 6.51
C LYS F 41 -41.02 29.81 6.60
N ASN F 42 -41.31 30.84 7.35
CA ASN F 42 -40.46 32.02 7.40
C ASN F 42 -39.40 31.86 8.49
N PRO F 43 -38.12 32.02 8.16
CA PRO F 43 -37.07 31.92 9.18
C PRO F 43 -37.23 32.87 10.35
N ILE F 44 -37.77 34.07 10.14
CA ILE F 44 -37.98 34.98 11.26
C ILE F 44 -39.01 34.41 12.23
N VAL F 45 -40.12 33.90 11.71
CA VAL F 45 -41.13 33.26 12.55
C VAL F 45 -40.55 32.03 13.22
N SER F 46 -39.61 31.36 12.55
CA SER F 46 -38.92 30.23 13.15
C SER F 46 -38.14 30.65 14.39
N VAL F 47 -37.49 31.82 14.35
CA VAL F 47 -36.75 32.30 15.50
C VAL F 47 -37.68 32.73 16.62
N LEU F 48 -38.86 33.25 16.28
CA LEU F 48 -39.84 33.59 17.30
C LEU F 48 -40.28 32.36 18.07
N HIS F 49 -40.52 31.25 17.36
CA HIS F 49 -40.85 30.00 18.03
C HIS F 49 -39.67 29.48 18.83
N LEU F 50 -38.45 29.72 18.35
CA LEU F 50 -37.26 29.33 19.10
C LEU F 50 -37.15 30.11 20.40
N ILE F 51 -37.41 31.42 20.35
CA ILE F 51 -37.43 32.23 21.55
C ILE F 51 -38.48 31.70 22.53
N GLY F 52 -39.66 31.35 22.02
CA GLY F 52 -40.66 30.74 22.87
C GLY F 52 -40.16 29.47 23.53
N LEU F 53 -39.43 28.64 22.78
CA LEU F 53 -38.87 27.42 23.35
C LEU F 53 -37.87 27.73 24.46
N PHE F 54 -37.02 28.75 24.25
CA PHE F 54 -36.10 29.16 25.30
C PHE F 54 -36.83 29.56 26.56
N ALA F 55 -37.95 30.29 26.41
CA ALA F 55 -38.70 30.76 27.56
C ALA F 55 -39.27 29.59 28.38
N TYR F 56 -39.86 28.60 27.70
CA TYR F 56 -40.45 27.48 28.43
C TYR F 56 -39.40 26.68 29.19
N VAL F 57 -38.25 26.46 28.57
CA VAL F 57 -37.17 25.75 29.27
C VAL F 57 -36.69 26.57 30.46
N SER F 58 -36.65 27.89 30.24
CA SER F 58 -36.18 28.84 31.29
C SER F 58 -37.15 28.86 32.47
N PHE F 59 -38.44 28.82 32.18
CA PHE F 59 -39.47 28.78 33.21
C PHE F 59 -39.46 27.44 33.93
N TYR F 60 -39.27 26.36 33.17
CA TYR F 60 -39.09 25.03 33.75
C TYR F 60 -37.98 25.03 34.79
N LEU F 61 -36.82 25.61 34.44
CA LEU F 61 -35.67 25.60 35.33
C LEU F 61 -35.96 26.41 36.59
N ILE F 62 -36.64 27.54 36.45
CA ILE F 62 -37.03 28.34 37.60
C ILE F 62 -37.96 27.55 38.53
N LEU F 63 -38.91 26.85 38.06
CA LEU F 63 -39.92 26.16 38.90
C LEU F 63 -39.34 24.96 39.65
N ILE F 64 -38.26 24.33 39.08
CA ILE F 64 -37.62 23.27 39.84
C ILE F 64 -36.59 23.81 40.82
N GLY F 65 -36.43 25.13 40.91
CA GLY F 65 -35.49 25.73 41.84
C GLY F 65 -34.18 26.20 41.24
N LEU F 66 -33.98 26.05 39.94
CA LEU F 66 -32.75 26.47 39.30
C LEU F 66 -32.91 27.90 38.77
N ASN F 67 -33.01 28.83 39.72
CA ASN F 67 -33.38 30.21 39.38
C ASN F 67 -32.26 30.93 38.64
N PHE F 68 -31.02 30.82 39.13
CA PHE F 68 -29.94 31.57 38.52
C PHE F 68 -29.69 31.14 37.08
N VAL F 69 -29.65 29.83 36.84
CA VAL F 69 -29.40 29.35 35.48
C VAL F 69 -30.59 29.66 34.59
N GLY F 70 -31.80 29.52 35.12
CA GLY F 70 -32.99 29.85 34.36
C GLY F 70 -33.06 31.30 33.95
N LEU F 71 -32.72 32.21 34.87
CA LEU F 71 -32.68 33.63 34.54
C LEU F 71 -31.55 33.96 33.58
N SER F 72 -30.46 33.20 33.64
CA SER F 72 -29.36 33.42 32.70
C SER F 72 -29.79 33.12 31.27
N TYR F 73 -30.61 32.09 31.08
CA TYR F 73 -31.15 31.80 29.76
C TYR F 73 -31.99 32.96 29.24
N LEU F 74 -32.82 33.54 30.10
CA LEU F 74 -33.63 34.68 29.68
C LEU F 74 -32.77 35.87 29.30
N ILE F 75 -31.75 36.18 30.11
CA ILE F 75 -30.91 37.35 29.87
C ILE F 75 -30.00 37.13 28.68
N VAL F 76 -29.45 35.93 28.53
CA VAL F 76 -28.37 35.71 27.57
C VAL F 76 -28.91 35.19 26.25
N TYR F 77 -29.71 34.13 26.29
CA TYR F 77 -30.18 33.51 25.03
C TYR F 77 -31.30 34.35 24.42
N ILE F 78 -32.36 34.61 25.17
CA ILE F 78 -33.42 35.48 24.68
C ILE F 78 -32.91 36.90 24.54
N GLY F 79 -32.26 37.42 25.59
CA GLY F 79 -31.92 38.83 25.62
C GLY F 79 -30.80 39.24 24.70
N ALA F 80 -29.86 38.35 24.42
CA ALA F 80 -28.70 38.71 23.60
C ALA F 80 -28.58 37.87 22.34
N VAL F 81 -28.55 36.53 22.45
CA VAL F 81 -28.27 35.68 21.29
C VAL F 81 -29.38 35.81 20.25
N SER F 82 -30.63 35.72 20.69
CA SER F 82 -31.74 35.71 19.75
C SER F 82 -32.06 37.09 19.21
N ILE F 83 -31.66 38.14 19.91
CA ILE F 83 -31.74 39.48 19.36
C ILE F 83 -30.78 39.61 18.17
N LEU F 84 -29.56 39.07 18.33
CA LEU F 84 -28.60 39.08 17.23
C LEU F 84 -29.13 38.29 16.04
N PHE F 85 -29.81 37.17 16.30
CA PHE F 85 -30.40 36.38 15.23
C PHE F 85 -31.51 37.15 14.52
N LEU F 86 -32.43 37.73 15.30
CA LEU F 86 -33.50 38.52 14.69
C LEU F 86 -32.95 39.71 13.93
N PHE F 87 -31.89 40.32 14.44
CA PHE F 87 -31.28 41.46 13.75
C PHE F 87 -30.90 41.08 12.32
N ILE F 88 -30.10 40.02 12.18
CA ILE F 88 -29.55 39.68 10.88
C ILE F 88 -30.63 39.16 9.95
N LEU F 89 -31.53 38.33 10.45
CA LEU F 89 -32.59 37.78 9.64
C LEU F 89 -33.49 38.88 9.09
N MET F 90 -33.83 39.85 9.92
CA MET F 90 -34.77 40.89 9.59
C MET F 90 -34.16 41.92 8.64
N LEU F 91 -32.85 41.89 8.42
CA LEU F 91 -32.17 42.77 7.49
C LEU F 91 -31.92 42.13 6.13
N ILE F 92 -31.54 40.86 6.13
CA ILE F 92 -31.15 40.18 4.87
C ILE F 92 -32.37 39.96 3.97
N ASN F 93 -32.15 39.79 2.68
CA ASN F 93 -33.28 39.66 1.74
C ASN F 93 -33.72 38.20 1.64
N ILE F 94 -34.96 37.90 2.02
CA ILE F 94 -35.37 36.47 2.02
C ILE F 94 -36.70 36.19 1.33
N ARG F 95 -36.72 35.31 0.35
CA ARG F 95 -37.93 34.83 -0.30
C ARG F 95 -38.26 33.47 0.29
N THR F 96 -39.45 33.35 0.90
CA THR F 96 -39.83 32.11 1.57
C THR F 96 -39.92 30.94 0.59
N SER F 97 -40.26 31.21 -0.68
CA SER F 97 -40.34 30.16 -1.68
C SER F 97 -39.02 29.45 -1.87
N GLU F 98 -37.91 30.16 -1.69
CA GLU F 98 -36.59 29.60 -1.90
C GLU F 98 -36.12 28.71 -0.75
N LEU F 99 -36.75 28.77 0.41
CA LEU F 99 -36.32 28.00 1.57
C LEU F 99 -37.23 26.83 1.89
N GLN F 100 -38.31 26.64 1.15
CA GLN F 100 -39.31 25.63 1.48
C GLN F 100 -39.10 24.39 0.60
N SER F 101 -38.74 23.28 1.22
CA SER F 101 -38.61 22.00 0.53
C SER F 101 -39.83 21.14 0.79
N ASN F 102 -39.98 20.09 -0.03
CA ASN F 102 -41.09 19.17 0.13
C ASN F 102 -40.87 18.26 1.33
N THR F 103 -41.42 18.64 2.48
CA THR F 103 -41.18 17.89 3.71
C THR F 103 -41.73 16.48 3.63
N SER F 104 -42.66 16.20 2.72
CA SER F 104 -43.22 14.87 2.60
C SER F 104 -42.18 13.86 2.14
N ASN F 105 -41.25 14.26 1.28
CA ASN F 105 -40.18 13.38 0.87
C ASN F 105 -39.30 12.96 2.04
N SER F 106 -39.31 13.73 3.13
CA SER F 106 -38.50 13.43 4.30
C SER F 106 -39.26 12.63 5.36
N ILE F 107 -40.54 12.34 5.13
CA ILE F 107 -41.36 11.75 6.19
C ILE F 107 -40.87 10.37 6.61
N PRO F 108 -40.64 9.41 5.71
CA PRO F 108 -40.13 8.11 6.18
C PRO F 108 -38.77 8.19 6.86
N LEU F 109 -37.84 8.98 6.32
CA LEU F 109 -36.57 9.17 7.00
C LEU F 109 -36.77 9.81 8.36
N THR F 110 -37.74 10.72 8.45
CA THR F 110 -38.10 11.30 9.75
C THR F 110 -38.56 10.22 10.72
N ILE F 111 -39.46 9.34 10.29
CA ILE F 111 -39.95 8.29 11.17
C ILE F 111 -38.80 7.38 11.59
N LEU F 112 -38.03 6.89 10.62
CA LEU F 112 -36.95 5.95 10.91
C LEU F 112 -35.93 6.56 11.87
N VAL F 113 -35.51 7.80 11.59
CA VAL F 113 -34.49 8.44 12.43
C VAL F 113 -35.01 8.59 13.85
N GLY F 114 -36.28 8.93 14.01
CA GLY F 114 -36.85 9.07 15.34
C GLY F 114 -36.85 7.77 16.12
N ILE F 115 -37.27 6.68 15.49
CA ILE F 115 -37.28 5.40 16.20
C ILE F 115 -35.87 4.96 16.55
N ILE F 116 -34.94 5.06 15.61
CA ILE F 116 -33.58 4.57 15.85
C ILE F 116 -32.89 5.39 16.94
N ILE F 117 -32.94 6.72 16.83
CA ILE F 117 -32.20 7.56 17.75
C ILE F 117 -32.83 7.51 19.14
N SER F 118 -34.15 7.59 19.22
CA SER F 118 -34.81 7.58 20.52
C SER F 118 -34.58 6.27 21.26
N SER F 119 -34.67 5.14 20.55
CA SER F 119 -34.51 3.84 21.21
C SER F 119 -33.11 3.72 21.81
N PHE F 120 -32.08 4.16 21.10
CA PHE F 120 -30.73 4.08 21.64
C PHE F 120 -30.49 5.11 22.74
N LEU F 121 -30.97 6.34 22.54
CA LEU F 121 -30.64 7.42 23.48
C LEU F 121 -31.39 7.28 24.79
N PHE F 122 -32.60 6.71 24.76
CA PHE F 122 -33.37 6.58 25.99
C PHE F 122 -32.71 5.63 26.98
N LYS F 123 -32.14 4.53 26.48
CA LYS F 123 -31.49 3.56 27.37
C LYS F 123 -30.30 4.15 28.09
N MET F 124 -29.79 5.28 27.63
CA MET F 124 -28.65 5.93 28.27
C MET F 124 -29.01 6.82 29.44
N LEU F 125 -30.26 7.15 29.60
CA LEU F 125 -30.64 8.10 30.63
C LEU F 125 -30.62 7.43 32.00
N PRO F 126 -29.96 8.03 32.99
CA PRO F 126 -29.96 7.45 34.33
C PRO F 126 -31.35 7.51 34.95
N TYR F 127 -31.53 6.68 35.98
CA TYR F 127 -32.85 6.52 36.59
C TYR F 127 -33.41 7.82 37.14
N GLY F 128 -32.56 8.82 37.41
CA GLY F 128 -33.04 10.07 37.96
C GLY F 128 -33.92 10.85 37.00
N VAL F 129 -33.52 10.93 35.74
CA VAL F 129 -34.27 11.73 34.78
C VAL F 129 -35.51 11.00 34.29
N ILE F 130 -35.50 9.67 34.31
CA ILE F 130 -36.64 8.89 33.84
C ILE F 130 -37.53 8.42 35.00
N ILE F 131 -37.39 9.03 36.18
CA ILE F 131 -38.11 8.55 37.35
C ILE F 131 -39.60 8.87 37.24
N SER F 132 -39.97 9.98 36.59
CA SER F 132 -41.34 10.48 36.58
C SER F 132 -41.82 10.75 35.17
N ASN F 133 -41.62 9.79 34.26
CA ASN F 133 -42.11 9.93 32.89
C ASN F 133 -42.40 8.55 32.32
N GLN F 134 -43.66 8.27 32.05
CA GLN F 134 -44.10 7.01 31.47
C GLN F 134 -43.60 5.80 32.25
N LYS F 164 -50.48 3.02 39.24
CA LYS F 164 -50.98 2.50 40.51
C LYS F 164 -49.92 2.62 41.60
N ASN F 165 -48.82 1.87 41.45
CA ASN F 165 -47.71 1.91 42.41
C ASN F 165 -46.76 3.05 42.05
N ASP F 166 -47.26 4.27 42.27
CA ASP F 166 -46.42 5.44 42.05
C ASP F 166 -45.47 5.65 43.23
N LEU F 167 -44.22 5.93 42.92
CA LEU F 167 -43.20 6.17 43.92
C LEU F 167 -43.20 7.63 44.33
N PHE F 168 -42.85 7.87 45.59
CA PHE F 168 -42.92 9.21 46.17
C PHE F 168 -41.56 9.60 46.72
N PHE F 169 -41.12 10.81 46.40
CA PHE F 169 -39.90 11.35 46.98
C PHE F 169 -40.18 11.95 48.34
N ILE F 170 -39.29 11.69 49.29
CA ILE F 170 -39.44 12.14 50.66
C ILE F 170 -38.19 12.93 51.05
N THR F 171 -38.39 14.04 51.75
CA THR F 171 -37.28 14.88 52.20
C THR F 171 -37.48 15.27 53.65
N SER F 172 -36.36 15.52 54.33
CA SER F 172 -36.35 15.99 55.71
C SER F 172 -35.35 17.13 55.84
N LYS F 173 -35.15 17.60 57.06
CA LYS F 173 -34.24 18.70 57.30
C LYS F 173 -32.94 18.23 57.93
N ILE F 174 -31.90 19.03 57.78
CA ILE F 174 -30.69 18.94 58.59
C ILE F 174 -30.46 20.29 59.22
N TRP F 175 -29.61 20.31 60.23
CA TRP F 175 -29.33 21.59 60.93
C TRP F 175 -27.89 22.02 60.69
N ASP F 176 -26.93 21.10 60.83
CA ASP F 176 -25.50 21.37 60.58
C ASP F 176 -25.29 21.77 59.11
N GLY F 177 -25.99 21.11 58.19
CA GLY F 177 -25.92 21.44 56.76
C GLY F 177 -26.52 22.77 56.43
N ALA F 178 -27.47 23.22 57.25
CA ALA F 178 -28.17 24.50 56.97
C ALA F 178 -27.64 25.66 57.82
N LEU F 179 -26.39 25.64 58.27
CA LEU F 179 -25.96 26.73 59.15
C LEU F 179 -25.94 28.06 58.42
N ALA F 180 -25.35 28.11 57.22
CA ALA F 180 -25.39 29.30 56.37
C ALA F 180 -25.51 28.84 54.93
N GLU F 181 -26.75 28.67 54.47
CA GLU F 181 -27.00 28.19 53.12
C GLU F 181 -26.57 29.21 52.08
N ASN F 182 -25.99 28.72 51.00
CA ASN F 182 -25.77 29.52 49.81
C ASN F 182 -26.93 29.35 48.85
N ASN F 183 -27.33 30.44 48.21
CA ASN F 183 -28.09 30.31 46.97
C ASN F 183 -27.18 29.74 45.88
N HIS F 184 -27.81 29.14 44.87
CA HIS F 184 -27.06 28.47 43.81
C HIS F 184 -26.01 29.38 43.19
N ILE F 185 -26.33 30.67 43.02
CA ILE F 185 -25.37 31.58 42.42
C ILE F 185 -24.16 31.79 43.33
N SER F 186 -24.36 31.72 44.65
CA SER F 186 -23.24 31.83 45.57
C SER F 186 -22.43 30.55 45.64
N SER F 187 -23.09 29.39 45.52
CA SER F 187 -22.35 28.13 45.49
C SER F 187 -21.48 28.02 44.25
N ILE F 188 -21.99 28.50 43.10
CA ILE F 188 -21.17 28.55 41.90
C ILE F 188 -20.01 29.52 42.09
N GLY F 189 -20.29 30.70 42.63
CA GLY F 189 -19.25 31.69 42.85
C GLY F 189 -18.16 31.25 43.80
N ASN F 190 -18.49 30.34 44.72
CA ASN F 190 -17.48 29.83 45.64
C ASN F 190 -16.37 29.09 44.92
N ILE F 191 -16.71 28.32 43.89
CA ILE F 191 -15.74 27.48 43.22
C ILE F 191 -15.33 28.01 41.85
N MET F 192 -16.06 28.99 41.31
CA MET F 192 -15.92 29.33 39.89
C MET F 192 -14.61 30.05 39.60
N TYR F 193 -14.13 30.84 40.54
CA TYR F 193 -12.91 31.63 40.36
C TYR F 193 -11.70 30.99 41.03
N THR F 194 -11.89 29.96 41.83
CA THR F 194 -10.73 29.39 42.54
C THR F 194 -10.45 27.95 42.14
N ASN F 195 -11.40 27.06 42.38
CA ASN F 195 -11.16 25.64 42.15
C ASN F 195 -11.13 25.29 40.68
N TYR F 196 -11.98 25.93 39.89
CA TYR F 196 -12.15 25.60 38.49
C TYR F 196 -11.81 26.77 37.59
N ASN F 197 -10.94 27.68 38.04
CA ASN F 197 -10.71 28.90 37.29
C ASN F 197 -10.01 28.69 35.96
N VAL F 198 -9.52 27.48 35.69
CA VAL F 198 -8.94 27.18 34.35
C VAL F 198 -10.08 27.26 33.33
N TRP F 199 -11.25 26.73 33.68
CA TRP F 199 -12.39 26.86 32.79
C TRP F 199 -12.70 28.32 32.49
N LEU F 200 -12.63 29.18 33.52
CA LEU F 200 -12.91 30.59 33.33
C LEU F 200 -11.91 31.24 32.39
N ILE F 201 -10.63 30.87 32.52
CA ILE F 201 -9.61 31.40 31.61
C ILE F 201 -9.89 30.94 30.18
N LEU F 202 -10.16 29.65 30.01
CA LEU F 202 -10.44 29.11 28.69
C LEU F 202 -11.64 29.80 28.05
N ALA F 203 -12.69 30.03 28.84
CA ALA F 203 -13.89 30.68 28.29
C ALA F 203 -13.59 32.10 27.85
N SER F 204 -12.77 32.83 28.62
CA SER F 204 -12.36 34.20 28.26
C SER F 204 -11.65 34.22 26.91
N PHE F 205 -10.79 33.22 26.65
CA PHE F 205 -10.05 33.13 25.37
C PHE F 205 -11.02 32.91 24.22
N ILE F 206 -12.02 32.07 24.42
CA ILE F 206 -13.09 31.84 23.41
C ILE F 206 -13.86 33.13 23.19
N LEU F 207 -14.19 33.82 24.28
CA LEU F 207 -14.88 35.09 24.08
C LEU F 207 -14.00 36.10 23.37
N LEU F 208 -12.71 36.14 23.74
CA LEU F 208 -11.75 36.98 23.06
C LEU F 208 -11.68 36.66 21.58
N LEU F 209 -11.53 35.38 21.25
CA LEU F 209 -11.42 34.98 19.86
C LEU F 209 -12.69 35.31 19.09
N ALA F 210 -13.85 35.11 19.71
CA ALA F 210 -15.12 35.45 19.07
C ALA F 210 -15.21 36.94 18.77
N MET F 211 -14.74 37.77 19.70
CA MET F 211 -14.81 39.21 19.49
C MET F 211 -13.93 39.64 18.33
N VAL F 212 -12.66 39.22 18.35
CA VAL F 212 -11.74 39.61 17.29
C VAL F 212 -12.13 38.97 15.97
N GLY F 213 -12.58 37.72 15.99
CA GLY F 213 -12.90 37.02 14.75
C GLY F 213 -14.10 37.60 14.02
N ALA F 214 -15.20 37.82 14.74
CA ALA F 214 -16.40 38.35 14.10
C ALA F 214 -16.18 39.77 13.58
N ILE F 215 -15.29 40.53 14.21
CA ILE F 215 -14.98 41.87 13.73
C ILE F 215 -14.12 41.82 12.48
N VAL F 216 -13.13 40.93 12.45
CA VAL F 216 -12.17 40.88 11.34
C VAL F 216 -12.83 40.46 10.04
N ILE F 217 -13.83 39.58 10.09
CA ILE F 217 -14.42 39.07 8.86
C ILE F 217 -15.56 39.92 8.34
N THR F 218 -16.02 40.91 9.08
CA THR F 218 -17.23 41.63 8.67
C THR F 218 -17.00 43.09 8.33
N ILE F 219 -15.98 43.74 8.85
CA ILE F 219 -15.87 45.18 8.69
C ILE F 219 -14.71 45.51 7.77
N LYS F 220 -14.82 46.64 7.12
CA LYS F 220 -13.71 47.17 6.37
C LYS F 220 -12.65 47.68 7.34
N PRO F 221 -11.38 47.32 7.16
CA PRO F 221 -10.27 47.85 7.95
C PRO F 221 -10.04 49.34 7.71
N SER G 9 43.37 -80.14 -31.96
CA SER G 9 42.13 -80.88 -31.85
C SER G 9 41.47 -80.66 -30.49
N ARG G 10 42.30 -80.43 -29.48
CA ARG G 10 41.78 -80.22 -28.13
C ARG G 10 41.04 -78.88 -28.04
N ARG G 11 39.94 -78.88 -27.30
CA ARG G 11 39.13 -77.68 -27.15
C ARG G 11 39.88 -76.64 -26.32
N ALA G 12 39.82 -75.38 -26.77
CA ALA G 12 40.48 -74.31 -26.04
C ALA G 12 39.72 -73.98 -24.76
N THR G 13 40.46 -73.78 -23.68
CA THR G 13 39.85 -73.46 -22.40
C THR G 13 39.36 -72.02 -22.39
N ARG G 14 38.46 -71.73 -21.44
CA ARG G 14 37.88 -70.39 -21.37
C ARG G 14 38.92 -69.34 -21.03
N GLU G 15 40.04 -69.74 -20.40
CA GLU G 15 41.09 -68.78 -20.09
C GLU G 15 41.76 -68.27 -21.36
N GLU G 16 42.08 -69.16 -22.30
CA GLU G 16 42.74 -68.71 -23.52
C GLU G 16 41.78 -68.03 -24.48
N MET G 17 40.51 -68.45 -24.51
CA MET G 17 39.51 -67.67 -25.22
C MET G 17 39.43 -66.27 -24.66
N ARG G 18 39.44 -66.15 -23.33
CA ARG G 18 39.50 -64.84 -22.70
C ARG G 18 40.85 -64.18 -22.95
N ASP G 19 41.92 -64.87 -23.03
CA ASP G 19 43.25 -64.24 -23.23
C ASP G 19 43.41 -63.83 -24.69
N ALA G 20 42.83 -64.62 -25.63
CA ALA G 20 42.97 -64.29 -27.03
C ALA G 20 42.03 -63.20 -27.50
N LYS G 21 41.19 -62.67 -26.60
CA LYS G 21 40.21 -61.63 -26.93
C LYS G 21 39.26 -62.11 -28.01
N VAL G 22 38.86 -63.38 -27.92
CA VAL G 22 37.85 -63.92 -28.84
C VAL G 22 36.56 -63.12 -28.68
N PRO G 23 35.84 -62.81 -29.75
CA PRO G 23 34.50 -62.25 -29.57
C PRO G 23 33.63 -63.17 -28.73
N LEU G 24 32.86 -62.55 -27.82
CA LEU G 24 32.08 -63.32 -26.87
C LEU G 24 31.05 -64.21 -27.54
N ALA G 25 30.51 -63.78 -28.68
CA ALA G 25 29.52 -64.58 -29.37
C ALA G 25 30.09 -65.79 -30.07
N TYR G 26 31.41 -65.86 -30.26
CA TYR G 26 32.04 -66.98 -30.93
C TYR G 26 32.98 -67.75 -30.01
N ARG G 27 32.83 -67.57 -28.71
CA ARG G 27 33.65 -68.29 -27.74
C ARG G 27 33.06 -69.67 -27.50
N ASP G 28 32.76 -70.37 -28.59
CA ASP G 28 32.15 -71.68 -28.58
C ASP G 28 33.22 -72.77 -28.66
N SER G 29 32.61 -74.02 -29.06
CA SER G 29 33.46 -75.23 -29.17
C SER G 29 34.57 -75.03 -30.21
N CYS G 30 34.31 -74.43 -31.29
CA CYS G 30 35.22 -74.25 -32.42
C CYS G 30 36.14 -73.05 -32.28
N ALA G 31 36.09 -72.33 -31.16
CA ALA G 31 36.94 -71.16 -30.98
C ALA G 31 38.42 -71.51 -31.06
N HIS G 32 38.78 -72.77 -30.83
CA HIS G 32 40.17 -73.18 -30.96
C HIS G 32 40.68 -72.97 -32.38
N LEU G 33 39.79 -72.96 -33.38
CA LEU G 33 40.17 -72.63 -34.74
C LEU G 33 40.01 -71.16 -35.09
N LEU G 34 39.31 -70.38 -34.26
CA LEU G 34 39.18 -68.95 -34.53
C LEU G 34 40.44 -68.18 -34.19
N ILE G 35 41.19 -68.61 -33.18
CA ILE G 35 42.39 -67.89 -32.77
C ILE G 35 43.44 -67.86 -33.88
N PRO G 36 43.82 -68.97 -34.50
CA PRO G 36 44.80 -68.86 -35.60
C PRO G 36 44.31 -68.01 -36.76
N LEU G 37 43.01 -68.06 -37.06
CA LEU G 37 42.48 -67.23 -38.13
C LEU G 37 42.53 -65.76 -37.76
N ASN G 38 42.07 -65.41 -36.56
CA ASN G 38 42.09 -64.01 -36.15
C ASN G 38 43.51 -63.49 -36.03
N ARG G 39 44.45 -64.35 -35.61
CA ARG G 39 45.85 -63.97 -35.66
C ARG G 39 46.29 -63.70 -37.10
N CYS G 40 45.89 -64.55 -38.05
CA CYS G 40 46.32 -64.36 -39.42
C CYS G 40 45.71 -63.10 -40.01
N ARG G 41 44.44 -62.83 -39.70
CA ARG G 41 43.82 -61.59 -40.16
C ARG G 41 44.57 -60.38 -39.66
N TYR G 42 45.07 -60.44 -38.43
CA TYR G 42 45.89 -59.35 -37.91
C TYR G 42 47.17 -59.19 -38.72
N GLU G 43 47.80 -60.30 -39.09
CA GLU G 43 49.07 -60.23 -39.81
C GLU G 43 48.87 -59.78 -41.25
N THR G 44 47.83 -60.28 -41.90
CA THR G 44 47.57 -60.00 -43.31
C THR G 44 46.66 -58.80 -43.52
N TYR G 45 46.32 -58.09 -42.46
CA TYR G 45 45.50 -56.88 -42.54
C TYR G 45 44.13 -57.19 -43.12
N TYR G 46 43.63 -58.40 -42.85
CA TYR G 46 42.28 -58.83 -43.17
C TYR G 46 41.99 -58.91 -44.66
N LEU G 47 43.01 -58.93 -45.50
CA LEU G 47 42.77 -59.02 -46.93
C LEU G 47 42.15 -60.37 -47.25
N PRO G 48 41.07 -60.41 -48.03
CA PRO G 48 40.38 -61.69 -48.24
C PRO G 48 40.99 -62.56 -49.32
N TRP G 49 42.32 -62.69 -49.34
CA TRP G 49 42.96 -63.71 -50.14
C TRP G 49 44.23 -64.24 -49.48
N LYS G 50 44.36 -64.11 -48.17
CA LYS G 50 45.60 -64.46 -47.48
C LYS G 50 45.43 -65.48 -46.37
N CYS G 51 44.28 -65.53 -45.70
CA CYS G 51 44.03 -66.47 -44.63
C CYS G 51 43.15 -67.62 -45.08
N GLU G 52 43.31 -68.09 -46.32
CA GLU G 52 42.34 -69.00 -46.92
C GLU G 52 42.23 -70.30 -46.12
N ASP G 53 43.36 -70.95 -45.84
CA ASP G 53 43.31 -72.25 -45.17
C ASP G 53 42.70 -72.13 -43.78
N GLU G 54 43.13 -71.12 -43.02
CA GLU G 54 42.54 -70.90 -41.70
C GLU G 54 41.07 -70.54 -41.82
N ARG G 55 40.71 -69.75 -42.83
CA ARG G 55 39.32 -69.36 -43.01
C ARG G 55 38.45 -70.57 -43.35
N HIS G 56 38.93 -71.44 -44.22
CA HIS G 56 38.13 -72.59 -44.61
C HIS G 56 38.03 -73.61 -43.49
N SER G 57 39.08 -73.75 -42.67
CA SER G 57 39.06 -74.71 -41.58
C SER G 57 38.07 -74.27 -40.49
N TYR G 58 38.11 -72.99 -40.12
CA TYR G 58 37.18 -72.50 -39.11
C TYR G 58 35.75 -72.55 -39.62
N GLU G 59 35.55 -72.29 -40.92
CA GLU G 59 34.23 -72.40 -41.50
C GLU G 59 33.75 -73.85 -41.53
N LYS G 60 34.64 -74.78 -41.89
CA LYS G 60 34.23 -76.17 -42.05
C LYS G 60 33.79 -76.76 -40.72
N CYS G 61 34.61 -76.62 -39.68
CA CYS G 61 34.24 -77.16 -38.37
C CYS G 61 32.98 -76.48 -37.85
N GLN G 62 32.87 -75.17 -38.04
CA GLN G 62 31.66 -74.46 -37.65
C GLN G 62 30.45 -74.99 -38.41
N TYR G 63 30.63 -75.32 -39.69
CA TYR G 63 29.57 -75.97 -40.44
C TYR G 63 29.23 -77.34 -39.86
N LEU G 64 30.26 -78.10 -39.48
CA LEU G 64 30.02 -79.44 -38.92
C LEU G 64 29.20 -79.36 -37.64
N GLU G 65 29.54 -78.41 -36.76
CA GLU G 65 28.75 -78.25 -35.53
C GLU G 65 27.35 -77.75 -35.84
N PHE G 66 27.20 -76.91 -36.85
CA PHE G 66 25.88 -76.49 -37.28
C PHE G 66 25.07 -77.68 -37.79
N LYS G 67 25.71 -78.56 -38.55
CA LYS G 67 25.03 -79.76 -39.05
C LYS G 67 24.57 -80.66 -37.91
N LYS G 68 25.21 -80.54 -36.75
CA LYS G 68 24.82 -81.39 -35.59
C LYS G 68 23.61 -80.78 -34.89
N ARG G 69 23.50 -79.45 -34.89
CA ARG G 69 22.40 -78.80 -34.20
C ARG G 69 21.10 -78.84 -34.99
N VAL G 70 21.17 -78.89 -36.32
CA VAL G 70 19.95 -79.03 -37.11
C VAL G 70 19.36 -80.41 -36.89
N GLN G 71 20.20 -81.44 -36.79
CA GLN G 71 19.72 -82.76 -36.43
C GLN G 71 19.10 -82.76 -35.04
N LYS G 72 19.71 -82.02 -34.11
CA LYS G 72 19.14 -81.89 -32.78
C LYS G 72 17.79 -81.22 -32.82
N MET G 73 17.66 -80.15 -33.62
CA MET G 73 16.36 -79.50 -33.79
C MET G 73 15.39 -80.41 -34.52
N GLU G 74 15.75 -81.16 -35.46
CA GLU G 74 14.82 -82.03 -36.21
C GLU G 74 14.28 -83.10 -35.27
N GLU G 75 15.21 -83.68 -34.41
CA GLU G 75 14.69 -84.62 -33.43
C GLU G 75 13.64 -83.95 -32.53
N LEU G 76 13.91 -82.72 -32.11
CA LEU G 76 12.95 -82.00 -31.29
C LEU G 76 11.69 -81.65 -32.07
N ARG G 77 11.80 -81.51 -33.41
CA ARG G 77 10.63 -81.16 -34.20
C ARG G 77 9.57 -82.24 -34.16
N GLU G 78 10.01 -83.51 -34.25
CA GLU G 78 9.03 -84.64 -34.25
C GLU G 78 8.55 -84.91 -32.82
N ALA G 79 9.32 -84.51 -31.81
CA ALA G 79 8.92 -84.77 -30.43
C ALA G 79 7.66 -84.03 -30.04
N LYS G 80 7.30 -82.98 -30.79
CA LYS G 80 6.08 -82.21 -30.54
C LYS G 80 5.08 -82.35 -31.66
N GLY G 81 5.19 -83.39 -32.47
CA GLY G 81 4.28 -83.59 -33.59
C GLY G 81 4.41 -82.54 -34.69
N GLY G 82 5.63 -82.12 -34.99
CA GLY G 82 5.84 -81.12 -36.03
C GLY G 82 5.23 -79.76 -35.70
N ALA G 83 5.35 -79.32 -34.46
CA ALA G 83 4.83 -78.03 -34.05
C ALA G 83 5.89 -76.95 -34.21
N ARG G 84 5.45 -75.70 -34.10
CA ARG G 84 6.34 -74.57 -34.26
C ARG G 84 7.16 -74.33 -33.00
N SER G 85 8.40 -73.89 -33.20
CA SER G 85 9.31 -73.57 -32.10
C SER G 85 9.87 -72.16 -32.16
N ASN G 86 9.46 -71.36 -33.14
CA ASN G 86 9.96 -69.99 -33.25
C ASN G 86 8.83 -68.98 -33.26
N MET H 1 -23.34 14.46 42.65
CA MET H 1 -22.30 13.83 41.86
C MET H 1 -21.01 13.67 42.66
N ALA H 2 -19.86 13.60 41.99
CA ALA H 2 -18.60 13.29 42.62
C ALA H 2 -17.74 14.51 42.94
N SER H 3 -18.21 15.72 42.63
CA SER H 3 -17.34 16.89 42.70
C SER H 3 -16.97 17.24 44.14
N GLY H 4 -17.91 17.11 45.08
CA GLY H 4 -17.72 17.54 46.44
C GLY H 4 -18.32 18.89 46.78
N TYR H 5 -19.14 19.45 45.89
CA TYR H 5 -19.74 20.77 46.11
C TYR H 5 -21.21 20.68 45.74
N GLY H 6 -22.08 20.76 46.75
CA GLY H 6 -23.50 20.69 46.56
C GLY H 6 -24.14 22.01 46.20
N LEU H 7 -25.47 22.00 46.13
CA LEU H 7 -26.22 23.15 45.63
C LEU H 7 -26.32 24.27 46.66
N ASN H 8 -26.26 23.94 47.94
CA ASN H 8 -26.45 24.90 49.02
C ASN H 8 -25.14 25.45 49.57
N GLY H 9 -24.03 25.24 48.87
CA GLY H 9 -22.73 25.65 49.37
C GLY H 9 -22.00 24.60 50.17
N GLY H 10 -22.67 23.52 50.57
CA GLY H 10 -22.06 22.41 51.25
C GLY H 10 -21.47 21.40 50.29
N PRO H 11 -21.00 20.27 50.82
CA PRO H 11 -20.51 19.20 49.95
C PRO H 11 -21.64 18.43 49.30
N SER H 12 -21.33 17.79 48.17
CA SER H 12 -22.33 17.03 47.44
C SER H 12 -22.68 15.73 48.17
N ARG H 13 -23.97 15.36 48.13
CA ARG H 13 -24.49 14.28 48.95
C ARG H 13 -23.92 12.91 48.62
N CYS H 14 -23.40 12.70 47.42
CA CYS H 14 -22.80 11.42 47.07
C CYS H 14 -21.29 11.40 47.20
N PHE H 15 -20.69 12.53 47.59
CA PHE H 15 -19.23 12.61 47.71
C PHE H 15 -18.62 11.57 48.66
N PRO H 16 -19.17 11.29 49.84
CA PRO H 16 -18.53 10.26 50.69
C PRO H 16 -18.43 8.91 50.03
N PHE H 17 -19.42 8.55 49.20
CA PHE H 17 -19.34 7.31 48.44
C PHE H 17 -18.24 7.36 47.40
N TRP H 18 -18.08 8.51 46.75
CA TRP H 18 -17.02 8.65 45.77
C TRP H 18 -15.65 8.61 46.42
N GLN H 19 -15.51 9.23 47.59
CA GLN H 19 -14.22 9.24 48.28
C GLN H 19 -13.84 7.84 48.71
N GLU H 20 -14.80 7.07 49.20
CA GLU H 20 -14.55 5.69 49.61
C GLU H 20 -14.24 4.79 48.42
N LEU H 21 -14.89 5.01 47.29
CA LEU H 21 -14.56 4.24 46.09
C LEU H 21 -13.13 4.51 45.66
N LEU H 22 -12.73 5.78 45.64
CA LEU H 22 -11.35 6.12 45.31
C LEU H 22 -10.39 5.58 46.37
N ALA H 23 -10.80 5.61 47.63
CA ALA H 23 -9.95 5.07 48.69
C ALA H 23 -9.76 3.57 48.53
N CYS H 24 -10.83 2.85 48.21
CA CYS H 24 -10.74 1.40 48.04
C CYS H 24 -9.81 1.06 46.87
N TYR H 25 -9.94 1.78 45.76
CA TYR H 25 -9.13 1.48 44.59
C TYR H 25 -7.64 1.75 44.85
N VAL H 26 -7.32 2.88 45.46
CA VAL H 26 -5.93 3.28 45.62
C VAL H 26 -5.19 2.30 46.53
N THR H 27 -5.86 1.77 47.54
CA THR H 27 -5.21 0.94 48.54
C THR H 27 -5.42 -0.56 48.33
N ASN H 28 -6.11 -0.97 47.28
CA ASN H 28 -6.32 -2.41 47.06
C ASN H 28 -5.87 -2.82 45.68
N SER H 29 -6.00 -1.93 44.72
CA SER H 29 -5.44 -2.13 43.40
C SER H 29 -3.96 -1.76 43.42
N SER H 30 -3.18 -2.47 42.64
CA SER H 30 -1.75 -2.17 42.48
C SER H 30 -1.25 -2.89 41.25
N GLU H 31 -0.01 -2.60 40.89
CA GLU H 31 0.58 -3.31 39.77
C GLU H 31 0.99 -4.72 40.15
N ASP H 32 1.45 -4.93 41.39
CA ASP H 32 1.79 -6.28 41.82
C ASP H 32 0.54 -7.16 41.86
N ASN H 33 -0.56 -6.64 42.41
CA ASN H 33 -1.83 -7.37 42.46
C ASN H 33 -2.90 -6.54 41.78
N PRO H 34 -3.17 -6.78 40.48
CA PRO H 34 -4.26 -6.04 39.82
C PRO H 34 -5.63 -6.49 40.25
N ASP H 35 -5.77 -7.71 40.77
CA ASP H 35 -7.08 -8.25 41.12
C ASP H 35 -7.63 -7.67 42.42
N GLY H 36 -6.87 -6.85 43.13
CA GLY H 36 -7.37 -6.22 44.33
C GLY H 36 -8.51 -5.26 44.09
N LYS H 37 -8.62 -4.73 42.86
CA LYS H 37 -9.71 -3.84 42.52
C LYS H 37 -11.06 -4.54 42.45
N ASN H 38 -11.09 -5.87 42.55
CA ASN H 38 -12.37 -6.56 42.67
C ASN H 38 -13.03 -6.29 44.02
N LYS H 39 -12.25 -5.94 45.03
CA LYS H 39 -12.83 -5.55 46.32
C LYS H 39 -13.63 -4.26 46.20
N CYS H 40 -13.31 -3.41 45.23
CA CYS H 40 -14.02 -2.16 45.00
C CYS H 40 -15.40 -2.35 44.40
N ILE H 41 -15.71 -3.54 43.91
CA ILE H 41 -17.00 -3.74 43.19
C ILE H 41 -18.20 -3.33 44.08
N PRO H 42 -18.34 -3.76 45.35
CA PRO H 42 -19.50 -3.35 46.16
C PRO H 42 -19.57 -1.83 46.42
N VAL H 43 -18.44 -1.18 46.63
CA VAL H 43 -18.35 0.30 46.85
C VAL H 43 -18.78 1.03 45.57
N MET H 44 -18.37 0.55 44.41
CA MET H 44 -18.79 1.17 43.13
C MET H 44 -20.30 1.04 42.99
N GLU H 45 -20.86 -0.09 43.39
CA GLU H 45 -22.31 -0.28 43.34
C GLU H 45 -23.00 0.72 44.28
N ASP H 46 -22.45 0.95 45.47
CA ASP H 46 -22.99 1.91 46.44
C ASP H 46 -22.96 3.33 45.87
N TYR H 47 -21.88 3.71 45.19
CA TYR H 47 -21.78 5.03 44.53
C TYR H 47 -22.83 5.18 43.42
N TYR H 48 -23.00 4.17 42.57
CA TYR H 48 -24.05 4.17 41.52
C TYR H 48 -25.46 4.22 42.15
N GLU H 49 -25.69 3.56 43.29
CA GLU H 49 -26.97 3.60 44.04
C GLU H 49 -27.23 4.99 44.64
N CYS H 50 -26.19 5.66 45.11
CA CYS H 50 -26.40 7.01 45.63
C CYS H 50 -26.79 7.98 44.52
N LEU H 51 -26.17 7.86 43.35
CA LEU H 51 -26.48 8.76 42.24
C LEU H 51 -27.91 8.58 41.74
N HIS H 52 -28.37 7.34 41.58
CA HIS H 52 -29.53 7.07 40.76
C HIS H 52 -30.67 6.34 41.46
N HIS H 53 -30.42 5.67 42.58
CA HIS H 53 -31.42 5.10 43.47
C HIS H 53 -32.22 3.95 42.88
N ARG H 54 -31.67 3.17 41.95
CA ARG H 54 -32.46 2.10 41.29
C ARG H 54 -32.87 1.02 42.30
N LYS H 55 -31.91 0.51 43.07
CA LYS H 55 -32.20 -0.57 44.03
C LYS H 55 -33.17 -0.10 45.10
N GLU H 56 -33.02 1.13 45.57
CA GLU H 56 -33.92 1.68 46.56
C GLU H 56 -35.32 1.83 46.01
N ALA H 57 -35.45 2.28 44.76
CA ALA H 57 -36.75 2.39 44.12
C ALA H 57 -37.40 1.02 43.99
N ALA H 58 -36.60 0.00 43.66
CA ALA H 58 -37.13 -1.36 43.51
C ALA H 58 -37.60 -1.92 44.85
N ARG H 59 -36.91 -1.58 45.93
CA ARG H 59 -37.34 -2.04 47.24
C ARG H 59 -38.59 -1.31 47.71
N VAL H 60 -38.65 0.01 47.53
CA VAL H 60 -39.74 0.77 48.11
C VAL H 60 -41.05 0.44 47.42
N ARG H 61 -41.03 0.22 46.11
CA ARG H 61 -42.27 -0.11 45.43
C ARG H 61 -42.69 -1.56 45.69
N ALA H 62 -41.71 -2.47 45.88
CA ALA H 62 -42.05 -3.81 46.33
C ALA H 62 -42.71 -3.79 47.70
N LEU H 63 -42.18 -2.97 48.62
CA LEU H 63 -42.73 -2.89 49.97
C LEU H 63 -44.05 -2.16 49.99
N GLN H 64 -44.19 -1.10 49.21
CA GLN H 64 -45.44 -0.33 49.18
C GLN H 64 -46.60 -1.14 48.65
N ALA H 65 -46.36 -2.02 47.68
CA ALA H 65 -47.40 -2.94 47.23
C ALA H 65 -47.90 -3.80 48.38
N ALA H 66 -46.98 -4.38 49.15
CA ALA H 66 -47.37 -5.19 50.29
C ALA H 66 -48.06 -4.34 51.35
N TYR H 67 -47.56 -3.13 51.59
CA TYR H 67 -48.18 -2.27 52.60
C TYR H 67 -49.61 -1.92 52.21
N ARG H 68 -49.83 -1.54 50.96
CA ARG H 68 -51.18 -1.22 50.53
C ARG H 68 -52.06 -2.46 50.39
N GLU H 69 -51.48 -3.63 50.18
CA GLU H 69 -52.26 -4.85 50.14
C GLU H 69 -52.81 -5.18 51.52
N ALA H 70 -51.96 -5.10 52.55
CA ALA H 70 -52.41 -5.40 53.90
C ALA H 70 -53.34 -4.32 54.43
N GLU H 71 -53.10 -3.07 54.07
CA GLU H 71 -53.93 -1.99 54.57
C GLU H 71 -55.37 -2.10 54.08
N ALA H 72 -55.58 -2.72 52.92
CA ALA H 72 -56.94 -2.94 52.44
C ALA H 72 -57.63 -4.06 53.20
N LYS H 73 -56.88 -5.07 53.63
CA LYS H 73 -57.49 -6.19 54.35
C LYS H 73 -58.08 -5.73 55.69
N LYS H 74 -57.36 -4.87 56.40
CA LYS H 74 -57.85 -4.40 57.69
C LYS H 74 -59.04 -3.46 57.51
N LEU H 75 -59.81 -3.32 58.58
CA LEU H 75 -60.99 -2.47 58.60
C LEU H 75 -60.74 -1.29 59.53
N GLN H 76 -60.85 -0.08 59.00
CA GLN H 76 -60.63 1.14 59.76
C GLN H 76 -61.99 1.67 60.21
N GLU H 77 -62.37 1.33 61.46
CA GLU H 77 -63.65 1.78 61.98
C GLU H 77 -63.70 3.30 62.12
N ASN H 78 -62.60 3.90 62.58
CA ASN H 78 -62.54 5.35 62.80
C ASN H 78 -61.11 5.81 62.58
N PRO H 79 -60.71 5.98 61.31
CA PRO H 79 -59.36 6.48 61.05
C PRO H 79 -59.25 7.93 61.47
N PRO H 80 -58.06 8.39 61.87
CA PRO H 80 -57.90 9.79 62.26
C PRO H 80 -58.16 10.72 61.08
N THR H 81 -58.82 11.84 61.38
CA THR H 81 -59.07 12.86 60.38
C THR H 81 -57.88 13.81 60.30
N ALA H 82 -57.78 14.51 59.17
CA ALA H 82 -56.65 15.42 58.97
C ALA H 82 -56.61 16.52 60.01
N GLY H 83 -57.78 16.97 60.48
CA GLY H 83 -57.80 17.98 61.52
C GLY H 83 -57.20 17.46 62.82
N GLN H 84 -57.59 16.25 63.22
CA GLN H 84 -56.97 15.63 64.37
C GLN H 84 -55.49 15.39 64.13
N ILE H 85 -55.14 15.01 62.90
CA ILE H 85 -53.75 14.75 62.56
C ILE H 85 -52.93 16.03 62.73
N ARG H 86 -53.48 17.17 62.28
CA ARG H 86 -52.78 18.44 62.34
C ARG H 86 -52.64 18.97 63.76
N ASN H 87 -53.31 18.37 64.73
CA ASN H 87 -53.20 18.73 66.12
C ASN H 87 -52.26 17.81 66.90
N LEU H 88 -51.60 16.88 66.21
CA LEU H 88 -50.66 15.99 66.87
C LEU H 88 -49.57 16.75 67.59
N GLY H 89 -49.33 16.39 68.85
CA GLY H 89 -48.25 16.96 69.62
C GLY H 89 -48.35 18.43 69.88
N LEU H 90 -49.56 18.94 70.10
CA LEU H 90 -49.74 20.37 70.33
C LEU H 90 -50.09 20.63 71.80
N LEU H 91 -49.93 21.89 72.21
CA LEU H 91 -49.84 22.21 73.62
C LEU H 91 -51.13 21.86 74.38
N ASN H 92 -52.29 22.12 73.78
CA ASN H 92 -53.55 21.95 74.50
C ASN H 92 -54.51 21.05 73.75
N LYS H 93 -53.99 20.02 73.07
CA LYS H 93 -54.80 19.11 72.27
C LYS H 93 -54.48 17.66 72.62
N GLU H 94 -54.48 17.36 73.93
CA GLU H 94 -54.15 16.01 74.37
C GLU H 94 -55.14 14.99 73.87
N GLU H 95 -56.42 15.37 73.73
CA GLU H 95 -57.42 14.43 73.23
C GLU H 95 -57.11 13.98 71.81
N ASP H 96 -56.74 14.92 70.94
CA ASP H 96 -56.46 14.57 69.55
C ASP H 96 -55.18 13.77 69.44
N THR H 97 -54.17 14.08 70.27
CA THR H 97 -52.93 13.33 70.24
C THR H 97 -53.16 11.88 70.65
N LYS H 98 -53.98 11.66 71.69
CA LYS H 98 -54.30 10.30 72.10
C LYS H 98 -55.09 9.56 71.03
N LYS H 99 -56.03 10.25 70.39
CA LYS H 99 -56.83 9.60 69.35
C LYS H 99 -56.00 9.21 68.14
N VAL H 100 -55.10 10.09 67.71
CA VAL H 100 -54.23 9.79 66.57
C VAL H 100 -53.32 8.61 66.90
N HIS H 101 -52.75 8.60 68.10
CA HIS H 101 -51.84 7.52 68.50
C HIS H 101 -52.57 6.25 68.91
N CYS H 102 -53.90 6.29 69.02
CA CYS H 102 -54.69 5.14 69.47
C CYS H 102 -54.21 4.64 70.82
N ALA H 103 -53.89 5.58 71.72
CA ALA H 103 -53.42 5.23 73.06
C ALA H 103 -54.49 5.54 74.10
N PRO I 2 -43.72 82.74 41.85
CA PRO I 2 -44.31 82.02 42.99
C PRO I 2 -44.11 80.52 42.89
N VAL I 3 -44.91 79.76 43.64
CA VAL I 3 -44.85 78.31 43.65
C VAL I 3 -46.09 77.78 42.90
N PRO I 4 -45.93 77.17 41.74
CA PRO I 4 -47.10 76.57 41.08
C PRO I 4 -47.47 75.24 41.74
N PHE I 5 -48.51 75.25 42.56
CA PHE I 5 -48.83 74.06 43.34
C PHE I 5 -49.70 73.07 42.57
N GLU I 6 -50.45 73.54 41.57
CA GLU I 6 -51.18 72.60 40.71
C GLU I 6 -50.22 71.68 39.98
N THR I 7 -49.04 72.18 39.63
CA THR I 7 -48.01 71.32 39.06
C THR I 7 -47.56 70.26 40.06
N LEU I 8 -47.52 70.58 41.35
CA LEU I 8 -47.04 69.64 42.36
C LEU I 8 -48.08 68.60 42.75
N ILE I 9 -49.37 68.85 42.51
CA ILE I 9 -50.40 67.91 42.96
C ILE I 9 -50.20 66.50 42.43
N PRO I 10 -49.90 66.28 41.14
CA PRO I 10 -49.64 64.90 40.70
C PRO I 10 -48.48 64.22 41.44
N TYR I 11 -47.44 64.97 41.80
CA TYR I 11 -46.37 64.39 42.59
C TYR I 11 -46.87 63.95 43.95
N GLY I 12 -47.77 64.72 44.55
CA GLY I 12 -48.38 64.32 45.80
C GLY I 12 -49.21 63.06 45.66
N ILE I 13 -49.88 62.91 44.53
CA ILE I 13 -50.61 61.67 44.26
C ILE I 13 -49.65 60.50 44.14
N ILE I 14 -48.55 60.68 43.41
CA ILE I 14 -47.60 59.59 43.22
C ILE I 14 -47.00 59.17 44.56
N ILE I 15 -46.60 60.16 45.38
CA ILE I 15 -46.01 59.84 46.67
C ILE I 15 -47.03 59.12 47.55
N ALA I 16 -48.25 59.59 47.55
CA ALA I 16 -49.30 58.99 48.41
C ALA I 16 -49.64 57.56 47.97
N MET I 17 -49.60 57.24 46.68
CA MET I 17 -49.83 55.83 46.22
C MET I 17 -48.74 54.91 46.75
N PHE I 18 -47.50 55.36 46.76
CA PHE I 18 -46.40 54.58 47.39
C PHE I 18 -46.70 54.38 48.88
N GLY I 19 -47.24 55.39 49.55
CA GLY I 19 -47.63 55.27 50.97
C GLY I 19 -48.72 54.23 51.20
N VAL I 20 -49.71 54.17 50.30
CA VAL I 20 -50.81 53.16 50.39
C VAL I 20 -50.24 51.74 50.27
N THR I 21 -49.35 51.51 49.32
CA THR I 21 -48.75 50.16 49.09
C THR I 21 -47.94 49.79 50.34
N GLY I 22 -47.17 50.75 50.86
CA GLY I 22 -46.35 50.51 52.06
C GLY I 22 -47.25 50.15 53.22
N ALA I 23 -48.23 51.00 53.51
CA ALA I 23 -49.11 50.75 54.64
C ALA I 23 -49.94 49.49 54.45
N GLY I 24 -50.50 49.31 53.25
CA GLY I 24 -51.35 48.15 53.01
C GLY I 24 -50.59 46.85 53.09
N MET I 25 -49.41 46.78 52.46
CA MET I 25 -48.59 45.58 52.53
C MET I 25 -48.22 45.24 53.96
N ALA I 26 -47.80 46.25 54.73
CA ALA I 26 -47.40 46.00 56.11
C ALA I 26 -48.59 45.52 56.93
N LYS I 27 -49.76 46.08 56.69
CA LYS I 27 -50.93 45.68 57.46
C LYS I 27 -51.36 44.24 57.15
N VAL I 28 -51.47 43.90 55.87
CA VAL I 28 -51.99 42.60 55.50
C VAL I 28 -51.02 41.48 55.90
N ARG I 29 -49.71 41.76 55.81
CA ARG I 29 -48.73 40.78 56.28
C ARG I 29 -48.81 40.63 57.79
N HIS I 30 -49.01 41.74 58.51
CA HIS I 30 -49.12 41.68 59.96
C HIS I 30 -50.31 40.82 60.40
N MET I 31 -51.46 40.99 59.75
CA MET I 31 -52.62 40.14 60.05
C MET I 31 -52.35 38.70 59.66
N PHE I 32 -51.68 38.48 58.54
CA PHE I 32 -51.41 37.13 58.07
C PHE I 32 -50.51 36.36 59.05
N ASN I 33 -49.57 37.06 59.69
CA ASN I 33 -48.67 36.41 60.63
C ASN I 33 -49.24 36.34 62.05
N GLY I 34 -50.47 36.80 62.25
CA GLY I 34 -51.09 36.74 63.56
C GLY I 34 -50.81 37.95 64.42
N ASP I 35 -51.13 39.14 63.91
CA ASP I 35 -50.88 40.39 64.61
C ASP I 35 -49.41 40.49 65.03
N LYS I 36 -48.53 40.16 64.10
CA LYS I 36 -47.11 40.06 64.33
C LYS I 36 -46.37 40.58 63.10
N ARG I 37 -45.26 41.25 63.34
CA ARG I 37 -44.39 41.67 62.22
C ARG I 37 -43.94 40.41 61.48
N HIS I 38 -43.70 40.52 60.19
CA HIS I 38 -43.36 39.40 59.34
C HIS I 38 -41.86 39.14 59.33
N ARG I 39 -41.49 38.04 58.69
CA ARG I 39 -40.10 37.68 58.40
C ARG I 39 -39.77 38.00 56.95
N TRP I 40 -38.49 38.33 56.76
CA TRP I 40 -37.96 38.67 55.42
C TRP I 40 -36.53 38.13 55.30
N SER I 41 -36.04 37.96 54.08
CA SER I 41 -34.66 37.44 53.83
C SER I 41 -34.52 36.10 54.54
N VAL I 42 -35.55 35.25 54.46
CA VAL I 42 -35.59 33.94 55.16
C VAL I 42 -34.79 32.90 54.38
N ASP I 43 -33.79 32.29 55.02
CA ASP I 43 -33.02 31.23 54.40
C ASP I 43 -33.56 29.87 54.88
N GLN I 44 -32.84 28.80 54.52
CA GLN I 44 -33.31 27.46 54.85
C GLN I 44 -33.38 27.25 56.36
N TRP I 45 -32.45 27.84 57.11
CA TRP I 45 -32.49 27.72 58.56
C TRP I 45 -33.75 28.37 59.14
N ASP I 46 -34.10 29.56 58.67
CA ASP I 46 -35.30 30.22 59.15
C ASP I 46 -36.56 29.44 58.78
N LYS I 47 -36.59 28.91 57.56
CA LYS I 47 -37.74 28.14 57.11
C LYS I 47 -37.96 26.93 58.00
N GLN I 48 -36.88 26.21 58.32
CA GLN I 48 -36.96 25.06 59.21
C GLN I 48 -37.39 25.46 60.61
N GLN I 49 -36.89 26.59 61.11
CA GLN I 49 -37.30 27.04 62.43
C GLN I 49 -38.77 27.37 62.49
N MET I 50 -39.34 27.87 61.39
CA MET I 50 -40.76 28.17 61.36
C MET I 50 -41.60 26.90 61.33
N GLU I 51 -41.13 25.85 60.64
CA GLU I 51 -41.83 24.56 60.69
C GLU I 51 -41.77 23.96 62.09
N ARG I 52 -40.63 24.07 62.78
CA ARG I 52 -40.53 23.55 64.13
C ARG I 52 -41.46 24.30 65.08
N ASP I 53 -41.60 25.61 64.89
CA ASP I 53 -42.53 26.37 65.72
C ASP I 53 -43.96 25.87 65.53
N ARG I 54 -44.34 25.58 64.29
CA ARG I 54 -45.68 25.09 64.01
C ARG I 54 -45.92 23.72 64.65
N ARG I 55 -44.91 22.83 64.64
CA ARG I 55 -45.16 21.54 65.26
C ARG I 55 -45.19 21.61 66.78
N LEU I 56 -44.86 22.76 67.36
CA LEU I 56 -45.03 23.01 68.79
C LEU I 56 -46.32 23.75 69.10
N THR I 57 -46.72 24.70 68.25
CA THR I 57 -47.87 25.55 68.52
C THR I 57 -49.03 25.32 67.56
N GLY I 58 -48.77 24.93 66.32
CA GLY I 58 -49.75 24.89 65.28
C GLY I 58 -49.66 26.04 64.30
N HIS I 59 -48.95 27.10 64.66
CA HIS I 59 -48.78 28.28 63.81
C HIS I 59 -47.31 28.44 63.47
N LEU I 60 -47.04 28.71 62.18
CA LEU I 60 -45.66 28.91 61.74
C LEU I 60 -44.98 30.07 62.45
N ARG I 61 -45.75 30.98 63.01
CA ARG I 61 -45.20 32.09 63.78
C ARG I 61 -45.38 31.92 65.29
N GLY I 62 -46.00 30.83 65.72
CA GLY I 62 -46.26 30.63 67.13
C GLY I 62 -44.98 30.44 67.94
N GLN I 63 -44.99 30.98 69.16
CA GLN I 63 -43.85 30.91 70.04
C GLN I 63 -44.23 30.26 71.36
N THR I 64 -43.24 29.64 71.99
CA THR I 64 -43.39 29.06 73.32
C THR I 64 -42.02 28.89 73.95
N ASP I 65 -41.94 29.10 75.27
CA ASP I 65 -40.68 28.97 75.99
C ASP I 65 -40.72 27.86 77.04
N ASN I 66 -41.65 26.92 76.92
CA ASN I 66 -41.68 25.80 77.82
C ASN I 66 -40.48 24.91 77.54
N PRO I 67 -39.64 24.61 78.54
CA PRO I 67 -38.45 23.77 78.28
C PRO I 67 -38.78 22.31 77.99
N ILE I 68 -40.02 21.86 78.15
CA ILE I 68 -40.39 20.48 77.89
C ILE I 68 -41.37 20.45 76.73
N ALA I 69 -41.10 19.60 75.74
CA ALA I 69 -41.99 19.42 74.63
C ALA I 69 -43.27 18.70 75.07
N PRO I 70 -44.39 18.95 74.40
CA PRO I 70 -45.64 18.26 74.74
C PRO I 70 -45.65 16.86 74.18
N PRO I 71 -46.53 15.98 74.66
CA PRO I 71 -46.59 14.62 74.11
C PRO I 71 -47.08 14.60 72.67
N GLY I 72 -46.51 13.71 71.88
CA GLY I 72 -46.76 13.65 70.46
C GLY I 72 -45.86 14.52 69.61
N PHE I 73 -45.09 15.43 70.22
CA PHE I 73 -44.14 16.23 69.46
C PHE I 73 -43.10 15.35 68.80
N GLU I 74 -42.72 14.26 69.46
CA GLU I 74 -41.71 13.35 68.93
C GLU I 74 -42.21 12.56 67.72
N PHE I 75 -43.50 12.65 67.39
CA PHE I 75 -44.05 11.97 66.23
C PHE I 75 -44.49 12.89 65.10
N ASN I 76 -44.52 14.21 65.31
CA ASN I 76 -45.18 15.11 64.39
C ASN I 76 -44.22 15.84 63.46
N ASN I 77 -42.95 15.44 63.41
CA ASN I 77 -41.97 16.11 62.57
C ASN I 77 -42.25 15.82 61.09
N PRO I 78 -42.49 16.85 60.27
CA PRO I 78 -43.07 16.65 58.94
C PRO I 78 -42.04 16.20 57.91
N TRP I 79 -42.22 15.01 57.37
CA TRP I 79 -41.45 14.57 56.22
C TRP I 79 -42.24 14.88 54.96
N LYS I 80 -41.67 15.70 54.09
CA LYS I 80 -42.39 16.26 52.95
C LYS I 80 -42.37 15.29 51.77
N VAL I 81 -43.51 15.17 51.10
CA VAL I 81 -43.73 14.17 50.07
C VAL I 81 -44.01 14.88 48.75
N UNK I 82 -43.32 14.45 47.70
CA UNK I 82 -43.51 15.02 46.36
C UNK I 82 -43.43 13.91 45.33
N UNK I 83 -43.97 14.18 44.14
CA UNK I 83 -44.07 13.16 43.11
C UNK I 83 -42.91 13.18 42.13
N UNK I 84 -42.51 14.35 41.62
CA UNK I 84 -41.64 14.37 40.45
C UNK I 84 -40.25 14.95 40.69
N UNK I 85 -40.12 16.20 41.12
CA UNK I 85 -38.86 16.92 40.88
C UNK I 85 -37.93 16.78 42.08
N UNK I 86 -36.94 15.92 41.93
CA UNK I 86 -35.93 15.71 42.93
C UNK I 86 -34.60 16.21 42.42
N PRO J 13 -27.02 -28.41 15.02
CA PRO J 13 -27.89 -28.03 13.90
C PRO J 13 -28.50 -26.64 14.07
N LYS J 14 -29.01 -26.08 12.98
CA LYS J 14 -29.63 -24.76 13.02
C LYS J 14 -30.69 -24.68 11.95
N ASP J 15 -31.62 -23.74 12.14
CA ASP J 15 -32.73 -23.54 11.21
C ASP J 15 -32.28 -22.59 10.12
N ALA J 16 -32.08 -23.12 8.91
CA ALA J 16 -31.63 -22.29 7.80
C ALA J 16 -32.67 -21.25 7.42
N VAL J 17 -33.94 -21.64 7.42
CA VAL J 17 -35.00 -20.71 7.02
C VAL J 17 -35.16 -19.62 8.07
N HIS J 18 -35.21 -19.99 9.34
CA HIS J 18 -35.39 -19.00 10.40
C HIS J 18 -34.22 -18.03 10.46
N LEU J 19 -33.00 -18.54 10.34
CA LEU J 19 -31.83 -17.68 10.39
C LEU J 19 -31.75 -16.79 9.15
N GLY J 20 -32.13 -17.32 7.98
CA GLY J 20 -32.13 -16.51 6.78
C GLY J 20 -33.09 -15.35 6.86
N LEU J 21 -34.26 -15.56 7.50
CA LEU J 21 -35.22 -14.49 7.66
C LEU J 21 -34.64 -13.34 8.49
N LYS J 22 -33.94 -13.67 9.56
CA LYS J 22 -33.29 -12.64 10.36
C LYS J 22 -32.24 -11.90 9.54
N GLY J 23 -31.49 -12.63 8.72
CA GLY J 23 -30.50 -11.98 7.87
C GLY J 23 -31.13 -10.98 6.91
N ALA J 24 -32.26 -11.36 6.31
CA ALA J 24 -32.95 -10.44 5.42
C ALA J 24 -33.45 -9.21 6.18
N ALA J 25 -33.89 -9.39 7.43
CA ALA J 25 -34.42 -8.26 8.19
C ALA J 25 -33.34 -7.26 8.54
N VAL J 26 -32.16 -7.74 8.97
CA VAL J 26 -31.12 -6.84 9.42
C VAL J 26 -30.63 -5.97 8.28
N VAL J 27 -30.38 -6.58 7.12
CA VAL J 27 -29.85 -5.84 5.99
C VAL J 27 -30.96 -5.21 5.15
N GLY J 28 -32.16 -5.77 5.17
CA GLY J 28 -33.30 -5.08 4.60
C GLY J 28 -33.65 -3.83 5.38
N GLY J 29 -33.52 -3.90 6.70
CA GLY J 29 -33.72 -2.70 7.50
C GLY J 29 -32.73 -1.61 7.15
N ILE J 30 -31.46 -1.98 6.94
CA ILE J 30 -30.47 -1.00 6.51
C ILE J 30 -30.79 -0.49 5.11
N GLY J 31 -31.20 -1.39 4.21
CA GLY J 31 -31.61 -0.96 2.89
C GLY J 31 -32.80 -0.02 2.93
N LEU J 32 -33.75 -0.29 3.81
CA LEU J 32 -34.88 0.62 4.00
C LEU J 32 -34.43 1.98 4.50
N LEU J 33 -33.37 2.01 5.30
CA LEU J 33 -32.82 3.30 5.73
C LEU J 33 -32.24 4.05 4.55
N PHE J 34 -31.43 3.37 3.73
CA PHE J 34 -30.89 3.99 2.54
C PHE J 34 -31.98 4.33 1.54
N ALA J 35 -33.09 3.60 1.56
CA ALA J 35 -34.24 3.98 0.73
C ALA J 35 -34.83 5.31 1.21
N ALA J 36 -34.89 5.51 2.53
CA ALA J 36 -35.45 6.74 3.06
C ALA J 36 -34.57 7.95 2.74
N VAL J 37 -33.25 7.77 2.68
CA VAL J 37 -32.37 8.87 2.37
C VAL J 37 -32.52 9.28 0.91
N ARG J 38 -32.65 8.29 0.02
CA ARG J 38 -32.88 8.61 -1.39
C ARG J 38 -34.20 9.35 -1.57
N THR J 39 -35.25 8.92 -0.87
CA THR J 39 -36.53 9.59 -0.94
C THR J 39 -36.44 11.01 -0.38
N SER J 40 -35.75 11.16 0.76
CA SER J 40 -35.55 12.49 1.34
C SER J 40 -34.75 13.40 0.42
N LEU J 41 -33.83 12.84 -0.34
CA LEU J 41 -32.96 13.61 -1.21
C LEU J 41 -33.53 13.79 -2.60
N ALA J 42 -34.75 13.31 -2.85
CA ALA J 42 -35.39 13.54 -4.13
C ALA J 42 -35.65 15.03 -4.33
N ARG J 43 -35.50 15.49 -5.58
CA ARG J 43 -35.70 16.89 -5.91
C ARG J 43 -37.15 17.22 -6.20
N LYS J 44 -37.89 16.30 -6.81
CA LYS J 44 -39.29 16.54 -7.16
C LYS J 44 -40.21 16.18 -5.99
N ASN J 45 -41.35 16.86 -5.95
CA ASN J 45 -42.34 16.65 -4.90
C ASN J 45 -43.06 15.33 -5.17
N VAL J 46 -42.38 14.24 -4.81
CA VAL J 46 -42.90 12.91 -5.12
C VAL J 46 -43.77 12.38 -3.99
N GLY J 47 -43.37 12.58 -2.74
CA GLY J 47 -44.20 12.25 -1.61
C GLY J 47 -43.56 11.28 -0.65
N PRO J 48 -44.26 10.98 0.45
CA PRO J 48 -43.71 10.02 1.42
C PRO J 48 -43.83 8.56 0.98
N TRP J 49 -44.67 8.26 0.01
CA TRP J 49 -44.84 6.90 -0.47
C TRP J 49 -43.85 6.54 -1.57
N ALA J 50 -42.88 7.41 -1.85
CA ALA J 50 -41.77 7.07 -2.72
C ALA J 50 -40.86 6.03 -2.11
N ILE J 51 -41.05 5.71 -0.82
CA ILE J 51 -40.21 4.74 -0.14
C ILE J 51 -40.32 3.36 -0.79
N PHE J 52 -41.52 2.98 -1.25
CA PHE J 52 -41.73 1.68 -1.87
C PHE J 52 -42.03 1.76 -3.36
N THR J 53 -42.10 2.96 -3.93
CA THR J 53 -42.39 3.10 -5.35
C THR J 53 -41.11 3.24 -6.17
N ARG J 54 -40.25 4.19 -5.81
CA ARG J 54 -39.01 4.41 -6.53
C ARG J 54 -37.83 3.67 -5.88
N ASN J 55 -37.61 3.89 -4.60
CA ASN J 55 -36.50 3.29 -3.87
C ASN J 55 -36.86 1.95 -3.26
N GLY J 56 -38.06 1.44 -3.52
CA GLY J 56 -38.47 0.19 -2.89
C GLY J 56 -37.62 -0.99 -3.31
N LYS J 57 -37.17 -0.99 -4.56
CA LYS J 57 -36.31 -2.08 -5.03
C LYS J 57 -35.01 -2.13 -4.26
N LEU J 58 -34.50 -0.98 -3.83
CA LEU J 58 -33.25 -0.93 -3.08
C LEU J 58 -33.39 -1.68 -1.76
N ALA J 59 -34.47 -1.42 -1.03
CA ALA J 59 -34.70 -2.15 0.21
C ALA J 59 -34.92 -3.63 -0.05
N ALA J 60 -35.64 -3.95 -1.13
CA ALA J 60 -35.88 -5.36 -1.46
C ALA J 60 -34.58 -6.06 -1.85
N THR J 61 -33.73 -5.39 -2.62
CA THR J 61 -32.45 -5.99 -3.00
C THR J 61 -31.58 -6.28 -1.78
N PHE J 62 -31.61 -5.39 -0.79
CA PHE J 62 -30.81 -5.60 0.41
C PHE J 62 -31.35 -6.76 1.23
N ALA J 63 -32.68 -6.82 1.40
CA ALA J 63 -33.28 -7.93 2.11
C ALA J 63 -33.00 -9.25 1.41
N ALA J 64 -33.00 -9.24 0.08
CA ALA J 64 -32.75 -10.45 -0.68
C ALA J 64 -31.33 -10.97 -0.46
N VAL J 65 -30.36 -10.06 -0.41
CA VAL J 65 -28.95 -10.48 -0.34
C VAL J 65 -28.62 -11.02 1.05
N GLY J 66 -28.87 -10.23 2.08
CA GLY J 66 -28.56 -10.67 3.43
C GLY J 66 -29.38 -11.86 3.87
N GLY J 67 -30.60 -11.98 3.37
CA GLY J 67 -31.36 -13.19 3.59
C GLY J 67 -30.72 -14.40 2.93
N ALA J 68 -30.31 -14.23 1.66
CA ALA J 68 -29.62 -15.31 0.96
C ALA J 68 -28.33 -15.68 1.65
N TYR J 69 -27.59 -14.67 2.12
CA TYR J 69 -26.34 -14.92 2.82
C TYR J 69 -26.58 -15.76 4.07
N ASP J 70 -27.56 -15.38 4.87
CA ASP J 70 -27.82 -16.09 6.16
C ASP J 70 -28.45 -17.45 5.91
N PHE J 71 -29.19 -17.59 4.81
CA PHE J 71 -29.75 -18.89 4.50
C PHE J 71 -28.68 -19.88 4.04
N THR J 72 -27.84 -19.46 3.09
CA THR J 72 -26.93 -20.42 2.49
C THR J 72 -25.78 -20.79 3.43
N ARG J 73 -25.33 -19.85 4.27
CA ARG J 73 -24.28 -20.20 5.26
C ARG J 73 -24.88 -21.16 6.30
N ALA J 74 -26.09 -20.85 6.76
CA ALA J 74 -26.73 -21.75 7.71
C ALA J 74 -26.94 -23.13 7.09
N ALA J 75 -27.36 -23.17 5.82
CA ALA J 75 -27.51 -24.44 5.12
C ALA J 75 -26.18 -25.15 4.94
N ALA J 76 -25.12 -24.39 4.65
CA ALA J 76 -23.82 -25.00 4.43
C ALA J 76 -23.30 -25.66 5.69
N ALA J 77 -23.51 -25.04 6.84
CA ALA J 77 -23.13 -25.67 8.11
C ALA J 77 -23.94 -26.95 8.33
N ASN J 78 -25.24 -26.91 8.03
CA ASN J 78 -26.07 -28.09 8.22
C ASN J 78 -25.65 -29.22 7.30
N LEU J 79 -25.33 -28.93 6.05
CA LEU J 79 -25.00 -30.01 5.09
C LEU J 79 -23.67 -30.67 5.47
N ARG J 80 -22.65 -29.85 5.82
CA ARG J 80 -21.36 -30.41 6.16
C ARG J 80 -21.24 -30.83 7.61
N GLU J 81 -22.21 -30.48 8.45
CA GLU J 81 -22.14 -30.76 9.89
C GLU J 81 -20.84 -30.22 10.48
N LYS J 82 -20.47 -29.03 10.08
CA LYS J 82 -19.24 -28.40 10.55
C LYS J 82 -19.45 -26.89 10.63
N GLU J 83 -18.69 -26.25 11.51
CA GLU J 83 -18.75 -24.80 11.71
C GLU J 83 -17.33 -24.25 11.52
N ASP J 84 -17.02 -23.87 10.28
CA ASP J 84 -15.70 -23.33 9.95
C ASP J 84 -15.89 -22.11 9.06
N TRP J 85 -14.79 -21.64 8.49
CA TRP J 85 -14.81 -20.40 7.71
C TRP J 85 -15.49 -20.58 6.35
N VAL J 86 -15.34 -21.82 5.79
CA VAL J 86 -15.89 -22.12 4.43
C VAL J 86 -17.35 -21.69 4.30
N ASN J 87 -18.18 -21.89 5.28
CA ASN J 87 -19.60 -21.61 5.19
C ASN J 87 -19.85 -20.13 4.94
N ASN J 88 -19.06 -19.26 5.55
CA ASN J 88 -19.11 -17.84 5.23
C ASN J 88 -18.69 -17.57 3.79
N GLY J 89 -17.90 -18.46 3.20
CA GLY J 89 -17.53 -18.29 1.80
C GLY J 89 -18.68 -18.58 0.85
N ILE J 90 -19.33 -19.73 1.03
CA ILE J 90 -20.46 -20.05 0.16
C ILE J 90 -21.61 -19.09 0.40
N GLY J 91 -21.80 -18.68 1.66
CA GLY J 91 -22.81 -17.66 1.93
C GLY J 91 -22.56 -16.38 1.16
N GLY J 92 -21.31 -15.91 1.18
CA GLY J 92 -20.97 -14.75 0.38
C GLY J 92 -21.04 -15.03 -1.11
N LEU J 93 -20.65 -16.24 -1.52
CA LEU J 93 -20.76 -16.64 -2.91
C LEU J 93 -22.19 -16.57 -3.40
N PHE J 94 -23.13 -17.03 -2.57
CA PHE J 94 -24.53 -16.94 -2.94
C PHE J 94 -25.05 -15.51 -2.81
N ALA J 95 -24.64 -14.79 -1.77
CA ALA J 95 -25.07 -13.40 -1.62
C ALA J 95 -24.56 -12.56 -2.78
N GLY J 96 -23.31 -12.78 -3.21
CA GLY J 96 -22.79 -12.05 -4.35
C GLY J 96 -23.50 -12.37 -5.64
N ALA J 97 -23.91 -13.64 -5.81
CA ALA J 97 -24.69 -14.01 -6.99
C ALA J 97 -26.03 -13.30 -6.99
N THR J 98 -26.67 -13.20 -5.82
CA THR J 98 -27.93 -12.48 -5.71
C THR J 98 -27.75 -11.00 -6.01
N MET J 99 -26.63 -10.43 -5.58
CA MET J 99 -26.33 -9.04 -5.94
C MET J 99 -26.22 -8.88 -7.45
N GLY J 100 -25.51 -9.79 -8.11
CA GLY J 100 -25.37 -9.72 -9.55
C GLY J 100 -26.61 -10.08 -10.33
N LEU J 101 -27.54 -10.80 -9.69
CA LEU J 101 -28.77 -11.18 -10.38
C LEU J 101 -29.60 -9.97 -10.78
N THR J 102 -29.53 -8.88 -10.01
CA THR J 102 -30.31 -7.69 -10.32
C THR J 102 -29.83 -7.02 -11.60
N THR J 103 -28.52 -7.05 -11.86
CA THR J 103 -27.99 -6.40 -13.06
C THR J 103 -28.49 -7.08 -14.33
N GLY J 104 -28.57 -8.41 -14.32
CA GLY J 104 -29.01 -9.14 -15.49
C GLY J 104 -27.91 -9.58 -16.42
N ARG J 105 -26.65 -9.46 -16.01
CA ARG J 105 -25.50 -9.90 -16.80
C ARG J 105 -24.83 -11.07 -16.11
N ILE J 106 -24.64 -12.16 -16.84
CA ILE J 106 -24.03 -13.35 -16.25
C ILE J 106 -22.63 -13.08 -15.71
N PRO J 107 -21.73 -12.38 -16.43
CA PRO J 107 -20.41 -12.11 -15.83
C PRO J 107 -20.50 -11.35 -14.52
N ARG J 108 -21.44 -10.41 -14.38
CA ARG J 108 -21.56 -9.70 -13.11
C ARG J 108 -22.11 -10.59 -12.02
N VAL J 109 -22.89 -11.61 -12.37
CA VAL J 109 -23.36 -12.57 -11.38
C VAL J 109 -22.18 -13.33 -10.79
N LEU J 110 -21.29 -13.81 -11.66
CA LEU J 110 -20.15 -14.60 -11.20
C LEU J 110 -19.14 -13.72 -10.48
N GLY J 111 -18.78 -12.58 -11.07
CA GLY J 111 -17.76 -11.74 -10.48
C GLY J 111 -18.17 -11.16 -9.14
N PHE J 112 -19.41 -10.69 -9.04
CA PHE J 112 -19.90 -10.20 -7.76
C PHE J 112 -19.97 -11.32 -6.74
N ALA J 113 -20.35 -12.53 -7.17
CA ALA J 113 -20.34 -13.67 -6.26
C ALA J 113 -18.94 -13.95 -5.75
N ALA J 114 -17.94 -13.89 -6.65
CA ALA J 114 -16.58 -14.21 -6.26
C ALA J 114 -16.04 -13.23 -5.22
N LEU J 115 -16.26 -11.93 -5.44
CA LEU J 115 -15.76 -10.93 -4.52
C LEU J 115 -16.39 -11.08 -3.14
N THR J 116 -17.71 -11.23 -3.10
CA THR J 116 -18.38 -11.38 -1.82
C THR J 116 -17.96 -12.67 -1.13
N GLY J 117 -17.84 -13.76 -1.89
CA GLY J 117 -17.40 -15.01 -1.30
C GLY J 117 -15.98 -14.95 -0.79
N VAL J 118 -15.08 -14.33 -1.56
CA VAL J 118 -13.68 -14.26 -1.15
C VAL J 118 -13.52 -13.34 0.06
N VAL J 119 -14.14 -12.16 0.01
CA VAL J 119 -13.98 -11.18 1.08
C VAL J 119 -14.51 -11.73 2.39
N LEU J 120 -15.70 -12.36 2.35
CA LEU J 120 -16.32 -12.85 3.58
C LEU J 120 -15.62 -14.09 4.11
N ALA J 121 -15.11 -14.95 3.24
CA ALA J 121 -14.33 -16.09 3.70
C ALA J 121 -12.99 -15.65 4.28
N THR J 122 -12.34 -14.69 3.63
CA THR J 122 -11.05 -14.21 4.12
C THR J 122 -11.19 -13.57 5.50
N ALA J 123 -12.26 -12.79 5.69
CA ALA J 123 -12.50 -12.19 6.99
C ALA J 123 -12.71 -13.26 8.06
N GLU J 124 -13.43 -14.33 7.71
CA GLU J 124 -13.74 -15.35 8.71
C GLU J 124 -12.53 -16.22 9.02
N TYR J 125 -11.68 -16.49 8.04
CA TYR J 125 -10.49 -17.30 8.31
C TYR J 125 -9.53 -16.56 9.23
N ALA J 126 -9.28 -15.28 8.96
CA ALA J 126 -8.35 -14.50 9.75
C ALA J 126 -8.99 -13.86 10.97
N GLY J 127 -10.32 -13.86 11.07
CA GLY J 127 -10.97 -13.26 12.21
C GLY J 127 -10.78 -11.76 12.26
N SER J 128 -11.40 -11.04 11.33
CA SER J 128 -11.21 -9.60 11.23
C SER J 128 -11.57 -8.91 12.55
N GLY J 129 -10.77 -7.91 12.90
CA GLY J 129 -10.95 -7.22 14.17
C GLY J 129 -12.10 -6.24 14.16
N LEU J 130 -13.12 -6.50 13.34
CA LEU J 130 -14.26 -5.60 13.26
C LEU J 130 -15.03 -5.55 14.58
N ARG J 131 -15.19 -6.70 15.24
CA ARG J 131 -15.73 -6.73 16.61
C ARG J 131 -14.86 -7.68 17.43
N GLY J 132 -13.81 -7.13 18.02
CA GLY J 132 -12.93 -7.90 18.87
C GLY J 132 -11.91 -8.72 18.09
N VAL J 133 -10.96 -9.28 18.83
CA VAL J 133 -9.95 -10.17 18.29
C VAL J 133 -9.78 -11.35 19.24
N PHE J 134 -9.17 -12.42 18.73
CA PHE J 134 -8.91 -13.60 19.54
C PHE J 134 -7.80 -13.25 20.54
N LYS J 135 -8.20 -12.81 21.73
CA LYS J 135 -7.22 -12.40 22.73
C LYS J 135 -6.45 -13.61 23.24
N ARG J 136 -5.12 -13.55 23.13
CA ARG J 136 -4.30 -14.67 23.54
C ARG J 136 -4.43 -14.91 25.05
N ASP J 137 -4.40 -13.85 25.85
CA ASP J 137 -4.51 -13.93 27.30
C ASP J 137 -3.43 -14.84 27.90
N VAL J 138 -2.29 -14.92 27.21
CA VAL J 138 -1.17 -15.74 27.64
C VAL J 138 0.09 -14.88 27.66
N ASP J 139 1.22 -15.51 27.95
CA ASP J 139 2.48 -14.80 28.06
C ASP J 139 3.04 -14.66 26.64
N GLU J 140 2.94 -13.45 26.09
CA GLU J 140 3.40 -13.22 24.73
C GLU J 140 4.92 -13.30 24.63
N TYR J 141 5.63 -12.98 25.70
CA TYR J 141 7.08 -13.15 25.69
C TYR J 141 7.43 -14.62 25.54
N GLU J 142 6.68 -15.50 26.21
CA GLU J 142 6.95 -16.93 26.10
C GLU J 142 6.53 -17.48 24.75
N ARG J 143 5.48 -16.94 24.14
CA ARG J 143 5.07 -17.39 22.81
C ARG J 143 6.13 -17.08 21.77
N LYS J 144 6.60 -15.83 21.75
CA LYS J 144 7.61 -15.45 20.76
C LYS J 144 8.94 -16.10 21.07
N GLU J 145 9.22 -16.34 22.35
CA GLU J 145 10.47 -17.00 22.72
C GLU J 145 10.51 -18.43 22.21
N PHE J 146 9.40 -19.15 22.36
CA PHE J 146 9.35 -20.55 21.94
C PHE J 146 9.48 -20.67 20.43
N LEU J 147 8.73 -19.86 19.69
CA LEU J 147 8.82 -19.90 18.23
C LEU J 147 10.20 -19.48 17.73
N ARG J 148 10.92 -18.67 18.51
CA ARG J 148 12.18 -18.11 18.06
C ARG J 148 13.31 -19.14 18.07
N LYS J 149 13.34 -19.97 19.12
CA LYS J 149 14.49 -20.91 19.28
C LYS J 149 14.08 -22.37 19.17
N ASN J 150 12.94 -22.64 18.54
CA ASN J 150 12.46 -24.01 18.22
C ASN J 150 13.25 -24.42 16.99
N ARG J 151 14.55 -24.26 17.03
CA ARG J 151 15.44 -24.52 15.88
C ARG J 151 15.49 -25.99 15.45
N ARG J 152 15.42 -26.94 16.37
CA ARG J 152 15.54 -28.38 16.01
C ARG J 152 14.34 -29.18 16.49
N ARG J 153 13.64 -29.90 15.60
CA ARG J 153 12.43 -30.62 15.96
C ARG J 153 12.66 -32.12 15.82
N PRO J 154 11.85 -32.94 16.48
CA PRO J 154 11.89 -34.38 16.20
C PRO J 154 11.57 -34.63 14.74
N ILE J 155 12.28 -35.60 14.15
CA ILE J 155 12.30 -35.73 12.71
C ILE J 155 10.96 -36.24 12.17
N GLU J 156 10.34 -37.11 13.11
CA GLU J 156 9.04 -37.74 12.81
C GLU J 156 8.02 -36.64 12.63
N GLU J 157 8.12 -35.60 13.34
CA GLU J 157 7.21 -34.47 13.27
C GLU J 157 7.25 -33.84 11.88
N THR J 158 8.44 -33.71 11.32
CA THR J 158 8.58 -33.27 9.94
C THR J 158 8.06 -34.33 8.98
N LEU J 159 8.43 -35.59 9.20
CA LEU J 159 8.03 -36.66 8.30
C LEU J 159 6.52 -36.82 8.26
N ALA J 160 5.85 -36.44 9.34
CA ALA J 160 4.40 -36.57 9.39
C ALA J 160 3.72 -35.60 8.43
N GLU J 161 4.45 -34.66 7.86
CA GLU J 161 3.81 -33.60 7.11
C GLU J 161 4.43 -33.36 5.75
N ILE J 162 5.65 -33.83 5.52
CA ILE J 162 6.19 -33.84 4.16
C ILE J 162 6.34 -35.25 3.64
N GLY J 163 6.53 -36.23 4.53
CA GLY J 163 6.58 -37.60 4.11
C GLY J 163 7.97 -38.04 3.68
N GLU J 164 8.00 -39.25 3.11
CA GLU J 164 9.23 -39.87 2.64
C GLU J 164 9.28 -39.85 1.11
N GLY J 165 10.49 -39.82 0.59
CA GLY J 165 10.72 -39.64 -0.83
C GLY J 165 10.86 -38.18 -1.18
N ARG J 166 10.96 -37.94 -2.50
CA ARG J 166 11.29 -36.62 -3.04
C ARG J 166 12.57 -36.08 -2.41
N GLY J 167 13.54 -36.96 -2.24
CA GLY J 167 14.81 -36.61 -1.64
C GLY J 167 14.87 -36.70 -0.14
N ILE J 168 13.76 -37.02 0.53
CA ILE J 168 13.73 -37.16 1.98
C ILE J 168 13.76 -38.65 2.29
N LYS J 169 14.95 -39.18 2.56
CA LYS J 169 15.15 -40.60 2.82
C LYS J 169 15.87 -40.77 4.15
N PRO J 170 15.14 -40.78 5.26
CA PRO J 170 15.77 -40.96 6.57
C PRO J 170 16.32 -42.36 6.71
N PRO J 171 17.22 -42.58 7.67
CA PRO J 171 17.82 -43.92 7.82
C PRO J 171 16.73 -44.98 7.97
N GLY J 172 16.96 -46.10 7.31
CA GLY J 172 15.94 -47.13 7.22
C GLY J 172 14.93 -46.92 6.12
N TYR J 173 15.16 -45.95 5.23
CA TYR J 173 14.22 -45.72 4.14
C TYR J 173 14.11 -46.94 3.24
N TYR J 174 15.24 -47.57 2.91
CA TYR J 174 15.24 -48.67 1.96
C TYR J 174 14.46 -49.88 2.48
N GLU J 175 14.60 -50.17 3.78
CA GLU J 175 13.86 -51.30 4.34
C GLU J 175 12.37 -51.08 4.25
N ARG J 176 11.91 -49.87 4.58
CA ARG J 176 10.49 -49.58 4.46
C ARG J 176 10.01 -49.66 3.02
N ARG J 177 10.78 -49.10 2.08
CA ARG J 177 10.40 -49.19 0.67
C ARG J 177 10.33 -50.64 0.22
N ALA J 178 11.32 -51.45 0.62
CA ALA J 178 11.27 -52.88 0.36
C ALA J 178 9.97 -53.47 0.86
N GLN J 179 9.60 -53.15 2.10
CA GLN J 179 8.32 -53.61 2.65
C GLN J 179 7.15 -53.02 1.86
N ARG J 180 7.22 -51.72 1.56
CA ARG J 180 6.14 -51.07 0.83
C ARG J 180 5.97 -51.68 -0.55
N LEU J 181 7.08 -51.94 -1.24
CA LEU J 181 7.00 -52.48 -2.60
C LEU J 181 6.43 -53.88 -2.61
N LYS J 182 6.73 -54.69 -1.59
CA LYS J 182 6.19 -56.04 -1.54
C LYS J 182 4.69 -56.04 -1.31
N GLU J 183 4.20 -55.10 -0.48
CA GLU J 183 2.76 -55.09 -0.11
C GLU J 183 1.90 -54.66 -1.31
N LYS J 184 2.47 -53.95 -2.27
CA LYS J 184 1.69 -53.43 -3.39
C LYS J 184 1.86 -54.25 -4.66
N TYR J 185 3.09 -54.43 -5.12
CA TYR J 185 3.35 -55.16 -6.35
C TYR J 185 3.67 -56.63 -6.12
N GLY J 186 3.75 -57.08 -4.88
CA GLY J 186 4.05 -58.48 -4.60
C GLY J 186 5.40 -58.92 -5.13
N VAL J 187 6.41 -58.06 -5.07
CA VAL J 187 7.73 -58.34 -5.61
C VAL J 187 8.76 -58.13 -4.51
N ASP J 188 9.64 -59.12 -4.33
CA ASP J 188 10.74 -58.98 -3.39
C ASP J 188 11.91 -58.28 -4.07
N ILE J 189 12.48 -57.29 -3.38
CA ILE J 189 13.52 -56.45 -3.93
C ILE J 189 14.87 -57.14 -3.72
N ASN J 190 15.45 -57.64 -4.80
CA ASN J 190 16.78 -58.28 -4.77
C ASN J 190 17.61 -57.71 -5.91
N PRO J 191 18.23 -56.55 -5.70
CA PRO J 191 19.08 -55.97 -6.75
C PRO J 191 20.24 -56.90 -7.10
N VAL J 192 20.58 -56.93 -8.38
CA VAL J 192 21.62 -57.81 -8.88
C VAL J 192 22.98 -57.26 -8.47
N CYS J 193 24.02 -58.09 -8.58
CA CYS J 193 25.38 -57.69 -8.26
C CYS J 193 26.16 -57.42 -9.55
N ALA J 194 26.96 -56.37 -9.55
CA ALA J 194 27.77 -56.04 -10.71
C ALA J 194 29.11 -56.75 -10.73
N ASP J 195 29.45 -57.49 -9.68
CA ASP J 195 30.72 -58.18 -9.59
C ASP J 195 30.51 -59.68 -9.83
N PRO J 196 31.08 -60.25 -10.90
CA PRO J 196 30.91 -61.69 -11.12
C PRO J 196 31.46 -62.55 -10.00
N ASP J 197 32.53 -62.12 -9.35
CA ASP J 197 33.11 -62.90 -8.26
C ASP J 197 32.31 -62.78 -6.97
N GLN J 198 31.38 -61.83 -6.90
CA GLN J 198 30.54 -61.62 -5.72
C GLN J 198 31.38 -61.37 -4.46
N ASN K 2 -36.13 13.13 29.68
CA ASN K 2 -37.03 12.57 28.68
C ASN K 2 -37.58 13.67 27.78
N ILE K 3 -37.92 14.81 28.38
CA ILE K 3 -38.17 16.02 27.60
C ILE K 3 -36.91 16.45 26.86
N THR K 4 -35.76 16.34 27.52
CA THR K 4 -34.50 16.70 26.86
C THR K 4 -34.22 15.79 25.67
N LEU K 5 -34.60 14.52 25.78
CA LEU K 5 -34.44 13.60 24.67
C LEU K 5 -35.32 14.01 23.49
N ILE K 6 -36.58 14.35 23.76
CA ILE K 6 -37.49 14.76 22.69
C ILE K 6 -36.98 16.03 22.02
N LEU K 7 -36.47 16.97 22.82
CA LEU K 7 -35.92 18.20 22.26
C LEU K 7 -34.70 17.92 21.39
N PHE K 8 -33.85 16.98 21.80
CA PHE K 8 -32.70 16.64 20.98
C PHE K 8 -33.12 16.04 19.65
N LEU K 9 -34.17 15.20 19.67
CA LEU K 9 -34.75 14.70 18.42
C LEU K 9 -35.21 15.84 17.53
N ILE K 10 -35.92 16.81 18.10
CA ILE K 10 -36.43 17.93 17.31
C ILE K 10 -35.29 18.65 16.61
N GLY K 11 -34.19 18.90 17.33
CA GLY K 11 -33.04 19.51 16.70
C GLY K 11 -32.39 18.60 15.66
N ILE K 12 -32.40 17.30 15.91
CA ILE K 12 -31.87 16.34 14.93
C ILE K 12 -32.74 16.35 13.67
N LEU K 13 -34.06 16.34 13.85
CA LEU K 13 -34.97 16.33 12.74
C LEU K 13 -34.90 17.60 11.90
N GLY K 14 -34.35 18.68 12.47
CA GLY K 14 -34.16 19.88 11.70
C GLY K 14 -33.30 19.66 10.48
N PHE K 15 -32.25 18.85 10.62
CA PHE K 15 -31.40 18.54 9.46
C PHE K 15 -32.09 17.59 8.49
N VAL K 16 -32.88 16.65 9.02
CA VAL K 16 -33.53 15.65 8.18
C VAL K 16 -34.59 16.29 7.30
N LEU K 17 -35.29 17.30 7.81
CA LEU K 17 -36.40 17.90 7.10
C LEU K 17 -36.01 19.12 6.28
N ASN K 18 -34.72 19.32 6.02
CA ASN K 18 -34.21 20.61 5.54
C ASN K 18 -33.23 20.42 4.38
N ARG K 19 -33.63 20.83 3.20
CA ARG K 19 -32.76 20.77 2.04
C ARG K 19 -32.19 22.12 1.63
N LYS K 20 -32.88 23.23 1.94
CA LYS K 20 -32.54 24.51 1.34
C LYS K 20 -32.39 25.67 2.31
N ASN K 21 -32.65 25.49 3.59
CA ASN K 21 -32.73 26.58 4.56
C ASN K 21 -31.56 26.46 5.53
N ILE K 22 -30.45 27.13 5.21
CA ILE K 22 -29.28 27.03 6.07
C ILE K 22 -29.43 27.83 7.35
N ILE K 23 -30.39 28.75 7.41
CA ILE K 23 -30.63 29.44 8.67
C ILE K 23 -31.25 28.48 9.67
N LEU K 24 -32.12 27.58 9.20
CA LEU K 24 -32.64 26.53 10.05
C LEU K 24 -31.55 25.60 10.55
N MET K 25 -30.44 25.51 9.82
CA MET K 25 -29.33 24.68 10.27
C MET K 25 -28.71 25.23 11.55
N LEU K 26 -28.54 26.55 11.64
CA LEU K 26 -28.02 27.15 12.86
C LEU K 26 -28.99 26.95 14.02
N ILE K 27 -30.28 27.09 13.75
CA ILE K 27 -31.28 26.96 14.80
C ILE K 27 -31.32 25.53 15.33
N SER K 28 -31.15 24.55 14.45
CA SER K 28 -31.13 23.16 14.91
C SER K 28 -29.95 22.90 15.83
N ILE K 29 -28.82 23.53 15.56
CA ILE K 29 -27.65 23.38 16.43
C ILE K 29 -27.92 24.01 17.79
N GLU K 30 -28.66 25.12 17.81
CA GLU K 30 -28.98 25.76 19.08
C GLU K 30 -29.99 24.96 19.89
N ILE K 31 -30.93 24.29 19.22
CA ILE K 31 -31.88 23.44 19.93
C ILE K 31 -31.16 22.24 20.55
N MET K 32 -30.23 21.65 19.80
CA MET K 32 -29.46 20.53 20.33
C MET K 32 -28.61 20.95 21.52
N LEU K 33 -27.98 22.12 21.45
CA LEU K 33 -27.17 22.61 22.56
C LEU K 33 -28.03 22.88 23.78
N LEU K 34 -29.22 23.46 23.58
CA LEU K 34 -30.12 23.70 24.70
C LEU K 34 -30.64 22.39 25.28
N SER K 35 -30.88 21.41 24.41
CA SER K 35 -31.36 20.11 24.87
C SER K 35 -30.32 19.43 25.74
N ILE K 36 -29.04 19.48 25.33
CA ILE K 36 -27.98 18.84 26.08
C ILE K 36 -27.75 19.58 27.39
N THR K 37 -27.82 20.91 27.36
CA THR K 37 -27.68 21.68 28.58
C THR K 37 -28.83 21.43 29.54
N PHE K 38 -30.05 21.29 28.99
CA PHE K 38 -31.19 20.96 29.82
C PHE K 38 -30.99 19.63 30.53
N LEU K 39 -30.42 18.65 29.83
CA LEU K 39 -30.18 17.33 30.42
C LEU K 39 -29.13 17.40 31.53
N ILE K 40 -28.05 18.14 31.31
CA ILE K 40 -27.03 18.30 32.35
C ILE K 40 -27.63 18.95 33.59
N LEU K 41 -28.45 19.98 33.39
CA LEU K 41 -28.99 20.73 34.53
C LEU K 41 -29.90 19.86 35.39
N LEU K 42 -30.76 19.06 34.76
CA LEU K 42 -31.65 18.20 35.52
C LEU K 42 -30.89 17.10 36.24
N SER K 43 -29.83 16.58 35.63
CA SER K 43 -29.03 15.53 36.25
C SER K 43 -28.27 16.05 37.45
N SER K 44 -27.74 17.28 37.37
CA SER K 44 -27.01 17.84 38.49
C SER K 44 -27.93 18.22 39.64
N LEU K 45 -29.20 18.49 39.35
CA LEU K 45 -30.17 18.67 40.43
C LEU K 45 -30.48 17.34 41.12
N ASN K 46 -30.43 16.23 40.40
CA ASN K 46 -30.73 14.89 40.94
C ASN K 46 -29.54 14.41 41.76
N MET K 47 -28.35 14.85 41.37
CA MET K 47 -27.13 14.40 42.01
C MET K 47 -26.53 15.45 42.94
N ASP K 48 -27.25 16.55 43.20
CA ASP K 48 -26.85 17.56 44.18
C ASP K 48 -25.42 18.07 43.92
N ASP K 49 -25.18 18.45 42.68
CA ASP K 49 -23.81 18.83 42.27
C ASP K 49 -23.80 20.20 41.57
N ILE K 50 -23.19 21.18 42.21
CA ILE K 50 -23.06 22.52 41.64
C ILE K 50 -22.18 22.52 40.39
N ILE K 51 -21.32 21.53 40.22
CA ILE K 51 -20.38 21.45 39.06
C ILE K 51 -21.20 21.27 37.78
N GLY K 52 -22.29 20.52 37.85
CA GLY K 52 -23.16 20.41 36.70
C GLY K 52 -23.77 21.75 36.29
N GLN K 53 -24.20 22.55 37.27
CA GLN K 53 -24.67 23.89 36.95
C GLN K 53 -23.57 24.74 36.34
N THR K 54 -22.35 24.59 36.84
CA THR K 54 -21.21 25.34 36.31
C THR K 54 -20.91 24.92 34.88
N TYR K 55 -21.01 23.62 34.60
CA TYR K 55 -20.86 23.11 33.25
C TYR K 55 -21.91 23.72 32.32
N ALA K 56 -23.16 23.83 32.78
CA ALA K 56 -24.20 24.44 31.96
C ALA K 56 -23.87 25.89 31.62
N ILE K 57 -23.33 26.63 32.58
CA ILE K 57 -23.02 28.04 32.38
C ILE K 57 -21.96 28.21 31.30
N TYR K 58 -20.96 27.34 31.29
CA TYR K 58 -19.93 27.41 30.27
C TYR K 58 -20.44 26.98 28.90
N ILE K 59 -21.39 26.05 28.84
CA ILE K 59 -21.97 25.72 27.54
C ILE K 59 -22.77 26.90 27.00
N ILE K 60 -23.51 27.60 27.87
CA ILE K 60 -24.25 28.78 27.45
C ILE K 60 -23.30 29.83 26.91
N VAL K 61 -22.20 30.08 27.60
CA VAL K 61 -21.22 31.06 27.15
C VAL K 61 -20.64 30.64 25.80
N VAL K 62 -20.27 29.37 25.68
CA VAL K 62 -19.65 28.90 24.45
C VAL K 62 -20.66 28.88 23.31
N ALA K 63 -21.89 28.48 23.60
CA ALA K 63 -22.94 28.52 22.59
C ALA K 63 -23.22 29.95 22.15
N GLY K 64 -23.20 30.89 23.08
CA GLY K 64 -23.36 32.29 22.70
C GLY K 64 -22.21 32.79 21.86
N ALA K 65 -20.98 32.43 22.22
CA ALA K 65 -19.83 32.84 21.43
C ALA K 65 -19.82 32.19 20.05
N GLU K 66 -20.36 30.98 19.94
CA GLU K 66 -20.34 30.26 18.66
C GLU K 66 -21.42 30.84 17.75
N SER K 67 -22.56 31.23 18.33
CA SER K 67 -23.59 31.91 17.54
C SER K 67 -23.06 33.21 16.98
N ALA K 68 -22.25 33.92 17.77
CA ALA K 68 -21.64 35.15 17.31
C ALA K 68 -20.75 34.92 16.11
N ILE K 69 -19.93 33.87 16.15
CA ILE K 69 -19.03 33.59 15.04
C ILE K 69 -19.80 33.15 13.82
N GLY K 70 -20.80 32.29 14.01
CA GLY K 70 -21.56 31.79 12.89
C GLY K 70 -22.40 32.86 12.20
N LEU K 71 -22.99 33.76 12.98
CA LEU K 71 -23.69 34.88 12.35
C LEU K 71 -22.70 35.79 11.62
N GLY K 72 -21.51 35.95 12.18
CA GLY K 72 -20.48 36.70 11.47
C GLY K 72 -20.07 36.06 10.16
N ILE K 73 -19.87 34.74 10.18
CA ILE K 73 -19.47 34.05 8.95
C ILE K 73 -20.59 34.13 7.92
N LEU K 74 -21.84 34.03 8.37
CA LEU K 74 -22.97 34.13 7.46
C LEU K 74 -23.05 35.51 6.84
N VAL K 75 -22.72 36.56 7.60
CA VAL K 75 -22.74 37.91 7.06
C VAL K 75 -21.65 38.09 6.01
N ALA K 76 -20.45 37.58 6.28
CA ALA K 76 -19.39 37.63 5.28
C ALA K 76 -19.77 36.83 4.04
N PHE K 77 -20.61 35.81 4.22
CA PHE K 77 -21.09 35.04 3.03
C PHE K 77 -22.19 35.80 2.28
N TYR K 78 -23.15 36.42 2.99
CA TYR K 78 -24.30 37.12 2.38
C TYR K 78 -23.82 38.33 1.58
N ARG K 79 -22.79 39.03 2.09
CA ARG K 79 -22.25 40.25 1.45
C ARG K 79 -21.82 39.93 0.00
N LEU K 80 -21.19 38.79 -0.22
CA LEU K 80 -20.81 38.43 -1.62
C LEU K 80 -21.92 37.73 -2.41
N ARG K 81 -22.90 37.13 -1.75
CA ARG K 81 -23.94 36.30 -2.44
C ARG K 81 -25.32 36.98 -2.62
N GLY K 82 -25.96 37.53 -1.57
CA GLY K 82 -27.31 38.12 -1.64
C GLY K 82 -28.39 37.13 -1.32
N SER K 83 -28.03 35.88 -1.06
CA SER K 83 -29.02 34.87 -0.68
C SER K 83 -28.47 33.95 0.37
N ILE K 84 -29.36 33.42 1.17
CA ILE K 84 -28.95 32.38 2.14
C ILE K 84 -29.72 31.14 1.69
N ALA K 85 -30.09 31.05 0.41
CA ALA K 85 -30.91 29.95 -0.08
C ALA K 85 -30.08 29.08 -1.00
N ILE K 86 -30.09 27.78 -0.75
CA ILE K 86 -29.48 26.81 -1.65
C ILE K 86 -30.44 26.52 -2.78
N GLU K 87 -29.95 26.62 -4.01
CA GLU K 87 -30.76 26.27 -5.18
C GLU K 87 -30.75 24.75 -5.33
N TYR K 88 -31.73 24.10 -4.71
CA TYR K 88 -31.77 22.65 -4.65
C TYR K 88 -32.84 22.08 -5.57
N GLU L 57 27.24 -11.73 -74.47
CA GLU L 57 26.75 -11.88 -73.10
C GLU L 57 25.49 -12.73 -73.05
N GLY L 58 24.34 -12.10 -73.24
CA GLY L 58 23.06 -12.78 -73.23
C GLY L 58 22.60 -13.18 -74.61
N LEU L 59 21.28 -13.27 -74.75
CA LEU L 59 20.69 -13.65 -76.03
C LEU L 59 20.83 -12.52 -77.04
N GLN L 60 21.06 -12.90 -78.29
CA GLN L 60 21.23 -11.94 -79.39
C GLN L 60 20.05 -12.04 -80.35
N LYS L 61 19.88 -10.98 -81.14
CA LYS L 61 18.76 -10.92 -82.07
C LYS L 61 18.86 -12.00 -83.15
N VAL L 62 20.11 -12.23 -83.62
CA VAL L 62 20.33 -13.22 -84.70
C VAL L 62 19.89 -14.60 -84.20
N GLU L 63 20.23 -14.97 -82.97
CA GLU L 63 19.96 -16.31 -82.47
C GLU L 63 18.45 -16.58 -82.43
N VAL L 64 17.69 -15.66 -81.85
CA VAL L 64 16.27 -15.90 -81.62
C VAL L 64 15.53 -16.03 -82.94
N TYR L 65 15.82 -15.13 -83.89
CA TYR L 65 15.14 -15.19 -85.18
C TYR L 65 15.45 -16.49 -85.91
N GLU L 66 16.72 -16.90 -85.91
CA GLU L 66 17.08 -18.15 -86.57
C GLU L 66 16.40 -19.33 -85.91
N ARG L 67 16.35 -19.34 -84.57
CA ARG L 67 15.68 -20.42 -83.86
C ARG L 67 14.18 -20.42 -84.12
N ILE L 68 13.57 -19.23 -84.15
CA ILE L 68 12.16 -19.13 -84.48
C ILE L 68 11.92 -19.48 -85.94
N LYS L 69 12.84 -19.08 -86.82
CA LYS L 69 12.69 -19.38 -88.24
C LYS L 69 12.61 -20.88 -88.48
N SER L 70 13.50 -21.65 -87.86
CA SER L 70 13.46 -23.10 -88.03
C SER L 70 12.24 -23.69 -87.34
N LEU L 71 11.73 -23.03 -86.29
CA LEU L 71 10.54 -23.51 -85.61
C LEU L 71 9.33 -23.43 -86.53
N LEU L 72 9.09 -22.26 -87.13
CA LEU L 72 7.93 -22.09 -87.98
C LEU L 72 8.07 -22.86 -89.28
N ALA L 73 9.29 -22.99 -89.80
CA ALA L 73 9.51 -23.79 -91.00
C ALA L 73 9.14 -25.25 -90.76
N GLY L 74 9.28 -25.73 -89.53
CA GLY L 74 8.88 -27.08 -89.20
C GLY L 74 7.40 -27.27 -88.95
N PHE L 75 6.63 -26.19 -88.95
CA PHE L 75 5.18 -26.27 -88.81
C PHE L 75 4.56 -26.34 -90.20
N ASP L 76 3.83 -27.42 -90.47
CA ASP L 76 3.22 -27.61 -91.77
C ASP L 76 2.01 -26.73 -91.99
N LYS L 77 1.52 -26.06 -90.95
CA LYS L 77 0.36 -25.21 -91.08
C LYS L 77 0.69 -23.82 -91.60
N VAL L 78 1.97 -23.49 -91.76
CA VAL L 78 2.37 -22.24 -92.39
C VAL L 78 2.16 -22.37 -93.90
N ASN L 79 1.57 -21.34 -94.51
CA ASN L 79 1.24 -21.42 -95.93
C ASN L 79 2.50 -21.56 -96.78
N ASP L 80 3.54 -20.80 -96.46
CA ASP L 80 4.76 -20.84 -97.26
C ASP L 80 5.97 -20.46 -96.41
N PRO L 81 6.99 -21.31 -96.35
CA PRO L 81 8.20 -20.97 -95.59
C PRO L 81 8.90 -19.73 -96.12
N ASN L 82 8.68 -19.35 -97.38
CA ASN L 82 9.30 -18.15 -97.93
C ASN L 82 8.64 -16.87 -97.43
N ASN L 83 7.50 -16.97 -96.77
CA ASN L 83 6.81 -15.82 -96.20
C ASN L 83 7.27 -15.49 -94.79
N ILE L 84 8.29 -16.19 -94.30
CA ILE L 84 8.74 -16.04 -92.93
C ILE L 84 9.79 -14.94 -92.89
N THR L 85 9.53 -13.89 -92.13
CA THR L 85 10.45 -12.77 -91.99
C THR L 85 10.45 -12.31 -90.55
N GLU L 86 11.34 -11.37 -90.23
CA GLU L 86 11.44 -10.87 -88.84
C GLU L 86 10.14 -10.18 -88.45
N THR L 87 9.51 -9.45 -89.38
CA THR L 87 8.29 -8.68 -89.03
C THR L 87 7.04 -9.39 -89.58
N ALA L 88 7.08 -10.71 -89.70
CA ALA L 88 5.95 -11.46 -90.22
C ALA L 88 4.80 -11.49 -89.22
N HIS L 89 3.62 -11.83 -89.72
CA HIS L 89 2.41 -11.91 -88.91
C HIS L 89 1.84 -13.32 -89.00
N PHE L 90 1.30 -13.80 -87.88
CA PHE L 90 0.71 -15.13 -87.87
C PHE L 90 -0.61 -15.16 -88.63
N ALA L 91 -1.45 -14.15 -88.41
CA ALA L 91 -2.83 -14.21 -88.92
C ALA L 91 -2.87 -14.11 -90.43
N ASN L 92 -2.17 -13.14 -91.01
CA ASN L 92 -2.27 -12.86 -92.44
C ASN L 92 -1.01 -13.26 -93.21
N ASP L 93 0.17 -12.90 -92.72
CA ASP L 93 1.40 -13.22 -93.45
C ASP L 93 1.63 -14.72 -93.50
N LEU L 94 1.35 -15.42 -92.42
CA LEU L 94 1.63 -16.86 -92.34
C LEU L 94 0.38 -17.72 -92.47
N GLY L 95 -0.78 -17.22 -92.06
CA GLY L 95 -2.01 -17.96 -92.24
C GLY L 95 -2.30 -18.95 -91.15
N LEU L 96 -2.14 -18.53 -89.90
CA LEU L 96 -2.33 -19.48 -88.76
C LEU L 96 -3.62 -19.18 -88.02
N ASP L 97 -4.37 -20.22 -87.65
CA ASP L 97 -5.66 -20.06 -86.92
C ASP L 97 -5.41 -19.83 -85.44
N SER L 98 -6.46 -19.53 -84.68
CA SER L 98 -6.34 -19.26 -83.23
C SER L 98 -5.58 -20.41 -82.55
N LEU L 99 -5.99 -21.64 -82.81
CA LEU L 99 -5.36 -22.81 -82.16
C LEU L 99 -3.89 -22.92 -82.56
N ASP L 100 -3.57 -22.68 -83.83
CA ASP L 100 -2.18 -22.82 -84.30
C ASP L 100 -1.26 -21.84 -83.54
N THR L 101 -1.74 -20.63 -83.28
CA THR L 101 -0.91 -19.64 -82.55
C THR L 101 -0.61 -20.15 -81.14
N VAL L 102 -1.60 -20.72 -80.45
CA VAL L 102 -1.41 -21.23 -79.07
C VAL L 102 -0.36 -22.33 -79.15
N GLU L 103 -0.42 -23.16 -80.19
CA GLU L 103 0.59 -24.23 -80.39
C GLU L 103 1.99 -23.65 -80.62
N VAL L 104 2.11 -22.58 -81.40
CA VAL L 104 3.44 -21.97 -81.71
C VAL L 104 4.00 -21.30 -80.46
N VAL L 105 3.12 -20.69 -79.67
CA VAL L 105 3.53 -20.02 -78.41
C VAL L 105 4.07 -21.11 -77.50
N MET L 106 3.40 -22.26 -77.51
CA MET L 106 3.93 -23.38 -76.71
C MET L 106 5.32 -23.72 -77.24
N ALA L 107 5.49 -23.74 -78.55
CA ALA L 107 6.79 -24.14 -79.14
C ALA L 107 7.88 -23.14 -78.76
N ILE L 108 7.54 -21.85 -78.78
CA ILE L 108 8.55 -20.80 -78.50
C ILE L 108 9.02 -20.99 -77.07
N GLU L 109 8.08 -21.20 -76.15
CA GLU L 109 8.42 -21.34 -74.72
C GLU L 109 9.26 -22.60 -74.51
N GLU L 110 8.97 -23.70 -75.21
CA GLU L 110 9.74 -24.97 -75.09
C GLU L 110 11.18 -24.80 -75.59
N GLU L 111 11.37 -24.18 -76.74
CA GLU L 111 12.72 -23.97 -77.32
C GLU L 111 13.58 -23.08 -76.40
N PHE L 112 12.99 -22.03 -75.84
CA PHE L 112 13.77 -21.10 -75.00
C PHE L 112 13.63 -21.48 -73.51
N SER L 113 12.96 -22.59 -73.19
CA SER L 113 12.86 -23.11 -71.80
C SER L 113 12.37 -22.04 -70.82
N ILE L 114 11.26 -21.41 -71.16
CA ILE L 114 10.68 -20.34 -70.33
C ILE L 114 9.17 -20.57 -70.28
N GLU L 115 8.50 -19.97 -69.33
CA GLU L 115 7.03 -20.06 -69.26
C GLU L 115 6.52 -18.72 -69.77
N ILE L 116 5.63 -18.75 -70.76
CA ILE L 116 5.03 -17.47 -71.22
C ILE L 116 3.67 -17.36 -70.53
N PRO L 117 3.43 -16.31 -69.73
CA PRO L 117 2.16 -16.13 -69.05
C PRO L 117 1.03 -15.82 -70.06
N ASP L 118 -0.22 -16.08 -69.70
CA ASP L 118 -1.35 -15.91 -70.66
C ASP L 118 -1.46 -14.45 -71.13
N LYS L 119 -1.30 -13.48 -70.24
CA LYS L 119 -1.49 -12.07 -70.64
C LYS L 119 -0.47 -11.73 -71.72
N ASP L 120 0.79 -12.15 -71.55
CA ASP L 120 1.87 -11.89 -72.54
C ASP L 120 1.61 -12.65 -73.83
N ALA L 121 1.03 -13.85 -73.74
CA ALA L 121 0.82 -14.69 -74.94
C ALA L 121 -0.09 -13.98 -75.94
N ASP L 122 -1.11 -13.29 -75.44
CA ASP L 122 -2.08 -12.62 -76.33
C ASP L 122 -1.33 -11.60 -77.20
N GLN L 123 -0.35 -10.91 -76.62
CA GLN L 123 0.42 -9.88 -77.34
C GLN L 123 1.25 -10.49 -78.48
N ILE L 124 1.63 -11.77 -78.38
CA ILE L 124 2.54 -12.36 -79.42
C ILE L 124 1.74 -12.81 -80.64
N HIS L 125 1.42 -11.88 -81.55
CA HIS L 125 0.68 -12.21 -82.80
C HIS L 125 1.60 -12.04 -84.01
N SER L 126 2.89 -11.80 -83.78
CA SER L 126 3.84 -11.53 -84.89
C SER L 126 5.20 -12.14 -84.55
N VAL L 127 6.01 -12.44 -85.56
CA VAL L 127 7.39 -12.96 -85.31
C VAL L 127 8.19 -11.87 -84.58
N ASP L 128 8.01 -10.62 -84.97
CA ASP L 128 8.75 -9.50 -84.32
C ASP L 128 8.37 -9.42 -82.85
N LYS L 129 7.08 -9.56 -82.54
CA LYS L 129 6.60 -9.46 -81.14
C LYS L 129 7.24 -10.56 -80.31
N ALA L 130 7.35 -11.76 -80.88
CA ALA L 130 7.96 -12.89 -80.16
C ALA L 130 9.42 -12.59 -79.87
N ILE L 131 10.14 -12.04 -80.83
CA ILE L 131 11.60 -11.82 -80.63
C ILE L 131 11.76 -10.82 -79.50
N GLU L 132 10.91 -9.79 -79.47
CA GLU L 132 11.06 -8.75 -78.42
C GLU L 132 10.83 -9.42 -77.07
N TYR L 133 9.81 -10.28 -76.97
CA TYR L 133 9.49 -10.90 -75.65
C TYR L 133 10.69 -11.73 -75.21
N ILE L 134 11.25 -12.50 -76.13
CA ILE L 134 12.37 -13.40 -75.79
C ILE L 134 13.58 -12.57 -75.36
N LEU L 135 13.87 -11.49 -76.07
CA LEU L 135 15.04 -10.65 -75.75
C LEU L 135 14.84 -10.01 -74.37
N ARG L 136 13.60 -9.59 -74.07
CA ARG L 136 13.30 -8.95 -72.76
C ARG L 136 13.51 -9.92 -71.61
N GLN L 137 13.16 -11.20 -71.77
CA GLN L 137 13.23 -12.15 -70.64
C GLN L 137 14.67 -12.63 -70.47
N PRO L 138 15.32 -12.35 -69.32
CA PRO L 138 16.71 -12.74 -69.06
C PRO L 138 16.91 -14.26 -68.97
N ASP L 139 15.93 -14.98 -68.44
CA ASP L 139 16.02 -16.44 -68.19
C ASP L 139 16.17 -17.29 -69.45
N ALA L 140 15.71 -16.83 -70.61
CA ALA L 140 15.71 -17.70 -71.81
C ALA L 140 17.09 -18.27 -72.10
N HIS L 141 17.16 -19.57 -72.41
CA HIS L 141 18.46 -20.24 -72.64
C HIS L 141 18.53 -20.77 -74.07
N SER M 2 -12.85 -11.68 -73.11
CA SER M 2 -13.48 -12.77 -72.36
C SER M 2 -14.19 -13.73 -73.30
N ASN M 3 -14.29 -14.99 -72.87
CA ASN M 3 -14.91 -16.10 -73.58
C ASN M 3 -14.13 -16.51 -74.83
N ARG M 4 -13.03 -15.80 -75.10
CA ARG M 4 -12.13 -16.19 -76.22
C ARG M 4 -10.75 -16.42 -75.61
N GLN M 5 -10.25 -15.46 -74.83
CA GLN M 5 -8.99 -15.67 -74.13
C GLN M 5 -9.07 -16.90 -73.24
N ALA M 6 -10.19 -17.07 -72.53
CA ALA M 6 -10.34 -18.20 -71.62
C ALA M 6 -10.26 -19.52 -72.36
N ALA M 7 -10.97 -19.64 -73.48
CA ALA M 7 -10.93 -20.87 -74.25
C ALA M 7 -9.54 -21.15 -74.77
N LEU M 8 -8.88 -20.13 -75.28
CA LEU M 8 -7.50 -20.31 -75.78
C LEU M 8 -6.58 -20.65 -74.59
N SER M 9 -6.81 -20.03 -73.43
CA SER M 9 -6.07 -20.38 -72.23
C SER M 9 -6.28 -21.84 -71.86
N LEU M 10 -7.53 -22.30 -71.93
CA LEU M 10 -7.83 -23.69 -71.61
C LEU M 10 -7.25 -24.66 -72.62
N TYR M 11 -6.96 -24.21 -73.83
CA TYR M 11 -6.34 -25.06 -74.83
C TYR M 11 -4.89 -25.37 -74.47
N ARG M 12 -4.14 -24.34 -74.12
CA ARG M 12 -2.75 -24.51 -73.69
C ARG M 12 -2.68 -25.41 -72.46
N ARG M 13 -3.54 -25.16 -71.48
CA ARG M 13 -3.55 -25.96 -70.26
C ARG M 13 -3.86 -27.42 -70.56
N ALA M 14 -4.76 -27.67 -71.51
CA ALA M 14 -5.08 -29.04 -71.89
C ALA M 14 -3.86 -29.76 -72.47
N LEU M 15 -3.11 -29.07 -73.33
CA LEU M 15 -1.95 -29.69 -73.94
C LEU M 15 -0.82 -29.85 -72.94
N LYS M 16 -0.62 -28.85 -72.09
CA LYS M 16 0.42 -28.94 -71.06
C LYS M 16 0.13 -30.09 -70.09
N LEU M 17 -1.12 -30.22 -69.64
CA LEU M 17 -1.46 -31.29 -68.72
C LEU M 17 -1.22 -32.66 -69.33
N ALA M 18 -1.61 -32.84 -70.59
CA ALA M 18 -1.39 -34.10 -71.27
C ALA M 18 0.10 -34.44 -71.31
N LEU M 19 0.94 -33.47 -71.63
CA LEU M 19 2.37 -33.70 -71.66
C LEU M 19 2.95 -33.89 -70.25
N ASP M 20 2.32 -33.29 -69.25
CA ASP M 20 2.74 -33.54 -67.87
C ASP M 20 2.57 -35.00 -67.52
N TRP M 21 1.42 -35.58 -67.86
CA TRP M 21 1.16 -36.99 -67.56
C TRP M 21 1.89 -37.91 -68.53
N THR M 22 1.92 -37.55 -69.81
CA THR M 22 2.59 -38.32 -70.86
C THR M 22 3.97 -37.71 -71.04
N VAL M 23 4.99 -38.36 -70.51
CA VAL M 23 6.31 -37.79 -70.60
C VAL M 23 6.89 -37.96 -71.99
N HIS M 24 6.47 -39.02 -72.69
CA HIS M 24 6.99 -39.34 -74.04
C HIS M 24 6.35 -38.40 -75.05
N ARG M 25 7.15 -37.63 -75.79
CA ARG M 25 6.58 -36.60 -76.65
C ARG M 25 5.80 -37.21 -77.81
N ASN M 26 6.31 -38.30 -78.40
CA ASN M 26 5.64 -38.88 -79.55
C ASN M 26 4.25 -39.40 -79.19
N LEU M 27 4.13 -40.05 -78.03
CA LEU M 27 2.80 -40.46 -77.55
C LEU M 27 1.93 -39.25 -77.30
N TRP M 28 2.52 -38.19 -76.76
CA TRP M 28 1.80 -36.95 -76.51
C TRP M 28 1.35 -36.29 -77.81
N ARG M 29 2.09 -36.48 -78.89
CA ARG M 29 1.74 -35.84 -80.15
C ARG M 29 0.38 -36.32 -80.64
N GLY M 30 0.14 -37.63 -80.59
CA GLY M 30 -1.17 -38.15 -80.91
C GLY M 30 -2.24 -37.62 -79.99
N GLN M 31 -1.92 -37.52 -78.71
CA GLN M 31 -2.87 -36.94 -77.75
C GLN M 31 -3.17 -35.49 -78.10
N ALA M 32 -2.14 -34.74 -78.49
CA ALA M 32 -2.30 -33.31 -78.70
C ALA M 32 -3.26 -33.01 -79.84
N LEU M 33 -3.18 -33.77 -80.93
CA LEU M 33 -4.08 -33.52 -82.04
C LEU M 33 -5.52 -33.89 -81.70
N TYR M 34 -5.71 -34.91 -80.87
CA TYR M 34 -7.06 -35.27 -80.45
C TYR M 34 -7.70 -34.13 -79.68
N ILE M 35 -6.96 -33.53 -78.75
CA ILE M 35 -7.51 -32.43 -77.97
C ILE M 35 -7.85 -31.26 -78.88
N ARG M 36 -6.95 -30.95 -79.82
CA ARG M 36 -7.23 -29.85 -80.75
C ARG M 36 -8.46 -30.14 -81.58
N SER M 37 -8.59 -31.38 -82.07
CA SER M 37 -9.77 -31.76 -82.83
C SER M 37 -11.06 -31.52 -82.06
N LEU M 38 -11.02 -31.68 -80.74
CA LEU M 38 -12.19 -31.40 -79.92
C LEU M 38 -12.53 -29.92 -79.92
N PHE M 39 -11.52 -29.05 -79.91
CA PHE M 39 -11.80 -27.62 -79.94
C PHE M 39 -12.43 -27.19 -81.26
N GLU M 40 -12.07 -27.85 -82.36
CA GLU M 40 -12.65 -27.50 -83.65
C GLU M 40 -14.12 -27.88 -83.72
N LYS M 41 -14.50 -28.99 -83.08
CA LYS M 41 -15.89 -29.43 -83.11
C LYS M 41 -16.83 -28.42 -82.45
N ASN M 42 -16.31 -27.55 -81.60
CA ASN M 42 -17.12 -26.56 -80.90
C ASN M 42 -16.78 -25.14 -81.30
N ARG M 43 -16.12 -24.95 -82.44
CA ARG M 43 -15.77 -23.61 -82.89
C ARG M 43 -16.99 -22.84 -83.35
N ASN M 44 -18.01 -23.53 -83.85
CA ASN M 44 -19.18 -22.87 -84.43
C ASN M 44 -20.21 -22.45 -83.40
N VAL M 45 -20.00 -22.78 -82.12
CA VAL M 45 -20.94 -22.36 -81.07
C VAL M 45 -20.86 -20.85 -80.89
N THR M 46 -22.02 -20.22 -80.71
CA THR M 46 -22.09 -18.78 -80.51
C THR M 46 -22.99 -18.34 -79.36
N ASP M 47 -23.82 -19.23 -78.82
CA ASP M 47 -24.75 -18.86 -77.76
C ASP M 47 -24.00 -18.63 -76.46
N PRO M 48 -24.09 -17.44 -75.86
CA PRO M 48 -23.38 -17.20 -74.59
C PRO M 48 -23.85 -18.10 -73.45
N ARG M 49 -25.12 -18.51 -73.46
CA ARG M 49 -25.64 -19.33 -72.37
C ARG M 49 -24.94 -20.70 -72.33
N LEU M 50 -24.67 -21.28 -73.50
CA LEU M 50 -24.01 -22.57 -73.57
C LEU M 50 -22.50 -22.44 -73.70
N GLN M 51 -22.01 -21.30 -74.19
CA GLN M 51 -20.57 -21.10 -74.34
C GLN M 51 -19.88 -21.16 -72.98
N ARG M 52 -20.38 -20.40 -72.00
CA ARG M 52 -19.74 -20.39 -70.69
C ARG M 52 -19.92 -21.72 -69.97
N ALA M 53 -20.99 -22.45 -70.27
CA ALA M 53 -21.13 -23.80 -69.73
C ALA M 53 -20.09 -24.74 -70.32
N LEU M 54 -19.79 -24.57 -71.61
CA LEU M 54 -18.75 -25.37 -72.24
C LEU M 54 -17.39 -25.12 -71.61
N LEU M 55 -17.12 -23.86 -71.22
CA LEU M 55 -15.87 -23.56 -70.55
C LEU M 55 -15.85 -24.09 -69.12
N LYS M 56 -16.97 -24.14 -68.46
CA LYS M 56 -16.99 -24.60 -67.04
C LYS M 56 -16.67 -26.09 -66.99
N GLU M 57 -17.20 -26.87 -67.94
CA GLU M 57 -17.01 -28.31 -67.88
C GLU M 57 -15.53 -28.67 -68.09
N THR M 58 -14.91 -27.99 -69.06
CA THR M 58 -13.49 -28.26 -69.35
C THR M 58 -12.64 -27.95 -68.11
N GLU M 59 -12.95 -26.88 -67.38
CA GLU M 59 -12.07 -26.61 -66.23
C GLU M 59 -12.17 -27.76 -65.25
N LYS M 60 -13.39 -28.25 -65.00
CA LYS M 60 -13.59 -29.38 -64.07
C LYS M 60 -12.81 -30.59 -64.57
N LEU M 61 -12.73 -30.75 -65.89
CA LEU M 61 -11.96 -31.86 -66.44
C LEU M 61 -10.49 -31.74 -66.08
N LEU M 62 -9.93 -30.53 -66.19
CA LEU M 62 -8.54 -30.31 -65.84
C LEU M 62 -8.31 -30.40 -64.34
N GLU M 63 -9.36 -30.23 -63.54
CA GLU M 63 -9.25 -30.52 -62.13
C GLU M 63 -9.21 -32.02 -61.87
N LYS M 64 -10.03 -32.78 -62.59
CA LYS M 64 -10.11 -34.22 -62.37
C LYS M 64 -8.83 -34.94 -62.77
N TRP M 65 -8.03 -34.35 -63.63
CA TRP M 65 -6.85 -35.02 -64.18
C TRP M 65 -5.58 -34.22 -63.93
N LYS M 66 -5.63 -33.28 -62.99
CA LYS M 66 -4.47 -32.46 -62.69
C LYS M 66 -3.29 -33.32 -62.23
N HIS M 67 -2.11 -32.94 -62.69
CA HIS M 67 -0.92 -33.63 -62.25
C HIS M 67 -0.58 -33.24 -60.81
N PRO M 68 -0.15 -34.20 -59.99
CA PRO M 68 0.33 -33.85 -58.64
C PRO M 68 1.54 -32.94 -58.66
N ASP M 69 2.38 -33.01 -59.69
CA ASP M 69 3.59 -32.19 -59.80
C ASP M 69 3.80 -31.77 -61.25
N PRO M 70 3.12 -30.73 -61.69
CA PRO M 70 3.31 -30.24 -63.06
C PRO M 70 4.71 -29.68 -63.29
N TYR M 71 5.15 -29.78 -64.54
CA TYR M 71 6.48 -29.30 -64.87
C TYR M 71 6.55 -27.77 -64.84
N CYS M 72 7.65 -27.25 -64.31
CA CYS M 72 7.93 -25.83 -64.35
C CYS M 72 9.37 -25.64 -64.83
N PRO M 73 9.62 -24.75 -65.79
CA PRO M 73 11.00 -24.44 -66.13
C PRO M 73 11.74 -23.86 -64.94
N PRO M 74 13.06 -24.14 -64.79
CA PRO M 74 13.80 -23.78 -63.56
C PRO M 74 13.65 -22.32 -63.12
N THR M 75 13.60 -21.43 -64.10
CA THR M 75 13.49 -20.02 -63.78
C THR M 75 12.07 -19.53 -63.61
N ALA M 76 11.08 -20.32 -64.00
CA ALA M 76 9.70 -19.95 -63.75
C ALA M 76 9.40 -19.97 -62.25
N PRO M 77 8.43 -19.19 -61.80
CA PRO M 77 7.97 -19.29 -60.41
C PRO M 77 7.59 -20.71 -60.06
N GLY M 78 8.05 -21.16 -58.90
CA GLY M 78 7.91 -22.55 -58.54
C GLY M 78 8.94 -23.48 -59.16
N GLY M 79 9.90 -22.93 -59.92
CA GLY M 79 10.98 -23.72 -60.46
C GLY M 79 12.18 -23.76 -59.54
N SER M 80 13.04 -24.74 -59.75
CA SER M 80 14.18 -24.98 -58.85
C SER M 80 15.13 -23.79 -58.75
N LYS M 81 15.42 -23.13 -59.87
CA LYS M 81 16.39 -22.04 -59.86
C LYS M 81 15.76 -20.70 -59.53
N TYR M 82 14.44 -20.64 -59.37
CA TYR M 82 13.73 -19.40 -59.11
C TYR M 82 14.26 -18.72 -57.84
N GLU M 83 14.64 -17.44 -57.98
CA GLU M 83 15.07 -16.59 -56.87
C GLU M 83 16.34 -17.09 -56.19
N ARG M 84 17.24 -17.74 -56.94
CA ARG M 84 18.39 -18.37 -56.29
C ARG M 84 19.40 -17.35 -55.78
N ASN M 85 19.74 -16.37 -56.60
CA ASN M 85 20.80 -15.41 -56.30
C ASN M 85 20.33 -14.01 -56.61
N LEU M 86 19.16 -13.66 -56.09
CA LEU M 86 18.51 -12.42 -56.45
C LEU M 86 19.37 -11.23 -56.08
N PRO M 87 19.52 -10.22 -56.95
CA PRO M 87 20.32 -9.06 -56.63
C PRO M 87 19.64 -8.16 -55.60
N VAL M 88 20.45 -7.34 -54.95
CA VAL M 88 19.91 -6.36 -54.00
C VAL M 88 19.01 -5.38 -54.75
N PRO M 89 17.79 -5.11 -54.27
CA PRO M 89 16.88 -4.25 -55.04
C PRO M 89 17.40 -2.84 -55.29
N ASN M 90 18.08 -2.25 -54.32
CA ASN M 90 18.60 -0.90 -54.44
C ASN M 90 20.12 -0.95 -54.41
N LEU M 91 20.75 -0.44 -55.45
CA LEU M 91 22.21 -0.45 -55.54
C LEU M 91 22.84 0.87 -55.18
N GLU M 92 22.07 1.83 -54.71
CA GLU M 92 22.62 3.09 -54.25
C GLU M 92 23.21 2.96 -52.85
N PRO M 93 24.28 3.70 -52.56
CA PRO M 93 24.80 3.71 -51.19
C PRO M 93 23.83 4.38 -50.25
N PRO M 94 23.82 3.98 -48.97
CA PRO M 94 22.90 4.60 -48.03
C PRO M 94 23.20 6.08 -47.87
N PRO M 95 22.18 6.90 -47.63
CA PRO M 95 22.43 8.31 -47.37
C PRO M 95 23.17 8.49 -46.06
N PRO M 96 23.97 9.54 -45.94
CA PRO M 96 24.76 9.72 -44.71
C PRO M 96 23.90 10.00 -43.50
N LEU M 97 23.85 9.03 -42.58
CA LEU M 97 23.10 9.14 -41.35
C LEU M 97 23.95 8.59 -40.21
N LYS M 98 23.68 9.06 -39.00
CA LYS M 98 24.43 8.64 -37.83
C LYS M 98 23.61 7.66 -37.01
N PHE M 99 24.22 6.53 -36.65
CA PHE M 99 23.57 5.52 -35.82
C PHE M 99 24.56 4.93 -34.82
N GLN N 67 36.33 -14.65 -63.86
CA GLN N 67 36.91 -13.38 -63.44
C GLN N 67 36.37 -12.94 -62.09
N TYR N 68 37.25 -12.46 -61.22
CA TYR N 68 36.91 -12.09 -59.86
C TYR N 68 36.93 -10.57 -59.69
N ASP N 69 36.23 -10.13 -58.74
CA ASP N 69 36.08 -8.73 -58.40
C ASP N 69 37.01 -8.36 -57.25
N PRO N 70 37.44 -7.10 -57.18
CA PRO N 70 38.22 -6.64 -56.04
C PRO N 70 37.35 -6.49 -54.81
N PRO N 71 37.85 -6.89 -53.64
CA PRO N 71 37.04 -6.77 -52.42
C PRO N 71 36.71 -5.32 -52.10
N THR N 72 35.42 -5.05 -51.94
CA THR N 72 34.88 -3.71 -51.77
C THR N 72 34.20 -3.61 -50.40
N GLY N 73 33.51 -2.51 -50.17
CA GLY N 73 32.70 -2.38 -48.99
C GLY N 73 33.27 -1.38 -48.00
N TRP N 74 32.39 -0.75 -47.24
CA TRP N 74 32.75 0.28 -46.27
C TRP N 74 32.64 -0.30 -44.87
N LEU N 75 33.76 -0.64 -44.27
CA LEU N 75 33.76 -1.14 -42.90
C LEU N 75 33.42 0.00 -41.94
N TRP N 76 32.54 -0.29 -40.99
CA TRP N 76 31.93 0.70 -40.10
C TRP N 76 31.26 1.82 -40.89
N GLY N 77 30.93 1.56 -42.15
CA GLY N 77 30.30 2.57 -42.98
C GLY N 77 31.18 3.74 -43.32
N VAL N 78 32.49 3.62 -43.12
CA VAL N 78 33.40 4.71 -43.45
C VAL N 78 33.64 4.68 -44.97
N ARG N 79 33.30 5.78 -45.63
CA ARG N 79 33.52 5.87 -47.07
C ARG N 79 35.02 5.91 -47.35
N PRO N 80 35.44 5.43 -48.52
CA PRO N 80 36.89 5.30 -48.78
C PRO N 80 37.65 6.61 -48.64
N GLY N 81 37.01 7.75 -48.89
CA GLY N 81 37.71 9.01 -48.74
C GLY N 81 38.08 9.34 -47.31
N GLU N 82 37.18 9.09 -46.38
CA GLU N 82 37.32 9.57 -45.01
C GLU N 82 37.81 8.46 -44.09
N LYS N 83 37.87 8.78 -42.79
CA LYS N 83 38.29 7.85 -41.75
C LYS N 83 37.23 7.80 -40.65
N TYR N 84 37.38 6.83 -39.76
CA TYR N 84 36.43 6.66 -38.67
C TYR N 84 36.52 7.82 -37.67
N GLN N 85 35.35 8.33 -37.27
CA GLN N 85 35.27 9.38 -36.27
C GLN N 85 34.86 8.77 -34.93
N ASN N 86 35.59 9.13 -33.87
CA ASN N 86 35.27 8.65 -32.54
C ASN N 86 34.11 9.42 -31.94
N GLU N 87 33.13 8.54 -31.35
CA GLU N 87 31.94 9.11 -30.72
C GLU N 87 32.24 9.47 -29.26
N GLY N 88 33.38 9.11 -28.73
CA GLY N 88 33.74 9.37 -27.36
C GLY N 88 33.69 8.17 -26.44
N TRP N 89 33.06 7.08 -26.86
CA TRP N 89 32.96 5.88 -26.05
C TRP N 89 34.15 4.95 -26.20
N GLU N 90 34.96 5.14 -27.24
CA GLU N 90 35.95 4.14 -27.65
C GLU N 90 37.07 4.00 -26.63
N GLY N 91 37.52 5.11 -26.06
CA GLY N 91 38.58 5.09 -25.07
C GLY N 91 38.21 4.28 -23.85
N PRO N 92 37.18 4.69 -23.13
CA PRO N 92 36.76 3.92 -21.95
C PRO N 92 36.37 2.48 -22.27
N PHE N 93 35.75 2.21 -23.41
CA PHE N 93 35.29 0.85 -23.67
C PHE N 93 36.45 -0.08 -24.03
N PHE N 94 37.35 0.35 -24.91
CA PHE N 94 38.44 -0.53 -25.34
C PHE N 94 39.51 -0.65 -24.27
N TYR N 95 39.85 0.44 -23.60
CA TYR N 95 40.95 0.44 -22.66
C TYR N 95 40.51 0.14 -21.23
N GLY N 96 39.36 0.67 -20.83
CA GLY N 96 38.86 0.43 -19.50
C GLY N 96 38.09 -0.86 -19.39
N PHE N 97 37.04 -1.00 -20.19
CA PHE N 97 36.17 -2.17 -20.10
C PHE N 97 36.92 -3.43 -20.55
N TRP N 98 37.47 -3.41 -21.76
CA TRP N 98 38.15 -4.59 -22.28
C TRP N 98 39.54 -4.76 -21.67
N GLY N 99 40.24 -3.66 -21.39
CA GLY N 99 41.53 -3.78 -20.74
C GLY N 99 41.43 -4.44 -19.39
N SER N 100 40.45 -4.03 -18.57
CA SER N 100 40.29 -4.60 -17.25
C SER N 100 39.93 -6.08 -17.33
N LEU N 101 39.09 -6.46 -18.29
CA LEU N 101 38.72 -7.86 -18.44
C LEU N 101 39.92 -8.71 -18.84
N ILE N 102 40.79 -8.18 -19.72
CA ILE N 102 41.99 -8.90 -20.10
C ILE N 102 42.94 -9.04 -18.91
N VAL N 103 43.11 -7.96 -18.14
CA VAL N 103 43.96 -8.01 -16.96
C VAL N 103 43.42 -9.01 -15.96
N PHE N 104 42.11 -8.98 -15.73
CA PHE N 104 41.48 -9.90 -14.79
C PHE N 104 41.72 -11.34 -15.20
N ALA N 105 41.69 -11.61 -16.51
CA ALA N 105 41.93 -12.97 -16.99
C ALA N 105 43.35 -13.42 -16.68
N ILE N 106 44.32 -12.54 -16.82
CA ILE N 106 45.68 -12.87 -16.43
C ILE N 106 45.77 -13.04 -14.93
N ALA N 107 45.16 -12.13 -14.17
CA ALA N 107 45.10 -12.27 -12.72
C ALA N 107 44.46 -13.59 -12.32
N TYR N 108 43.49 -14.07 -13.10
CA TYR N 108 42.77 -15.28 -12.73
C TYR N 108 43.62 -16.53 -12.92
N ALA N 109 44.66 -16.45 -13.75
CA ALA N 109 45.58 -17.58 -13.88
C ALA N 109 46.35 -17.83 -12.61
N TYR N 110 46.64 -16.78 -11.85
CA TYR N 110 47.40 -16.88 -10.62
C TYR N 110 46.52 -16.93 -9.38
N LYS N 111 45.20 -16.96 -9.54
CA LYS N 111 44.33 -17.09 -8.38
C LYS N 111 44.43 -18.51 -7.82
N PRO N 112 44.59 -18.66 -6.51
CA PRO N 112 44.62 -20.01 -5.92
C PRO N 112 43.27 -20.71 -6.07
N ASP N 113 43.33 -22.02 -6.26
CA ASP N 113 42.12 -22.82 -6.35
C ASP N 113 41.51 -22.97 -4.96
N THR N 114 40.29 -22.48 -4.79
CA THR N 114 39.56 -22.59 -3.55
C THR N 114 38.25 -23.36 -3.73
N SER N 115 38.20 -24.14 -4.80
CA SER N 115 36.98 -24.93 -5.12
C SER N 115 36.82 -26.13 -4.19
N ILE N 116 35.57 -26.43 -3.83
CA ILE N 116 35.29 -27.58 -2.98
C ILE N 116 35.77 -28.87 -3.62
N GLN N 117 35.77 -28.93 -4.95
CA GLN N 117 36.21 -30.14 -5.66
C GLN N 117 37.68 -30.43 -5.38
N THR N 118 38.55 -29.45 -5.53
CA THR N 118 39.98 -29.68 -5.34
C THR N 118 40.27 -30.17 -3.93
N TRP N 119 39.66 -29.55 -2.92
CA TRP N 119 39.84 -30.01 -1.55
C TRP N 119 39.25 -31.39 -1.36
N ALA N 120 38.07 -31.64 -1.94
CA ALA N 120 37.42 -32.93 -1.73
C ALA N 120 38.06 -34.05 -2.55
N LEU N 121 38.61 -33.75 -3.73
CA LEU N 121 39.32 -34.80 -4.46
C LEU N 121 40.51 -35.34 -3.67
N GLU N 122 41.25 -34.46 -2.99
CA GLU N 122 42.42 -34.90 -2.25
C GLU N 122 42.05 -35.83 -1.11
N GLU N 123 40.97 -35.53 -0.39
CA GLU N 123 40.54 -36.43 0.67
C GLU N 123 39.95 -37.71 0.10
N ALA N 124 39.24 -37.62 -1.02
CA ALA N 124 38.70 -38.82 -1.64
C ALA N 124 39.82 -39.76 -2.10
N ARG N 125 40.91 -39.20 -2.64
CA ARG N 125 42.02 -40.03 -3.06
C ARG N 125 42.65 -40.76 -1.88
N ARG N 126 42.84 -40.07 -0.75
CA ARG N 126 43.41 -40.72 0.43
C ARG N 126 42.51 -41.84 0.93
N ARG N 127 41.21 -41.62 0.92
CA ARG N 127 40.25 -42.64 1.44
C ARG N 127 40.21 -43.83 0.49
N LEU N 128 40.33 -43.61 -0.82
CA LEU N 128 40.38 -44.74 -1.74
C LEU N 128 41.75 -45.37 -1.80
N GLU N 129 42.79 -44.63 -1.42
CA GLU N 129 44.08 -45.26 -1.13
C GLU N 129 43.96 -46.17 0.07
N ALA N 130 43.19 -45.77 1.07
CA ALA N 130 42.98 -46.60 2.25
C ALA N 130 42.32 -47.93 1.89
N GLU N 131 41.30 -47.89 1.03
CA GLU N 131 40.75 -49.12 0.50
C GLU N 131 41.65 -49.64 -0.61
N GLY N 132 41.34 -50.84 -1.09
CA GLY N 132 42.16 -51.45 -2.12
C GLY N 132 41.83 -50.97 -3.52
N ILE N 133 41.70 -49.66 -3.69
CA ILE N 133 41.28 -49.06 -4.95
C ILE N 133 42.43 -48.30 -5.61
N LEU N 134 43.10 -47.44 -4.86
CA LEU N 134 44.16 -46.60 -5.40
C LEU N 134 45.50 -46.96 -4.76
N GLU N 135 46.55 -46.99 -5.57
CA GLU N 135 47.88 -47.28 -5.07
C GLU N 135 48.44 -46.08 -4.30
N ASP N 136 49.15 -46.42 -3.23
CA ASP N 136 49.67 -45.38 -2.31
C ASP N 136 51.07 -44.96 -2.76
N PRO N 137 51.33 -43.72 -3.26
CA PRO N 137 52.70 -43.31 -3.60
C PRO N 137 53.65 -43.41 -2.42
N ASN N 138 53.17 -43.17 -1.20
CA ASN N 138 53.96 -43.25 0.03
C ASN N 138 53.44 -44.40 0.87
N PRO N 139 53.85 -45.65 0.59
CA PRO N 139 53.29 -46.80 1.30
C PRO N 139 53.80 -46.85 2.74
N THR N 140 52.88 -46.70 3.69
CA THR N 140 53.20 -46.71 5.11
C THR N 140 54.27 -45.67 5.46
N MET O 1 -36.06 10.30 53.69
CA MET O 1 -36.19 11.75 53.63
C MET O 1 -34.83 12.43 53.50
N ALA O 2 -34.56 12.92 52.30
CA ALA O 2 -33.27 13.47 51.93
C ALA O 2 -33.18 14.95 52.30
N THR O 3 -31.96 15.47 52.29
CA THR O 3 -31.75 16.87 52.60
C THR O 3 -32.01 17.78 51.43
N ARG O 4 -32.40 17.22 50.29
CA ARG O 4 -32.78 18.02 49.13
C ARG O 4 -33.91 18.99 49.49
N LYS O 5 -33.81 20.20 48.97
CA LYS O 5 -34.84 21.21 49.18
C LYS O 5 -36.06 20.89 48.31
N PRO O 6 -37.23 20.65 48.91
CA PRO O 6 -38.40 20.30 48.10
C PRO O 6 -38.94 21.49 47.31
N ALA O 7 -39.55 21.19 46.17
CA ALA O 7 -40.15 22.20 45.31
C ALA O 7 -41.59 21.92 44.90
N PHE O 8 -42.07 20.68 45.00
CA PHE O 8 -43.43 20.35 44.59
C PHE O 8 -44.18 19.56 45.65
N ASN O 9 -43.71 19.58 46.89
CA ASN O 9 -44.37 18.85 47.96
C ASN O 9 -45.81 19.33 48.11
N GLN O 10 -46.72 18.39 48.35
CA GLN O 10 -48.11 18.72 48.64
C GLN O 10 -48.64 17.94 49.82
N HIS O 11 -47.84 17.01 50.36
CA HIS O 11 -48.28 16.15 51.44
C HIS O 11 -47.15 15.99 52.45
N VAL O 12 -47.54 15.56 53.64
CA VAL O 12 -46.61 15.25 54.71
C VAL O 12 -46.85 13.82 55.14
N LEU O 13 -45.77 13.10 55.39
CA LEU O 13 -45.83 11.72 55.87
C LEU O 13 -45.32 11.68 57.31
N LEU O 14 -46.15 11.16 58.21
CA LEU O 14 -45.79 10.99 59.61
C LEU O 14 -45.83 9.53 59.98
N ASP O 15 -44.92 9.12 60.86
CA ASP O 15 -44.87 7.76 61.38
C ASP O 15 -45.15 7.81 62.87
N THR O 16 -46.09 6.99 63.34
CA THR O 16 -46.44 7.00 64.75
C THR O 16 -45.63 6.01 65.58
N THR O 17 -44.79 5.19 64.95
CA THR O 17 -44.08 4.17 65.70
C THR O 17 -43.04 4.82 66.61
N PRO O 18 -43.03 4.48 67.89
CA PRO O 18 -42.08 5.09 68.83
C PRO O 18 -40.70 4.47 68.68
N LEU O 19 -39.75 5.04 69.42
CA LEU O 19 -38.46 4.39 69.54
C LEU O 19 -38.60 3.11 70.34
N PRO O 20 -37.78 2.10 70.05
CA PRO O 20 -37.81 0.87 70.85
C PRO O 20 -37.38 1.13 72.28
N ASP O 21 -37.88 0.30 73.19
CA ASP O 21 -37.53 0.43 74.60
C ASP O 21 -36.05 0.26 74.86
N SER O 22 -35.32 -0.37 73.94
CA SER O 22 -33.87 -0.50 74.09
C SER O 22 -33.17 0.84 74.12
N ILE O 23 -33.82 1.89 73.62
CA ILE O 23 -33.24 3.23 73.60
C ILE O 23 -33.78 4.00 74.81
N PRO O 24 -32.92 4.54 75.67
CA PRO O 24 -33.42 5.43 76.73
C PRO O 24 -34.19 6.61 76.16
N LYS O 25 -35.21 7.03 76.90
CA LYS O 25 -36.10 8.09 76.49
C LYS O 25 -35.62 9.43 77.04
N VAL O 26 -35.58 10.43 76.19
CA VAL O 26 -35.31 11.81 76.60
C VAL O 26 -36.50 12.65 76.20
N LYS O 27 -36.88 13.57 77.07
CA LYS O 27 -37.91 14.54 76.73
C LYS O 27 -37.32 15.60 75.81
N GLU O 28 -38.05 15.94 74.76
CA GLU O 28 -37.56 16.90 73.79
C GLU O 28 -37.70 18.33 74.30
N ILE O 29 -36.94 19.22 73.67
CA ILE O 29 -37.01 20.64 74.00
C ILE O 29 -38.31 21.22 73.49
N GLY O 30 -39.02 21.95 74.36
CA GLY O 30 -40.29 22.51 73.98
C GLY O 30 -40.27 23.98 73.65
N ALA O 31 -39.09 24.52 73.37
CA ALA O 31 -38.92 25.93 73.10
C ALA O 31 -38.84 26.19 71.60
N SER O 32 -39.50 27.25 71.15
CA SER O 32 -39.53 27.60 69.74
C SER O 32 -38.33 28.48 69.40
N SER O 33 -38.29 28.95 68.15
CA SER O 33 -37.08 29.55 67.60
C SER O 33 -36.67 30.82 68.35
N ALA O 34 -37.62 31.72 68.63
CA ALA O 34 -37.25 32.97 69.27
C ALA O 34 -36.72 32.78 70.69
N PRO O 35 -37.36 31.99 71.57
CA PRO O 35 -36.78 31.80 72.91
C PRO O 35 -35.42 31.13 72.90
N LEU O 36 -35.20 30.11 72.09
CA LEU O 36 -33.89 29.47 72.12
C LEU O 36 -32.83 30.25 71.37
N LEU O 37 -33.22 31.19 70.51
CA LEU O 37 -32.24 32.14 70.00
C LEU O 37 -31.79 33.09 71.10
N SER O 38 -32.71 33.56 71.93
CA SER O 38 -32.35 34.44 73.04
C SER O 38 -31.67 33.69 74.17
N ALA O 39 -31.74 32.36 74.18
CA ALA O 39 -31.03 31.53 75.14
C ALA O 39 -29.79 30.88 74.55
N SER O 40 -29.48 31.15 73.28
CA SER O 40 -28.47 30.38 72.57
C SER O 40 -27.07 30.56 73.17
N PHE O 41 -26.72 31.80 73.51
CA PHE O 41 -25.40 32.03 74.08
C PHE O 41 -25.28 31.52 75.50
N PHE O 42 -26.39 31.41 76.23
CA PHE O 42 -26.35 30.80 77.55
C PHE O 42 -26.28 29.29 77.46
N ILE O 43 -26.97 28.69 76.47
CA ILE O 43 -26.76 27.27 76.20
C ILE O 43 -25.32 27.04 75.79
N GLY O 44 -24.79 27.90 74.91
CA GLY O 44 -23.41 27.77 74.49
C GLY O 44 -22.43 27.91 75.63
N ALA O 45 -22.85 28.56 76.71
CA ALA O 45 -21.97 28.73 77.87
C ALA O 45 -21.89 27.45 78.70
N ARG O 46 -23.04 26.92 79.12
CA ARG O 46 -23.04 25.74 79.96
C ARG O 46 -22.77 24.45 79.19
N CYS O 47 -23.19 24.39 77.93
CA CYS O 47 -23.26 23.12 77.22
C CYS O 47 -22.24 22.99 76.10
N LYS O 48 -21.26 23.89 76.05
CA LYS O 48 -20.23 23.83 75.02
C LYS O 48 -19.59 22.45 74.92
N ASP O 49 -19.19 21.89 76.06
CA ASP O 49 -18.45 20.64 76.06
C ASP O 49 -19.30 19.50 75.52
N TYR O 50 -20.55 19.41 75.96
CA TYR O 50 -21.43 18.35 75.49
C TYR O 50 -21.81 18.57 74.04
N ASN O 51 -22.02 19.82 73.64
CA ASN O 51 -22.26 20.13 72.23
C ASN O 51 -21.11 19.66 71.38
N ASP O 52 -19.88 20.01 71.77
CA ASP O 52 -18.72 19.60 71.01
C ASP O 52 -18.54 18.09 71.04
N ASP O 53 -18.76 17.47 72.20
CA ASP O 53 -18.61 16.02 72.29
C ASP O 53 -19.56 15.29 71.35
N TYR O 54 -20.80 15.76 71.26
CA TYR O 54 -21.76 15.10 70.38
C TYR O 54 -21.36 15.25 68.92
N MET O 55 -20.79 16.39 68.54
CA MET O 55 -20.33 16.54 67.16
C MET O 55 -19.04 15.79 66.91
N GLN O 56 -18.19 15.64 67.93
CA GLN O 56 -16.99 14.82 67.76
C GLN O 56 -17.32 13.35 67.66
N CYS O 57 -18.29 12.87 68.44
CA CYS O 57 -18.73 11.48 68.34
C CYS O 57 -19.19 11.17 66.91
N LYS O 58 -19.98 12.07 66.32
CA LYS O 58 -20.48 11.82 64.97
C LYS O 58 -19.36 11.84 63.94
N ASN O 59 -18.39 12.74 64.10
CA ASN O 59 -17.25 12.75 63.17
C ASN O 59 -16.39 11.50 63.33
N GLU O 60 -16.37 10.91 64.52
CA GLU O 60 -15.66 9.66 64.75
C GLU O 60 -16.33 8.49 64.06
N ASN O 61 -17.59 8.62 63.68
CA ASN O 61 -18.39 7.52 63.14
C ASN O 61 -19.04 7.96 61.84
N PRO O 62 -18.25 8.19 60.80
CA PRO O 62 -18.80 8.67 59.53
C PRO O 62 -19.82 7.70 58.95
N GLY O 63 -20.89 8.25 58.38
CA GLY O 63 -21.96 7.44 57.84
C GLY O 63 -22.84 6.75 58.87
N ARG O 64 -22.51 6.86 60.14
CA ARG O 64 -23.24 6.09 61.17
C ARG O 64 -23.48 6.97 62.39
N GLY O 65 -23.23 8.27 62.26
CA GLY O 65 -23.27 9.14 63.42
C GLY O 65 -24.61 9.16 64.12
N GLU O 66 -25.69 9.13 63.35
CA GLU O 66 -27.04 9.07 63.91
C GLU O 66 -27.14 7.98 64.97
N PHE O 67 -26.94 6.74 64.55
CA PHE O 67 -27.16 5.57 65.42
C PHE O 67 -26.09 5.37 66.50
N GLU O 68 -24.88 5.87 66.31
CA GLU O 68 -23.80 5.50 67.25
C GLU O 68 -23.56 6.59 68.28
N CYS O 69 -24.38 7.63 68.25
CA CYS O 69 -24.10 8.76 69.14
C CYS O 69 -25.38 9.16 69.88
N LEU O 70 -26.30 8.21 70.06
CA LEU O 70 -27.59 8.59 70.64
C LEU O 70 -27.46 9.03 72.09
N LYS O 71 -26.57 8.38 72.85
CA LYS O 71 -26.41 8.71 74.25
C LYS O 71 -25.81 10.10 74.44
N GLU O 72 -24.75 10.42 73.71
CA GLU O 72 -24.26 11.79 73.68
C GLU O 72 -25.29 12.74 73.07
N GLY O 73 -26.11 12.25 72.17
CA GLY O 73 -27.24 13.05 71.71
C GLY O 73 -28.21 13.38 72.82
N ARG O 74 -28.45 12.42 73.71
CA ARG O 74 -29.36 12.66 74.83
C ARG O 74 -28.76 13.63 75.84
N ARG O 75 -27.44 13.61 76.02
CA ARG O 75 -26.82 14.52 76.98
C ARG O 75 -26.92 15.97 76.54
N VAL O 76 -26.84 16.24 75.24
CA VAL O 76 -27.01 17.60 74.75
C VAL O 76 -28.42 18.11 75.07
N THR O 77 -29.43 17.25 74.88
CA THR O 77 -30.80 17.67 75.16
C THR O 77 -30.99 18.01 76.63
N ARG O 78 -30.39 17.23 77.52
CA ARG O 78 -30.59 17.45 78.94
C ARG O 78 -29.84 18.68 79.45
N CYS O 79 -28.68 18.98 78.88
CA CYS O 79 -27.95 20.18 79.27
C CYS O 79 -28.65 21.46 78.81
N ALA O 80 -29.12 21.48 77.56
CA ALA O 80 -29.86 22.65 77.08
C ALA O 80 -31.19 22.79 77.81
N ARG O 81 -31.83 21.67 78.14
CA ARG O 81 -33.04 21.71 78.94
C ARG O 81 -32.78 22.32 80.31
N SER O 82 -31.60 22.09 80.88
CA SER O 82 -31.28 22.63 82.20
C SER O 82 -31.12 24.15 82.15
N VAL O 83 -30.62 24.70 81.06
CA VAL O 83 -30.52 26.14 80.93
C VAL O 83 -31.90 26.77 80.77
N LEU O 84 -32.77 26.13 80.00
CA LEU O 84 -34.10 26.70 79.78
C LEU O 84 -34.97 26.61 81.03
N LYS O 85 -34.81 25.58 81.85
CA LYS O 85 -35.47 25.62 83.16
C LYS O 85 -34.86 26.68 84.04
N ASP O 86 -33.53 26.83 84.00
CA ASP O 86 -32.87 27.79 84.89
C ASP O 86 -33.28 29.21 84.58
N ILE O 87 -33.31 29.56 83.29
CA ILE O 87 -33.73 30.90 82.89
C ILE O 87 -35.20 31.12 83.22
N ASN O 88 -36.03 30.10 83.02
CA ASN O 88 -37.45 30.22 83.34
C ASN O 88 -37.72 30.25 84.83
N THR O 89 -36.71 29.99 85.66
CA THR O 89 -36.84 30.09 87.10
C THR O 89 -36.36 31.44 87.64
N HIS O 90 -35.34 32.05 87.04
CA HIS O 90 -34.72 33.24 87.58
C HIS O 90 -34.88 34.49 86.73
N CYS O 91 -35.16 34.36 85.44
CA CYS O 91 -35.11 35.51 84.54
C CYS O 91 -36.27 35.53 83.57
N LEU O 92 -37.44 35.03 84.00
CA LEU O 92 -38.53 34.79 83.07
C LEU O 92 -39.00 36.07 82.40
N GLU O 93 -39.10 37.17 83.17
CA GLU O 93 -39.56 38.43 82.60
C GLU O 93 -38.59 38.95 81.55
N GLN O 94 -37.31 38.97 81.88
CA GLN O 94 -36.31 39.46 80.93
C GLN O 94 -36.13 38.51 79.77
N PHE O 95 -36.29 37.21 80.02
CA PHE O 95 -36.29 36.25 78.93
C PHE O 95 -37.41 36.54 77.94
N ARG O 96 -38.62 36.73 78.46
CA ARG O 96 -39.77 36.95 77.60
C ARG O 96 -39.66 38.27 76.85
N ALA O 97 -39.14 39.31 77.50
CA ALA O 97 -38.97 40.58 76.82
C ALA O 97 -38.02 40.46 75.64
N HIS O 98 -36.94 39.70 75.79
CA HIS O 98 -35.97 39.60 74.72
C HIS O 98 -36.50 38.80 73.53
N TRP O 99 -37.10 37.63 73.77
CA TRP O 99 -37.48 36.81 72.62
C TRP O 99 -38.77 37.32 71.99
N GLN O 100 -39.63 37.98 72.76
CA GLN O 100 -40.76 38.67 72.14
C GLN O 100 -40.30 39.87 71.32
N CYS O 101 -39.23 40.55 71.75
CA CYS O 101 -38.64 41.57 70.88
C CYS O 101 -38.04 40.94 69.63
N LEU O 102 -37.32 39.84 69.79
CA LEU O 102 -36.71 39.16 68.65
C LEU O 102 -37.78 38.68 67.68
N ASP O 103 -38.87 38.16 68.21
CA ASP O 103 -39.91 37.57 67.39
C ASP O 103 -40.66 38.65 66.63
N ASN O 104 -40.56 39.90 67.07
CA ASN O 104 -41.09 41.02 66.32
C ASN O 104 -40.04 41.70 65.46
N ASN O 105 -38.79 41.23 65.48
CA ASN O 105 -37.70 41.98 64.81
C ASN O 105 -36.92 41.06 63.88
N ASN O 106 -37.62 40.22 63.12
CA ASN O 106 -37.02 39.30 62.15
C ASN O 106 -35.96 38.43 62.78
N GLN O 107 -36.04 38.20 64.09
CA GLN O 107 -35.06 37.44 64.85
C GLN O 107 -33.65 37.94 64.59
N GLN O 108 -33.48 39.25 64.62
CA GLN O 108 -32.18 39.89 64.43
C GLN O 108 -31.74 40.48 65.76
N LEU O 109 -30.56 40.08 66.23
CA LEU O 109 -30.15 40.38 67.60
C LEU O 109 -29.84 41.86 67.80
N TRP O 110 -29.44 42.56 66.75
CA TRP O 110 -29.03 43.99 66.90
C TRP O 110 -30.27 44.89 66.98
N GLN O 111 -31.47 44.32 66.88
CA GLN O 111 -32.73 45.10 67.00
C GLN O 111 -33.28 44.98 68.42
N CYS O 112 -32.57 44.31 69.33
CA CYS O 112 -33.09 44.05 70.66
C CYS O 112 -32.02 44.19 71.74
N ARG O 113 -31.07 45.10 71.56
CA ARG O 113 -30.00 45.23 72.55
C ARG O 113 -30.48 45.62 73.93
N PRO O 114 -31.38 46.61 74.10
CA PRO O 114 -31.81 46.93 75.48
C PRO O 114 -32.45 45.77 76.21
N ALA O 115 -33.26 44.96 75.53
CA ALA O 115 -33.80 43.78 76.17
C ALA O 115 -32.71 42.74 76.43
N GLU O 116 -31.80 42.58 75.48
CA GLU O 116 -30.69 41.66 75.66
C GLU O 116 -29.76 42.08 76.79
N TRP O 117 -29.50 43.39 76.91
CA TRP O 117 -28.66 43.85 78.00
C TRP O 117 -29.33 43.63 79.34
N LYS O 118 -30.64 43.78 79.40
CA LYS O 118 -31.38 43.50 80.63
C LYS O 118 -31.26 42.03 81.00
N LEU O 119 -31.46 41.14 80.04
CA LEU O 119 -31.42 39.71 80.32
C LEU O 119 -30.00 39.24 80.61
N ASN O 120 -29.01 39.78 79.89
CA ASN O 120 -27.63 39.38 80.13
C ASN O 120 -27.17 39.72 81.53
N LYS O 121 -27.64 40.86 82.05
CA LYS O 121 -27.36 41.19 83.44
C LYS O 121 -28.06 40.23 84.39
N CYS O 122 -29.33 39.90 84.12
CA CYS O 122 -30.06 39.02 85.01
C CYS O 122 -29.51 37.60 85.00
N VAL O 123 -29.17 37.08 83.81
CA VAL O 123 -28.61 35.74 83.72
C VAL O 123 -27.25 35.67 84.41
N TYR O 124 -26.46 36.74 84.27
CA TYR O 124 -25.13 36.71 84.86
C TYR O 124 -25.18 36.69 86.38
N GLU O 125 -26.09 37.45 86.97
CA GLU O 125 -26.18 37.55 88.42
C GLU O 125 -27.06 36.47 89.05
N ASN O 126 -27.62 35.57 88.26
CA ASN O 126 -28.31 34.41 88.79
C ASN O 126 -27.58 33.11 88.46
N LEU O 127 -27.33 32.85 87.18
CA LEU O 127 -26.79 31.58 86.71
C LEU O 127 -25.31 31.66 86.36
N LYS O 128 -24.69 32.84 86.48
CA LYS O 128 -23.26 33.04 86.23
C LYS O 128 -22.87 32.54 84.83
N LEU O 129 -23.62 32.97 83.84
CA LEU O 129 -23.34 32.63 82.44
C LEU O 129 -23.04 33.91 81.70
N GLU O 130 -22.02 33.87 80.85
CA GLU O 130 -21.53 35.04 80.14
C GLU O 130 -21.67 34.80 78.64
N LYS O 131 -22.25 35.77 77.93
CA LYS O 131 -22.25 35.72 76.48
C LYS O 131 -20.83 35.95 75.95
N VAL O 132 -20.39 35.05 75.07
CA VAL O 132 -19.03 35.07 74.56
C VAL O 132 -19.07 34.85 73.06
N ILE O 133 -18.45 35.75 72.31
CA ILE O 133 -18.31 35.57 70.86
C ILE O 133 -16.83 35.45 70.53
N PRO O 134 -16.37 34.29 70.08
CA PRO O 134 -14.95 34.12 69.76
C PRO O 134 -14.49 34.99 68.61
N ASP O 135 -13.23 35.44 68.71
CA ASP O 135 -12.48 36.06 67.62
C ASP O 135 -13.08 37.38 67.14
N GLN O 136 -13.61 38.14 68.07
CA GLN O 136 -14.03 39.48 67.69
C GLN O 136 -12.79 40.39 67.57
N PRO O 137 -12.82 41.34 66.63
CA PRO O 137 -11.68 42.26 66.45
C PRO O 137 -11.32 42.98 67.74
N LYS O 138 -10.03 42.93 68.08
CA LYS O 138 -9.60 43.44 69.37
C LYS O 138 -9.55 44.96 69.39
N ASN O 139 -9.30 45.59 68.24
CA ASN O 139 -9.18 47.04 68.19
C ASN O 139 -10.53 47.72 68.43
N SER O 140 -11.62 47.07 68.06
CA SER O 140 -12.95 47.64 68.21
C SER O 140 -13.66 47.08 69.42
N THR O 141 -14.70 47.80 69.83
CA THR O 141 -15.64 47.29 70.81
C THR O 141 -16.40 46.12 70.21
N PRO O 142 -16.66 45.07 71.00
CA PRO O 142 -17.50 43.97 70.51
C PRO O 142 -18.88 44.47 70.09
N VAL O 143 -19.38 43.92 68.98
CA VAL O 143 -20.53 44.51 68.30
C VAL O 143 -21.76 44.47 69.19
N HIS O 144 -21.90 43.40 69.98
CA HIS O 144 -23.04 43.22 70.86
C HIS O 144 -22.95 44.08 72.11
N LEU O 145 -21.83 44.76 72.32
CA LEU O 145 -21.63 45.66 73.45
C LEU O 145 -21.49 47.11 73.02
N ARG O 146 -21.93 47.44 71.81
CA ARG O 146 -21.83 48.80 71.29
C ARG O 146 -23.10 49.58 71.59
N GLN O 147 -22.92 50.81 72.05
CA GLN O 147 -24.04 51.66 72.42
C GLN O 147 -24.98 51.92 71.24
N ARG O 148 -24.38 52.14 70.08
CA ARG O 148 -25.17 52.45 68.86
C ARG O 148 -25.09 51.28 67.89
N GLN O 149 -26.22 50.89 67.33
CA GLN O 149 -26.26 49.84 66.29
C GLN O 149 -26.58 50.54 64.98
N ILE O 150 -25.67 50.52 64.01
CA ILE O 150 -25.82 51.17 62.69
C ILE O 150 -27.03 50.59 61.94
N PHE O 151 -27.33 49.30 62.13
CA PHE O 151 -28.37 48.61 61.33
C PHE O 151 -29.71 48.46 62.07
N ALA O 152 -29.85 49.09 63.23
CA ALA O 152 -31.10 48.96 64.03
C ALA O 152 -32.16 49.92 63.49
N HIS O 153 -33.35 49.40 63.21
CA HIS O 153 -34.44 50.25 62.65
C HIS O 153 -34.80 51.32 63.68
N HIS O 154 -34.82 50.95 64.95
CA HIS O 154 -35.08 51.95 66.00
C HIS O 154 -33.74 52.37 66.60
N ALA O 155 -33.48 53.67 66.62
CA ALA O 155 -32.27 54.15 67.32
C ALA O 155 -32.37 53.74 68.78
N ILE O 156 -31.24 53.57 69.42
CA ILE O 156 -31.26 53.03 70.81
C ILE O 156 -31.26 54.14 71.85
N PRO O 157 -32.20 54.14 72.82
CA PRO O 157 -32.19 55.09 73.94
C PRO O 157 -30.81 55.28 74.63
N PRO O 158 -30.22 56.50 74.69
CA PRO O 158 -28.94 56.75 75.37
C PRO O 158 -28.89 56.20 76.78
N TRP O 159 -30.03 56.14 77.48
CA TRP O 159 -30.01 55.70 78.87
C TRP O 159 -29.79 54.20 78.98
N GLU O 160 -30.29 53.43 78.02
CA GLU O 160 -30.11 51.98 78.06
C GLU O 160 -28.65 51.64 77.82
N ARG O 161 -28.06 50.86 78.72
CA ARG O 161 -26.63 50.70 78.69
C ARG O 161 -26.25 49.24 78.46
N PRO O 162 -25.18 48.98 77.71
CA PRO O 162 -24.70 47.61 77.57
C PRO O 162 -24.25 47.06 78.91
N PHE O 163 -24.50 45.78 79.12
CA PHE O 163 -24.08 45.10 80.34
C PHE O 163 -22.70 44.51 80.10
N ILE O 164 -21.70 45.10 80.72
CA ILE O 164 -20.37 44.49 80.76
C ILE O 164 -20.31 43.71 82.06
N PRO O 165 -20.13 42.39 82.01
CA PRO O 165 -20.02 41.62 83.24
C PRO O 165 -18.85 42.07 84.09
N GLY O 166 -19.08 42.13 85.40
CA GLY O 166 -18.04 42.54 86.31
C GLY O 166 -17.74 44.02 86.34
N GLN O 167 -18.66 44.87 85.89
CA GLN O 167 -18.46 46.31 85.96
C GLN O 167 -19.21 46.90 87.14
N ARG P 23 -20.85 82.27 37.22
CA ARG P 23 -21.37 81.85 38.55
C ARG P 23 -20.62 80.64 39.12
N GLY P 24 -20.26 80.68 40.40
CA GLY P 24 -19.48 79.63 41.02
C GLY P 24 -20.19 78.29 41.08
N LEU P 25 -21.50 78.28 40.89
CA LEU P 25 -22.27 77.03 40.95
C LEU P 25 -21.89 76.08 39.82
N PHE P 26 -21.21 76.54 38.78
CA PHE P 26 -20.93 75.69 37.64
C PHE P 26 -19.46 75.65 37.27
N ARG P 27 -18.58 76.22 38.09
CA ARG P 27 -17.16 76.04 37.89
C ARG P 27 -16.77 74.62 38.28
N PRO P 28 -15.99 73.92 37.46
CA PRO P 28 -15.68 72.53 37.78
C PRO P 28 -14.89 72.34 39.06
N ARG P 29 -13.98 73.25 39.41
CA ARG P 29 -13.08 73.06 40.58
C ARG P 29 -13.88 72.92 41.89
N PRO P 30 -14.79 73.85 42.30
CA PRO P 30 -15.57 73.59 43.53
C PRO P 30 -16.49 72.39 43.40
N LEU P 31 -17.01 72.12 42.21
CA LEU P 31 -17.81 70.91 42.01
C LEU P 31 -16.97 69.65 42.19
N LEU P 32 -15.76 69.64 41.64
CA LEU P 32 -14.89 68.48 41.80
C LEU P 32 -14.50 68.29 43.25
N ALA P 33 -14.19 69.38 43.95
CA ALA P 33 -13.90 69.29 45.38
C ALA P 33 -15.11 68.79 46.14
N GLY P 34 -16.29 69.31 45.83
CA GLY P 34 -17.49 68.85 46.50
C GLY P 34 -17.78 67.37 46.23
N ALA P 35 -17.56 66.93 45.00
CA ALA P 35 -17.77 65.52 44.68
C ALA P 35 -16.83 64.63 45.49
N ALA P 36 -15.55 65.02 45.57
CA ALA P 36 -14.55 64.19 46.22
C ALA P 36 -14.84 64.03 47.71
N VAL P 37 -15.29 65.11 48.37
CA VAL P 37 -15.58 65.04 49.79
C VAL P 37 -16.77 64.12 50.05
N LEU P 38 -17.79 64.20 49.21
CA LEU P 38 -18.92 63.30 49.35
C LEU P 38 -18.51 61.85 49.14
N MET P 39 -17.64 61.61 48.15
CA MET P 39 -17.14 60.25 47.91
C MET P 39 -16.27 59.79 49.06
N LEU P 40 -15.41 60.68 49.58
CA LEU P 40 -14.53 60.31 50.68
C LEU P 40 -15.32 60.02 51.95
N TYR P 41 -16.35 60.83 52.23
CA TYR P 41 -17.22 60.58 53.37
C TYR P 41 -18.01 59.27 53.21
N GLY P 42 -18.52 59.02 52.00
CA GLY P 42 -19.32 57.82 51.77
C GLY P 42 -18.51 56.54 51.92
N TRP P 43 -17.24 56.58 51.53
CA TRP P 43 -16.38 55.41 51.66
C TRP P 43 -15.97 55.20 53.10
N TYR P 44 -15.74 56.28 53.84
CA TYR P 44 -15.43 56.16 55.26
C TYR P 44 -16.59 55.52 56.02
N LYS P 45 -17.82 55.92 55.69
CA LYS P 45 -19.00 55.33 56.33
C LYS P 45 -19.22 53.89 55.87
N LEU P 46 -18.90 53.59 54.61
CA LEU P 46 -19.02 52.22 54.12
C LEU P 46 -18.02 51.30 54.79
N VAL P 47 -16.83 51.80 55.14
CA VAL P 47 -15.88 50.97 55.88
C VAL P 47 -16.43 50.65 57.27
N LYS P 48 -17.04 51.63 57.92
CA LYS P 48 -17.59 51.39 59.26
C LYS P 48 -18.82 50.47 59.16
N GLY P 49 -19.63 50.64 58.12
CA GLY P 49 -20.84 49.84 58.01
C GLY P 49 -20.56 48.38 57.74
N ILE P 50 -19.71 48.09 56.74
CA ILE P 50 -19.49 46.71 56.36
C ILE P 50 -18.72 45.96 57.44
N ARG P 51 -17.85 46.65 58.16
CA ARG P 51 -17.14 46.00 59.26
C ARG P 51 -18.08 45.61 60.38
N GLU P 52 -19.03 46.48 60.73
CA GLU P 52 -19.96 46.16 61.80
C GLU P 52 -20.98 45.13 61.33
N GLN P 53 -21.37 45.21 60.05
CA GLN P 53 -22.23 44.21 59.45
C GLN P 53 -21.55 42.84 59.40
N ASN P 54 -20.26 42.79 59.12
CA ASN P 54 -19.52 41.53 59.21
C ASN P 54 -19.43 41.04 60.65
N GLU P 55 -19.42 41.96 61.60
CA GLU P 55 -19.41 41.56 63.00
C GLU P 55 -20.76 41.03 63.43
N LEU P 56 -21.84 41.58 62.89
CA LEU P 56 -23.17 41.04 63.18
C LEU P 56 -23.32 39.63 62.65
N ALA P 57 -22.73 39.35 61.48
CA ALA P 57 -22.79 38.00 60.92
C ALA P 57 -22.03 37.00 61.77
N ARG P 58 -20.95 37.44 62.43
CA ARG P 58 -20.23 36.56 63.34
C ARG P 58 -21.11 36.16 64.51
N GLU P 59 -21.85 37.11 65.06
CA GLU P 59 -22.74 36.83 66.18
C GLU P 59 -23.88 35.90 65.76
N LYS P 60 -24.44 36.12 64.57
CA LYS P 60 -25.56 35.30 64.11
C LYS P 60 -25.14 33.84 63.91
N MET P 61 -23.96 33.61 63.35
CA MET P 61 -23.52 32.24 63.16
C MET P 61 -23.24 31.54 64.48
N TRP P 62 -22.54 32.20 65.40
CA TRP P 62 -22.24 31.59 66.69
C TRP P 62 -23.51 31.31 67.47
N ALA P 63 -24.53 32.15 67.30
CA ALA P 63 -25.83 31.86 67.91
C ALA P 63 -26.44 30.60 67.31
N ARG P 64 -26.35 30.43 65.98
CA ARG P 64 -26.83 29.21 65.37
C ARG P 64 -25.98 28.01 65.74
N ILE P 65 -24.67 28.20 65.85
CA ILE P 65 -23.75 27.10 66.14
C ILE P 65 -24.12 26.43 67.46
N HIS P 66 -24.36 27.25 68.49
CA HIS P 66 -24.75 26.73 69.84
C HIS P 66 -26.05 25.94 69.81
N LEU P 67 -26.93 26.20 68.84
CA LEU P 67 -28.18 25.48 68.75
C LEU P 67 -28.10 24.21 67.93
N ILE P 68 -27.09 24.10 67.05
CA ILE P 68 -27.05 22.99 66.10
C ILE P 68 -27.05 21.64 66.78
N PRO P 69 -26.24 21.39 67.83
CA PRO P 69 -26.29 20.05 68.45
C PRO P 69 -27.64 19.65 69.02
N LEU P 70 -28.37 20.58 69.65
CA LEU P 70 -29.67 20.21 70.21
C LEU P 70 -30.72 20.03 69.13
N LEU P 71 -30.65 20.80 68.05
CA LEU P 71 -31.55 20.57 66.93
C LEU P 71 -31.17 19.30 66.16
N GLN P 72 -29.88 19.07 65.94
CA GLN P 72 -29.46 17.91 65.18
C GLN P 72 -29.73 16.61 65.93
N ALA P 73 -29.49 16.59 67.23
CA ALA P 73 -29.76 15.40 68.03
C ALA P 73 -31.24 15.04 68.00
N GLU P 74 -32.12 16.04 68.00
CA GLU P 74 -33.54 15.78 67.88
C GLU P 74 -33.90 15.19 66.51
N GLU P 75 -33.34 15.75 65.43
CA GLU P 75 -33.54 15.19 64.11
C GLU P 75 -32.88 13.82 63.97
N ASP P 76 -31.70 13.63 64.58
CA ASP P 76 -31.03 12.31 64.53
C ASP P 76 -31.92 11.23 65.19
N ARG P 77 -32.54 11.54 66.32
CA ARG P 77 -33.43 10.58 66.98
C ARG P 77 -34.63 10.25 66.10
N ASP P 78 -35.18 11.26 65.43
CA ASP P 78 -36.33 11.05 64.55
C ASP P 78 -35.97 10.15 63.38
N HIS P 79 -34.80 10.36 62.78
CA HIS P 79 -34.36 9.49 61.69
C HIS P 79 -34.12 8.07 62.19
N VAL P 80 -33.59 7.92 63.40
CA VAL P 80 -33.36 6.59 63.94
C VAL P 80 -34.68 5.87 64.15
N ARG P 81 -35.66 6.56 64.74
CA ARG P 81 -36.98 5.99 64.97
C ARG P 81 -37.60 5.48 63.68
N ARG P 82 -37.58 6.30 62.63
CA ARG P 82 -38.28 5.96 61.41
C ARG P 82 -37.51 4.95 60.56
N TYR P 83 -36.19 4.94 60.65
CA TYR P 83 -35.44 3.87 60.00
C TYR P 83 -35.80 2.52 60.60
N LEU P 84 -35.89 2.45 61.92
CA LEU P 84 -36.24 1.18 62.57
C LEU P 84 -37.66 0.77 62.24
N ALA P 85 -38.60 1.72 62.28
CA ALA P 85 -39.98 1.43 61.92
C ALA P 85 -40.08 0.92 60.49
N ASP P 86 -39.32 1.45 59.57
CA ASP P 86 -39.30 0.94 58.19
C ASP P 86 -38.72 -0.49 58.15
N GLN P 87 -37.64 -0.77 58.95
CA GLN P 87 -37.11 -2.13 58.95
C GLN P 87 -38.11 -3.13 59.54
N ALA P 88 -38.85 -2.71 60.56
CA ALA P 88 -39.87 -3.57 61.13
C ALA P 88 -41.02 -3.81 60.15
N ARG P 89 -41.39 -2.79 59.38
CA ARG P 89 -42.42 -2.95 58.36
C ARG P 89 -41.99 -3.97 57.32
N GLU P 90 -40.77 -3.81 56.80
CA GLU P 90 -40.31 -4.67 55.70
C GLU P 90 -40.27 -6.13 56.13
N LYS P 91 -39.69 -6.42 57.28
CA LYS P 91 -39.61 -7.82 57.76
C LYS P 91 -41.01 -8.36 58.06
N GLY P 92 -41.90 -7.52 58.59
CA GLY P 92 -43.26 -7.96 58.80
C GLY P 92 -44.01 -8.18 57.50
N LEU P 93 -43.82 -7.28 56.54
CA LEU P 93 -44.57 -7.36 55.29
C LEU P 93 -43.93 -8.32 54.30
N LEU P 94 -42.65 -8.14 54.02
CA LEU P 94 -41.96 -8.93 53.01
C LEU P 94 -41.29 -10.17 53.56
N GLY P 95 -41.25 -10.34 54.88
CA GLY P 95 -40.64 -11.49 55.50
C GLY P 95 -39.18 -11.31 55.84
N GLU P 96 -38.49 -10.36 55.22
CA GLU P 96 -37.08 -10.08 55.49
C GLU P 96 -36.79 -8.67 54.98
N ASN P 97 -35.53 -8.28 55.04
CA ASN P 97 -35.13 -6.92 54.69
C ASN P 97 -34.28 -6.95 53.43
N ILE P 98 -34.72 -6.22 52.41
CA ILE P 98 -33.94 -6.07 51.18
C ILE P 98 -32.78 -5.11 51.43
N LYS P 99 -31.60 -5.49 50.98
CA LYS P 99 -30.39 -4.70 51.20
C LYS P 99 -30.17 -3.76 50.02
N VAL P 100 -30.24 -2.45 50.30
CA VAL P 100 -30.07 -1.42 49.22
C VAL P 100 -28.60 -1.10 49.07
N TYR P 101 -27.90 -0.88 50.17
CA TYR P 101 -26.49 -0.55 50.16
C TYR P 101 -25.71 -1.68 50.81
N ASN P 102 -24.50 -1.87 50.31
CA ASN P 102 -23.58 -2.91 50.82
C ASN P 102 -22.86 -2.32 52.02
N SER P 103 -22.70 -1.00 52.08
CA SER P 103 -22.13 -0.35 53.24
C SER P 103 -23.10 -0.45 54.41
N ASP P 104 -22.57 -0.29 55.62
CA ASP P 104 -23.37 -0.28 56.82
C ASP P 104 -23.87 1.10 57.19
N ARG P 105 -23.55 2.07 56.35
CA ARG P 105 -23.82 3.48 56.67
C ARG P 105 -25.30 3.81 56.59
N TYR P 106 -25.72 4.82 57.35
CA TYR P 106 -27.09 5.26 57.25
C TYR P 106 -27.24 6.22 56.07
N VAL P 107 -28.10 5.87 55.14
CA VAL P 107 -28.42 6.73 54.02
C VAL P 107 -29.85 7.24 54.23
N ARG P 108 -30.01 8.55 54.22
CA ARG P 108 -31.33 9.14 54.34
C ARG P 108 -32.18 8.72 53.15
N PRO P 109 -33.40 8.24 53.38
CA PRO P 109 -34.19 7.66 52.27
C PRO P 109 -34.50 8.69 51.18
N THR P 110 -34.50 8.22 49.93
CA THR P 110 -34.97 9.01 48.81
C THR P 110 -36.45 8.78 48.55
N PHE P 111 -36.91 7.54 48.74
CA PHE P 111 -38.30 7.18 48.57
C PHE P 111 -38.87 6.69 49.89
N ALA P 112 -40.19 6.77 50.01
CA ALA P 112 -40.88 6.27 51.17
C ALA P 112 -42.17 5.60 50.73
N VAL P 113 -42.44 4.45 51.32
CA VAL P 113 -43.76 3.84 51.23
C VAL P 113 -44.80 4.81 51.77
N THR P 114 -45.86 5.03 51.00
CA THR P 114 -46.94 5.89 51.44
C THR P 114 -48.25 5.13 51.41
N PRO P 115 -49.19 5.50 52.28
CA PRO P 115 -50.53 4.92 52.17
C PRO P 115 -51.21 5.39 50.90
N SER P 116 -52.16 4.57 50.43
CA SER P 116 -52.78 4.83 49.14
C SER P 116 -53.59 6.12 49.10
N LYS P 117 -53.98 6.64 50.25
CA LYS P 117 -54.80 7.83 50.32
C LYS P 117 -54.31 8.74 51.43
N PRO P 118 -54.58 10.03 51.34
CA PRO P 118 -54.29 10.95 52.45
C PRO P 118 -55.40 10.92 53.48
N ALA P 119 -55.21 11.70 54.54
CA ALA P 119 -56.23 11.85 55.57
C ALA P 119 -57.46 12.56 55.01
N GLN P 120 -58.62 12.24 55.58
CA GLN P 120 -59.88 12.62 54.96
C GLN P 120 -60.09 14.14 54.95
N GLU P 121 -59.93 14.79 56.08
CA GLU P 121 -60.25 16.20 56.19
C GLU P 121 -59.22 17.07 55.47
N ASN Q 3 9.41 21.03 68.38
CA ASN Q 3 8.01 20.60 68.49
C ASN Q 3 7.52 19.94 67.21
N THR Q 4 7.78 18.65 67.09
CA THR Q 4 7.32 17.90 65.91
C THR Q 4 5.80 17.79 65.95
N PRO Q 5 5.11 18.13 64.86
CA PRO Q 5 3.63 18.17 64.91
C PRO Q 5 2.99 16.78 64.87
N THR Q 6 3.81 15.73 64.90
CA THR Q 6 3.37 14.33 64.90
C THR Q 6 2.63 13.97 63.61
N GLN Q 7 2.51 14.92 62.69
CA GLN Q 7 1.92 14.67 61.38
C GLN Q 7 2.71 15.51 60.38
N THR Q 8 3.76 14.93 59.81
CA THR Q 8 4.65 15.66 58.93
C THR Q 8 4.32 15.44 57.45
N TYR Q 9 3.28 14.69 57.15
CA TYR Q 9 2.80 14.49 55.78
C TYR Q 9 1.28 14.46 55.86
N GLN Q 10 0.66 15.62 55.63
CA GLN Q 10 -0.75 15.79 55.90
C GLN Q 10 -1.64 15.70 54.67
N PHE Q 11 -1.09 15.80 53.48
CA PHE Q 11 -1.92 15.80 52.29
C PHE Q 11 -1.40 14.79 51.28
N PRO Q 12 -2.29 14.06 50.61
CA PRO Q 12 -1.86 13.18 49.53
C PRO Q 12 -1.26 13.97 48.39
N SER Q 13 0.02 13.74 48.13
CA SER Q 13 0.75 14.43 47.08
C SER Q 13 1.05 13.46 45.95
N LYS Q 14 1.20 14.00 44.75
CA LYS Q 14 1.61 13.22 43.60
C LYS Q 14 3.12 12.96 43.69
N THR Q 15 3.52 11.71 43.64
CA THR Q 15 4.92 11.36 43.57
C THR Q 15 5.32 11.21 42.11
N VAL Q 16 6.43 11.83 41.74
CA VAL Q 16 6.90 11.89 40.37
C VAL Q 16 8.31 11.34 40.32
N LYS Q 17 8.58 10.47 39.35
CA LYS Q 17 9.92 9.93 39.16
C LYS Q 17 10.82 11.01 38.56
N THR Q 18 11.89 11.34 39.28
CA THR Q 18 12.88 12.30 38.84
C THR Q 18 14.26 11.79 39.26
N ASP Q 19 15.29 12.54 38.94
CA ASP Q 19 16.67 12.09 39.27
C ASP Q 19 17.13 12.62 40.63
N TYR Q 20 16.67 13.80 41.01
CA TYR Q 20 17.26 14.46 42.20
C TYR Q 20 16.22 14.61 43.29
N PRO Q 21 16.64 14.70 44.56
CA PRO Q 21 15.68 14.80 45.68
C PRO Q 21 14.67 15.95 45.51
N LEU Q 22 13.43 15.72 45.90
CA LEU Q 22 12.36 16.76 45.82
C LEU Q 22 12.49 17.69 47.01
N ILE Q 23 12.60 18.97 46.74
CA ILE Q 23 12.66 19.98 47.80
C ILE Q 23 11.28 20.52 48.12
N ASP Q 24 10.53 20.90 47.10
CA ASP Q 24 9.29 21.63 47.26
C ASP Q 24 8.52 21.53 45.95
N ASN Q 25 7.35 20.89 45.96
CA ASN Q 25 6.60 20.81 44.71
C ASN Q 25 5.81 22.08 44.39
N ASP Q 26 5.77 23.04 45.32
CA ASP Q 26 5.08 24.31 45.08
C ASP Q 26 5.80 25.45 45.81
N PRO Q 27 7.07 25.69 45.50
CA PRO Q 27 7.83 26.69 46.25
C PRO Q 27 7.29 28.09 46.05
N HIS Q 28 7.42 28.90 47.09
CA HIS Q 28 6.98 30.29 47.03
C HIS Q 28 7.85 31.09 46.06
N PHE Q 29 7.20 32.05 45.40
CA PHE Q 29 7.84 32.85 44.37
C PHE Q 29 9.16 33.44 44.83
N THR Q 30 9.22 33.89 46.08
CA THR Q 30 10.42 34.52 46.58
C THR Q 30 11.53 33.51 46.86
N ARG Q 31 11.19 32.27 47.20
CA ARG Q 31 12.21 31.23 47.30
C ARG Q 31 12.85 30.95 45.94
N VAL Q 32 12.04 30.94 44.89
CA VAL Q 32 12.55 30.66 43.55
C VAL Q 32 13.50 31.76 43.10
N ILE Q 33 13.21 33.00 43.47
CA ILE Q 33 14.13 34.08 43.17
C ILE Q 33 15.39 33.99 44.01
N ARG Q 34 15.24 33.65 45.29
CA ARG Q 34 16.38 33.67 46.20
C ARG Q 34 17.34 32.52 45.95
N TYR Q 35 16.85 31.37 45.49
CA TYR Q 35 17.69 30.22 45.23
C TYR Q 35 18.23 30.20 43.81
N ALA Q 36 17.87 31.19 42.99
CA ALA Q 36 18.38 31.25 41.63
C ALA Q 36 19.90 31.40 41.66
N ARG Q 37 20.53 30.71 40.80
CA ARG Q 37 21.96 30.72 40.57
C ARG Q 37 22.34 31.89 39.66
N PRO Q 38 23.56 32.39 39.76
CA PRO Q 38 23.99 33.47 38.86
C PRO Q 38 23.91 33.10 37.38
N SER Q 39 24.04 31.82 37.05
CA SER Q 39 23.88 31.40 35.66
C SER Q 39 22.43 31.47 35.21
N ASP Q 40 21.49 31.40 36.15
CA ASP Q 40 20.08 31.58 35.80
C ASP Q 40 19.82 32.99 35.31
N TYR Q 41 20.43 33.99 35.95
CA TYR Q 41 20.32 35.35 35.44
C TYR Q 41 20.99 35.48 34.07
N ALA Q 42 22.15 34.84 33.91
CA ALA Q 42 22.85 34.88 32.63
C ALA Q 42 22.02 34.23 31.53
N HIS Q 43 21.44 33.08 31.81
CA HIS Q 43 20.66 32.37 30.82
C HIS Q 43 19.37 33.11 30.52
N GLY Q 44 18.74 33.68 31.54
CA GLY Q 44 17.49 34.38 31.34
C GLY Q 44 17.66 35.66 30.55
N LEU Q 45 18.73 36.41 30.82
CA LEU Q 45 18.97 37.65 30.09
C LEU Q 45 19.29 37.37 28.62
N ALA Q 46 20.16 36.39 28.37
CA ALA Q 46 20.48 36.04 27.00
C ALA Q 46 19.26 35.52 26.25
N ALA Q 47 18.40 34.75 26.93
CA ALA Q 47 17.15 34.33 26.33
C ALA Q 47 16.26 35.51 26.00
N ALA Q 48 16.18 36.49 26.90
CA ALA Q 48 15.35 37.66 26.65
C ALA Q 48 15.85 38.45 25.44
N ALA Q 49 17.16 38.62 25.33
CA ALA Q 49 17.74 39.39 24.23
C ALA Q 49 17.54 38.69 22.89
N ALA Q 50 17.40 37.36 22.90
CA ALA Q 50 17.30 36.61 21.66
C ALA Q 50 16.11 37.07 20.81
N GLY Q 51 15.00 37.41 21.45
CA GLY Q 51 13.80 37.80 20.75
C GLY Q 51 13.97 38.99 19.84
N PRO Q 52 14.23 40.17 20.42
CA PRO Q 52 14.49 41.34 19.58
C PRO Q 52 15.71 41.20 18.70
N ALA Q 53 16.70 40.40 19.10
CA ALA Q 53 17.87 40.20 18.24
C ALA Q 53 17.51 39.39 17.01
N ALA Q 54 16.65 38.37 17.16
CA ALA Q 54 16.20 37.61 16.01
C ALA Q 54 15.38 38.48 15.06
N LEU Q 55 14.50 39.32 15.62
CA LEU Q 55 13.71 40.22 14.78
C LEU Q 55 14.61 41.22 14.06
N TRP Q 56 15.59 41.76 14.76
CA TRP Q 56 16.56 42.66 14.12
C TRP Q 56 17.34 41.94 13.03
N LEU Q 57 17.68 40.68 13.25
CA LEU Q 57 18.48 39.94 12.25
C LEU Q 57 17.62 39.68 11.02
N MET Q 58 16.36 39.31 11.22
CA MET Q 58 15.49 39.15 10.06
C MET Q 58 15.36 40.44 9.27
N GLU Q 59 15.30 41.57 9.96
CA GLU Q 59 15.16 42.85 9.27
C GLU Q 59 16.39 43.16 8.42
N ARG Q 60 17.59 42.91 8.93
CA ARG Q 60 18.85 43.21 8.22
C ARG Q 60 19.09 42.25 7.05
N ILE Q 61 18.51 41.06 7.07
CA ILE Q 61 18.86 40.07 6.03
C ILE Q 61 17.66 39.97 5.09
N SER Q 62 16.46 40.15 5.65
CA SER Q 62 15.26 40.08 4.81
C SER Q 62 14.38 41.26 5.19
N PRO Q 63 14.66 42.44 4.63
CA PRO Q 63 13.96 43.65 5.06
C PRO Q 63 12.45 43.56 4.87
N SER Q 64 11.71 44.07 5.85
CA SER Q 64 10.25 43.95 5.83
C SER Q 64 9.58 44.95 4.91
N GLN Q 65 10.31 45.99 4.48
CA GLN Q 65 9.77 47.07 3.67
C GLN Q 65 8.64 47.82 4.38
N VAL Q 66 8.68 47.85 5.70
CA VAL Q 66 7.65 48.53 6.48
C VAL Q 66 7.86 50.04 6.42
N GLY Q 67 6.78 50.78 6.64
CA GLY Q 67 6.83 52.22 6.67
C GLY Q 67 7.64 52.75 7.85
N ARG Q 68 7.58 54.08 8.00
CA ARG Q 68 8.61 54.82 8.72
C ARG Q 68 8.76 54.36 10.17
N GLY Q 69 7.66 54.28 10.91
CA GLY Q 69 7.73 53.89 12.30
C GLY Q 69 7.34 52.47 12.62
N GLY Q 70 7.12 51.63 11.62
CA GLY Q 70 6.63 50.29 11.87
C GLY Q 70 7.63 49.41 12.60
N PHE Q 71 8.92 49.53 12.26
CA PHE Q 71 9.89 48.63 12.87
C PHE Q 71 10.09 48.91 14.35
N ALA Q 72 10.03 50.18 14.76
CA ALA Q 72 10.11 50.50 16.17
C ALA Q 72 8.96 49.87 16.95
N LYS Q 73 7.76 49.87 16.39
CA LYS Q 73 6.62 49.26 17.05
C LYS Q 73 6.81 47.76 17.23
N ALA Q 74 7.31 47.08 16.18
CA ALA Q 74 7.53 45.64 16.28
C ALA Q 74 8.66 45.33 17.26
N MET Q 75 9.67 46.18 17.35
CA MET Q 75 10.75 45.96 18.30
C MET Q 75 10.28 46.12 19.74
N ARG Q 76 9.35 47.05 19.98
CA ARG Q 76 8.78 47.20 21.31
C ARG Q 76 8.03 45.95 21.73
N LEU Q 77 7.25 45.36 20.82
CA LEU Q 77 6.53 44.14 21.15
C LEU Q 77 7.47 42.95 21.25
N ALA Q 78 8.49 42.89 20.40
CA ALA Q 78 9.46 41.81 20.47
C ALA Q 78 10.27 41.86 21.75
N GLY Q 79 10.58 43.08 22.23
CA GLY Q 79 11.27 43.21 23.49
C GLY Q 79 10.44 42.72 24.66
N PHE Q 80 9.14 43.02 24.65
CA PHE Q 80 8.28 42.53 25.72
C PHE Q 80 8.11 41.01 25.66
N ILE Q 81 8.00 40.46 24.45
CA ILE Q 81 7.89 39.01 24.29
C ILE Q 81 9.16 38.33 24.81
N GLY Q 82 10.32 38.88 24.46
CA GLY Q 82 11.56 38.33 24.96
C GLY Q 82 11.70 38.46 26.46
N LEU Q 83 11.27 39.59 27.02
CA LEU Q 83 11.33 39.77 28.47
C LEU Q 83 10.44 38.77 29.18
N ALA Q 84 9.23 38.54 28.67
CA ALA Q 84 8.36 37.54 29.25
C ALA Q 84 8.96 36.15 29.13
N GLY Q 85 9.39 35.77 27.93
CA GLY Q 85 9.96 34.45 27.74
C GLY Q 85 11.29 34.27 28.45
N GLY Q 86 12.10 35.33 28.47
CA GLY Q 86 13.34 35.26 29.22
C GLY Q 86 13.11 35.08 30.71
N PHE Q 87 12.12 35.77 31.26
CA PHE Q 87 11.86 35.66 32.69
C PHE Q 87 11.27 34.30 33.04
N LEU Q 88 10.37 33.79 32.20
CA LEU Q 88 9.78 32.48 32.48
C LEU Q 88 10.83 31.39 32.43
N TYR Q 89 11.76 31.48 31.48
CA TYR Q 89 12.87 30.55 31.38
C TYR Q 89 13.79 30.66 32.60
N PHE Q 90 14.02 31.88 33.09
CA PHE Q 90 14.80 32.08 34.30
C PHE Q 90 14.12 31.45 35.51
N TYR Q 91 12.81 31.66 35.63
CA TYR Q 91 12.05 31.06 36.73
C TYR Q 91 12.08 29.54 36.64
N GLN Q 92 11.92 29.00 35.43
CA GLN Q 92 11.91 27.56 35.25
C GLN Q 92 13.22 26.93 35.68
N ARG Q 93 14.34 27.56 35.33
CA ARG Q 93 15.65 26.99 35.65
C ARG Q 93 15.81 26.82 37.15
N SER Q 94 15.38 27.81 37.93
CA SER Q 94 15.49 27.72 39.37
C SER Q 94 14.47 26.74 39.95
N ILE Q 95 13.22 26.80 39.50
CA ILE Q 95 12.18 25.98 40.11
C ILE Q 95 12.36 24.51 39.77
N LEU Q 96 13.09 24.20 38.69
CA LEU Q 96 13.31 22.79 38.34
C LEU Q 96 14.17 22.10 39.38
N ARG Q 97 15.03 22.86 40.07
CA ARG Q 97 15.82 22.30 41.16
C ARG Q 97 14.97 22.05 42.39
N PHE Q 98 13.98 22.91 42.65
CA PHE Q 98 13.03 22.65 43.73
C PHE Q 98 12.22 21.38 43.46
N TYR Q 99 11.89 21.13 42.20
CA TYR Q 99 11.15 19.93 41.80
C TYR Q 99 11.99 18.67 41.87
N GLY Q 100 13.31 18.79 41.88
CA GLY Q 100 14.16 17.63 41.74
C GLY Q 100 14.31 17.14 40.32
N MET Q 101 13.90 17.94 39.35
CA MET Q 101 14.01 17.61 37.94
C MET Q 101 15.32 18.10 37.34
N SER Q 102 16.20 18.63 38.09
CA SER Q 102 17.50 19.17 37.64
C SER Q 102 18.45 19.11 38.83
N GLU Q 103 19.71 18.98 38.64
CA GLU Q 103 20.76 18.91 39.71
C GLU Q 103 20.53 19.99 40.77
N ASN Q 104 20.48 19.59 42.03
CA ASN Q 104 20.01 20.56 43.06
C ASN Q 104 20.75 20.50 44.39
N ALA Q 105 22.00 20.09 44.42
CA ALA Q 105 22.72 19.90 45.72
C ALA Q 105 22.87 21.19 46.53
N ARG Q 106 23.20 22.32 45.92
CA ARG Q 106 23.35 23.62 46.60
C ARG Q 106 22.01 23.95 47.24
N GLU Q 107 20.92 23.74 46.51
CA GLU Q 107 19.54 24.03 46.96
C GLU Q 107 19.08 23.13 48.10
N VAL Q 108 19.39 21.83 48.05
CA VAL Q 108 18.95 20.86 49.11
C VAL Q 108 19.63 21.31 50.39
N GLU Q 109 20.88 21.73 50.29
CA GLU Q 109 21.58 22.24 51.48
C GLU Q 109 20.91 23.52 51.97
N MET Q 110 20.64 24.45 51.05
CA MET Q 110 20.11 25.75 51.45
C MET Q 110 18.73 25.62 52.09
N ASP Q 111 17.87 24.77 51.54
CA ASP Q 111 16.52 24.57 52.11
C ASP Q 111 16.66 23.93 53.49
N MET Q 112 17.53 22.93 53.59
CA MET Q 112 17.77 22.31 54.89
C MET Q 112 18.29 23.33 55.89
N ARG Q 113 19.21 24.19 55.46
CA ARG Q 113 19.68 25.25 56.34
C ARG Q 113 18.56 26.19 56.73
N GLU Q 114 17.82 26.71 55.75
CA GLU Q 114 16.79 27.71 56.03
C GLU Q 114 15.65 27.13 56.87
N MET Q 115 15.23 25.90 56.58
CA MET Q 115 14.00 25.41 57.18
C MET Q 115 14.24 24.87 58.57
N THR Q 116 15.44 24.38 58.83
CA THR Q 116 15.81 24.03 60.20
C THR Q 116 15.85 25.28 61.07
N ASP Q 117 16.31 26.39 60.52
CA ASP Q 117 16.39 27.62 61.29
C ASP Q 117 15.02 28.10 61.74
N ARG Q 118 14.01 28.00 60.88
CA ARG Q 118 12.67 28.41 61.28
C ARG Q 118 12.12 27.51 62.38
N VAL Q 119 12.47 26.22 62.36
CA VAL Q 119 12.04 25.31 63.42
C VAL Q 119 12.61 25.75 64.75
N LYS Q 120 13.89 26.13 64.78
CA LYS Q 120 14.51 26.57 66.02
C LYS Q 120 14.01 27.93 66.48
N ALA Q 121 13.44 28.73 65.59
CA ALA Q 121 12.84 30.00 65.95
C ALA Q 121 11.36 29.87 66.29
N GLY Q 122 10.81 28.66 66.25
CA GLY Q 122 9.38 28.49 66.43
C GLY Q 122 8.54 28.98 65.28
N LEU Q 123 9.15 29.34 64.16
CA LEU Q 123 8.41 29.83 63.00
C LEU Q 123 7.70 28.67 62.30
N PRO Q 124 6.56 28.94 61.67
CA PRO Q 124 6.00 27.97 60.72
C PRO Q 124 6.98 27.74 59.59
N LEU Q 125 7.03 26.49 59.10
CA LEU Q 125 8.01 26.14 58.09
C LEU Q 125 7.86 26.98 56.83
N TYR Q 126 6.62 27.29 56.44
CA TYR Q 126 6.38 27.96 55.19
C TYR Q 126 5.73 29.33 55.33
N GLY Q 127 5.55 29.81 56.55
CA GLY Q 127 4.99 31.12 56.77
C GLY Q 127 3.55 31.09 57.25
N GLU Q 128 2.95 32.28 57.22
CA GLU Q 128 1.60 32.49 57.72
C GLU Q 128 0.74 33.07 56.60
N SER Q 129 -0.42 32.47 56.37
CA SER Q 129 -1.31 32.87 55.28
C SER Q 129 -2.48 33.69 55.80
N ARG Q 130 -2.88 34.68 55.01
CA ARG Q 130 -4.15 35.38 55.20
C ARG Q 130 -5.33 34.58 54.67
N LEU Q 131 -5.07 33.54 53.89
CA LEU Q 131 -6.10 32.73 53.28
C LEU Q 131 -6.63 31.70 54.28
N SER Q 132 -7.87 31.30 54.07
CA SER Q 132 -8.44 30.20 54.82
C SER Q 132 -7.69 28.90 54.50
N PRO Q 133 -7.67 27.94 55.43
CA PRO Q 133 -7.04 26.65 55.13
C PRO Q 133 -7.53 26.00 53.85
N ALA Q 134 -8.85 25.99 53.63
CA ALA Q 134 -9.39 25.40 52.41
C ALA Q 134 -8.92 26.15 51.18
N MET Q 135 -8.86 27.48 51.25
CA MET Q 135 -8.36 28.25 50.13
C MET Q 135 -6.87 28.03 49.91
N GLN Q 136 -6.12 27.77 50.98
CA GLN Q 136 -4.73 27.35 50.81
C GLN Q 136 -4.64 26.04 50.06
N GLY Q 137 -5.53 25.10 50.37
CA GLY Q 137 -5.58 23.85 49.62
C GLY Q 137 -5.85 24.07 48.14
N VAL Q 138 -6.77 24.97 47.83
CA VAL Q 138 -7.06 25.28 46.42
C VAL Q 138 -5.85 25.92 45.76
N ALA Q 139 -5.19 26.84 46.46
CA ALA Q 139 -3.99 27.46 45.90
C ALA Q 139 -2.87 26.45 45.71
N ALA Q 140 -2.68 25.54 46.67
CA ALA Q 140 -1.63 24.54 46.54
C ALA Q 140 -1.88 23.62 45.35
N ARG Q 141 -3.14 23.19 45.17
CA ARG Q 141 -3.49 22.30 44.08
C ARG Q 141 -3.53 22.99 42.73
N GLN Q 142 -3.41 24.31 42.69
CA GLN Q 142 -3.37 25.02 41.43
C GLN Q 142 -1.95 25.24 40.92
N SER Q 143 -0.98 25.43 41.83
CA SER Q 143 0.34 25.88 41.41
C SER Q 143 1.43 24.81 41.52
N ARG Q 144 1.15 23.71 42.21
CA ARG Q 144 2.08 22.56 42.36
C ARG Q 144 2.50 22.02 40.98
N TYR Q 145 3.82 21.98 40.67
CA TYR Q 145 4.32 21.50 39.38
C TYR Q 145 3.83 22.34 38.22
N SER Q 146 3.31 23.55 38.47
CA SER Q 146 2.72 24.34 37.41
C SER Q 146 3.76 24.96 36.48
N ALA Q 147 5.00 25.10 36.92
CA ALA Q 147 6.03 25.61 36.04
C ALA Q 147 6.37 24.67 34.90
N LEU Q 148 5.94 23.41 34.98
CA LEU Q 148 6.07 22.49 33.86
C LEU Q 148 5.09 22.81 32.72
N PHE Q 149 4.15 23.70 32.95
CA PHE Q 149 3.16 24.09 31.95
C PHE Q 149 3.44 25.48 31.38
N PHE Q 150 4.63 26.04 31.66
CA PHE Q 150 4.93 27.43 31.35
C PHE Q 150 4.90 27.73 29.85
N GLY Q 151 5.07 26.73 29.01
CA GLY Q 151 4.96 26.96 27.58
C GLY Q 151 3.57 27.34 27.14
N VAL Q 152 2.57 27.04 27.95
CA VAL Q 152 1.18 27.32 27.62
C VAL Q 152 0.67 28.43 28.50
N MET Q 153 0.67 28.18 29.81
CA MET Q 153 0.08 29.06 30.81
C MET Q 153 1.09 29.33 31.91
N PRO Q 154 1.31 30.58 32.27
CA PRO Q 154 2.15 30.88 33.43
C PRO Q 154 1.33 30.87 34.71
N TRP Q 155 2.00 30.56 35.81
CA TRP Q 155 1.41 30.62 37.13
C TRP Q 155 2.53 30.68 38.15
N PHE Q 156 2.29 31.39 39.25
CA PHE Q 156 3.27 31.48 40.31
C PHE Q 156 2.57 31.34 41.66
N ASN Q 157 3.29 30.75 42.61
CA ASN Q 157 2.81 30.60 43.97
C ASN Q 157 3.15 31.87 44.75
N PHE Q 158 2.11 32.60 45.15
CA PHE Q 158 2.25 33.75 46.03
C PHE Q 158 1.52 33.51 47.34
N VAL Q 159 1.36 32.26 47.73
CA VAL Q 159 0.53 31.88 48.88
C VAL Q 159 1.41 31.13 49.86
N ASN Q 160 1.24 31.42 51.15
CA ASN Q 160 1.93 30.69 52.21
C ASN Q 160 1.06 29.53 52.67
N HIS Q 161 1.13 28.41 51.96
CA HIS Q 161 0.43 27.21 52.37
C HIS Q 161 1.44 26.23 52.94
N ASN Q 162 0.94 25.11 53.46
CA ASN Q 162 1.79 24.09 54.05
C ASN Q 162 1.86 22.81 53.24
N GLN Q 163 1.33 22.80 52.03
CA GLN Q 163 1.24 21.59 51.22
C GLN Q 163 2.30 21.66 50.12
N HIS Q 164 3.46 21.10 50.41
CA HIS Q 164 4.60 21.18 49.52
C HIS Q 164 5.13 19.81 49.08
N GLY Q 165 4.41 18.74 49.41
CA GLY Q 165 4.70 17.43 48.87
C GLY Q 165 5.83 16.68 49.52
N VAL Q 166 6.35 17.17 50.64
CA VAL Q 166 7.54 16.61 51.26
C VAL Q 166 7.25 16.36 52.73
N ASP Q 167 7.54 15.15 53.20
CA ASP Q 167 7.50 14.88 54.64
C ASP Q 167 8.48 15.80 55.35
N THR Q 168 7.98 16.49 56.37
CA THR Q 168 8.76 17.53 57.04
C THR Q 168 9.42 17.03 58.33
N ALA Q 169 9.42 15.71 58.57
CA ALA Q 169 10.09 15.19 59.75
C ALA Q 169 11.59 15.44 59.73
N LYS Q 170 12.18 15.49 58.52
CA LYS Q 170 13.62 15.70 58.42
C LYS Q 170 14.06 17.03 59.02
N TYR Q 171 13.27 18.09 58.79
CA TYR Q 171 13.63 19.41 59.32
C TYR Q 171 13.59 19.41 60.84
N TYR Q 172 12.58 18.76 61.44
CA TYR Q 172 12.48 18.72 62.89
C TYR Q 172 13.56 17.84 63.50
N GLN Q 173 13.96 16.77 62.73
CA GLN Q 173 15.09 15.95 63.20
C GLN Q 173 16.35 16.83 63.23
N GLN Q 174 16.60 17.60 62.22
CA GLN Q 174 17.82 18.40 62.16
C GLN Q 174 17.81 19.49 63.22
N ALA Q 175 16.65 20.04 63.56
CA ALA Q 175 16.61 21.16 64.49
C ALA Q 175 16.92 20.71 65.91
N GLU Q 176 16.32 19.60 66.35
CA GLU Q 176 16.57 19.12 67.70
C GLU Q 176 17.96 18.48 67.83
N ARG Q 177 18.53 18.03 66.72
CA ARG Q 177 19.88 17.48 66.75
C ARG Q 177 20.89 18.54 67.13
N GLU Q 178 20.69 19.77 66.64
CA GLU Q 178 21.60 20.87 66.94
C GLU Q 178 21.09 21.77 68.05
N LEU Q 179 19.81 21.68 68.39
CA LEU Q 179 19.35 22.29 69.63
C LEU Q 179 19.98 21.59 70.83
N GLU Q 180 20.26 20.30 70.70
CA GLU Q 180 20.97 19.58 71.75
C GLU Q 180 22.47 19.91 71.74
N ALA Q 181 23.05 20.05 70.54
CA ALA Q 181 24.46 20.38 70.45
C ALA Q 181 24.74 21.77 71.04
N GLU Q 182 23.87 22.73 70.76
CA GLU Q 182 24.03 24.06 71.32
C GLU Q 182 23.84 24.08 72.82
N ARG Q 183 23.08 23.12 73.37
CA ARG Q 183 22.93 23.05 74.82
C ARG Q 183 24.19 22.49 75.47
N LEU Q 184 24.75 21.43 74.88
CA LEU Q 184 25.92 20.76 75.49
C LEU Q 184 27.09 21.74 75.55
N ALA Q 185 27.28 22.55 74.50
CA ALA Q 185 28.36 23.56 74.51
C ALA Q 185 28.11 24.57 75.64
N ARG Q 186 26.85 24.98 75.85
CA ARG Q 186 26.53 25.92 76.96
C ARG Q 186 26.84 25.25 78.30
N GLU Q 187 26.53 23.97 78.45
CA GLU Q 187 26.85 23.23 79.70
C GLU Q 187 28.37 23.18 79.87
N GLN Q 188 29.12 22.97 78.77
CA GLN Q 188 30.60 22.96 78.85
C GLN Q 188 31.11 24.39 78.76
N ALA Q 189 30.85 25.19 79.81
CA ALA Q 189 31.32 26.60 79.85
C ALA Q 189 31.26 27.10 81.29
N PHE R 32 -23.13 25.27 -2.63
CA PHE R 32 -22.68 26.65 -2.54
C PHE R 32 -21.40 26.87 -3.32
N LEU R 33 -20.91 25.81 -3.95
CA LEU R 33 -19.66 25.88 -4.68
C LEU R 33 -19.89 25.75 -6.19
N PRO R 34 -19.01 26.32 -7.01
CA PRO R 34 -19.23 26.29 -8.46
C PRO R 34 -19.11 24.90 -9.04
N GLU R 35 -19.83 24.67 -10.13
CA GLU R 35 -19.81 23.37 -10.79
C GLU R 35 -18.44 23.06 -11.41
N ALA R 36 -17.68 24.08 -11.81
CA ALA R 36 -16.36 23.83 -12.36
C ALA R 36 -15.41 23.27 -11.30
N MET R 37 -15.73 23.44 -10.03
CA MET R 37 -14.87 22.92 -8.97
C MET R 37 -15.43 21.65 -8.33
N VAL R 38 -16.73 21.41 -8.38
CA VAL R 38 -17.31 20.23 -7.75
C VAL R 38 -18.27 19.47 -8.64
N GLY R 39 -18.70 20.02 -9.77
CA GLY R 39 -19.75 19.38 -10.54
C GLY R 39 -19.29 18.06 -11.14
N ARG R 40 -20.21 17.09 -11.16
CA ARG R 40 -19.96 15.82 -11.82
C ARG R 40 -19.63 15.98 -13.30
N SER R 41 -20.15 17.04 -13.93
CA SER R 41 -19.97 17.23 -15.39
C SER R 41 -18.51 17.37 -15.74
N LYS R 42 -17.77 18.12 -14.95
CA LYS R 42 -16.35 18.42 -15.30
C LYS R 42 -15.51 17.16 -15.11
N ILE R 43 -15.87 16.32 -14.16
CA ILE R 43 -15.18 15.04 -14.02
C ILE R 43 -15.46 14.16 -15.24
N ASP R 44 -16.72 14.11 -15.66
CA ASP R 44 -17.07 13.35 -16.86
C ASP R 44 -16.37 13.92 -18.10
N GLU R 45 -16.08 15.22 -18.10
CA GLU R 45 -15.26 15.79 -19.17
C GLU R 45 -13.82 15.28 -19.08
N LYS R 46 -13.27 15.21 -17.87
CA LYS R 46 -11.91 14.74 -17.69
C LYS R 46 -11.79 13.24 -17.91
N TYR R 47 -12.83 12.49 -17.57
CA TYR R 47 -12.84 11.04 -17.71
C TYR R 47 -14.12 10.63 -18.42
N PRO R 48 -14.17 10.82 -19.75
CA PRO R 48 -15.36 10.42 -20.50
C PRO R 48 -15.57 8.92 -20.47
N ASP R 49 -16.84 8.52 -20.53
CA ASP R 49 -17.14 7.12 -20.74
C ASP R 49 -16.73 6.64 -22.12
N SER R 50 -16.59 7.56 -23.07
CA SER R 50 -16.14 7.20 -24.41
C SER R 50 -14.68 6.76 -24.44
N ASP R 51 -13.90 7.06 -23.42
CA ASP R 51 -12.46 6.67 -23.36
C ASP R 51 -12.34 5.15 -23.22
N TYR R 52 -13.45 4.48 -22.94
CA TYR R 52 -13.46 3.03 -22.83
C TYR R 52 -14.50 2.49 -23.79
N PRO R 53 -14.09 2.00 -24.96
CA PRO R 53 -15.06 1.66 -26.01
C PRO R 53 -15.94 0.48 -25.63
N THR R 54 -17.11 0.44 -26.24
CA THR R 54 -18.06 -0.65 -26.00
C THR R 54 -18.83 -0.89 -27.30
N LEU R 55 -18.34 -1.83 -28.09
CA LEU R 55 -18.98 -2.22 -29.34
C LEU R 55 -19.82 -3.46 -29.13
N THR R 56 -20.88 -3.58 -29.92
CA THR R 56 -21.67 -4.79 -29.91
C THR R 56 -21.04 -5.82 -30.85
N ASP R 57 -21.45 -7.07 -30.75
CA ASP R 57 -20.97 -8.07 -31.72
C ASP R 57 -21.44 -7.66 -33.14
N LYS R 58 -22.61 -6.99 -33.28
CA LYS R 58 -23.04 -6.61 -34.63
C LYS R 58 -21.99 -5.74 -35.31
N GLU R 59 -21.48 -4.74 -34.60
CA GLU R 59 -20.46 -3.86 -35.15
C GLU R 59 -19.05 -4.33 -34.83
N ASP R 60 -18.90 -5.45 -34.16
CA ASP R 60 -17.59 -5.99 -33.84
C ASP R 60 -17.67 -7.48 -33.51
N PRO R 61 -17.98 -8.33 -34.50
CA PRO R 61 -17.99 -9.77 -34.21
C PRO R 61 -16.63 -10.30 -33.81
N ASP R 62 -15.56 -9.73 -34.34
CA ASP R 62 -14.21 -10.25 -34.17
C ASP R 62 -13.47 -9.64 -33.01
N MET R 63 -14.14 -8.79 -32.23
CA MET R 63 -13.58 -8.19 -31.02
C MET R 63 -12.31 -7.42 -31.28
N ASN R 64 -12.09 -6.96 -32.50
CA ASN R 64 -10.85 -6.27 -32.86
C ASN R 64 -11.07 -4.79 -33.14
N GLY R 65 -12.15 -4.21 -32.63
CA GLY R 65 -12.42 -2.81 -32.87
C GLY R 65 -13.03 -2.49 -34.22
N GLY R 66 -13.71 -3.45 -34.84
CA GLY R 66 -14.32 -3.18 -36.12
C GLY R 66 -13.34 -3.13 -37.27
N TYR R 67 -12.18 -3.75 -37.13
CA TYR R 67 -11.24 -3.86 -38.22
C TYR R 67 -11.83 -4.72 -39.34
N ILE R 68 -11.57 -4.32 -40.58
CA ILE R 68 -12.12 -5.00 -41.74
C ILE R 68 -11.12 -6.01 -42.25
N ASN R 69 -11.55 -7.24 -42.40
CA ASN R 69 -10.67 -8.31 -42.83
C ASN R 69 -10.97 -8.72 -44.26
N PRO R 70 -9.94 -8.93 -45.07
CA PRO R 70 -10.14 -9.54 -46.39
C PRO R 70 -10.40 -11.03 -46.22
N PRO R 71 -10.71 -11.75 -47.30
CA PRO R 71 -10.76 -13.22 -47.21
C PRO R 71 -9.43 -13.77 -46.75
N ARG R 72 -9.47 -14.78 -45.89
CA ARG R 72 -8.27 -15.34 -45.29
C ARG R 72 -7.67 -16.35 -46.26
N ILE R 73 -7.02 -15.82 -47.30
CA ILE R 73 -6.42 -16.60 -48.37
C ILE R 73 -4.91 -16.57 -48.20
N LYS R 74 -4.28 -17.73 -48.29
CA LYS R 74 -2.82 -17.78 -48.35
C LYS R 74 -2.35 -17.22 -49.67
N ARG R 75 -1.32 -16.38 -49.64
CA ARG R 75 -0.88 -15.67 -50.83
C ARG R 75 -0.25 -16.59 -51.86
N GLN R 76 0.04 -17.85 -51.52
CA GLN R 76 0.52 -18.79 -52.51
C GLN R 76 -0.51 -19.07 -53.60
N PHE R 77 -1.78 -18.76 -53.34
CA PHE R 77 -2.85 -18.95 -54.31
C PHE R 77 -3.00 -17.78 -55.26
N ARG R 78 -2.33 -16.66 -55.00
CA ARG R 78 -2.34 -15.55 -55.92
C ARG R 78 -1.48 -15.84 -57.16
N ASP R 79 -1.76 -15.12 -58.23
CA ASP R 79 -1.08 -15.33 -59.49
C ASP R 79 0.36 -14.86 -59.41
N PRO R 80 1.34 -15.74 -59.65
CA PRO R 80 2.74 -15.28 -59.66
C PRO R 80 3.03 -14.25 -60.71
N HIS R 81 2.35 -14.32 -61.85
CA HIS R 81 2.68 -13.49 -62.99
C HIS R 81 1.97 -12.15 -63.00
N ALA R 82 1.17 -11.88 -61.98
CA ALA R 82 0.57 -10.56 -61.86
C ALA R 82 1.64 -9.50 -61.61
N ASP R 83 1.38 -8.29 -62.10
CA ASP R 83 2.31 -7.18 -61.92
C ASP R 83 2.23 -6.73 -60.47
N TRP R 84 2.95 -7.43 -59.60
CA TRP R 84 2.94 -7.13 -58.19
C TRP R 84 3.93 -6.03 -57.86
N TRP R 85 3.58 -5.18 -56.90
CA TRP R 85 4.56 -4.27 -56.35
C TRP R 85 5.72 -5.04 -55.74
N ASP R 86 5.41 -6.11 -55.03
CA ASP R 86 6.38 -7.00 -54.42
C ASP R 86 6.18 -8.38 -55.03
N LYS R 87 7.02 -8.74 -56.00
CA LYS R 87 6.88 -10.02 -56.68
C LYS R 87 7.08 -11.18 -55.72
N GLN R 88 8.00 -11.02 -54.77
CA GLN R 88 8.33 -12.16 -53.87
C GLN R 88 7.12 -12.48 -52.99
N GLU R 89 6.41 -11.46 -52.52
CA GLU R 89 5.29 -11.69 -51.64
C GLU R 89 3.94 -11.69 -52.35
N ARG R 90 3.93 -11.46 -53.66
CA ARG R 90 2.70 -11.39 -54.45
C ARG R 90 1.71 -10.41 -53.84
N ARG R 91 2.23 -9.25 -53.45
CA ARG R 91 1.42 -8.22 -52.81
C ARG R 91 1.62 -6.90 -53.52
N ASN R 92 0.53 -6.17 -53.69
CA ASN R 92 0.59 -4.78 -54.09
C ASN R 92 0.74 -3.92 -52.85
N PHE R 93 1.25 -2.71 -53.05
CA PHE R 93 1.75 -1.94 -51.92
C PHE R 93 0.70 -1.77 -50.84
N GLY R 94 -0.38 -1.05 -51.12
CA GLY R 94 -1.27 -0.69 -50.05
C GLY R 94 -2.50 -1.52 -49.85
N GLU R 95 -2.61 -2.69 -50.49
CA GLU R 95 -3.85 -3.44 -50.40
C GLU R 95 -4.07 -3.93 -48.97
N PRO R 96 -5.33 -4.00 -48.53
CA PRO R 96 -5.62 -4.35 -47.15
C PRO R 96 -5.14 -5.73 -46.79
N VAL R 97 -4.72 -5.88 -45.55
CA VAL R 97 -4.15 -7.13 -45.06
C VAL R 97 -5.11 -7.76 -44.08
N HIS R 98 -5.05 -9.08 -43.99
CA HIS R 98 -5.75 -9.82 -42.96
C HIS R 98 -4.99 -9.69 -41.64
N GLU R 99 -5.69 -9.93 -40.54
CA GLU R 99 -5.01 -9.87 -39.26
C GLU R 99 -4.04 -11.02 -39.06
N ASP R 100 -4.24 -12.13 -39.77
CA ASP R 100 -3.29 -13.24 -39.79
C ASP R 100 -2.23 -13.08 -40.87
N HIS R 101 -1.96 -11.84 -41.29
CA HIS R 101 -0.99 -11.57 -42.39
C HIS R 101 0.33 -12.29 -42.13
N ASP R 102 0.78 -12.30 -40.86
CA ASP R 102 2.08 -12.90 -40.55
C ASP R 102 2.16 -14.36 -40.98
N ILE R 103 1.02 -15.07 -40.99
CA ILE R 103 1.04 -16.48 -41.36
C ILE R 103 0.25 -16.73 -42.62
N LEU R 104 0.15 -15.73 -43.49
CA LEU R 104 -0.60 -15.87 -44.73
C LEU R 104 0.24 -15.59 -45.98
N GLY R 105 1.49 -15.19 -45.82
CA GLY R 105 2.34 -14.86 -46.94
C GLY R 105 3.11 -16.05 -47.46
N MET R 106 4.07 -15.77 -48.34
CA MET R 106 4.84 -16.82 -48.99
C MET R 106 5.65 -17.62 -47.98
N PHE R 107 6.30 -16.95 -47.02
CA PHE R 107 7.08 -17.61 -45.99
C PHE R 107 6.13 -18.06 -44.87
N SER R 108 5.45 -19.15 -45.15
CA SER R 108 4.47 -19.65 -44.18
C SER R 108 4.19 -21.09 -44.58
N PRO R 109 3.54 -21.92 -43.74
CA PRO R 109 3.33 -23.34 -44.06
C PRO R 109 2.60 -23.50 -45.39
N TYR R 110 3.19 -24.31 -46.27
CA TYR R 110 2.63 -24.54 -47.58
C TYR R 110 1.31 -25.29 -47.47
N GLU R 111 0.33 -24.87 -48.26
CA GLU R 111 -0.95 -25.56 -48.31
C GLU R 111 -0.93 -26.56 -49.46
N TYR R 112 -1.03 -27.84 -49.13
CA TYR R 112 -1.03 -28.90 -50.11
C TYR R 112 -2.47 -29.17 -50.55
N THR R 113 -2.70 -29.15 -51.85
CA THR R 113 -4.05 -29.18 -52.40
C THR R 113 -4.32 -30.41 -53.26
N TRP R 114 -3.58 -31.49 -53.06
CA TRP R 114 -3.77 -32.66 -53.91
C TRP R 114 -5.04 -33.42 -53.55
N ILE R 115 -5.24 -33.67 -52.26
CA ILE R 115 -6.43 -34.46 -51.86
C ILE R 115 -7.13 -33.76 -50.70
N THR R 116 -8.44 -33.91 -50.61
CA THR R 116 -9.16 -33.37 -49.43
C THR R 116 -8.79 -34.28 -48.25
N PRO R 117 -8.85 -33.83 -46.99
CA PRO R 117 -8.39 -34.64 -45.86
C PRO R 117 -9.08 -36.02 -45.71
N GLY R 118 -10.40 -36.07 -45.92
CA GLY R 118 -11.13 -37.34 -45.78
C GLY R 118 -10.67 -38.39 -46.77
N LYS R 119 -10.47 -38.00 -48.03
CA LYS R 119 -10.00 -38.95 -49.05
C LYS R 119 -8.59 -39.40 -48.67
N GLY R 120 -7.77 -38.44 -48.22
CA GLY R 120 -6.38 -38.76 -47.86
C GLY R 120 -6.34 -39.73 -46.71
N LEU R 121 -7.22 -39.51 -45.74
CA LEU R 121 -7.31 -40.45 -44.60
C LEU R 121 -7.63 -41.83 -45.18
N PHE R 122 -8.53 -41.89 -46.17
CA PHE R 122 -8.91 -43.19 -46.71
C PHE R 122 -7.74 -43.88 -47.41
N GLN R 123 -6.98 -43.12 -48.20
CA GLN R 123 -5.88 -43.73 -48.92
C GLN R 123 -4.75 -44.16 -47.99
N ILE R 124 -4.55 -43.43 -46.90
CA ILE R 124 -3.54 -43.85 -45.92
C ILE R 124 -4.01 -45.12 -45.21
N GLY R 125 -5.31 -45.21 -44.91
CA GLY R 125 -5.83 -46.41 -44.28
C GLY R 125 -5.69 -47.63 -45.17
N LEU R 126 -5.92 -47.46 -46.47
CA LEU R 126 -5.82 -48.59 -47.39
C LEU R 126 -4.42 -49.16 -47.41
N PHE R 127 -3.40 -48.29 -47.38
CA PHE R 127 -2.03 -48.78 -47.32
C PHE R 127 -1.77 -49.56 -46.05
N ILE R 128 -2.24 -49.04 -44.91
CA ILE R 128 -2.08 -49.76 -43.65
C ILE R 128 -2.83 -51.08 -43.70
N ALA R 129 -4.07 -51.06 -44.20
CA ALA R 129 -4.83 -52.30 -44.31
C ALA R 129 -4.14 -53.30 -45.24
N SER R 130 -3.63 -52.82 -46.37
CA SER R 130 -2.88 -53.70 -47.27
C SER R 130 -1.59 -54.19 -46.60
N PHE R 131 -0.93 -53.32 -45.83
CA PHE R 131 0.28 -53.72 -45.13
C PHE R 131 0.00 -54.82 -44.11
N LEU R 132 -1.08 -54.68 -43.33
CA LEU R 132 -1.40 -55.68 -42.33
C LEU R 132 -1.82 -57.00 -42.96
N GLY R 133 -2.37 -56.96 -44.17
CA GLY R 133 -2.69 -58.20 -44.86
C GLY R 133 -1.44 -59.02 -45.18
N LEU R 134 -0.36 -58.33 -45.56
CA LEU R 134 0.90 -59.02 -45.83
C LEU R 134 1.42 -59.70 -44.58
N CYS R 135 1.33 -59.03 -43.43
CA CYS R 135 1.83 -59.60 -42.18
C CYS R 135 1.06 -60.87 -41.82
N TYR R 136 -0.26 -60.87 -42.01
CA TYR R 136 -1.05 -62.06 -41.70
C TYR R 136 -0.63 -63.23 -42.56
N VAL R 137 -0.37 -62.99 -43.85
CA VAL R 137 0.10 -64.06 -44.73
C VAL R 137 1.44 -64.58 -44.25
N VAL R 138 2.33 -63.68 -43.83
CA VAL R 138 3.63 -64.10 -43.33
C VAL R 138 3.48 -64.91 -42.04
N LYS R 139 2.56 -64.49 -41.16
CA LYS R 139 2.38 -65.21 -39.90
C LYS R 139 1.91 -66.63 -40.14
N LEU R 140 1.04 -66.83 -41.12
CA LEU R 140 0.58 -68.18 -41.43
C LEU R 140 1.71 -69.05 -41.97
N THR R 141 2.60 -68.48 -42.77
CA THR R 141 3.63 -69.23 -43.48
C THR R 141 5.00 -68.58 -43.25
N TYR R 142 5.65 -68.95 -42.14
CA TYR R 142 7.05 -68.58 -41.94
C TYR R 142 7.74 -69.81 -41.35
N PRO R 143 8.90 -70.20 -41.87
CA PRO R 143 9.48 -71.49 -41.52
C PRO R 143 9.91 -71.56 -40.07
N ASP R 144 9.85 -72.77 -39.53
CA ASP R 144 10.38 -73.02 -38.19
C ASP R 144 11.90 -72.93 -38.20
N ARG R 145 12.46 -72.66 -37.03
CA ARG R 145 13.92 -72.58 -36.91
C ARG R 145 14.54 -73.92 -37.27
N VAL R 146 15.62 -73.88 -38.04
CA VAL R 146 16.18 -75.10 -38.62
C VAL R 146 17.52 -75.44 -37.98
N SER R 147 17.72 -75.01 -36.73
CA SER R 147 18.92 -75.37 -36.01
C SER R 147 18.69 -75.20 -34.52
N TYR R 148 19.20 -76.14 -33.74
CA TYR R 148 19.12 -76.03 -32.30
C TYR R 148 19.95 -74.83 -31.82
N PRO R 149 19.45 -74.08 -30.84
CA PRO R 149 20.21 -72.91 -30.36
C PRO R 149 21.59 -73.28 -29.89
N ARG R 150 22.56 -72.44 -30.22
CA ARG R 150 23.95 -72.69 -29.86
C ARG R 150 24.13 -72.62 -28.35
N GLU R 151 24.88 -73.57 -27.81
CA GLU R 151 25.11 -73.67 -26.38
C GLU R 151 26.52 -73.23 -26.04
N PHE R 152 26.70 -72.76 -24.81
CA PHE R 152 27.97 -72.27 -24.33
C PHE R 152 28.26 -72.92 -22.99
N GLU R 153 29.47 -73.48 -22.89
CA GLU R 153 29.91 -74.11 -21.62
C GLU R 153 29.87 -73.05 -20.53
N GLY R 154 29.22 -73.34 -19.42
CA GLY R 154 29.15 -72.32 -18.40
C GLY R 154 28.25 -71.15 -18.76
N GLY R 155 27.68 -71.14 -19.96
CA GLY R 155 26.86 -70.03 -20.40
C GLY R 155 27.60 -68.73 -20.56
N LEU R 156 28.94 -68.78 -20.64
CA LEU R 156 29.78 -67.58 -20.63
C LEU R 156 29.42 -66.68 -19.46
N GLU R 157 29.02 -67.28 -18.34
CA GLU R 157 28.40 -66.52 -17.26
C GLU R 157 29.36 -65.52 -16.67
N ARG R 158 30.61 -65.92 -16.42
CA ARG R 158 31.55 -65.00 -15.80
C ARG R 158 31.91 -63.88 -16.76
N GLU R 159 32.17 -64.20 -18.02
CA GLU R 159 32.58 -63.20 -19.01
C GLU R 159 31.42 -62.34 -19.50
N LEU R 160 30.18 -62.72 -19.21
CA LEU R 160 29.05 -61.85 -19.47
C LEU R 160 28.65 -61.01 -18.26
N GLY R 161 29.44 -61.06 -17.19
CA GLY R 161 29.20 -60.20 -16.04
C GLY R 161 28.73 -60.90 -14.79
N GLY R 162 28.77 -62.22 -14.73
CA GLY R 162 28.32 -62.94 -13.57
C GLY R 162 26.81 -63.10 -13.52
N ALA R 163 26.35 -63.64 -12.39
CA ALA R 163 24.94 -63.91 -12.21
C ALA R 163 24.09 -62.66 -12.15
N GLY R 164 24.71 -61.49 -11.91
CA GLY R 164 23.96 -60.25 -11.92
C GLY R 164 23.55 -59.80 -13.30
N ALA R 165 24.27 -60.25 -14.32
CA ALA R 165 24.01 -59.87 -15.70
C ALA R 165 23.38 -61.04 -16.46
N VAL R 166 23.17 -60.84 -17.75
CA VAL R 166 22.54 -61.82 -18.62
C VAL R 166 23.59 -62.79 -19.16
N ARG R 167 23.17 -64.05 -19.29
CA ARG R 167 24.13 -65.08 -19.72
C ARG R 167 23.69 -65.73 -21.01
N ALA R 168 24.42 -66.74 -21.45
CA ALA R 168 24.16 -67.45 -22.70
C ALA R 168 23.45 -68.78 -22.45
N PHE R 169 22.96 -69.37 -23.54
CA PHE R 169 22.24 -70.63 -23.48
C PHE R 169 23.15 -71.74 -23.00
N LEU R 170 22.67 -72.49 -22.00
CA LEU R 170 23.48 -73.59 -21.41
C LEU R 170 22.54 -74.65 -20.86
N CYS R 171 22.36 -75.77 -21.58
CA CYS R 171 21.58 -76.90 -21.10
C CYS R 171 20.27 -76.49 -20.44
N LEU R 172 19.63 -75.44 -20.98
CA LEU R 172 18.45 -74.86 -20.39
C LEU R 172 17.20 -75.51 -20.98
N ASP R 173 16.04 -74.91 -20.74
CA ASP R 173 14.82 -75.37 -21.38
C ASP R 173 14.94 -75.26 -22.89
N ASP R 174 14.39 -76.24 -23.59
CA ASP R 174 14.50 -76.27 -25.04
C ASP R 174 13.66 -75.15 -25.67
N GLU R 175 13.99 -74.84 -26.92
CA GLU R 175 13.28 -73.81 -27.66
C GLU R 175 13.52 -73.98 -29.16
N MET S 1 28.54 2.51 7.52
CA MET S 1 29.15 3.80 7.94
C MET S 1 28.03 4.78 8.32
N VAL S 2 27.83 5.04 9.62
CA VAL S 2 26.72 5.90 10.04
C VAL S 2 27.20 6.89 11.09
N ASN S 3 28.47 7.29 11.01
CA ASN S 3 29.02 8.27 11.95
C ASN S 3 28.18 9.54 11.95
N ARG S 4 27.62 9.85 13.12
CA ARG S 4 26.59 10.88 13.20
C ARG S 4 27.13 12.25 12.78
N ILE S 5 28.33 12.60 13.23
CA ILE S 5 28.85 13.94 12.97
C ILE S 5 29.12 14.13 11.48
N LEU S 6 29.81 13.17 10.87
CA LEU S 6 30.10 13.27 9.45
C LEU S 6 28.81 13.22 8.64
N PHE S 7 27.85 12.41 9.07
CA PHE S 7 26.61 12.30 8.31
C PHE S 7 25.84 13.61 8.31
N TRP S 8 25.75 14.28 9.46
CA TRP S 8 24.97 15.49 9.56
C TRP S 8 25.71 16.71 9.05
N THR S 9 27.04 16.69 9.07
CA THR S 9 27.81 17.65 8.30
C THR S 9 27.50 17.49 6.82
N GLY S 10 27.41 16.25 6.35
CA GLY S 10 27.04 16.02 4.97
C GLY S 10 25.60 16.41 4.67
N PHE S 11 24.70 16.19 5.63
CA PHE S 11 23.30 16.56 5.45
C PHE S 11 23.16 18.05 5.24
N GLY S 12 23.85 18.86 6.06
CA GLY S 12 23.83 20.29 5.86
C GLY S 12 24.35 20.71 4.50
N LEU S 13 25.39 20.04 4.02
CA LEU S 13 25.92 20.35 2.69
C LEU S 13 24.90 20.00 1.61
N ALA S 14 24.17 18.90 1.78
CA ALA S 14 23.16 18.53 0.81
C ALA S 14 21.95 19.46 0.87
N VAL S 15 21.66 20.04 2.03
CA VAL S 15 20.54 20.99 2.11
C VAL S 15 20.86 22.24 1.28
N ARG S 16 22.07 22.76 1.43
CA ARG S 16 22.46 23.94 0.67
C ARG S 16 22.47 23.64 -0.82
N PHE S 17 22.95 22.47 -1.19
CA PHE S 17 22.99 22.08 -2.60
C PHE S 17 21.59 21.97 -3.18
N TRP S 18 20.70 21.26 -2.49
CA TRP S 18 19.33 21.12 -2.98
C TRP S 18 18.64 22.48 -3.03
N GLN S 19 18.87 23.32 -2.02
CA GLN S 19 18.27 24.65 -2.00
C GLN S 19 18.73 25.48 -3.21
N LEU S 20 20.03 25.48 -3.49
CA LEU S 20 20.52 26.19 -4.66
C LEU S 20 19.92 25.60 -5.93
N GLY S 21 19.80 24.27 -5.99
CA GLY S 21 19.17 23.65 -7.13
C GLY S 21 17.70 24.00 -7.27
N ILE S 22 16.97 24.03 -6.15
CA ILE S 22 15.57 24.41 -6.20
C ILE S 22 15.42 25.84 -6.64
N GLU S 23 16.30 26.71 -6.16
CA GLU S 23 16.26 28.12 -6.55
C GLU S 23 16.78 28.35 -7.96
N MET S 24 17.37 27.34 -8.59
CA MET S 24 17.93 27.46 -9.93
C MET S 24 19.00 28.55 -9.97
N ARG S 25 19.74 28.61 -8.96
CA ARG S 25 20.92 29.39 -8.70
C ARG S 25 22.17 28.53 -8.80
N PRO S 26 23.27 29.09 -9.29
CA PRO S 26 24.48 28.29 -9.49
C PRO S 26 24.98 27.67 -8.19
N PHE S 27 25.50 26.45 -8.30
CA PHE S 27 25.93 25.70 -7.12
C PHE S 27 27.19 26.27 -6.49
N PHE S 28 28.05 26.90 -7.29
CA PHE S 28 29.34 27.38 -6.78
C PHE S 28 29.70 28.70 -7.48
N ASN S 29 29.38 29.81 -6.85
CA ASN S 29 30.01 31.08 -7.14
C ASN S 29 30.78 31.52 -5.90
N ARG S 30 31.94 32.12 -6.12
CA ARG S 30 32.96 32.24 -5.08
C ARG S 30 32.46 33.02 -3.87
N LYS S 31 31.73 34.11 -4.09
CA LYS S 31 31.31 34.95 -2.99
C LYS S 31 30.20 34.31 -2.16
N SER S 32 29.63 33.21 -2.62
CA SER S 32 28.63 32.48 -1.88
C SER S 32 29.19 31.26 -1.18
N LEU S 33 30.49 30.99 -1.34
CA LEU S 33 31.03 29.71 -0.90
C LEU S 33 31.05 29.56 0.62
N TRP S 34 30.96 30.66 1.36
CA TRP S 34 30.88 30.58 2.81
C TRP S 34 29.65 29.84 3.31
N ALA S 35 28.64 29.66 2.46
CA ALA S 35 27.40 29.04 2.91
C ALA S 35 27.58 27.55 3.17
N TYR S 36 28.41 26.87 2.37
CA TYR S 36 28.62 25.44 2.59
C TYR S 36 29.29 25.14 3.92
N PRO S 37 30.37 25.82 4.32
CA PRO S 37 30.84 25.64 5.70
C PRO S 37 29.81 26.02 6.74
N LEU S 38 28.92 26.96 6.42
CA LEU S 38 27.88 27.35 7.37
C LEU S 38 26.83 26.27 7.51
N PHE S 39 26.20 25.87 6.39
CA PHE S 39 25.19 24.82 6.44
C PHE S 39 25.76 23.53 7.00
N GLY S 40 26.98 23.19 6.60
CA GLY S 40 27.64 22.03 7.17
C GLY S 40 27.97 22.19 8.63
N GLY S 41 28.33 23.41 9.05
CA GLY S 41 28.58 23.66 10.46
C GLY S 41 27.33 23.53 11.31
N VAL S 42 26.21 24.08 10.83
CA VAL S 42 24.93 23.91 11.51
C VAL S 42 24.55 22.44 11.53
N GLY S 43 24.84 21.73 10.44
CA GLY S 43 24.61 20.30 10.42
C GLY S 43 25.46 19.56 11.44
N ALA S 44 26.71 19.96 11.60
CA ALA S 44 27.56 19.32 12.60
C ALA S 44 27.03 19.57 14.01
N SER S 45 26.54 20.78 14.27
CA SER S 45 25.93 21.07 15.56
C SER S 45 24.73 20.17 15.80
N PHE S 46 23.92 19.95 14.77
CA PHE S 46 22.81 19.02 14.83
C PHE S 46 23.35 17.62 14.56
N GLY S 47 23.70 16.91 15.61
CA GLY S 47 24.40 15.65 15.45
C GLY S 47 25.41 15.50 16.57
N TYR S 48 25.97 16.62 17.02
CA TYR S 48 26.51 16.65 18.36
C TYR S 48 25.39 16.66 19.38
N TRP S 49 24.32 17.41 19.08
CA TRP S 49 23.15 17.39 19.94
C TRP S 49 22.39 16.06 19.82
N LEU S 50 22.31 15.51 18.61
CA LEU S 50 21.71 14.19 18.46
C LEU S 50 22.56 13.11 19.11
N GLN S 51 23.86 13.34 19.22
CA GLN S 51 24.74 12.42 19.91
C GLN S 51 24.34 12.28 21.37
N SER S 52 24.09 13.41 22.03
CA SER S 52 23.78 13.39 23.46
C SER S 52 22.36 12.94 23.74
N ILE S 53 21.44 13.15 22.80
CA ILE S 53 20.12 12.56 22.92
C ILE S 53 20.22 11.05 22.88
N ASP S 54 21.04 10.52 21.97
CA ASP S 54 21.22 9.08 21.86
C ASP S 54 21.77 8.49 23.14
N GLU S 55 22.73 9.17 23.78
CA GLU S 55 23.27 8.69 25.04
C GLU S 55 22.18 8.61 26.11
N LYS S 56 21.36 9.64 26.22
CA LYS S 56 20.26 9.59 27.18
C LYS S 56 19.24 8.52 26.81
N GLN S 57 18.92 8.41 25.52
CA GLN S 57 17.93 7.42 25.09
C GLN S 57 18.41 6.00 25.36
N THR S 58 19.70 5.74 25.16
CA THR S 58 20.23 4.41 25.40
C THR S 58 20.13 4.05 26.87
N LYS S 59 20.52 4.97 27.75
CA LYS S 59 20.44 4.73 29.19
C LYS S 59 19.00 4.50 29.62
N MET S 60 18.07 5.30 29.10
CA MET S 60 16.66 5.12 29.43
C MET S 60 16.16 3.74 28.98
N LEU S 61 16.53 3.33 27.77
CA LEU S 61 16.10 2.03 27.29
C LEU S 61 16.76 0.88 28.05
N GLU S 62 18.01 1.08 28.50
CA GLU S 62 18.68 0.04 29.28
C GLU S 62 18.02 -0.12 30.64
N GLU S 63 17.63 0.98 31.27
CA GLU S 63 16.92 0.90 32.54
C GLU S 63 15.56 0.22 32.35
N ARG S 64 14.89 0.52 31.24
CA ARG S 64 13.58 -0.08 30.99
C ARG S 64 13.69 -1.59 30.83
N LYS S 65 14.71 -2.06 30.11
CA LYS S 65 14.89 -3.50 29.93
C LYS S 65 15.09 -4.21 31.26
N GLN S 66 15.90 -3.62 32.15
CA GLN S 66 16.12 -4.22 33.46
C GLN S 66 14.82 -4.28 34.25
N ALA S 67 14.03 -3.22 34.21
CA ALA S 67 12.77 -3.18 34.95
C ALA S 67 11.81 -4.26 34.44
N ILE S 68 11.78 -4.48 33.12
CA ILE S 68 10.90 -5.51 32.58
C ILE S 68 11.34 -6.89 33.04
N LEU S 69 12.64 -7.16 33.01
CA LEU S 69 13.17 -8.41 33.51
C LEU S 69 12.95 -8.55 35.01
N GLU S 70 13.18 -7.48 35.76
CA GLU S 70 12.90 -7.51 37.20
C GLU S 70 11.44 -7.77 37.45
N LYS S 71 10.56 -7.11 36.69
CA LYS S 71 9.13 -7.39 36.78
C LYS S 71 8.85 -8.83 36.42
N ARG S 72 9.47 -9.33 35.35
CA ARG S 72 9.24 -10.72 34.96
C ARG S 72 9.72 -11.68 36.03
N ALA S 73 10.86 -11.37 36.66
CA ALA S 73 11.43 -12.27 37.65
C ALA S 73 10.54 -12.42 38.87
N ARG S 74 10.07 -11.30 39.41
CA ARG S 74 9.32 -11.34 40.68
C ARG S 74 8.00 -12.05 40.44
N ARG S 75 7.37 -11.76 39.31
CA ARG S 75 6.14 -12.46 38.99
C ARG S 75 6.39 -13.97 38.89
N ALA S 76 7.53 -14.36 38.31
CA ALA S 76 7.87 -15.77 38.25
C ALA S 76 8.10 -16.34 39.64
N GLN S 77 8.77 -15.60 40.51
CA GLN S 77 8.98 -16.06 41.88
C GLN S 77 7.69 -16.08 42.68
N ARG S 78 6.75 -15.20 42.35
CA ARG S 78 5.45 -15.22 43.00
C ARG S 78 4.67 -16.49 42.64
N GLN S 79 4.80 -16.95 41.40
CA GLN S 79 4.13 -18.16 40.96
C GLN S 79 4.77 -19.43 41.48
N ALA S 80 5.93 -19.34 42.14
CA ALA S 80 6.58 -20.52 42.68
C ALA S 80 5.77 -21.18 43.79
N GLU S 81 4.83 -20.42 44.35
CA GLU S 81 3.97 -20.94 45.45
C GLU S 81 2.73 -21.63 44.84
N LYS T 13 -22.84 -41.33 -69.15
CA LYS T 13 -23.43 -40.31 -69.99
C LYS T 13 -22.35 -39.42 -70.61
N PRO T 14 -22.47 -39.14 -71.90
CA PRO T 14 -21.50 -38.26 -72.56
C PRO T 14 -21.51 -36.87 -71.95
N ASN T 15 -20.33 -36.25 -71.90
CA ASN T 15 -20.20 -34.92 -71.34
C ASN T 15 -20.66 -33.88 -72.34
N ILE T 16 -20.91 -32.66 -71.84
CA ILE T 16 -21.25 -31.55 -72.72
C ILE T 16 -20.12 -31.28 -73.70
N THR T 17 -18.90 -31.23 -73.18
CA THR T 17 -17.73 -31.28 -74.05
C THR T 17 -17.57 -32.70 -74.60
N GLY T 18 -16.97 -32.80 -75.78
CA GLY T 18 -16.88 -34.08 -76.44
C GLY T 18 -15.69 -34.90 -76.04
N PHE T 19 -15.27 -34.81 -74.79
CA PHE T 19 -14.09 -35.53 -74.32
C PHE T 19 -14.50 -36.90 -73.80
N ASP T 20 -14.03 -37.95 -74.46
CA ASP T 20 -14.21 -39.32 -74.02
C ASP T 20 -12.88 -39.82 -73.50
N MET T 21 -12.90 -40.39 -72.30
CA MET T 21 -11.63 -40.79 -71.70
C MET T 21 -11.08 -42.02 -72.41
N ARG T 22 -11.95 -42.95 -72.82
CA ARG T 22 -11.52 -44.13 -73.54
C ARG T 22 -10.89 -43.75 -74.88
N GLU T 23 -11.50 -42.81 -75.59
CA GLU T 23 -10.94 -42.39 -76.88
C GLU T 23 -9.64 -41.62 -76.70
N PHE T 24 -9.44 -40.98 -75.55
CA PHE T 24 -8.20 -40.24 -75.32
C PHE T 24 -7.00 -41.18 -75.34
N LEU T 25 -7.14 -42.34 -74.70
CA LEU T 25 -6.05 -43.31 -74.71
C LEU T 25 -5.89 -43.96 -76.08
N ARG T 26 -6.99 -44.17 -76.79
CA ARG T 26 -6.91 -44.75 -78.14
C ARG T 26 -6.11 -43.86 -79.08
N HIS T 27 -6.11 -42.55 -78.83
CA HIS T 27 -5.32 -41.62 -79.62
C HIS T 27 -3.96 -41.34 -78.99
N THR T 28 -3.59 -42.06 -77.94
CA THR T 28 -2.27 -41.91 -77.32
C THR T 28 -1.30 -42.86 -78.02
N LYS T 29 -0.81 -42.40 -79.12
CA LYS T 29 0.15 -43.19 -79.93
C LYS T 29 0.82 -42.18 -80.85
N THR T 30 1.76 -42.62 -81.66
CA THR T 30 2.41 -41.73 -82.62
C THR T 30 1.49 -41.53 -83.81
N PRO T 31 1.13 -40.29 -84.14
CA PRO T 31 0.13 -40.07 -85.20
C PRO T 31 0.69 -40.42 -86.58
N THR T 32 -0.22 -40.81 -87.47
CA THR T 32 0.15 -41.07 -88.86
C THR T 32 0.62 -39.79 -89.54
N TYR T 33 -0.14 -38.70 -89.37
CA TYR T 33 0.27 -37.38 -89.83
C TYR T 33 0.14 -36.39 -88.68
N ASP T 34 1.13 -35.52 -88.55
CA ASP T 34 1.16 -34.53 -87.51
C ASP T 34 1.66 -33.22 -88.11
N PRO T 35 0.95 -32.11 -87.90
CA PRO T 35 1.43 -30.83 -88.42
C PRO T 35 2.77 -30.40 -87.87
N TRP T 36 3.21 -30.97 -86.74
CA TRP T 36 4.50 -30.66 -86.17
C TRP T 36 5.54 -31.74 -86.42
N GLU T 37 5.23 -32.69 -87.31
CA GLU T 37 6.07 -33.87 -87.52
C GLU T 37 7.54 -33.53 -87.77
N ARG T 38 7.79 -32.61 -88.70
CA ARG T 38 9.17 -32.31 -89.07
C ARG T 38 9.89 -31.53 -87.98
N HIS T 39 9.14 -30.79 -87.16
CA HIS T 39 9.76 -30.03 -86.08
C HIS T 39 10.28 -30.94 -84.99
N GLU T 40 9.61 -32.07 -84.75
CA GLU T 40 9.99 -33.01 -83.71
C GLU T 40 10.70 -34.24 -84.24
N ALA T 41 10.98 -34.29 -85.55
CA ALA T 41 11.55 -35.51 -86.14
C ALA T 41 12.93 -35.80 -85.60
N TRP T 42 13.67 -34.76 -85.20
CA TRP T 42 15.04 -34.92 -84.75
C TRP T 42 15.16 -35.76 -83.48
N ARG T 43 14.07 -35.94 -82.75
CA ARG T 43 14.13 -36.64 -81.48
C ARG T 43 14.19 -38.15 -81.65
N TYR T 44 14.10 -38.66 -82.88
CA TYR T 44 14.10 -40.10 -83.11
C TYR T 44 15.05 -40.51 -84.24
N THR T 45 15.78 -39.56 -84.82
CA THR T 45 16.59 -39.79 -85.99
C THR T 45 17.93 -40.38 -85.56
N GLY T 46 18.93 -40.37 -86.44
CA GLY T 46 20.19 -41.07 -86.27
C GLY T 46 20.82 -41.10 -84.89
N ARG T 47 21.18 -39.94 -84.34
CA ARG T 47 21.80 -39.92 -83.02
C ARG T 47 20.87 -40.46 -81.94
N PHE T 48 19.56 -40.30 -82.14
CA PHE T 48 18.58 -40.71 -81.14
C PHE T 48 17.70 -41.85 -81.62
N SER T 49 18.18 -42.64 -82.57
CA SER T 49 17.50 -43.86 -82.93
C SER T 49 17.62 -44.89 -81.79
N ARG T 50 16.80 -45.93 -81.89
CA ARG T 50 16.84 -47.00 -80.89
C ARG T 50 18.24 -47.59 -80.77
N PHE T 51 18.86 -47.87 -81.92
CA PHE T 51 20.17 -48.51 -81.91
C PHE T 51 21.24 -47.60 -81.33
N ASN T 52 21.32 -46.37 -81.82
CA ASN T 52 22.37 -45.46 -81.37
C ASN T 52 22.20 -45.12 -79.89
N ARG T 53 20.97 -44.94 -79.43
CA ARG T 53 20.75 -44.61 -78.04
C ARG T 53 21.18 -45.75 -77.12
N PHE T 54 20.84 -46.98 -77.46
CA PHE T 54 21.14 -48.14 -76.63
C PHE T 54 22.45 -48.82 -77.01
N LYS T 55 23.19 -48.25 -77.96
CA LYS T 55 24.43 -48.87 -78.41
C LYS T 55 25.45 -48.94 -77.26
N GLY T 56 25.55 -47.89 -76.46
CA GLY T 56 26.50 -47.86 -75.37
C GLY T 56 25.86 -47.90 -74.01
N ALA T 57 24.77 -48.66 -73.87
CA ALA T 57 24.09 -48.75 -72.59
C ALA T 57 24.95 -49.41 -71.52
N LEU T 58 25.91 -50.25 -71.93
CA LEU T 58 26.87 -50.88 -71.02
C LEU T 58 28.25 -50.55 -71.54
N PRO T 59 28.79 -49.38 -71.15
CA PRO T 59 29.98 -48.84 -71.83
C PRO T 59 31.12 -49.79 -72.14
N GLY T 60 31.69 -50.44 -71.14
CA GLY T 60 32.90 -51.21 -71.37
C GLY T 60 32.70 -52.71 -71.52
N PHE T 61 31.48 -53.12 -71.85
CA PHE T 61 31.15 -54.54 -71.80
C PHE T 61 31.92 -55.34 -72.84
N GLY T 62 32.06 -54.81 -74.05
CA GLY T 62 32.77 -55.52 -75.09
C GLY T 62 34.24 -55.71 -74.76
N ILE T 63 34.89 -54.65 -74.27
CA ILE T 63 36.31 -54.75 -73.94
C ILE T 63 36.53 -55.75 -72.82
N ALA T 64 35.67 -55.71 -71.80
CA ALA T 64 35.79 -56.66 -70.69
C ALA T 64 35.58 -58.09 -71.15
N THR T 65 34.61 -58.31 -72.04
CA THR T 65 34.34 -59.67 -72.51
C THR T 65 35.53 -60.24 -73.28
N VAL T 66 36.14 -59.43 -74.15
CA VAL T 66 37.29 -59.91 -74.91
C VAL T 66 38.46 -60.19 -73.98
N ALA T 67 38.72 -59.29 -73.04
CA ALA T 67 39.83 -59.49 -72.11
C ALA T 67 39.60 -60.70 -71.22
N PHE T 68 38.37 -60.91 -70.78
CA PHE T 68 38.06 -62.07 -69.95
C PHE T 68 38.28 -63.37 -70.71
N THR T 69 37.88 -63.41 -71.98
CA THR T 69 38.10 -64.60 -72.79
C THR T 69 39.58 -64.91 -72.93
N ALA T 70 40.40 -63.88 -73.16
CA ALA T 70 41.84 -64.09 -73.23
C ALA T 70 42.42 -64.53 -71.89
N TYR T 71 41.79 -64.14 -70.79
CA TYR T 71 42.26 -64.56 -69.48
C TYR T 71 41.89 -66.01 -69.17
N CYS T 72 40.77 -66.49 -69.70
CA CYS T 72 40.26 -67.83 -69.38
C CYS T 72 41.01 -68.94 -70.11
N VAL T 73 42.14 -68.63 -70.75
CA VAL T 73 42.92 -69.65 -71.44
C VAL T 73 44.30 -69.79 -70.79
N PRO U 2 49.99 -43.24 2.35
CA PRO U 2 48.92 -42.33 1.91
C PRO U 2 49.48 -41.01 1.38
N THR U 3 48.73 -40.35 0.51
CA THR U 3 49.14 -39.05 0.02
C THR U 3 49.16 -38.05 1.16
N PRO U 4 50.25 -37.31 1.36
CA PRO U 4 50.28 -36.34 2.46
C PRO U 4 49.21 -35.28 2.30
N GLU U 5 48.63 -34.86 3.42
CA GLU U 5 47.60 -33.84 3.39
C GLU U 5 48.23 -32.49 3.09
N SER U 6 47.80 -31.85 2.01
CA SER U 6 48.45 -30.65 1.52
C SER U 6 48.24 -29.48 2.47
N GLU U 7 49.12 -28.48 2.34
CA GLU U 7 49.00 -27.27 3.14
C GLU U 7 47.67 -26.58 2.88
N ALA U 8 47.28 -26.50 1.61
CA ALA U 8 45.97 -25.93 1.28
C ALA U 8 44.84 -26.78 1.86
N PHE U 9 44.97 -28.10 1.79
CA PHE U 9 43.91 -28.97 2.31
C PHE U 9 43.67 -28.74 3.79
N LEU U 10 44.75 -28.64 4.57
CA LEU U 10 44.62 -28.49 6.02
C LEU U 10 43.94 -27.18 6.38
N ALA U 11 44.16 -26.13 5.59
CA ALA U 11 43.55 -24.84 5.88
C ALA U 11 42.03 -24.90 5.87
N LYS U 12 41.45 -25.90 5.22
CA LYS U 12 40.01 -26.01 5.13
C LYS U 12 39.49 -27.27 5.79
N LYS U 13 40.34 -28.04 6.44
CA LYS U 13 39.90 -29.26 7.11
C LYS U 13 38.99 -28.92 8.28
N PRO U 14 37.84 -29.57 8.41
CA PRO U 14 36.94 -29.27 9.52
C PRO U 14 37.52 -29.71 10.85
N GLN U 15 37.45 -28.81 11.84
CA GLN U 15 37.91 -29.08 13.18
C GLN U 15 36.85 -29.74 14.04
N VAL U 16 35.65 -29.90 13.53
CA VAL U 16 34.53 -30.45 14.30
C VAL U 16 34.02 -31.66 13.54
N PRO U 17 33.37 -32.60 14.24
CA PRO U 17 32.74 -33.71 13.55
C PRO U 17 31.55 -33.24 12.74
N PRO U 18 31.19 -33.95 11.66
CA PRO U 18 30.01 -33.57 10.85
C PRO U 18 28.69 -33.98 11.49
N THR U 19 28.26 -33.18 12.46
CA THR U 19 27.05 -33.51 13.20
C THR U 19 26.50 -32.23 13.82
N PHE U 20 25.25 -32.31 14.27
CA PHE U 20 24.59 -31.22 14.96
C PHE U 20 24.26 -31.58 16.40
N ASP U 21 24.63 -32.77 16.85
CA ASP U 21 24.34 -33.18 18.22
C ASP U 21 25.25 -32.42 19.18
N GLY U 22 24.65 -31.89 20.24
CA GLY U 22 25.43 -31.13 21.21
C GLY U 22 26.04 -29.88 20.62
N VAL U 23 25.33 -29.20 19.74
CA VAL U 23 25.78 -27.97 19.12
C VAL U 23 24.83 -26.86 19.55
N ASP U 24 25.38 -25.83 20.20
CA ASP U 24 24.57 -24.70 20.67
C ASP U 24 24.31 -23.78 19.49
N TYR U 25 23.06 -23.68 19.07
CA TYR U 25 22.76 -22.90 17.87
C TYR U 25 22.93 -21.40 18.08
N GLU U 26 23.07 -20.94 19.32
CA GLU U 26 23.39 -19.55 19.55
C GLU U 26 24.86 -19.26 19.31
N ASP U 27 25.71 -20.28 19.43
CA ASP U 27 27.12 -20.17 19.06
C ASP U 27 27.19 -20.14 17.54
N ASN U 28 27.29 -18.95 16.97
CA ASN U 28 27.35 -18.80 15.50
C ASN U 28 28.56 -19.59 14.98
N LYS U 29 29.75 -19.41 15.57
CA LYS U 29 30.95 -20.07 15.06
C LYS U 29 30.82 -21.57 15.05
N ARG U 30 30.27 -22.14 16.13
CA ARG U 30 30.17 -23.60 16.22
C ARG U 30 29.13 -24.17 15.25
N LEU U 31 28.03 -23.44 15.03
CA LEU U 31 27.03 -23.92 14.10
C LEU U 31 27.55 -23.90 12.65
N LYS U 32 28.21 -22.81 12.25
CA LYS U 32 28.76 -22.76 10.91
C LYS U 32 29.88 -23.77 10.71
N GLN U 33 30.61 -24.09 11.77
CA GLN U 33 31.60 -25.15 11.68
C GLN U 33 30.96 -26.49 11.41
N ALA U 34 29.85 -26.80 12.08
CA ALA U 34 29.16 -28.05 11.84
C ALA U 34 28.63 -28.11 10.41
N GLN U 35 27.94 -27.05 9.98
CA GLN U 35 27.41 -27.00 8.62
C GLN U 35 28.49 -27.28 7.59
N ASP U 36 29.66 -26.66 7.76
CA ASP U 36 30.79 -26.89 6.87
C ASP U 36 31.26 -28.34 6.91
N ALA U 37 31.15 -29.00 8.07
CA ALA U 37 31.62 -30.38 8.16
C ALA U 37 30.66 -31.36 7.47
N ILE U 38 29.36 -31.15 7.61
CA ILE U 38 28.40 -31.99 6.89
C ILE U 38 28.53 -31.79 5.39
N ILE U 39 28.67 -30.53 4.94
CA ILE U 39 28.81 -30.26 3.51
C ILE U 39 30.06 -30.91 2.95
N ARG U 40 31.18 -30.73 3.66
CA ARG U 40 32.45 -31.24 3.16
C ARG U 40 32.46 -32.76 3.13
N GLU U 41 31.82 -33.41 4.11
CA GLU U 41 31.80 -34.86 4.13
C GLU U 41 31.00 -35.41 2.95
N GLN U 42 29.88 -34.77 2.61
CA GLN U 42 29.10 -35.23 1.46
C GLN U 42 29.89 -35.11 0.18
N TRP U 43 30.65 -34.03 0.02
CA TRP U 43 31.43 -33.85 -1.19
C TRP U 43 32.53 -34.89 -1.31
N VAL U 44 33.12 -35.28 -0.19
CA VAL U 44 34.19 -36.28 -0.21
C VAL U 44 33.66 -37.61 -0.71
N GLN U 45 32.50 -38.03 -0.21
CA GLN U 45 31.88 -39.26 -0.67
C GLN U 45 31.55 -39.17 -2.15
N VAL U 46 31.09 -38.00 -2.58
CA VAL U 46 30.80 -37.76 -3.98
C VAL U 46 32.07 -37.80 -4.83
N MET U 47 33.13 -37.12 -4.37
CA MET U 47 34.38 -37.13 -5.10
C MET U 47 35.02 -38.51 -5.10
N MET U 48 34.70 -39.34 -4.11
CA MET U 48 35.17 -40.72 -4.12
C MET U 48 34.58 -41.49 -5.29
N GLY U 49 33.27 -41.33 -5.52
CA GLY U 49 32.65 -41.96 -6.67
C GLY U 49 33.25 -41.49 -7.98
N ARG U 50 33.60 -40.21 -8.05
CA ARG U 50 34.21 -39.67 -9.26
C ARG U 50 35.53 -40.34 -9.57
N LEU U 51 36.32 -40.65 -8.53
CA LEU U 51 37.60 -41.31 -8.74
C LEU U 51 37.41 -42.78 -9.11
N VAL U 52 36.41 -43.44 -8.53
CA VAL U 52 36.13 -44.83 -8.90
C VAL U 52 35.70 -44.91 -10.35
N ARG U 53 34.84 -43.98 -10.78
CA ARG U 53 34.40 -43.93 -12.16
C ARG U 53 35.58 -43.73 -13.11
N GLU U 54 36.57 -42.93 -12.69
CA GLU U 54 37.75 -42.72 -13.51
C GLU U 54 38.54 -44.01 -13.68
N GLU U 55 38.69 -44.79 -12.62
CA GLU U 55 39.39 -46.06 -12.71
C GLU U 55 38.61 -47.04 -13.58
N LEU U 56 37.30 -47.14 -13.36
CA LEU U 56 36.46 -47.97 -14.21
C LEU U 56 36.60 -47.59 -15.68
N SER U 57 36.75 -46.30 -15.97
CA SER U 57 36.91 -45.86 -17.35
C SER U 57 38.20 -46.40 -17.96
N LYS U 58 39.29 -46.36 -17.19
CA LYS U 58 40.57 -46.86 -17.71
C LYS U 58 40.54 -48.36 -17.92
N CYS U 59 39.88 -49.11 -17.04
CA CYS U 59 39.92 -50.56 -17.23
C CYS U 59 39.03 -50.98 -18.38
N TYR U 60 37.92 -50.27 -18.60
CA TYR U 60 37.05 -50.57 -19.74
C TYR U 60 37.80 -50.42 -21.05
N TYR U 61 38.52 -49.32 -21.22
CA TYR U 61 39.34 -49.12 -22.41
C TYR U 61 40.61 -49.97 -22.39
N ARG U 62 40.92 -50.62 -21.28
CA ARG U 62 42.03 -51.55 -21.23
C ARG U 62 41.61 -52.98 -21.52
N GLU U 63 40.50 -53.43 -20.97
CA GLU U 63 40.08 -54.82 -21.14
C GLU U 63 39.17 -55.04 -22.34
N GLY U 64 38.64 -53.99 -22.94
CA GLY U 64 37.86 -54.11 -24.15
C GLY U 64 36.69 -55.08 -24.06
N VAL U 65 36.81 -56.19 -24.78
CA VAL U 65 35.73 -57.17 -24.88
C VAL U 65 35.43 -57.80 -23.53
N ASN U 66 36.82 -57.87 -22.79
CA ASN U 66 36.90 -58.57 -21.46
C ASN U 66 36.44 -57.70 -20.27
N HIS U 67 35.80 -56.51 -20.54
CA HIS U 67 35.48 -55.60 -19.44
C HIS U 67 34.38 -56.18 -18.55
N LEU U 68 33.49 -57.00 -19.11
CA LEU U 68 32.38 -57.55 -18.36
C LEU U 68 32.83 -58.50 -17.28
N GLU U 69 34.09 -58.91 -17.30
CA GLU U 69 34.63 -59.87 -16.37
C GLU U 69 35.74 -59.31 -15.49
N LYS U 70 36.49 -58.32 -15.97
CA LYS U 70 37.66 -57.83 -15.27
C LYS U 70 37.42 -56.53 -14.53
N CYS U 71 36.29 -55.86 -14.76
CA CYS U 71 36.04 -54.56 -14.15
C CYS U 71 34.94 -54.62 -13.09
N GLY U 72 34.63 -55.81 -12.59
CA GLY U 72 33.51 -55.95 -11.67
C GLY U 72 33.75 -55.28 -10.32
N LYS U 73 34.98 -55.32 -9.82
CA LYS U 73 35.25 -54.77 -8.49
C LYS U 73 35.02 -53.27 -8.47
N LEU U 74 35.57 -52.54 -9.44
CA LEU U 74 35.26 -51.12 -9.59
C LEU U 74 33.79 -50.91 -9.89
N ARG U 75 33.23 -51.78 -10.73
CA ARG U 75 31.81 -51.72 -11.07
C ARG U 75 30.96 -51.73 -9.80
N GLU U 76 31.22 -52.68 -8.90
CA GLU U 76 30.45 -52.75 -7.66
C GLU U 76 30.68 -51.52 -6.80
N ARG U 77 31.93 -51.07 -6.70
CA ARG U 77 32.23 -49.91 -5.86
C ARG U 77 31.48 -48.67 -6.33
N TYR U 78 31.51 -48.40 -7.64
CA TYR U 78 30.87 -47.21 -8.17
C TYR U 78 29.37 -47.24 -7.93
N LEU U 79 28.74 -48.39 -8.13
CA LEU U 79 27.31 -48.50 -7.90
C LEU U 79 26.96 -48.27 -6.44
N GLN U 80 27.81 -48.74 -5.53
CA GLN U 80 27.56 -48.51 -4.11
C GLN U 80 27.64 -47.02 -3.77
N LEU U 81 28.66 -46.34 -4.29
CA LEU U 81 28.78 -44.90 -4.09
C LEU U 81 27.63 -44.16 -4.77
N LEU U 82 27.28 -44.57 -5.99
CA LEU U 82 26.17 -43.93 -6.68
C LEU U 82 24.86 -44.14 -5.95
N ALA U 83 24.70 -45.24 -5.23
CA ALA U 83 23.48 -45.47 -4.49
C ALA U 83 23.42 -44.71 -3.17
N ASN U 84 24.54 -44.17 -2.70
CA ASN U 84 24.61 -43.65 -1.35
C ASN U 84 25.06 -42.20 -1.26
N ALA U 85 25.94 -41.75 -2.14
CA ALA U 85 26.56 -40.44 -2.02
C ALA U 85 25.74 -39.40 -2.76
N LYS U 86 25.39 -38.32 -2.07
CA LYS U 86 24.69 -37.20 -2.68
C LYS U 86 24.85 -35.98 -1.80
N VAL U 87 25.12 -34.85 -2.44
CA VAL U 87 25.14 -33.58 -1.72
C VAL U 87 23.71 -33.21 -1.36
N LYS U 88 23.36 -33.39 -0.10
CA LYS U 88 22.01 -33.13 0.38
C LYS U 88 21.89 -31.87 1.20
N GLY U 89 22.99 -31.20 1.50
CA GLY U 89 22.98 -30.06 2.38
C GLY U 89 22.95 -30.47 3.84
N TYR U 90 23.08 -29.44 4.69
CA TYR U 90 23.07 -29.60 6.13
C TYR U 90 21.71 -29.33 6.76
N LEU U 91 20.78 -28.76 6.00
CA LEU U 91 19.68 -28.01 6.58
C LEU U 91 18.54 -28.90 7.04
N PHE U 92 18.36 -30.08 6.47
CA PHE U 92 17.42 -31.02 7.05
C PHE U 92 17.93 -31.54 8.39
N GLU U 93 19.20 -31.93 8.45
CA GLU U 93 19.81 -32.43 9.67
C GLU U 93 19.98 -31.34 10.72
N GLN U 94 20.07 -30.08 10.32
CA GLN U 94 20.11 -28.99 11.29
C GLN U 94 18.74 -28.81 11.95
N GLN U 95 17.68 -29.06 11.20
CA GLN U 95 16.33 -28.82 11.69
C GLN U 95 15.64 -30.06 12.26
N ASN U 96 16.23 -31.24 12.12
CA ASN U 96 15.56 -32.49 12.43
C ASN U 96 16.54 -33.41 13.15
N TYR U 97 16.35 -33.63 14.46
CA TYR U 97 17.20 -34.57 15.16
C TYR U 97 16.57 -35.97 15.13
N TRP U 98 17.44 -36.96 15.08
CA TRP U 98 17.02 -38.36 14.96
C TRP U 98 17.83 -39.19 15.93
N SER U 99 17.24 -40.29 16.38
CA SER U 99 17.89 -41.20 17.31
C SER U 99 17.86 -42.61 16.77
N LYS U 100 18.90 -43.37 17.08
CA LYS U 100 18.93 -44.79 16.70
C LYS U 100 17.99 -45.61 17.56
N GLU U 101 17.86 -45.26 18.84
CA GLU U 101 17.05 -46.04 19.77
C GLU U 101 15.55 -45.88 19.53
N ASN U 102 15.14 -44.95 18.69
CA ASN U 102 13.72 -44.74 18.41
C ASN U 102 13.15 -45.94 17.67
N SER V 9 35.41 -34.41 -76.19
CA SER V 9 36.76 -34.80 -75.78
C SER V 9 36.94 -36.30 -75.89
N ARG V 10 38.20 -36.75 -75.81
CA ARG V 10 38.54 -38.15 -75.92
C ARG V 10 38.90 -38.80 -74.60
N VAL V 11 39.48 -38.05 -73.66
CA VAL V 11 39.86 -38.63 -72.37
C VAL V 11 38.63 -39.08 -71.60
N HIS V 12 37.52 -38.33 -71.71
CA HIS V 12 36.31 -38.70 -70.99
C HIS V 12 35.77 -40.05 -71.46
N ARG V 13 35.78 -40.28 -72.77
CA ARG V 13 35.31 -41.55 -73.29
C ARG V 13 36.19 -42.71 -72.81
N PHE V 14 37.51 -42.50 -72.80
CA PHE V 14 38.40 -43.53 -72.31
C PHE V 14 38.14 -43.79 -70.83
N LEU V 15 38.00 -42.73 -70.04
CA LEU V 15 37.66 -42.89 -68.64
C LEU V 15 36.31 -43.56 -68.48
N ALA V 16 35.33 -43.15 -69.30
CA ALA V 16 34.01 -43.79 -69.25
C ALA V 16 34.12 -45.26 -69.59
N THR V 17 34.83 -45.58 -70.67
CA THR V 17 34.93 -46.97 -71.11
C THR V 17 35.77 -47.81 -70.16
N GLY V 18 36.80 -47.21 -69.57
CA GLY V 18 37.70 -47.99 -68.73
C GLY V 18 37.02 -48.53 -67.49
N LEU V 19 36.26 -47.69 -66.78
CA LEU V 19 35.60 -48.15 -65.58
C LEU V 19 34.50 -49.16 -65.90
N GLY V 20 33.77 -48.93 -66.98
CA GLY V 20 32.79 -49.91 -67.41
C GLY V 20 33.42 -51.24 -67.77
N ALA V 21 34.56 -51.19 -68.45
CA ALA V 21 35.31 -52.41 -68.69
C ALA V 21 35.83 -53.00 -67.38
N SER V 22 36.33 -52.14 -66.50
CA SER V 22 36.78 -52.60 -65.19
C SER V 22 35.65 -53.25 -64.41
N MET V 23 34.46 -52.69 -64.51
CA MET V 23 33.35 -53.21 -63.71
C MET V 23 32.97 -54.61 -64.21
N TRP V 24 32.80 -54.80 -65.52
CA TRP V 24 32.33 -56.09 -66.03
C TRP V 24 33.41 -57.15 -65.94
N PHE V 25 34.67 -56.80 -66.22
CA PHE V 25 35.74 -57.76 -66.03
C PHE V 25 35.84 -58.18 -64.57
N TRP V 26 35.69 -57.22 -63.65
CA TRP V 26 35.66 -57.56 -62.23
C TRP V 26 34.49 -58.48 -61.91
N ILE V 27 33.33 -58.20 -62.48
CA ILE V 27 32.18 -59.06 -62.25
C ILE V 27 32.41 -60.44 -62.83
N PHE V 28 32.98 -60.52 -64.03
CA PHE V 28 33.25 -61.83 -64.63
C PHE V 28 34.24 -62.62 -63.80
N TYR V 29 35.26 -61.94 -63.26
CA TYR V 29 36.25 -62.62 -62.44
C TYR V 29 35.62 -63.26 -61.22
N ARG V 30 34.83 -62.50 -60.48
CA ARG V 30 34.18 -63.03 -59.30
C ARG V 30 33.05 -63.99 -59.63
N ALA V 31 32.47 -63.88 -60.83
CA ALA V 31 31.48 -64.87 -61.24
C ALA V 31 32.12 -66.23 -61.41
N LYS V 32 33.31 -66.27 -62.02
CA LYS V 32 33.99 -67.55 -62.23
C LYS V 32 34.49 -68.13 -60.92
N LYS V 33 34.94 -67.30 -59.99
CA LYS V 33 35.56 -67.79 -58.76
C LYS V 33 34.54 -67.96 -57.65
N ASP V 34 33.88 -66.88 -57.24
CA ASP V 34 32.95 -66.93 -56.13
C ASP V 34 31.55 -67.34 -56.54
N GLY V 35 31.26 -67.39 -57.84
CA GLY V 35 29.96 -67.76 -58.33
C GLY V 35 29.52 -69.16 -57.96
N PRO V 36 30.38 -70.16 -58.17
CA PRO V 36 30.00 -71.53 -57.79
C PRO V 36 29.59 -71.66 -56.34
N VAL V 37 30.30 -70.99 -55.42
CA VAL V 37 29.93 -71.05 -54.02
C VAL V 37 28.64 -70.29 -53.76
N LEU V 38 28.46 -69.15 -54.43
CA LEU V 38 27.26 -68.35 -54.23
C LEU V 38 26.01 -69.11 -54.68
N LEU V 39 26.11 -69.84 -55.79
CA LEU V 39 24.96 -70.59 -56.28
C LEU V 39 24.65 -71.83 -55.45
N GLY V 40 25.52 -72.18 -54.50
CA GLY V 40 25.29 -73.33 -53.65
C GLY V 40 25.78 -74.64 -54.19
N TRP V 41 26.54 -74.64 -55.28
CA TRP V 41 27.06 -75.90 -55.83
C TRP V 41 28.14 -76.48 -54.91
N LYS V 42 29.08 -75.66 -54.47
CA LYS V 42 30.29 -76.12 -53.79
C LYS V 42 30.52 -75.30 -52.54
N HIS V 43 30.85 -75.99 -51.44
CA HIS V 43 31.23 -75.31 -50.21
C HIS V 43 32.61 -74.66 -50.37
N PRO V 44 32.88 -73.59 -49.64
CA PRO V 44 34.15 -72.86 -49.84
C PRO V 44 35.39 -73.72 -49.61
N TRP V 45 35.35 -74.69 -48.70
CA TRP V 45 36.55 -75.47 -48.42
C TRP V 45 36.75 -76.63 -49.39
N ASP V 46 35.78 -76.90 -50.26
CA ASP V 46 35.91 -77.99 -51.22
C ASP V 46 36.78 -77.59 -52.40
N THR W 4 1.53 68.28 16.04
CA THR W 4 0.11 68.20 16.41
C THR W 4 -0.11 67.19 17.53
N THR W 5 -0.72 66.07 17.14
CA THR W 5 -1.03 65.00 18.13
C THR W 5 0.28 64.33 18.55
N PRO W 6 0.61 64.29 19.86
CA PRO W 6 1.87 63.69 20.31
C PRO W 6 1.86 62.18 20.18
N ARG W 7 3.05 61.61 20.26
CA ARG W 7 3.24 60.15 20.20
C ARG W 7 3.75 59.79 21.59
N PHE W 8 3.23 58.73 22.18
CA PHE W 8 3.54 58.39 23.56
C PHE W 8 4.99 57.94 23.73
N TRP W 9 5.50 57.13 22.81
CA TRP W 9 6.85 56.62 22.99
C TRP W 9 7.91 57.69 22.73
N SER W 10 7.57 58.74 21.98
CA SER W 10 8.49 59.85 21.82
C SER W 10 8.58 60.68 23.10
N THR W 11 7.46 61.27 23.51
CA THR W 11 7.40 62.08 24.72
C THR W 11 6.24 61.61 25.58
N PRO W 12 6.51 60.72 26.54
CA PRO W 12 5.42 60.11 27.32
C PRO W 12 4.65 61.11 28.17
N LEU W 13 5.34 62.02 28.84
CA LEU W 13 4.68 63.00 29.69
C LEU W 13 3.78 63.93 28.88
N LYS W 14 4.26 64.38 27.72
CA LYS W 14 3.45 65.25 26.89
C LYS W 14 2.19 64.52 26.40
N TYR W 15 2.34 63.23 26.06
CA TYR W 15 1.19 62.46 25.61
C TYR W 15 0.14 62.36 26.70
N CYS W 16 0.56 62.07 27.93
CA CYS W 16 -0.39 61.95 29.02
C CYS W 16 -1.12 63.25 29.28
N ARG W 17 -0.43 64.37 29.12
CA ARG W 17 -1.07 65.67 29.21
C ARG W 17 -2.11 65.85 28.12
N TRP W 18 -1.77 65.48 26.88
CA TRP W 18 -2.72 65.61 25.79
C TRP W 18 -3.91 64.67 25.98
N ALA W 19 -3.65 63.44 26.42
CA ALA W 19 -4.71 62.46 26.57
C ALA W 19 -5.73 62.90 27.61
N ALA W 20 -5.26 63.46 28.73
CA ALA W 20 -6.17 63.94 29.76
C ALA W 20 -7.09 65.04 29.23
N ARG W 21 -6.57 65.90 28.37
CA ARG W 21 -7.35 67.01 27.83
C ARG W 21 -8.12 66.67 26.58
N GLU W 22 -7.67 65.68 25.82
CA GLU W 22 -8.23 65.41 24.50
C GLU W 22 -9.00 64.11 24.40
N ARG W 23 -8.65 63.11 25.21
CA ARG W 23 -9.44 61.88 25.30
C ARG W 23 -9.73 61.56 26.77
N PRO W 24 -10.40 62.47 27.49
CA PRO W 24 -10.51 62.31 28.94
C PRO W 24 -11.15 61.00 29.38
N ALA W 25 -12.21 60.56 28.68
CA ALA W 25 -12.90 59.34 29.08
C ALA W 25 -11.99 58.14 29.02
N LEU W 26 -11.24 57.99 27.92
CA LEU W 26 -10.33 56.87 27.78
C LEU W 26 -9.12 57.02 28.69
N PHE W 27 -8.63 58.25 28.86
CA PHE W 27 -7.42 58.44 29.66
C PHE W 27 -7.67 58.12 31.12
N PHE W 28 -8.72 58.69 31.70
CA PHE W 28 -8.96 58.49 33.13
C PHE W 28 -9.53 57.11 33.40
N SER W 29 -10.13 56.49 32.40
CA SER W 29 -10.49 55.08 32.53
C SER W 29 -9.24 54.22 32.73
N VAL W 30 -8.17 54.52 31.99
CA VAL W 30 -6.90 53.85 32.20
C VAL W 30 -6.34 54.19 33.58
N VAL W 31 -6.53 55.42 34.04
CA VAL W 31 -6.04 55.81 35.35
C VAL W 31 -6.83 55.11 36.45
N ILE W 32 -8.15 55.09 36.33
CA ILE W 32 -8.99 54.45 37.34
C ILE W 32 -8.69 52.96 37.44
N GLY W 33 -8.54 52.31 36.28
CA GLY W 33 -8.27 50.89 36.28
C GLY W 33 -6.93 50.55 36.90
N ALA W 34 -5.96 51.45 36.77
CA ALA W 34 -4.63 51.25 37.34
C ALA W 34 -4.60 51.48 38.84
N LEU W 35 -5.57 52.21 39.39
CA LEU W 35 -5.60 52.47 40.82
C LEU W 35 -5.95 51.23 41.63
N GLY W 36 -6.58 50.25 41.01
CA GLY W 36 -6.86 48.99 41.67
C GLY W 36 -5.61 48.29 42.13
N PRO W 37 -4.76 47.92 41.18
CA PRO W 37 -3.46 47.32 41.54
C PRO W 37 -2.63 48.19 42.46
N VAL W 38 -2.68 49.52 42.28
CA VAL W 38 -1.88 50.39 43.13
C VAL W 38 -2.34 50.33 44.58
N THR W 39 -3.66 50.37 44.79
CA THR W 39 -4.18 50.27 46.16
C THR W 39 -3.99 48.88 46.74
N LEU W 40 -3.93 47.85 45.89
CA LEU W 40 -3.61 46.51 46.37
C LEU W 40 -2.21 46.43 46.91
N ALA W 41 -1.29 47.24 46.40
CA ALA W 41 0.10 47.20 46.81
C ALA W 41 0.44 48.21 47.90
N THR W 42 -0.45 49.11 48.24
CA THR W 42 -0.11 50.18 49.15
C THR W 42 -0.91 50.18 50.44
N VAL W 43 -2.20 49.91 50.36
CA VAL W 43 -3.10 50.11 51.49
C VAL W 43 -2.94 48.98 52.51
N PRO W 44 -2.97 47.70 52.12
CA PRO W 44 -2.75 46.64 53.12
C PRO W 44 -1.41 46.79 53.82
N PRO W 45 -0.31 47.14 53.12
CA PRO W 45 0.93 47.41 53.87
C PRO W 45 0.80 48.53 54.88
N LEU W 46 0.09 49.60 54.53
CA LEU W 46 -0.03 50.74 55.44
C LEU W 46 -0.97 50.42 56.59
N ARG W 47 -2.03 49.65 56.34
CA ARG W 47 -2.96 49.29 57.40
C ARG W 47 -2.27 48.52 58.51
N ARG W 48 -1.38 47.60 58.14
CA ARG W 48 -0.61 46.88 59.15
C ARG W 48 0.24 47.82 59.98
N LEU W 49 0.85 48.83 59.33
CA LEU W 49 1.65 49.79 60.06
C LEU W 49 0.82 50.58 61.06
N ILE W 50 -0.39 50.98 60.67
CA ILE W 50 -1.25 51.78 61.55
C ILE W 50 -2.10 50.93 62.47
N GLY W 51 -1.93 49.62 62.46
CA GLY W 51 -2.65 48.75 63.38
C GLY W 51 -4.03 48.32 62.94
N ASP W 52 -4.43 48.64 61.71
CA ASP W 52 -5.75 48.27 61.20
C ASP W 52 -5.74 46.79 60.82
N VAL W 53 -6.04 45.94 61.78
CA VAL W 53 -5.87 44.50 61.64
C VAL W 53 -7.10 43.90 60.96
N ASP W 54 -6.87 42.88 60.14
CA ASP W 54 -7.97 42.23 59.44
C ASP W 54 -8.79 41.39 60.41
N ALA W 55 -10.10 41.42 60.22
CA ALA W 55 -11.00 40.59 61.02
C ALA W 55 -10.83 39.12 60.67
N ALA W 56 -10.97 38.27 61.67
CA ALA W 56 -10.97 36.83 61.44
C ALA W 56 -12.19 36.42 60.64
N PRO W 57 -12.09 35.35 59.86
CA PRO W 57 -13.27 34.85 59.15
C PRO W 57 -14.35 34.39 60.12
N ILE W 58 -15.60 34.61 59.74
CA ILE W 58 -16.73 34.16 60.53
C ILE W 58 -16.91 32.68 60.24
N PRO W 59 -17.43 31.89 61.18
CA PRO W 59 -17.66 30.46 60.89
C PRO W 59 -18.74 30.27 59.83
N LEU W 60 -18.45 29.39 58.88
CA LEU W 60 -19.41 29.00 57.86
C LEU W 60 -19.67 27.50 57.90
N THR W 61 -19.16 26.82 58.92
CA THR W 61 -19.44 25.42 59.20
C THR W 61 -19.29 25.27 60.71
N TYR W 62 -19.81 24.16 61.23
CA TYR W 62 -19.69 23.94 62.67
C TYR W 62 -18.22 23.82 63.06
N PRO W 63 -17.78 24.54 64.09
CA PRO W 63 -16.36 24.57 64.43
C PRO W 63 -15.92 23.38 65.27
N ILE W 64 -15.59 22.28 64.61
CA ILE W 64 -15.20 21.05 65.29
C ILE W 64 -13.90 21.27 66.06
N PRO W 65 -13.85 20.95 67.35
CA PRO W 65 -12.62 21.12 68.11
C PRO W 65 -11.61 20.05 67.76
N PRO W 66 -10.35 20.42 67.60
CA PRO W 66 -9.31 19.42 67.32
C PRO W 66 -8.92 18.68 68.60
N GLY W 67 -8.22 17.57 68.42
CA GLY W 67 -7.79 16.76 69.52
C GLY W 67 -8.85 15.77 69.95
N PRO W 68 -8.56 15.00 70.99
CA PRO W 68 -9.49 13.95 71.43
C PRO W 68 -10.68 14.53 72.16
N ARG W 69 -11.71 13.69 72.30
CA ARG W 69 -12.89 14.08 73.05
C ARG W 69 -12.57 14.21 74.53
N LYS W 70 -13.43 14.93 75.25
CA LYS W 70 -13.12 15.41 76.58
C LYS W 70 -13.49 14.45 77.70
N GLN W 71 -14.17 13.35 77.40
CA GLN W 71 -14.56 12.37 78.41
C GLN W 71 -15.38 13.02 79.51
N LEU W 72 -16.56 13.51 79.12
CA LEU W 72 -17.44 14.22 80.02
C LEU W 72 -18.36 13.26 80.77
N LYS W 73 -18.72 13.66 81.99
CA LYS W 73 -19.76 13.00 82.77
C LYS W 73 -20.77 14.05 83.19
N GLY W 74 -22.03 13.77 82.98
CA GLY W 74 -23.09 14.68 83.34
C GLY W 74 -24.25 14.56 82.37
N TYR W 75 -25.45 14.86 82.89
CA TYR W 75 -26.69 14.83 82.11
C TYR W 75 -26.92 13.48 81.45
N ASP W 76 -26.52 12.42 82.12
CA ASP W 76 -26.72 11.07 81.62
C ASP W 76 -28.17 10.65 81.81
N ASP W 77 -28.45 9.38 81.47
CA ASP W 77 -29.83 8.92 81.49
C ASP W 77 -30.39 8.84 82.90
N ASP W 78 -29.53 8.62 83.89
CA ASP W 78 -29.99 8.64 85.27
C ASP W 78 -30.42 10.04 85.69
N THR W 79 -29.90 11.07 85.02
CA THR W 79 -30.29 12.44 85.36
C THR W 79 -31.65 12.79 84.77
N GLU W 80 -32.13 12.02 83.80
CA GLU W 80 -33.44 12.29 83.23
C GLU W 80 -34.53 12.02 84.25
N ASP W 81 -35.50 12.92 84.33
CA ASP W 81 -36.60 12.84 85.30
C ASP W 81 -36.07 12.78 86.73
N PRO X 5 26.91 -14.62 -67.17
CA PRO X 5 27.13 -13.30 -66.57
C PRO X 5 27.23 -13.38 -65.05
N LYS X 6 27.44 -12.25 -64.40
CA LYS X 6 27.55 -12.19 -62.95
C LYS X 6 26.65 -11.09 -62.41
N ILE X 7 26.03 -11.36 -61.27
CA ILE X 7 24.97 -10.51 -60.72
C ILE X 7 25.55 -9.19 -60.24
N PRO X 8 24.80 -8.09 -60.37
CA PRO X 8 25.24 -6.82 -59.79
C PRO X 8 24.98 -6.78 -58.29
N TYR X 9 25.70 -5.90 -57.61
CA TYR X 9 25.67 -5.88 -56.15
C TYR X 9 26.18 -4.54 -55.67
N PRO X 10 25.85 -4.15 -54.43
CA PRO X 10 26.34 -2.88 -53.90
C PRO X 10 27.81 -2.96 -53.51
N LYS X 11 28.57 -1.96 -53.92
CA LYS X 11 29.99 -1.92 -53.57
C LYS X 11 30.25 -1.35 -52.19
N HIS X 12 29.22 -0.84 -51.51
CA HIS X 12 29.39 -0.29 -50.18
C HIS X 12 29.25 -1.32 -49.07
N VAL X 13 28.82 -2.54 -49.37
CA VAL X 13 28.58 -3.55 -48.36
C VAL X 13 29.88 -4.27 -48.05
N TRP X 14 30.33 -4.17 -46.80
CA TRP X 14 31.56 -4.80 -46.33
C TRP X 14 31.21 -6.09 -45.62
N SER X 15 31.77 -7.20 -46.08
CA SER X 15 31.50 -8.50 -45.50
C SER X 15 32.81 -9.20 -45.19
N PRO X 16 32.94 -9.80 -44.00
CA PRO X 16 34.20 -10.47 -43.64
C PRO X 16 34.56 -11.63 -44.53
N ALA X 17 33.57 -12.29 -45.14
CA ALA X 17 33.86 -13.43 -46.01
C ALA X 17 34.18 -13.02 -47.43
N GLY X 18 34.08 -11.74 -47.75
CA GLY X 18 34.52 -11.24 -49.04
C GLY X 18 33.46 -10.49 -49.81
N GLY X 19 32.23 -10.99 -49.79
CA GLY X 19 31.19 -10.39 -50.60
C GLY X 19 30.88 -11.21 -51.83
N TRP X 20 31.00 -10.61 -53.01
CA TRP X 20 30.39 -11.16 -54.22
C TRP X 20 31.37 -11.85 -55.16
N TYR X 21 32.44 -11.22 -55.56
CA TYR X 21 33.38 -12.00 -56.37
C TYR X 21 34.78 -11.71 -55.90
N ALA X 22 34.94 -11.69 -54.58
CA ALA X 22 36.06 -11.03 -53.95
C ALA X 22 37.32 -11.86 -54.09
N GLN X 23 38.33 -11.29 -54.71
CA GLN X 23 39.66 -11.86 -54.65
C GLN X 23 40.66 -10.72 -54.71
N PRO X 24 41.33 -10.41 -53.60
CA PRO X 24 42.35 -9.36 -53.62
C PRO X 24 43.49 -9.73 -54.54
N ALA X 25 44.16 -8.69 -55.06
CA ALA X 25 45.32 -8.92 -55.91
C ALA X 25 46.39 -9.71 -55.20
N ASN X 26 46.50 -9.55 -53.87
CA ASN X 26 47.53 -10.19 -53.06
C ASN X 26 47.04 -11.47 -52.39
N TRP X 27 46.13 -12.21 -53.03
CA TRP X 27 45.49 -13.33 -52.35
C TRP X 27 46.47 -14.46 -52.07
N LYS X 28 47.46 -14.67 -52.93
CA LYS X 28 48.44 -15.71 -52.69
C LYS X 28 49.30 -15.40 -51.47
N GLN X 29 49.65 -14.13 -51.30
CA GLN X 29 50.50 -13.70 -50.17
C GLN X 29 49.71 -13.88 -48.88
N ASN X 30 48.46 -13.45 -48.89
CA ASN X 30 47.61 -13.59 -47.71
C ASN X 30 47.34 -15.06 -47.40
N THR X 31 47.11 -15.87 -48.44
CA THR X 31 46.89 -17.30 -48.23
C THR X 31 48.13 -17.94 -47.64
N ALA X 32 49.32 -17.48 -48.06
CA ALA X 32 50.56 -18.01 -47.51
C ALA X 32 50.67 -17.72 -46.02
N ILE X 33 50.34 -16.50 -45.59
CA ILE X 33 50.41 -16.18 -44.17
C ILE X 33 49.43 -17.04 -43.38
N PHE X 34 48.18 -17.10 -43.83
CA PHE X 34 47.17 -17.84 -43.08
C PHE X 34 47.49 -19.32 -43.02
N GLY X 35 47.93 -19.89 -44.14
CA GLY X 35 48.38 -21.28 -44.11
C GLY X 35 49.53 -21.49 -43.15
N LEU X 36 50.43 -20.50 -43.05
CA LEU X 36 51.50 -20.57 -42.07
C LEU X 36 50.95 -20.52 -40.66
N VAL X 37 49.96 -19.65 -40.42
CA VAL X 37 49.30 -19.60 -39.12
C VAL X 37 48.62 -20.93 -38.82
N ILE X 38 47.98 -21.52 -39.82
CA ILE X 38 47.29 -22.79 -39.63
C ILE X 38 48.29 -23.88 -39.26
N PHE X 39 49.44 -23.90 -39.94
CA PHE X 39 50.47 -24.87 -39.59
C PHE X 39 50.95 -24.65 -38.16
N GLY X 40 51.14 -23.41 -37.76
CA GLY X 40 51.66 -23.14 -36.43
C GLY X 40 50.73 -23.59 -35.33
N ILE X 41 49.43 -23.29 -35.48
CA ILE X 41 48.46 -23.75 -34.50
C ILE X 41 48.36 -25.27 -34.53
N THR X 42 48.31 -25.85 -35.73
CA THR X 42 48.18 -27.30 -35.85
C THR X 42 49.36 -27.99 -35.17
N ALA X 43 50.57 -27.47 -35.36
CA ALA X 43 51.74 -28.06 -34.74
C ALA X 43 51.64 -28.02 -33.22
N MET X 44 51.17 -26.90 -32.66
CA MET X 44 50.94 -26.82 -31.23
C MET X 44 49.93 -27.86 -30.77
N VAL X 45 48.85 -28.03 -31.54
CA VAL X 45 47.88 -29.07 -31.22
C VAL X 45 48.50 -30.44 -31.35
N TRP X 46 49.35 -30.64 -32.36
CA TRP X 46 50.05 -31.91 -32.51
C TRP X 46 50.94 -32.19 -31.30
N LYS X 47 51.66 -31.18 -30.83
CA LYS X 47 52.53 -31.36 -29.67
C LYS X 47 51.71 -31.72 -28.44
N TYR X 48 50.57 -31.07 -28.25
CA TYR X 48 49.72 -31.40 -27.11
C TYR X 48 49.22 -32.83 -27.21
N SER X 49 48.77 -33.25 -28.39
CA SER X 49 48.22 -34.59 -28.56
C SER X 49 49.27 -35.64 -28.28
N ALA X 50 50.47 -35.47 -28.83
CA ALA X 50 51.53 -36.46 -28.67
C ALA X 50 52.00 -36.61 -27.24
N GLU X 51 51.64 -35.68 -26.37
CA GLU X 51 52.00 -35.76 -24.96
C GLU X 51 50.86 -36.23 -24.08
N HIS X 52 49.62 -35.97 -24.46
CA HIS X 52 48.50 -36.23 -23.59
C HIS X 52 47.64 -37.41 -24.02
N GLU X 53 47.95 -38.05 -25.13
CA GLU X 53 47.22 -39.25 -25.52
C GLU X 53 47.48 -40.37 -24.52
N VAL X 54 46.51 -41.27 -24.40
CA VAL X 54 46.63 -42.40 -23.49
C VAL X 54 46.29 -43.67 -24.26
N ARG X 55 47.13 -44.69 -24.11
CA ARG X 55 46.86 -46.01 -24.66
C ARG X 55 46.99 -47.03 -23.56
N HIS X 56 46.36 -48.19 -23.75
CA HIS X 56 46.49 -49.30 -22.83
C HIS X 56 47.16 -50.51 -23.43
N LYS X 57 47.35 -50.53 -24.75
CA LYS X 57 48.19 -51.52 -25.40
C LYS X 57 49.15 -50.77 -26.30
N MET X 58 50.39 -51.24 -26.35
CA MET X 58 51.37 -50.63 -27.23
C MET X 58 51.46 -51.40 -28.54
N PRO X 59 51.87 -50.77 -29.62
CA PRO X 59 51.99 -51.49 -30.88
C PRO X 59 53.18 -52.45 -30.87
N GLU X 60 53.08 -53.48 -31.71
CA GLU X 60 54.17 -54.41 -31.87
C GLU X 60 55.29 -53.76 -32.68
N PRO X 61 56.54 -54.19 -32.45
CA PRO X 61 57.67 -53.49 -33.08
C PRO X 61 57.66 -53.50 -34.60
N ASP X 62 57.14 -54.56 -35.22
CA ASP X 62 57.23 -54.72 -36.67
C ASP X 62 56.03 -54.16 -37.42
N ARG X 63 55.06 -53.57 -36.73
CA ARG X 63 53.83 -53.11 -37.36
C ARG X 63 53.91 -51.61 -37.67
N PHE X 64 53.21 -51.21 -38.73
CA PHE X 64 53.19 -49.83 -39.17
C PHE X 64 52.37 -49.01 -38.19
N TYR X 65 53.06 -48.29 -37.29
CA TYR X 65 52.42 -47.46 -36.29
C TYR X 65 53.20 -46.17 -36.17
N PRO X 66 53.01 -45.23 -37.10
CA PRO X 66 53.87 -44.03 -37.14
C PRO X 66 53.82 -43.17 -35.89
N SER X 67 52.75 -43.25 -35.08
CA SER X 67 52.71 -42.45 -33.87
C SER X 67 53.84 -42.79 -32.92
N ARG X 68 54.35 -44.02 -32.99
CA ARG X 68 55.51 -44.41 -32.20
C ARG X 68 56.67 -43.43 -32.34
N TYR X 69 56.69 -42.64 -33.40
CA TYR X 69 57.75 -41.67 -33.62
C TYR X 69 57.55 -40.34 -32.91
N TRP X 70 56.37 -40.07 -32.33
CA TRP X 70 56.22 -38.82 -31.59
C TRP X 70 55.47 -38.90 -30.28
N VAL X 71 54.78 -39.98 -29.96
CA VAL X 71 53.92 -40.01 -28.79
C VAL X 71 54.75 -40.39 -27.57
N LYS X 72 54.62 -39.61 -26.50
CA LYS X 72 55.49 -39.77 -25.33
C LYS X 72 55.30 -41.12 -24.66
N GLN X 73 54.06 -41.59 -24.56
CA GLN X 73 53.79 -42.84 -23.87
C GLN X 73 54.49 -44.01 -24.55
N ILE X 74 54.42 -44.09 -25.88
CA ILE X 74 55.03 -45.19 -26.60
C ILE X 74 56.55 -45.02 -26.66
N LYS X 75 57.02 -43.78 -26.80
CA LYS X 75 58.46 -43.54 -26.86
C LYS X 75 59.15 -43.97 -25.57
N ASP X 76 58.53 -43.69 -24.44
CA ASP X 76 59.08 -44.14 -23.17
C ASP X 76 59.09 -45.67 -23.08
N TYR X 77 58.01 -46.31 -23.51
CA TYR X 77 57.93 -47.75 -23.44
C TYR X 77 58.98 -48.41 -24.34
N GLU X 78 59.13 -47.92 -25.56
CA GLU X 78 60.10 -48.50 -26.48
C GLU X 78 61.52 -48.30 -25.98
N ARG X 79 61.83 -47.12 -25.43
CA ARG X 79 63.15 -46.88 -24.89
C ARG X 79 63.43 -47.78 -23.69
N ALA X 80 62.44 -47.95 -22.81
CA ALA X 80 62.63 -48.81 -21.65
C ALA X 80 62.71 -50.28 -22.05
N GLN X 81 61.97 -50.69 -23.07
CA GLN X 81 61.98 -52.09 -23.50
C GLN X 81 63.29 -52.46 -24.20
N LYS X 82 64.04 -51.48 -24.69
CA LYS X 82 65.31 -51.78 -25.34
C LYS X 82 66.36 -52.28 -24.36
N GLU X 83 66.16 -52.04 -23.07
CA GLU X 83 67.07 -52.53 -22.03
C GLU X 83 66.69 -53.97 -21.71
N LYS X 84 67.27 -54.91 -22.45
CA LYS X 84 66.98 -56.32 -22.29
C LYS X 84 68.27 -57.09 -22.03
N GLN X 85 68.11 -58.26 -21.40
CA GLN X 85 69.24 -59.13 -21.05
C GLN X 85 70.26 -58.42 -20.18
N MET Y 1 10.63 11.23 -36.31
CA MET Y 1 9.37 10.70 -35.73
C MET Y 1 9.66 10.09 -34.35
N ALA Y 2 10.85 9.50 -34.15
CA ALA Y 2 11.20 8.96 -32.84
C ALA Y 2 12.66 9.28 -32.55
N GLY Y 3 12.90 10.51 -32.11
CA GLY Y 3 14.23 10.93 -31.74
C GLY Y 3 15.20 11.05 -32.90
N LEU Y 4 16.14 10.12 -33.00
CA LEU Y 4 17.10 10.14 -34.09
C LEU Y 4 16.40 10.00 -35.44
N GLN Y 5 16.95 10.67 -36.44
CA GLN Y 5 16.46 10.50 -37.81
C GLN Y 5 16.79 9.11 -38.32
N HIS Y 6 15.75 8.44 -38.81
CA HIS Y 6 15.92 7.08 -39.35
C HIS Y 6 15.87 7.18 -40.87
N TYR Y 7 16.08 6.07 -41.57
CA TYR Y 7 16.02 6.03 -43.02
C TYR Y 7 14.59 6.17 -43.52
N LYS Y 8 14.47 6.60 -44.77
CA LYS Y 8 13.17 6.66 -45.44
C LYS Y 8 12.62 5.25 -45.64
N ILE Y 9 11.42 5.03 -45.13
CA ILE Y 9 10.72 3.75 -45.22
C ILE Y 9 9.38 4.00 -45.89
N ALA Y 10 9.05 3.16 -46.87
CA ALA Y 10 7.71 3.19 -47.48
C ALA Y 10 6.75 2.54 -46.50
N MET Y 11 6.30 3.34 -45.55
CA MET Y 11 5.41 2.88 -44.48
C MET Y 11 4.03 2.60 -45.05
N ASP Y 12 3.71 1.33 -45.22
CA ASP Y 12 2.47 0.96 -45.89
C ASP Y 12 1.28 1.15 -44.97
N PRO Y 13 0.31 2.00 -45.34
CA PRO Y 13 -0.77 2.35 -44.39
C PRO Y 13 -1.57 1.15 -43.91
N ALA Y 14 -1.81 0.17 -44.78
CA ALA Y 14 -2.52 -1.03 -44.36
C ALA Y 14 -1.76 -1.79 -43.28
N LEU Y 15 -0.44 -1.94 -43.47
CA LEU Y 15 0.37 -2.64 -42.48
C LEU Y 15 0.44 -1.85 -41.18
N VAL Y 16 0.53 -0.53 -41.27
CA VAL Y 16 0.53 0.32 -40.10
C VAL Y 16 -0.81 0.22 -39.38
N ARG Y 17 -1.90 0.19 -40.14
CA ARG Y 17 -3.22 0.08 -39.55
C ARG Y 17 -3.41 -1.28 -38.88
N LEU Y 18 -2.86 -2.34 -39.47
CA LEU Y 18 -2.91 -3.63 -38.81
C LEU Y 18 -2.14 -3.61 -37.50
N GLY Y 19 -0.97 -2.97 -37.50
CA GLY Y 19 -0.20 -2.83 -36.28
C GLY Y 19 -0.93 -2.05 -35.21
N SER Y 20 -1.78 -1.11 -35.60
CA SER Y 20 -2.51 -0.29 -34.60
C SER Y 20 -3.63 -1.12 -34.01
N MET Y 21 -4.37 -1.83 -34.86
CA MET Y 21 -5.41 -2.74 -34.35
C MET Y 21 -4.86 -3.73 -33.30
N ILE Y 22 -3.67 -4.28 -33.49
CA ILE Y 22 -3.10 -5.25 -32.53
C ILE Y 22 -2.79 -4.60 -31.17
N SER Y 23 -2.27 -3.39 -31.16
CA SER Y 23 -1.96 -2.63 -29.93
C SER Y 23 -3.24 -2.27 -29.16
N ASN Y 24 -4.34 -2.02 -29.86
CA ASN Y 24 -5.59 -1.54 -29.22
C ASN Y 24 -6.65 -2.64 -29.05
N ARG Y 25 -6.37 -3.88 -29.44
CA ARG Y 25 -7.43 -4.94 -29.45
C ARG Y 25 -7.98 -5.25 -28.04
N TYR Y 26 -7.19 -5.06 -27.00
CA TYR Y 26 -7.59 -5.29 -25.59
C TYR Y 26 -8.80 -4.41 -25.25
N LYS Y 27 -8.87 -3.22 -25.84
CA LYS Y 27 -10.01 -2.31 -25.58
C LYS Y 27 -11.33 -2.90 -26.07
N TYR Y 28 -11.34 -3.94 -26.90
CA TYR Y 28 -12.58 -4.42 -27.48
C TYR Y 28 -12.91 -5.86 -27.13
N PHE Y 29 -12.21 -6.47 -26.17
CA PHE Y 29 -12.58 -7.80 -25.72
C PHE Y 29 -13.93 -7.78 -25.02
N ARG Y 30 -14.70 -8.82 -25.23
CA ARG Y 30 -15.98 -8.99 -24.56
C ARG Y 30 -16.13 -10.43 -24.11
N TRP Y 31 -16.88 -10.62 -23.04
CA TRP Y 31 -17.24 -11.96 -22.59
C TRP Y 31 -18.37 -12.49 -23.47
N THR Y 32 -18.08 -13.54 -24.22
CA THR Y 32 -19.08 -14.30 -24.95
C THR Y 32 -18.92 -15.75 -24.58
N LYS Y 33 -19.85 -16.58 -25.06
CA LYS Y 33 -19.74 -18.01 -24.79
C LYS Y 33 -18.43 -18.56 -25.32
N ARG Y 34 -18.04 -18.13 -26.51
CA ARG Y 34 -16.78 -18.57 -27.09
C ARG Y 34 -15.58 -18.10 -26.27
N THR Y 35 -15.51 -16.80 -25.97
CA THR Y 35 -14.34 -16.29 -25.26
C THR Y 35 -14.25 -16.84 -23.84
N ALA Y 36 -15.39 -16.98 -23.17
CA ALA Y 36 -15.38 -17.56 -21.83
C ALA Y 36 -14.95 -19.02 -21.87
N LEU Y 37 -15.41 -19.78 -22.85
CA LEU Y 37 -15.02 -21.17 -22.94
C LEU Y 37 -13.53 -21.32 -23.23
N VAL Y 38 -13.01 -20.52 -24.16
CA VAL Y 38 -11.58 -20.58 -24.48
C VAL Y 38 -10.77 -20.16 -23.27
N SER Y 39 -11.16 -19.06 -22.63
CA SER Y 39 -10.41 -18.56 -21.48
C SER Y 39 -10.41 -19.57 -20.34
N PHE Y 40 -11.56 -20.20 -20.09
CA PHE Y 40 -11.65 -21.20 -19.03
C PHE Y 40 -10.80 -22.43 -19.37
N MET Y 41 -10.77 -22.84 -20.63
CA MET Y 41 -9.98 -23.99 -21.03
C MET Y 41 -8.48 -23.75 -20.84
N TYR Y 42 -7.98 -22.60 -21.25
CA TYR Y 42 -6.55 -22.32 -21.18
C TYR Y 42 -6.10 -21.99 -19.76
N VAL Y 43 -6.95 -21.40 -18.95
CA VAL Y 43 -6.49 -20.86 -17.68
C VAL Y 43 -6.79 -21.84 -16.56
N VAL Y 44 -7.90 -22.56 -16.66
CA VAL Y 44 -8.31 -23.43 -15.57
C VAL Y 44 -8.00 -24.88 -15.91
N VAL Y 45 -8.53 -25.36 -17.03
CA VAL Y 45 -8.59 -26.80 -17.28
C VAL Y 45 -7.20 -27.36 -17.50
N VAL Y 46 -6.52 -26.86 -18.53
CA VAL Y 46 -5.19 -27.37 -18.86
C VAL Y 46 -4.22 -27.21 -17.69
N PRO Y 47 -4.12 -26.03 -17.05
CA PRO Y 47 -3.22 -25.95 -15.89
C PRO Y 47 -3.60 -26.87 -14.75
N SER Y 48 -4.89 -26.99 -14.44
CA SER Y 48 -5.29 -27.89 -13.37
C SER Y 48 -5.03 -29.34 -13.72
N THR Y 49 -5.08 -29.67 -15.01
CA THR Y 49 -4.74 -31.02 -15.44
C THR Y 49 -3.26 -31.31 -15.20
N ILE Y 50 -2.38 -30.42 -15.65
CA ILE Y 50 -0.96 -30.60 -15.38
C ILE Y 50 -0.70 -30.59 -13.88
N GLY Y 51 -1.41 -29.73 -13.14
CA GLY Y 51 -1.26 -29.70 -11.70
C GLY Y 51 -1.69 -31.00 -11.04
N TYR Y 52 -2.78 -31.58 -11.50
CA TYR Y 52 -3.25 -32.86 -10.96
C TYR Y 52 -2.28 -33.99 -11.30
N LEU Y 53 -1.80 -34.02 -12.54
CA LEU Y 53 -0.85 -35.05 -12.94
C LEU Y 53 0.47 -34.91 -12.18
N ALA Y 54 0.96 -33.68 -12.04
CA ALA Y 54 2.17 -33.45 -11.27
C ALA Y 54 1.97 -33.85 -9.81
N TYR Y 55 0.79 -33.58 -9.26
CA TYR Y 55 0.49 -33.96 -7.89
C TYR Y 55 0.52 -35.47 -7.72
N LYS Y 56 -0.14 -36.20 -8.61
CA LYS Y 56 -0.32 -37.63 -8.45
C LYS Y 56 0.93 -38.43 -8.73
N THR Y 57 1.88 -37.88 -9.49
CA THR Y 57 3.11 -38.57 -9.81
C THR Y 57 4.31 -38.02 -9.05
N ASP Y 58 4.09 -37.10 -8.11
CA ASP Y 58 5.17 -36.56 -7.31
C ASP Y 58 5.72 -37.63 -6.37
N GLY Y 59 6.98 -37.99 -6.55
CA GLY Y 59 7.61 -39.01 -5.76
C GLY Y 59 7.36 -40.43 -6.22
N LEU Y 60 6.72 -40.61 -7.38
CA LEU Y 60 6.39 -41.94 -7.85
C LEU Y 60 7.61 -42.73 -8.27
N TRP Y 61 8.60 -42.08 -8.89
CA TRP Y 61 9.69 -42.76 -9.54
C TRP Y 61 11.03 -42.19 -9.13
N ASP Y 62 12.04 -43.05 -9.12
CA ASP Y 62 13.43 -42.66 -8.98
C ASP Y 62 14.29 -43.60 -9.79
N LEU Y 63 15.19 -43.06 -10.59
CA LEU Y 63 16.04 -43.83 -11.47
C LEU Y 63 17.41 -44.13 -10.89
N ARG Y 64 17.84 -43.41 -9.86
CA ARG Y 64 19.24 -43.38 -9.47
C ARG Y 64 19.68 -44.74 -8.94
N ALA Y 65 20.67 -45.33 -9.63
CA ALA Y 65 21.30 -46.59 -9.23
C ALA Y 65 20.31 -47.74 -9.14
N LYS Y 66 19.25 -47.72 -9.95
CA LYS Y 66 18.29 -48.82 -9.98
C LYS Y 66 18.84 -49.94 -10.85
N ARG Y 67 18.95 -51.13 -10.29
CA ARG Y 67 19.45 -52.29 -11.01
C ARG Y 67 18.31 -53.23 -11.36
N ARG Y 68 18.67 -54.30 -12.06
CA ARG Y 68 17.73 -55.40 -12.31
C ARG Y 68 17.46 -55.99 -10.92
N GLY Y 69 16.27 -56.51 -10.66
CA GLY Y 69 15.86 -56.91 -9.33
C GLY Y 69 15.32 -55.79 -8.50
N ASP Y 70 15.16 -54.60 -9.08
CA ASP Y 70 14.61 -53.44 -8.40
C ASP Y 70 13.50 -52.84 -9.24
N LEU Y 71 12.81 -51.87 -8.68
CA LEU Y 71 11.73 -51.17 -9.37
C LEU Y 71 12.03 -49.70 -9.46
N ILE Y 72 11.63 -49.08 -10.56
CA ILE Y 72 11.64 -47.63 -10.65
C ILE Y 72 10.64 -47.02 -9.69
N SER Y 73 9.55 -47.72 -9.39
CA SER Y 73 8.56 -47.18 -8.49
C SER Y 73 9.13 -47.05 -7.08
N GLU Y 74 8.76 -45.97 -6.41
CA GLU Y 74 9.13 -45.74 -5.03
C GLU Y 74 7.93 -45.81 -4.10
N ARG Y 75 6.72 -45.68 -4.62
CA ARG Y 75 5.53 -45.50 -3.81
C ARG Y 75 4.49 -46.56 -4.13
N ASN Z 46 43.10 -4.44 -59.21
CA ASN Z 46 44.48 -4.25 -58.78
C ASN Z 46 44.55 -3.84 -57.32
N VAL Z 47 43.43 -3.96 -56.62
CA VAL Z 47 43.38 -3.58 -55.22
C VAL Z 47 43.90 -4.72 -54.35
N GLU Z 48 44.65 -4.37 -53.31
CA GLU Z 48 45.19 -5.34 -52.37
C GLU Z 48 44.49 -5.20 -51.03
N GLU Z 49 44.19 -6.34 -50.41
CA GLU Z 49 43.44 -6.37 -49.17
C GLU Z 49 44.38 -6.65 -48.00
N PRO Z 50 44.61 -5.68 -47.12
CA PRO Z 50 45.53 -5.91 -45.99
C PRO Z 50 44.95 -6.89 -44.98
N LEU Z 51 45.85 -7.50 -44.20
CA LEU Z 51 45.43 -8.54 -43.25
C LEU Z 51 44.43 -8.00 -42.24
N GLY Z 52 44.65 -6.81 -41.73
CA GLY Z 52 43.64 -6.19 -40.88
C GLY Z 52 43.92 -6.37 -39.41
N ALA Z 53 43.33 -5.49 -38.59
CA ALA Z 53 43.58 -5.51 -37.16
C ALA Z 53 43.01 -6.76 -36.50
N ALA Z 54 41.93 -7.30 -37.05
CA ALA Z 54 41.36 -8.52 -36.48
C ALA Z 54 42.30 -9.70 -36.61
N PHE Z 55 43.18 -9.70 -37.61
CA PHE Z 55 44.15 -10.78 -37.74
C PHE Z 55 45.13 -10.79 -36.57
N TYR Z 56 45.60 -9.62 -36.17
CA TYR Z 56 46.59 -9.55 -35.12
C TYR Z 56 45.99 -9.80 -33.75
N ILE Z 57 44.72 -9.46 -33.55
CA ILE Z 57 44.07 -9.79 -32.29
C ILE Z 57 43.91 -11.29 -32.14
N ALA Z 58 43.47 -11.97 -33.21
CA ALA Z 58 43.30 -13.41 -33.15
C ALA Z 58 44.64 -14.12 -33.02
N VAL Z 59 45.59 -13.78 -33.89
CA VAL Z 59 46.91 -14.40 -33.81
C VAL Z 59 47.64 -13.99 -32.54
N GLY Z 60 47.55 -12.71 -32.19
CA GLY Z 60 48.18 -12.26 -30.95
C GLY Z 60 47.51 -12.84 -29.71
N GLY Z 61 46.18 -12.95 -29.73
CA GLY Z 61 45.48 -13.52 -28.60
C GLY Z 61 45.83 -14.98 -28.38
N ILE Z 62 45.93 -15.75 -29.46
CA ILE Z 62 46.35 -17.14 -29.35
C ILE Z 62 47.79 -17.21 -28.86
N ALA Z 63 48.67 -16.38 -29.42
CA ALA Z 63 50.06 -16.37 -28.98
C ALA Z 63 50.19 -15.92 -27.54
N SER Z 64 49.45 -14.88 -27.15
CA SER Z 64 49.50 -14.40 -25.78
C SER Z 64 48.92 -15.43 -24.82
N SER Z 65 47.85 -16.11 -25.21
CA SER Z 65 47.28 -17.15 -24.37
C SER Z 65 48.28 -18.27 -24.13
N PHE Z 66 49.00 -18.67 -25.18
CA PHE Z 66 50.03 -19.69 -25.03
C PHE Z 66 51.15 -19.22 -24.11
N VAL Z 67 51.57 -17.96 -24.26
CA VAL Z 67 52.68 -17.45 -23.45
C VAL Z 67 52.26 -17.31 -22.00
N ILE Z 68 51.10 -16.71 -21.76
CA ILE Z 68 50.66 -16.44 -20.39
C ILE Z 68 50.38 -17.75 -19.66
N TYR Z 69 49.83 -18.75 -20.35
CA TYR Z 69 49.60 -20.05 -19.73
C TYR Z 69 50.91 -20.70 -19.32
N ASN Z 70 51.95 -20.57 -20.15
CA ASN Z 70 53.21 -21.25 -19.87
C ASN Z 70 53.93 -20.63 -18.68
N ILE Z 71 53.97 -19.29 -18.61
CA ILE Z 71 54.70 -18.64 -17.54
C ILE Z 71 53.97 -18.71 -16.22
N SER Z 72 52.67 -19.01 -16.24
CA SER Z 72 51.88 -19.11 -15.01
C SER Z 72 51.86 -20.52 -14.44
N ARG Z 73 52.57 -21.46 -15.05
CA ARG Z 73 52.58 -22.83 -14.54
C ARG Z 73 53.36 -22.90 -13.23
N PRO Z 74 53.04 -23.86 -12.37
CA PRO Z 74 53.77 -24.00 -11.10
C PRO Z 74 55.19 -24.51 -11.25
N GLY Z 75 55.64 -24.83 -12.46
CA GLY Z 75 56.99 -25.29 -12.68
C GLY Z 75 57.13 -26.79 -12.60
N PRO Z 76 58.35 -27.30 -12.77
CA PRO Z 76 58.56 -28.75 -12.69
C PRO Z 76 58.16 -29.37 -11.37
N ASN Z 77 58.36 -28.65 -10.27
CA ASN Z 77 57.91 -29.09 -8.96
C ASN Z 77 56.65 -28.32 -8.56
N GLY Z 78 55.84 -28.94 -7.71
CA GLY Z 78 54.60 -28.30 -7.27
C GLY Z 78 54.83 -27.17 -6.31
N GLU Z 79 55.64 -26.18 -6.71
CA GLU Z 79 55.96 -25.04 -5.87
C GLU Z 79 55.38 -23.78 -6.48
N PRO Z 80 54.62 -22.99 -5.71
CA PRO Z 80 54.06 -21.75 -6.25
C PRO Z 80 55.15 -20.78 -6.68
N SER Z 81 54.87 -20.04 -7.74
CA SER Z 81 55.82 -19.08 -8.28
C SER Z 81 55.83 -17.82 -7.40
N SER Z 82 56.57 -16.81 -7.83
CA SER Z 82 56.62 -15.56 -7.07
C SER Z 82 55.25 -14.88 -7.03
N LEU Z 83 54.56 -14.85 -8.17
CA LEU Z 83 53.25 -14.21 -8.22
C LEU Z 83 52.19 -15.03 -7.51
N HIS Z 84 52.34 -16.36 -7.53
CA HIS Z 84 51.35 -17.24 -6.86
C HIS Z 84 51.31 -16.92 -5.36
N LYS Z 85 52.48 -16.72 -4.75
CA LYS Z 85 52.53 -16.43 -3.31
C LYS Z 85 51.91 -15.08 -2.99
N TRP Z 86 51.95 -14.14 -3.92
CA TRP Z 86 51.35 -12.84 -3.65
C TRP Z 86 49.83 -12.92 -3.62
N PHE Z 87 49.23 -13.61 -4.59
CA PHE Z 87 47.77 -13.70 -4.62
C PHE Z 87 47.24 -14.49 -3.42
N SER Z 88 47.96 -15.54 -3.01
CA SER Z 88 47.56 -16.27 -1.82
C SER Z 88 47.67 -15.41 -0.57
N LYS Z 89 48.68 -14.53 -0.52
CA LYS Z 89 48.88 -13.72 0.68
C LYS Z 89 47.81 -12.64 0.80
N ILE Z 90 47.49 -11.94 -0.29
CA ILE Z 90 46.59 -10.80 -0.21
C ILE Z 90 45.19 -11.25 0.20
N SER Z 91 44.74 -12.37 -0.37
CA SER Z 91 43.39 -12.89 -0.06
C SER Z 91 43.51 -14.02 0.97
N ASP Z 92 44.13 -13.76 2.12
CA ASP Z 92 44.32 -14.81 3.12
C ASP Z 92 43.07 -15.00 3.95
N TYR Z 93 42.68 -13.99 4.73
CA TYR Z 93 41.50 -14.02 5.61
C TYR Z 93 41.38 -15.36 6.33
N LYS Z 94 42.39 -15.67 7.13
CA LYS Z 94 42.43 -16.96 7.82
C LYS Z 94 41.21 -17.14 8.73
N ASP Z 95 40.87 -16.11 9.50
CA ASP Z 95 39.68 -16.15 10.33
C ASP Z 95 38.93 -14.83 10.36
N GLU Z 96 39.26 -13.89 9.47
CA GLU Z 96 38.69 -12.55 9.55
C GLU Z 96 37.18 -12.57 9.32
N TRP Z 97 36.72 -13.28 8.29
CA TRP Z 97 35.28 -13.30 8.02
C TRP Z 97 34.53 -13.97 9.17
N GLU Z 98 35.04 -15.09 9.67
CA GLU Z 98 34.34 -15.80 10.73
C GLU Z 98 34.29 -14.95 11.99
N THR Z 99 35.38 -14.27 12.32
CA THR Z 99 35.40 -13.43 13.52
C THR Z 99 34.38 -12.30 13.41
N ARG Z 100 34.42 -11.54 12.32
CA ARG Z 100 33.48 -10.44 12.14
C ARG Z 100 32.05 -10.93 12.03
N ASN Z 101 31.83 -12.01 11.29
CA ASN Z 101 30.47 -12.53 11.12
C ASN Z 101 29.89 -12.98 12.45
N THR Z 102 30.71 -13.64 13.29
CA THR Z 102 30.23 -14.09 14.59
C THR Z 102 29.89 -12.91 15.50
N LEU Z 103 30.70 -11.86 15.48
CA LEU Z 103 30.43 -10.70 16.33
C LEU Z 103 29.13 -10.01 15.91
N MET Z 104 28.87 -9.93 14.61
CA MET Z 104 27.67 -9.26 14.15
C MET Z 104 26.43 -10.09 14.42
N ALA Z 105 26.53 -11.41 14.25
CA ALA Z 105 25.38 -12.27 14.48
C ALA Z 105 24.92 -12.21 15.93
N ALA Z 106 25.86 -12.27 16.86
CA ALA Z 106 25.53 -12.21 18.28
C ALA Z 106 24.92 -10.86 18.64
N ALA Z 107 25.42 -9.78 18.04
CA ALA Z 107 24.91 -8.45 18.35
C ALA Z 107 23.46 -8.29 17.89
N LEU Z 108 23.15 -8.73 16.67
CA LEU Z 108 21.78 -8.65 16.20
C LEU Z 108 20.89 -9.68 16.89
N GLU Z 109 21.47 -10.80 17.35
CA GLU Z 109 20.74 -11.70 18.21
C GLU Z 109 20.28 -10.99 19.48
N GLN Z 110 21.19 -10.30 20.15
CA GLN Z 110 20.84 -9.60 21.37
C GLN Z 110 19.86 -8.46 21.10
N ALA Z 111 20.05 -7.76 19.98
CA ALA Z 111 19.14 -6.67 19.63
C ALA Z 111 17.73 -7.20 19.43
N ALA Z 112 17.59 -8.35 18.79
CA ALA Z 112 16.25 -8.96 18.66
C ALA Z 112 15.73 -9.27 20.06
N HIS Z 113 16.58 -9.78 20.94
CA HIS Z 113 16.17 -10.07 22.34
C HIS Z 113 15.59 -8.82 22.99
N ASP Z 114 16.26 -7.68 22.84
CA ASP Z 114 15.79 -6.47 23.50
C ASP Z 114 14.44 -6.02 22.95
N LYS Z 115 14.25 -6.09 21.64
CA LYS Z 115 12.99 -5.66 21.06
C LYS Z 115 11.86 -6.59 21.46
N HIS Z 116 12.14 -7.90 21.53
CA HIS Z 116 11.15 -8.85 22.01
C HIS Z 116 10.74 -8.54 23.44
N LEU Z 117 11.70 -8.16 24.27
CA LEU Z 117 11.39 -7.75 25.64
C LEU Z 117 10.51 -6.51 25.68
N LEU Z 118 10.82 -5.51 24.84
CA LEU Z 118 10.08 -4.26 24.86
C LEU Z 118 8.71 -4.41 24.21
N LEU Z 119 8.62 -5.21 23.16
CA LEU Z 119 7.37 -5.34 22.41
C LEU Z 119 6.35 -6.21 23.14
N THR Z 120 6.79 -7.13 23.98
CA THR Z 120 5.91 -8.04 24.69
C THR Z 120 5.70 -7.64 26.14
N ALA Z 121 6.11 -6.42 26.52
CA ALA Z 121 5.97 -5.99 27.90
C ALA Z 121 4.50 -5.92 28.30
N GLU Z 122 4.22 -6.27 29.55
CA GLU Z 122 2.84 -6.38 30.01
C GLU Z 122 2.23 -5.00 30.20
N ARG Z 123 1.04 -4.82 29.65
CA ARG Z 123 0.30 -3.57 29.81
C ARG Z 123 -0.15 -3.37 31.26
N SER Z 124 -0.12 -2.12 31.71
CA SER Z 124 -0.65 -1.79 33.02
C SER Z 124 -2.17 -1.99 33.04
N ARG Z 125 -2.66 -2.62 34.09
CA ARG Z 125 -4.08 -2.63 34.38
C ARG Z 125 -4.45 -1.69 35.50
N HIS Z 126 -3.57 -1.53 36.48
CA HIS Z 126 -3.79 -0.60 37.57
C HIS Z 126 -3.65 0.83 37.09
N ILE Z 127 -4.50 1.71 37.60
CA ILE Z 127 -4.49 3.11 37.21
C ILE Z 127 -3.96 3.93 38.37
N GLU Z 128 -2.86 4.63 38.13
CA GLU Z 128 -2.29 5.58 39.07
C GLU Z 128 -2.95 6.93 38.84
N LEU Z 129 -3.42 7.55 39.92
CA LEU Z 129 -4.07 8.86 39.80
C LEU Z 129 -3.06 9.92 39.36
N LYS Z 130 -3.37 10.62 38.27
CA LYS Z 130 -2.57 11.77 37.91
C LYS Z 130 -2.68 12.87 38.96
N TYR Z 131 -3.80 12.90 39.66
CA TYR Z 131 -4.16 13.98 40.56
C TYR Z 131 -4.61 13.40 41.91
N PRO Z 132 -3.68 12.90 42.71
CA PRO Z 132 -4.06 12.35 44.03
C PRO Z 132 -4.63 13.39 44.98
N GLU Z 133 -4.36 14.68 44.73
CA GLU Z 133 -4.84 15.78 45.57
C GLU Z 133 -6.36 15.91 45.55
N VAL Z 134 -7.03 15.25 44.61
CA VAL Z 134 -8.49 15.18 44.55
C VAL Z 134 -9.06 14.62 45.86
N PHE Z 135 -8.24 13.92 46.63
CA PHE Z 135 -8.65 13.46 47.95
C PHE Z 135 -8.85 14.62 48.93
N SER Z 136 -8.33 15.81 48.61
CA SER Z 136 -8.51 17.00 49.42
C SER Z 136 -9.61 17.91 48.91
N HIS Z 137 -10.34 17.48 47.87
CA HIS Z 137 -11.48 18.24 47.38
C HIS Z 137 -12.63 18.15 48.36
N GLY Z 138 -13.61 19.03 48.17
CA GLY Z 138 -14.76 19.09 49.05
C GLY Z 138 -14.99 20.47 49.63
N SER Z 139 -16.25 20.84 49.74
CA SER Z 139 -16.62 22.14 50.26
C SER Z 139 -16.33 22.24 51.76
N PRO Z 140 -15.71 23.32 52.22
CA PRO Z 140 -15.49 23.51 53.66
C PRO Z 140 -16.66 24.14 54.40
N PHE Z 141 -17.79 24.34 53.75
CA PHE Z 141 -18.92 25.06 54.35
C PHE Z 141 -20.09 24.11 54.54
N ASN Z 142 -20.84 24.33 55.61
CA ASN Z 142 -22.08 23.58 55.89
C ASN Z 142 -21.82 22.09 55.95
N VAL Z 143 -20.72 21.70 56.57
CA VAL Z 143 -20.36 20.30 56.65
C VAL Z 143 -21.16 19.63 57.76
N PRO Z 144 -21.96 18.61 57.44
CA PRO Z 144 -22.58 17.83 58.51
C PRO Z 144 -21.53 17.06 59.30
N ALA Z 145 -21.81 16.86 60.58
CA ALA Z 145 -20.92 16.07 61.42
C ALA Z 145 -20.87 14.62 60.94
N GLY Z 146 -19.66 14.09 60.83
CA GLY Z 146 -19.49 12.74 60.35
C GLY Z 146 -19.84 12.52 58.90
N PHE Z 147 -19.72 13.55 58.07
CA PHE Z 147 -20.02 13.41 56.66
C PHE Z 147 -18.82 12.85 55.90
N TYR Z 148 -17.65 13.40 56.13
CA TYR Z 148 -16.47 13.04 55.36
C TYR Z 148 -15.89 11.72 55.83
N PRO Z 149 -15.69 10.75 54.94
CA PRO Z 149 -15.05 9.49 55.35
C PRO Z 149 -13.62 9.72 55.80
N ASN Z 150 -13.17 8.91 56.75
CA ASN Z 150 -11.80 9.00 57.23
C ASN Z 150 -10.83 8.60 56.13
N LEU Z 151 -9.84 9.45 55.89
CA LEU Z 151 -8.75 9.18 54.96
C LEU Z 151 -7.45 9.37 55.74
N ASP Z 152 -7.04 8.32 56.43
CA ASP Z 152 -5.71 8.24 57.00
C ASP Z 152 -4.90 7.12 56.38
N HIS Z 153 -5.56 6.01 56.05
CA HIS Z 153 -4.92 4.96 55.26
C HIS Z 153 -4.53 5.48 53.88
N VAL Z 154 -5.36 6.36 53.30
CA VAL Z 154 -5.06 6.92 51.99
C VAL Z 154 -3.83 7.83 52.06
N ILE Z 155 -3.79 8.72 53.05
CA ILE Z 155 -2.61 9.58 53.21
C ILE Z 155 -1.38 8.76 53.56
N GLU Z 156 -1.54 7.73 54.39
CA GLU Z 156 -0.41 6.85 54.67
C GLU Z 156 0.07 6.13 53.42
N HIS Z 157 -0.85 5.81 52.51
CA HIS Z 157 -0.46 5.21 51.24
C HIS Z 157 0.44 6.13 50.44
N TYR Z 158 0.12 7.43 50.40
CA TYR Z 158 0.92 8.38 49.65
C TYR Z 158 2.12 8.89 50.42
N ARG Z 159 2.09 8.82 51.76
CA ARG Z 159 3.30 9.05 52.53
C ARG Z 159 4.35 8.00 52.19
N LYS Z 160 3.93 6.73 52.14
CA LYS Z 160 4.86 5.66 51.81
C LYS Z 160 5.38 5.79 50.38
N GLN Z 161 4.50 6.13 49.44
CA GLN Z 161 4.92 6.33 48.06
C GLN Z 161 5.98 7.42 47.96
N HIS Z 162 5.85 8.48 48.76
CA HIS Z 162 6.84 9.55 48.75
C HIS Z 162 8.13 9.14 49.44
N LEU Z 163 8.03 8.49 50.60
CA LEU Z 163 9.23 8.09 51.32
C LEU Z 163 10.01 7.03 50.54
N GLU Z 164 9.31 6.14 49.84
CA GLU Z 164 9.99 5.14 49.02
C GLU Z 164 10.75 5.79 47.89
N GLU Z 165 10.12 6.75 47.20
CA GLU Z 165 10.78 7.39 46.07
C GLU Z 165 12.01 8.19 46.51
N GLU Z 166 11.91 8.91 47.62
CA GLU Z 166 13.05 9.67 48.10
C GLU Z 166 14.21 8.75 48.46
N GLU Z 167 13.90 7.59 49.06
CA GLU Z 167 14.94 6.63 49.38
C GLU Z 167 15.61 6.11 48.11
N ARG Z 168 14.82 5.83 47.08
CA ARG Z 168 15.38 5.34 45.82
C ARG Z 168 16.35 6.34 45.21
N LYS Z 169 16.01 7.63 45.25
CA LYS Z 169 16.98 8.63 44.80
C LYS Z 169 18.15 8.74 45.77
N ALA Z 170 17.89 8.62 47.07
CA ALA Z 170 18.96 8.75 48.05
C ALA Z 170 19.98 7.63 47.89
N LYS Z 171 19.51 6.40 47.68
CA LYS Z 171 20.38 5.25 47.49
C LYS Z 171 20.89 5.13 46.06
N LYS Z 172 20.78 6.17 45.26
CA LYS Z 172 21.30 6.16 43.90
C LYS Z 172 22.35 7.21 43.65
N LEU Z 173 22.16 8.44 44.12
CA LEU Z 173 23.17 9.47 43.98
C LEU Z 173 24.08 9.57 45.20
N ALA Z 174 23.94 8.64 46.15
CA ALA Z 174 24.90 8.49 47.23
C ALA Z 174 25.63 7.16 47.21
N ALA Z 175 25.11 6.16 46.51
CA ALA Z 175 25.76 4.85 46.39
C ALA Z 175 26.47 4.68 45.06
N ALA Z 176 25.86 5.13 43.96
CA ALA Z 176 26.52 5.10 42.66
C ALA Z 176 27.40 6.31 42.43
N ALA Z 177 27.46 7.25 43.38
CA ALA Z 177 28.36 8.38 43.30
C ALA Z 177 29.68 8.15 44.02
N ALA Z 178 29.71 7.19 44.97
CA ALA Z 178 30.96 6.87 45.65
C ALA Z 178 31.97 6.20 44.72
N ALA Z 179 31.50 5.60 43.62
CA ALA Z 179 32.43 5.02 42.66
C ALA Z 179 33.31 6.09 42.02
N ALA Z 180 32.72 7.24 41.69
CA ALA Z 180 33.48 8.34 41.11
C ALA Z 180 33.72 9.44 42.14
P 3PE AA . -16.74 63.09 23.18
N 3PE AA . -15.50 66.54 20.42
O11 3PE AA . -18.38 63.07 23.33
O12 3PE AA . -16.22 64.31 23.90
O13 3PE AA . -16.32 63.18 21.59
O14 3PE AA . -16.17 61.84 23.79
C11 3PE AA . -16.52 64.38 20.91
C12 3PE AA . -15.26 65.25 21.03
C1 3PE AA . -18.98 64.15 23.96
C2 3PE AA . -19.98 63.66 24.99
C3 3PE AA . -21.02 62.78 24.32
O31 3PE AA . -22.21 63.50 24.24
O32 3PE AA . -23.67 62.34 25.46
C31 3PE AA . -23.07 63.35 25.33
C32 3PE AA . -23.24 64.46 26.37
C33 3PE AA . -24.68 64.49 26.88
C34 3PE AA . -24.81 63.57 28.09
C35 3PE AA . -26.23 63.04 28.14
C36 3PE AA . -26.72 63.01 29.58
C37 3PE AA . -28.24 63.07 29.58
C38 3PE AA . -28.78 62.83 30.97
C39 3PE AA . -28.22 63.88 31.94
C3A 3PE AA . -29.06 63.90 33.21
C3B 3PE AA . -28.19 64.29 34.39
C3C 3PE AA . -28.98 64.09 35.68
C3D 3PE AA . -28.03 64.02 36.87
C3E 3PE AA . -28.44 62.87 37.79
C3F 3PE AA . -29.94 62.95 38.04
C3G 3PE AA . -30.38 61.83 38.98
O21 3PE AA . -19.35 62.98 26.04
O22 3PE AA . -19.93 64.74 27.25
C21 3PE AA . -19.44 63.67 27.25
C22 3PE AA . -18.91 63.06 28.55
C23 3PE AA . -20.03 62.96 29.59
C24 3PE AA . -19.48 62.24 30.82
C25 3PE AA . -20.61 61.69 31.67
C26 3PE AA . -20.04 60.71 32.69
C27 3PE AA . -20.01 61.36 34.06
C28 3PE AA . -18.95 60.70 34.95
C29 3PE AA . -19.33 60.92 36.41
C2A 3PE AA . -18.46 61.99 37.06
C2B 3PE AA . -18.46 61.81 38.57
C2C 3PE AA . -18.12 63.12 39.26
C2D 3PE AA . -16.61 63.28 39.40
C2E 3PE AA . -16.12 62.46 40.60
O12 PC1 BA . -66.12 68.50 34.34
P PC1 BA . -64.77 67.85 34.20
O14 PC1 BA . -64.33 67.91 32.76
O13 PC1 BA . -63.68 68.66 35.12
C11 PC1 BA . -64.08 69.84 35.77
C12 PC1 BA . -63.09 70.96 35.44
N PC1 BA . -63.72 71.96 34.60
C13 PC1 BA . -64.97 72.42 35.20
C14 PC1 BA . -64.02 71.39 33.30
C15 PC1 BA . -62.81 73.09 34.45
O11 PC1 BA . -64.84 66.29 34.71
C1 PC1 BA . -65.95 65.84 35.43
C2 PC1 BA . -65.82 66.15 36.92
O21 PC1 BA . -66.45 67.37 37.20
C21 PC1 BA . -67.82 67.24 37.43
O22 PC1 BA . -68.58 67.92 36.82
C22 PC1 BA . -68.34 66.25 38.46
C23 PC1 BA . -69.31 66.95 39.42
C24 PC1 BA . -68.52 67.62 40.54
C25 PC1 BA . -67.66 66.56 41.25
C26 PC1 BA . -66.81 67.24 42.32
C27 PC1 BA . -65.80 66.24 42.86
C28 PC1 BA . -64.78 66.97 43.74
C29 PC1 BA . -63.59 66.04 44.02
C2A PC1 BA . -62.49 66.82 44.74
C2B PC1 BA . -61.29 65.91 44.96
C3 PC1 BA . -64.35 66.22 37.34
O31 PC1 BA . -64.23 65.83 38.69
C31 PC1 BA . -62.93 65.54 39.09
O32 PC1 BA . -62.10 66.39 39.06
C32 PC1 BA . -62.56 64.15 39.57
C33 PC1 BA . -62.12 64.22 41.03
C34 PC1 BA . -60.59 64.19 41.10
C35 PC1 BA . -60.13 62.74 41.20
C36 PC1 BA . -58.60 62.68 41.14
C37 PC1 BA . -58.00 63.22 42.43
C38 PC1 BA . -57.99 62.13 43.49
C39 PC1 BA . -57.46 60.83 42.91
C3A PC1 BA . -57.52 59.73 43.97
C3B PC1 BA . -57.63 58.36 43.30
C3C PC1 BA . -57.92 57.30 44.36
C3D PC1 BA . -58.20 55.96 43.69
C1 CDL CA . 19.40 35.76 0.20
O1 CDL CA . 20.23 36.71 -0.46
CA2 CDL CA . 18.09 36.40 0.51
OA2 CDL CA . 17.53 35.56 1.54
PA1 CDL CA . 15.97 35.72 1.90
OA3 CDL CA . 15.73 37.17 2.17
OA4 CDL CA . 15.23 35.04 0.78
OA5 CDL CA . 15.88 34.92 3.29
CA3 CDL CA . 16.48 35.51 4.48
CA4 CDL CA . 16.83 34.46 5.51
OA6 CDL CA . 16.85 33.15 4.86
CA5 CDL CA . 17.17 32.09 5.60
OA7 CDL CA . 18.15 32.04 6.27
C11 CDL CA . 16.17 30.98 5.53
C12 CDL CA . 15.87 30.36 6.85
C13 CDL CA . 15.07 29.08 6.72
C14 CDL CA . 15.28 28.12 7.85
C15 CDL CA . 14.38 26.90 7.80
C16 CDL CA . 14.72 25.86 8.82
C17 CDL CA . 13.70 24.77 8.95
C18 CDL CA . 13.37 24.06 7.66
CA6 CDL CA . 15.88 34.42 6.69
OA8 CDL CA . 15.97 35.64 7.43
CA7 CDL CA . 16.94 35.73 8.34
OA9 CDL CA . 17.57 36.74 8.53
C31 CDL CA . 17.11 34.46 9.12
C32 CDL CA . 16.98 34.67 10.60
C33 CDL CA . 17.47 33.48 11.40
C34 CDL CA . 17.78 33.79 12.85
C35 CDL CA . 18.51 32.69 13.58
C36 CDL CA . 19.17 33.14 14.87
C37 CDL CA . 18.21 33.68 15.89
C38 CDL CA . 18.87 34.33 17.08
C39 CDL CA . 19.55 35.64 16.76
C40 CDL CA . 20.43 36.16 17.87
CB2 CDL CA . 20.09 35.21 1.43
OB2 CDL CA . 21.33 34.55 1.05
PB2 CDL CA . 21.33 33.00 0.67
OB3 CDL CA . 22.75 32.69 0.31
OB4 CDL CA . 20.24 32.70 -0.32
OB5 CDL CA . 20.90 32.26 2.02
CB3 CDL CA . 21.85 32.12 3.12
CB4 CDL CA . 21.06 31.94 4.39
OB6 CDL CA . 20.89 33.20 5.08
CB5 CDL CA . 21.87 34.11 5.06
OB7 CDL CA . 21.83 35.06 4.32
C51 CDL CA . 23.01 33.87 6.01
C52 CDL CA . 23.11 34.89 7.09
C53 CDL CA . 22.19 34.60 8.26
C54 CDL CA . 22.32 33.20 8.78
C55 CDL CA . 21.41 32.88 9.94
C56 CDL CA . 22.09 32.89 11.29
C57 CDL CA . 23.19 31.86 11.43
C58 CDL CA . 22.71 30.44 11.42
C59 CDL CA . 21.99 30.02 12.68
C60 CDL CA . 21.41 28.62 12.63
C61 CDL CA . 20.86 28.14 13.94
C62 CDL CA . 21.90 27.98 15.03
CB6 CDL CA . 21.62 30.90 5.33
OB8 CDL CA . 20.54 30.15 5.90
CB7 CDL CA . 20.77 29.57 7.06
OB9 CDL CA . 21.51 30.03 7.89
C71 CDL CA . 20.06 28.26 7.20
C72 CDL CA . 20.99 27.15 7.54
C73 CDL CA . 20.32 25.79 7.53
C74 CDL CA . 21.31 24.67 7.68
C75 CDL CA . 20.71 23.31 7.87
C76 CDL CA . 21.73 22.27 8.23
C77 CDL CA . 21.17 20.90 8.47
C78 CDL CA . 20.40 20.76 9.75
C79 CDL CA . 19.10 20.01 9.64
C80 CDL CA . 18.55 19.54 10.96
C81 CDL CA . 17.10 19.12 10.93
C82 CDL CA . 16.79 17.95 10.05
C1 LMN DA . 12.58 13.47 25.81
O1 LMN DA . 13.50 13.92 24.95
C2 LMN DA . 13.09 13.28 27.27
O2 LMN DA . 13.48 14.53 27.81
C3 LMN DA . 12.00 12.69 28.11
O3 LMN DA . 12.47 12.61 29.50
C4 LMN DA . 11.65 11.37 27.61
O4 LMN DA . 10.65 10.69 28.50
C5 LMN DA . 11.10 11.48 26.24
O5 LMN DA . 12.12 12.08 25.33
C6 LMN DA . 10.70 10.13 25.71
O6 LMN DA . 11.05 9.98 24.36
CAA LMN DA . 15.73 14.66 11.99
CAB LMN DA . 11.12 14.40 13.29
OAJ LMN DA . 17.94 16.28 31.02
OAL LMN DA . 18.71 20.34 25.26
OAN LMN DA . 17.03 15.81 28.28
OAP LMN DA . 14.84 16.67 26.91
OAR LMN DA . 18.68 20.79 31.70
OAT LMN DA . 20.68 21.33 29.80
OAV LMN DA . 20.36 19.86 27.35
CAW LMN DA . 16.26 14.48 13.43
CAX LMN DA . 10.80 14.30 14.79
CAY LMN DA . 15.62 13.21 14.07
CAZ LMN DA . 10.31 15.70 15.31
CBA LMN DA . 14.50 13.63 15.04
CBB LMN DA . 10.59 15.81 16.84
CBC LMN DA . 15.10 14.15 16.35
CBD LMN DA . 9.24 15.78 17.64
CBE LMN DA . 14.00 14.11 17.44
CBF LMN DA . 9.34 16.67 18.92
CBG LMN DA . 14.28 12.90 18.40
CBH LMN DA . 10.77 17.24 19.10
CBI LMN DA . 15.51 13.28 19.35
CBJ LMN DA . 11.17 17.26 20.60
CBK LMN DA . 15.05 14.44 20.31
CBL LMN DA . 11.82 15.86 21.00
CBN LMN DA . 18.68 17.41 31.45
CBP LMN DA . 17.51 19.88 25.81
CBQ LMN DA . 13.82 13.91 21.17
CBR LMN DA . 12.69 16.02 22.29
CBS LMN DA . 13.01 13.70 23.58
CBT LMN DA . 15.06 15.30 23.05
OBV LMN DA . 14.79 16.29 24.08
OBX LMN DA . 16.11 18.08 24.94
OBZ LMN DA . 17.99 18.31 29.29
OCB LMN DA . 19.04 17.75 27.26
CCD LMN DA . 18.20 18.64 30.72
CCF LMN DA . 17.41 18.39 25.60
CCH LMN DA . 17.19 16.27 26.91
CCJ LMN DA . 15.95 16.63 24.82
CCL LMN DA . 15.89 16.03 26.19
CCM LMN DA . 13.65 14.74 22.50
CCO LMN DA . 19.24 19.74 30.89
CCQ LMN DA . 17.60 17.68 26.93
CCS LMN DA . 19.27 18.07 28.57
CCU LMN DA . 19.66 20.32 29.58
CCW LMN DA . 20.19 19.28 28.66
O12 PC1 EA . -69.05 49.81 14.10
P PC1 EA . -69.60 49.57 15.48
O14 PC1 EA . -71.04 49.15 15.37
O13 PC1 EA . -68.73 48.39 16.22
C11 PC1 EA . -68.20 47.36 15.45
C12 PC1 EA . -68.06 46.10 16.29
N PC1 EA . -67.40 45.06 15.52
C13 PC1 EA . -67.22 43.88 16.35
C14 PC1 EA . -68.20 44.71 14.36
C15 PC1 EA . -66.09 45.52 15.08
O11 PC1 EA . -69.50 50.96 16.35
C1 PC1 EA . -69.28 50.84 17.73
C2 PC1 EA . -69.78 52.08 18.44
O21 PC1 EA . -69.62 51.93 19.82
C21 PC1 EA . -68.87 52.93 20.42
O22 PC1 EA . -68.61 53.92 19.83
C22 PC1 EA . -68.37 52.75 21.86
C23 PC1 EA . -69.26 53.53 22.81
C24 PC1 EA . -70.01 52.54 23.71
C25 PC1 EA . -69.02 51.85 24.64
C26 PC1 EA . -68.59 52.85 25.71
C27 PC1 EA . -67.77 52.13 26.79
C28 PC1 EA . -67.32 53.15 27.84
C29 PC1 EA . -66.86 52.43 29.09
C2A PC1 EA . -66.64 53.46 30.21
C2B PC1 EA . -66.31 52.74 31.51
C3 PC1 EA . -71.27 52.28 18.12
O31 PC1 EA . -71.96 51.11 18.43
C31 PC1 EA . -72.90 51.26 19.45
O32 PC1 EA . -73.36 52.32 19.66
C32 PC1 EA . -73.32 50.07 20.30
C33 PC1 EA . -74.63 50.38 21.00
C34 PC1 EA . -74.88 49.36 22.10
C35 PC1 EA . -73.63 49.25 22.97
C36 PC1 EA . -73.63 47.88 23.67
C37 PC1 EA . -74.30 48.00 25.03
C38 PC1 EA . -73.57 49.04 25.88
C39 PC1 EA . -72.18 48.53 26.21
C3A PC1 EA . -72.28 47.23 27.02
C3B PC1 EA . -72.58 47.55 28.48
C3C PC1 EA . -71.53 48.53 29.02
C3D PC1 EA . -70.18 47.81 29.17
C3E PC1 EA . -69.17 48.77 29.79
P 3PE FA . 19.05 19.88 -16.37
N 3PE FA . 17.98 21.49 -21.03
O11 3PE FA . 18.21 19.23 -15.12
O12 3PE FA . 20.07 18.89 -16.88
O13 3PE FA . 18.01 20.27 -17.59
O14 3PE FA . 19.75 21.13 -15.91
C11 3PE FA . 18.54 20.79 -18.78
C12 3PE FA . 17.41 21.12 -19.74
C1 3PE FA . 17.78 17.90 -15.19
C2 3PE FA . 18.50 17.07 -14.14
C3 3PE FA . 19.26 18.01 -13.21
O31 3PE FA . 19.65 17.31 -12.06
O32 3PE FA . 20.80 19.13 -11.46
C31 3PE FA . 20.39 18.07 -11.15
C32 3PE FA . 20.67 17.52 -9.76
C33 3PE FA . 20.69 16.00 -9.81
C34 3PE FA . 20.87 15.45 -8.39
C35 3PE FA . 19.56 14.81 -7.93
C36 3PE FA . 19.65 13.30 -8.04
C37 3PE FA . 18.79 12.67 -6.94
C38 3PE FA . 18.95 11.16 -6.96
C39 3PE FA . 18.92 10.62 -5.53
C3A 3PE FA . 20.08 11.21 -4.73
C3B 3PE FA . 21.06 10.09 -4.37
C3C 3PE FA . 20.34 9.04 -3.53
O21 3PE FA . 17.57 16.35 -13.39
O22 3PE FA . 18.91 14.55 -13.56
C21 3PE FA . 17.92 15.03 -13.10
C22 3PE FA . 17.03 14.19 -12.20
C23 3PE FA . 16.61 12.92 -12.91
C24 3PE FA . 15.47 12.28 -12.12
C25 3PE FA . 15.99 11.73 -10.80
C26 3PE FA . 15.98 10.21 -10.85
C27 3PE FA . 14.58 9.75 -11.22
C28 3PE FA . 13.70 9.79 -9.97
C29 3PE FA . 14.00 8.55 -9.14
C2A 3PE FA . 13.04 8.53 -7.97
C2B 3PE FA . 13.24 9.76 -7.11
C2C 3PE FA . 12.44 9.62 -5.82
C2D 3PE FA . 12.94 8.42 -5.03
C2E 3PE FA . 14.43 8.56 -4.76
C2F 3PE FA . 15.16 7.31 -5.24
C2G 3PE FA . 16.55 7.27 -4.63
C2H 3PE FA . 17.06 5.83 -4.68
C2I 3PE FA . 16.11 4.94 -3.87
C1 LMN GA . -3.23 -19.09 10.25
O1 LMN GA . -3.13 -17.78 9.99
C2 LMN GA . -4.36 -19.40 11.25
O2 LMN GA . -5.60 -19.00 10.70
C3 LMN GA . -4.41 -20.87 11.57
O3 LMN GA . -5.48 -21.11 12.54
C4 LMN GA . -3.15 -21.37 12.10
O4 LMN GA . -3.24 -22.87 12.22
C5 LMN GA . -1.98 -21.03 11.26
O5 LMN GA . -1.93 -19.58 10.90
C6 LMN GA . -0.71 -21.39 11.99
O6 LMN GA . 0.39 -21.13 11.16
CAA LMN GA . -6.64 -12.78 -0.98
CAB LMN GA . -1.96 -14.39 0.29
OAL LMN GA . 2.49 -14.65 15.49
OAN LMN GA . 0.31 -18.06 12.01
OAP LMN GA . 1.29 -17.02 9.78
CAW LMN GA . -5.92 -13.21 0.32
CAX LMN GA . -0.56 -14.02 0.78
CAY LMN GA . -6.21 -14.74 0.59
CAZ LMN GA . -0.60 -13.81 2.33
CBA LMN GA . -6.24 -15.01 2.12
CBB LMN GA . 0.50 -12.79 2.75
CBC LMN GA . -5.15 -14.19 2.83
CBD LMN GA . 1.51 -13.49 3.72
CBE LMN GA . -4.35 -15.08 3.82
CBF LMN GA . 0.81 -13.67 5.08
CBG LMN GA . -5.35 -15.94 4.67
CBH LMN GA . 1.86 -13.60 6.23
CBI LMN GA . -5.07 -15.69 6.24
CBJ LMN GA . 1.44 -14.61 7.33
CBK LMN GA . -3.56 -15.98 6.63
CBL LMN GA . -0.09 -14.39 7.68
CBP LMN GA . 1.37 -14.40 14.68
CBQ LMN GA . -3.36 -15.53 8.15
CBR LMN GA . -0.82 -15.77 7.55
CBS LMN GA . -1.94 -17.48 9.19
CBT LMN GA . -1.57 -14.98 9.96
OBV LMN GA . -0.73 -15.69 10.92
OBX LMN GA . 0.64 -14.42 12.35
OCB LMN GA . 2.44 -17.06 14.36
CCF LMN GA . 1.59 -15.03 13.34
CCH LMN GA . 1.48 -17.22 12.16
CCJ LMN GA . 0.56 -15.15 11.08
CCL LMN GA . 1.56 -16.29 10.98
CCM LMN GA . -1.94 -15.93 8.70
CCQ LMN GA . 1.39 -16.53 13.46
O12 PC1 HA . -3.57 3.69 -21.91
P PC1 HA . -3.33 4.83 -20.96
O14 PC1 HA . -1.92 5.36 -21.12
O13 PC1 HA . -4.40 6.02 -21.30
C11 PC1 HA . -4.76 6.94 -20.32
C12 PC1 HA . -4.17 8.31 -20.66
N PC1 HA . -3.97 9.09 -19.46
C13 PC1 HA . -3.52 10.43 -19.81
C14 PC1 HA . -5.22 9.19 -18.72
C15 PC1 HA . -2.97 8.45 -18.62
O11 PC1 HA . -3.53 4.30 -19.41
C1 PC1 HA . -2.62 4.67 -18.41
C2 PC1 HA . -3.35 4.81 -17.08
O21 PC1 HA . -3.00 6.01 -16.47
C21 PC1 HA . -3.93 6.50 -15.55
O22 PC1 HA . -3.55 7.07 -14.59
C22 PC1 HA . -5.44 6.31 -15.73
C23 PC1 HA . -5.94 5.28 -14.72
C24 PC1 HA . -7.23 5.75 -14.05
C25 PC1 HA . -7.54 4.86 -12.84
C26 PC1 HA . -7.30 3.39 -13.17
C27 PC1 HA . -6.79 2.69 -11.91
C28 PC1 HA . -6.63 1.18 -12.16
C29 PC1 HA . -5.63 0.63 -11.15
C2A PC1 HA . -6.14 -0.70 -10.59
C2B PC1 HA . -5.32 -1.10 -9.36
C2C PC1 HA . -6.27 -1.81 -8.41
C2D PC1 HA . -5.55 -2.92 -7.66
C2E PC1 HA . -6.59 -3.73 -6.90
C2F PC1 HA . -6.26 -5.21 -7.00
C3 PC1 HA . -3.02 3.63 -16.17
O31 PC1 HA . -3.39 2.44 -16.83
C31 PC1 HA . -3.74 1.40 -15.96
O32 PC1 HA . -4.83 0.93 -16.00
C32 PC1 HA . -2.72 0.84 -14.98
C33 PC1 HA . -3.36 -0.29 -14.20
C34 PC1 HA . -2.32 -1.36 -13.94
C35 PC1 HA . -2.75 -2.27 -12.79
C36 PC1 HA . -1.63 -3.26 -12.54
C37 PC1 HA . -1.94 -4.10 -11.30
C38 PC1 HA . -3.26 -4.81 -11.47
C39 PC1 HA . -3.04 -6.16 -12.15
C3A PC1 HA . -4.40 -6.82 -12.38
C3B PC1 HA . -4.21 -8.33 -12.49
C3C PC1 HA . -5.34 -9.01 -11.73
C3D PC1 HA . -4.77 -10.18 -10.93
C3E PC1 HA . -3.63 -9.68 -10.05
C3F PC1 HA . -3.12 -10.82 -9.19
C3G PC1 HA . -2.09 -10.29 -8.19
C3H PC1 HA . -2.11 -11.17 -6.95
P 3PE IA . 38.84 14.60 -22.18
N 3PE IA . 35.84 17.33 -24.52
O11 3PE IA . 39.49 13.13 -21.81
O12 3PE IA . 38.11 15.15 -20.99
O13 3PE IA . 37.79 14.44 -23.44
O14 3PE IA . 39.95 15.56 -22.57
C11 3PE IA . 36.69 15.29 -23.50
C12 3PE IA . 37.05 16.55 -24.27
C1 3PE IA . 38.62 12.09 -21.47
C2 3PE IA . 38.74 11.76 -19.98
C3 3PE IA . 40.13 11.19 -19.70
O31 3PE IA . 40.27 10.95 -18.32
O32 3PE IA . 42.30 10.09 -17.99
C31 3PE IA . 41.13 9.90 -18.01
C32 3PE IA . 40.57 8.51 -17.70
C33 3PE IA . 40.85 8.15 -16.25
C34 3PE IA . 39.88 8.90 -15.34
C35 3PE IA . 39.49 8.00 -14.17
C36 3PE IA . 40.66 7.88 -13.21
C37 3PE IA . 40.16 7.53 -11.81
C38 3PE IA . 39.16 8.58 -11.35
O21 3PE IA . 38.55 12.93 -19.24
O22 3PE IA . 36.50 13.63 -18.71
C21 3PE IA . 37.41 12.92 -18.44
C22 3PE IA . 37.33 12.00 -17.22
C23 3PE IA . 36.56 12.69 -16.11
C24 3PE IA . 36.77 11.94 -14.80
C25 3PE IA . 35.76 10.81 -14.69
C26 3PE IA . 36.06 9.99 -13.43
C27 3PE IA . 34.79 9.32 -12.94
C28 3PE IA . 34.96 9.01 -11.45
C29 3PE IA . 33.62 8.62 -10.83
C2A 3PE IA . 33.88 7.83 -9.53
C2B 3PE IA . 35.02 8.47 -8.74
O12 PC1 JA . 28.90 -14.20 -49.14
P PC1 JA . 29.21 -13.15 -48.11
O14 PC1 JA . 30.67 -13.13 -47.85
O13 PC1 JA . 28.85 -11.65 -48.63
C11 PC1 JA . 27.88 -11.49 -49.60
C12 PC1 JA . 26.63 -12.16 -49.07
N PC1 JA . 25.66 -11.15 -48.69
C13 PC1 JA . 24.77 -10.97 -49.80
C14 PC1 JA . 24.93 -11.68 -47.58
C15 PC1 JA . 26.28 -9.90 -48.27
O11 PC1 JA . 28.38 -13.51 -46.75
C1 PC1 JA . 28.47 -12.72 -45.61
C2 PC1 JA . 27.97 -13.62 -44.49
O21 PC1 JA . 26.69 -13.26 -44.05
C21 PC1 JA . 25.76 -14.18 -44.54
O22 PC1 JA . 25.54 -14.18 -45.72
C22 PC1 JA . 25.06 -15.19 -43.65
C23 PC1 JA . 24.60 -14.58 -42.34
C24 PC1 JA . 24.60 -15.65 -41.25
C25 PC1 JA . 26.01 -16.10 -40.90
C26 PC1 JA . 25.98 -17.53 -40.39
C27 PC1 JA . 26.81 -17.67 -39.12
C28 PC1 JA . 28.06 -18.48 -39.42
C29 PC1 JA . 28.62 -19.06 -38.11
C2A PC1 JA . 27.73 -20.20 -37.62
C2B PC1 JA . 28.10 -20.54 -36.19
C2C PC1 JA . 28.18 -22.05 -36.04
C2D PC1 JA . 27.66 -22.49 -34.68
C2E PC1 JA . 27.94 -23.97 -34.50
C2F PC1 JA . 26.73 -24.68 -33.89
C2G PC1 JA . 26.95 -24.84 -32.39
C2H PC1 JA . 27.37 -26.27 -32.09
C2I PC1 JA . 26.26 -26.96 -31.31
C3 PC1 JA . 28.95 -13.65 -43.33
O31 PC1 JA . 29.07 -14.99 -42.94
C31 PC1 JA . 30.37 -15.49 -43.03
O32 PC1 JA . 31.28 -14.77 -42.81
C32 PC1 JA . 30.60 -16.94 -43.43
C33 PC1 JA . 30.35 -17.84 -42.23
C34 PC1 JA . 31.18 -17.34 -41.05
C35 PC1 JA . 32.34 -18.29 -40.84
C36 PC1 JA . 32.00 -19.24 -39.70
C37 PC1 JA . 33.29 -19.90 -39.21
C38 PC1 JA . 32.94 -21.19 -38.48
C39 PC1 JA . 32.31 -20.86 -37.13
C3A PC1 JA . 33.38 -20.24 -36.23
C3B PC1 JA . 32.84 -20.15 -34.81
C3C PC1 JA . 31.73 -19.09 -34.75
C3D PC1 JA . 31.15 -19.03 -33.35
C3E PC1 JA . 30.63 -20.42 -32.95
C3F PC1 JA . 29.68 -20.29 -31.77
C3G PC1 JA . 28.48 -19.45 -32.20
C3H PC1 JA . 27.30 -19.70 -31.26
C3I PC1 JA . 26.93 -21.18 -31.29
P 3PE KA . -28.70 9.45 -4.16
N 3PE KA . -29.99 13.78 -6.41
O11 3PE KA . -28.50 9.96 -2.61
O12 3PE KA . -27.36 9.44 -4.86
O13 3PE KA . -29.73 10.45 -4.97
O14 3PE KA . -29.26 8.05 -4.15
C11 3PE KA . -29.31 11.74 -5.27
C12 3PE KA . -30.26 12.36 -6.29
C1 3PE KA . -27.20 10.13 -2.12
C2 3PE KA . -26.85 8.99 -1.17
C3 3PE KA . -26.53 7.74 -1.98
O31 3PE KA . -26.94 6.59 -1.30
O32 3PE KA . -27.09 5.23 -3.08
C31 3PE KA . -26.67 5.40 -1.98
C32 3PE KA . -25.81 4.32 -1.33
C33 3PE KA . -24.34 4.66 -1.51
C34 3PE KA . -23.86 5.50 -0.33
C35 3PE KA . -22.54 4.93 0.19
C36 3PE KA . -21.37 5.61 -0.51
C37 3PE KA . -20.08 5.23 0.20
C38 3PE KA . -19.71 3.79 -0.15
C39 3PE KA . -18.40 3.41 0.53
O21 3PE KA . -25.72 9.36 -0.42
O22 3PE KA . -26.41 7.98 1.20
C21 3PE KA . -25.57 8.70 0.80
C22 3PE KA . -24.30 8.92 1.62
C23 3PE KA . -24.55 8.37 3.02
C24 3PE KA . -23.31 8.57 3.89
C25 3PE KA . -23.23 7.43 4.88
C26 3PE KA . -22.07 6.49 4.51
C27 3PE KA . -22.33 5.10 5.09
C28 3PE KA . -21.00 4.36 5.20
C29 3PE KA . -21.25 2.87 5.44
C2A 3PE KA . -21.68 2.65 6.89
C2B 3PE KA . -21.53 1.18 7.24
P 3PE LA . 40.59 -28.46 -16.16
N 3PE LA . 40.01 -32.74 -18.41
O11 3PE LA . 41.99 -28.28 -17.02
O12 3PE LA . 40.79 -27.90 -14.77
O13 3PE LA . 40.18 -30.05 -16.05
O14 3PE LA . 39.49 -27.72 -16.83
C11 3PE LA . 40.75 -30.96 -16.93
C12 3PE LA . 39.78 -32.12 -17.13
C1 3PE LA . 42.84 -27.22 -16.71
C2 3PE LA . 42.69 -26.10 -17.76
C3 3PE LA . 43.17 -26.63 -19.11
O31 3PE LA . 43.72 -25.59 -19.85
O32 3PE LA . 45.24 -26.96 -20.77
C31 3PE LA . 44.52 -26.02 -20.92
C32 3PE LA . 44.47 -25.30 -22.26
C33 3PE LA . 43.68 -26.14 -23.25
C34 3PE LA . 42.46 -25.35 -23.76
C35 3PE LA . 42.92 -24.29 -24.76
C36 3PE LA . 41.70 -23.50 -25.24
C37 3PE LA . 41.06 -24.23 -26.42
C38 3PE LA . 39.98 -23.35 -27.05
O21 3PE LA . 41.35 -25.75 -17.83
O22 3PE LA . 41.35 -23.50 -17.83
C21 3PE LA . 41.09 -24.49 -18.41
C22 3PE LA . 40.47 -24.43 -19.81
C23 3PE LA . 39.77 -23.11 -20.04
C24 3PE LA . 39.07 -23.20 -21.39
C25 3PE LA . 38.68 -21.81 -21.90
C26 3PE LA . 38.26 -21.93 -23.36
C27 3PE LA . 37.88 -20.56 -23.90
C28 3PE LA . 37.67 -20.68 -25.41
C29 3PE LA . 37.61 -19.29 -26.04
C2A 3PE LA . 37.31 -19.40 -27.53
P 3PE MA . -16.89 -2.50 -15.81
N 3PE MA . -18.43 0.95 -18.55
O11 3PE MA . -15.68 -3.18 -14.92
O12 3PE MA . -17.71 -3.59 -16.46
O13 3PE MA . -16.26 -1.53 -17.00
O14 3PE MA . -17.79 -1.68 -14.92
C11 3PE MA . -16.83 -0.28 -17.20
C12 3PE MA . -17.97 -0.38 -18.21
C1 3PE MA . -16.07 -4.04 -13.89
C2 3PE MA . -14.85 -4.65 -13.19
C3 3PE MA . -13.98 -5.37 -14.22
O31 3PE MA . -12.86 -5.92 -13.58
O32 3PE MA . -13.68 -7.91 -14.16
C31 3PE MA . -12.83 -7.31 -13.60
C32 3PE MA . -11.70 -8.06 -12.91
C33 3PE MA . -10.43 -7.22 -12.93
C34 3PE MA . -9.36 -7.94 -12.09
C35 3PE MA . -9.92 -8.21 -10.70
C36 3PE MA . -9.37 -9.55 -10.20
C37 3PE MA . -8.24 -9.30 -9.21
O21 3PE MA . -14.13 -3.65 -12.54
O22 3PE MA . -15.38 -2.44 -11.12
C21 3PE MA . -14.61 -3.33 -11.26
C22 3PE MA . -14.13 -4.10 -10.03
C23 3PE MA . -14.25 -3.18 -8.82
C24 3PE MA . -13.49 -3.77 -7.63
C25 3PE MA . -13.45 -2.77 -6.49
C26 3PE MA . -12.61 -3.33 -5.34
C27 3PE MA . -12.69 -2.40 -4.13
C28 3PE MA . -11.76 -2.92 -3.04
C29 3PE MA . -12.38 -2.67 -1.67
C2A 3PE MA . -12.70 -4.02 -0.99
C2B 3PE MA . -13.67 -3.78 0.16
C2C 3PE MA . -13.74 -5.03 1.04
C2D 3PE MA . -14.77 -4.82 2.16
P 3PE NA . 7.21 -41.75 -64.72
N 3PE NA . 8.20 -44.18 -68.57
O11 3PE NA . 7.37 -43.04 -63.71
O12 3PE NA . 6.44 -40.64 -64.06
O13 3PE NA . 6.40 -42.24 -66.08
O14 3PE NA . 8.56 -41.23 -65.10
C11 3PE NA . 6.84 -43.40 -66.71
C12 3PE NA . 8.00 -43.07 -67.64
C1 3PE NA . 6.25 -43.55 -63.04
C2 3PE NA . 6.03 -45.01 -63.40
C3 3PE NA . 7.40 -45.69 -63.55
O31 3PE NA . 7.60 -46.07 -64.87
O32 3PE NA . 9.01 -47.74 -65.35
C31 3PE NA . 7.91 -47.42 -65.04
C32 3PE NA . 6.84 -48.49 -64.81
C33 3PE NA . 7.41 -49.62 -63.97
C34 3PE NA . 6.36 -50.72 -63.81
C35 3PE NA . 7.05 -52.02 -63.42
C36 3PE NA . 6.00 -53.05 -63.04
C37 3PE NA . 5.41 -52.69 -61.67
C38 3PE NA . 5.15 -53.96 -60.87
C39 3PE NA . 5.08 -53.60 -59.39
C3A 3PE NA . 5.09 -54.88 -58.55
O21 3PE NA . 5.34 -45.67 -62.38
O22 3PE NA . 3.30 -44.76 -62.58
C21 3PE NA . 3.95 -45.75 -62.54
C22 3PE NA . 3.26 -47.11 -62.62
C23 3PE NA . 4.23 -48.20 -62.20
C24 3PE NA . 3.50 -49.26 -61.39
C25 3PE NA . 3.05 -48.66 -60.07
C26 3PE NA . 2.17 -49.67 -59.32
C27 3PE NA . 3.04 -50.53 -58.42
C28 3PE NA . 2.92 -50.05 -56.99
C29 3PE NA . 1.51 -50.32 -56.47
C2A 3PE NA . 1.56 -50.42 -54.94
C2B 3PE NA . 2.36 -51.66 -54.53
C2C 3PE NA . 2.89 -51.46 -53.11
C2D 3PE NA . 1.75 -51.56 -52.11
C2E 3PE NA . 1.68 -52.98 -51.56
C2F 3PE NA . 2.83 -53.20 -50.58
C2G 3PE NA . 2.53 -52.48 -49.27
C2H 3PE NA . 3.70 -52.66 -48.31
C2I 3PE NA . 3.88 -54.14 -47.99
O12 PC1 OA . 5.22 -26.12 -45.85
P PC1 OA . 6.56 -26.79 -45.75
O14 PC1 OA . 6.44 -28.22 -46.17
O13 PC1 OA . 7.62 -26.03 -46.75
C11 PC1 OA . 7.28 -25.92 -48.10
C12 PC1 OA . 8.10 -26.94 -48.90
N PC1 OA . 7.92 -26.69 -50.32
C13 PC1 OA . 6.51 -26.81 -50.65
C14 PC1 OA . 8.40 -25.38 -50.66
C15 PC1 OA . 8.67 -27.67 -51.07
O11 PC1 OA . 7.07 -26.70 -44.19
C1 PC1 OA . 8.22 -25.96 -43.91
C2 PC1 OA . 8.11 -25.22 -42.58
O21 PC1 OA . 7.22 -25.89 -41.74
C21 PC1 OA . 7.86 -26.55 -40.67
O22 PC1 OA . 8.97 -26.93 -40.81
C22 PC1 OA . 7.16 -26.77 -39.33
C23 PC1 OA . 7.24 -28.25 -38.96
C24 PC1 OA . 8.28 -28.43 -37.86
C25 PC1 OA . 8.61 -29.91 -37.69
C26 PC1 OA . 7.38 -30.68 -37.21
C27 PC1 OA . 7.54 -32.14 -37.63
C28 PC1 OA . 6.29 -32.92 -37.26
C29 PC1 OA . 6.62 -33.89 -36.13
C2A PC1 OA . 5.71 -35.11 -36.22
C2B PC1 OA . 5.80 -35.89 -34.91
C2C PC1 OA . 5.27 -35.04 -33.77
C3 PC1 OA . 7.64 -23.80 -42.84
O31 PC1 OA . 7.01 -23.26 -41.71
C31 PC1 OA . 7.40 -21.96 -41.38
O32 PC1 OA . 7.68 -21.20 -42.24
C32 PC1 OA . 7.43 -21.51 -39.92
C33 PC1 OA . 7.14 -22.71 -39.02
C34 PC1 OA . 6.63 -22.25 -37.66
C35 PC1 OA . 7.02 -23.26 -36.58
C36 PC1 OA . 5.76 -23.80 -35.91
C37 PC1 OA . 6.11 -24.90 -34.91
C38 PC1 OA . 6.41 -26.20 -35.64
C39 PC1 OA . 7.02 -27.22 -34.68
C3A PC1 OA . 5.93 -28.09 -34.07
C3B PC1 OA . 6.52 -29.36 -33.47
C3C PC1 OA . 5.70 -29.73 -32.24
C3D PC1 OA . 6.36 -30.88 -31.49
P 3PE PA . -11.82 -41.43 -57.88
N 3PE PA . -15.44 -40.05 -60.92
O11 3PE PA . -10.84 -42.72 -57.55
O12 3PE PA . -10.98 -40.18 -58.02
O13 3PE PA . -12.63 -41.69 -59.28
O14 3PE PA . -12.80 -41.24 -56.76
C11 3PE PA . -13.33 -40.63 -59.85
C12 3PE PA . -14.56 -41.16 -60.57
C1 3PE PA . -11.43 -43.95 -57.26
C2 3PE PA . -10.77 -44.58 -56.04
C3 3PE PA . -11.55 -45.85 -55.66
O31 3PE PA . -11.01 -46.40 -54.49
O32 3PE PA . -12.80 -47.75 -54.36
C31 3PE PA . -11.68 -47.54 -54.03
C32 3PE PA . -10.95 -48.53 -53.12
C33 3PE PA . -10.68 -49.82 -53.88
C34 3PE PA . -9.85 -50.76 -53.01
C35 3PE PA . -8.38 -50.60 -53.37
C36 3PE PA . -7.60 -51.83 -52.89
C37 3PE PA . -6.32 -51.98 -53.70
O21 3PE PA . -9.45 -44.94 -56.36
O22 3PE PA . -8.81 -44.17 -54.34
C21 3PE PA . -8.57 -44.88 -55.26
C22 3PE PA . -7.30 -45.74 -55.24
C23 3PE PA . -6.41 -45.27 -54.08
C24 3PE PA . -4.96 -45.29 -54.53
C25 3PE PA . -4.08 -44.65 -53.45
C26 3PE PA . -4.27 -45.41 -52.15
C27 3PE PA . -2.99 -45.37 -51.32
C28 3PE PA . -2.01 -46.45 -51.78
C29 3PE PA . -2.66 -47.82 -51.65
C2A 3PE PA . -1.60 -48.90 -51.79
C2B 3PE PA . -2.21 -50.14 -52.42
P 3PE QA . -39.86 31.93 42.76
N 3PE QA . -44.39 29.76 42.45
O11 3PE QA . -40.19 33.31 41.92
O12 3PE QA . -38.43 31.53 42.52
O13 3PE QA . -40.86 30.73 42.27
O14 3PE QA . -40.07 32.19 44.24
C11 3PE QA . -42.16 30.66 42.82
C12 3PE QA . -43.01 29.69 42.01
C1 3PE QA . -39.36 33.65 40.84
C2 3PE QA . -40.10 33.38 39.53
C3 3PE QA . -41.56 33.03 39.83
O31 3PE QA . -41.74 31.66 39.65
O32 3PE QA . -43.80 30.94 39.15
C31 3PE QA . -42.75 31.32 38.74
C32 3PE QA . -42.51 31.44 37.24
C33 3PE QA . -43.64 30.69 36.53
C34 3PE QA . -43.13 30.08 35.22
C35 3PE QA . -43.69 30.90 34.06
C36 3PE QA . -44.63 30.01 33.22
C37 3PE QA . -45.49 30.91 32.34
C38 3PE QA . -46.58 30.09 31.65
O21 3PE QA . -40.08 34.52 38.72
O22 3PE QA . -39.09 33.25 37.16
C21 3PE QA . -39.66 34.26 37.41
C22 3PE QA . -39.91 35.26 36.29
C23 3PE QA . -41.19 34.92 35.53
C24 3PE QA . -40.88 34.99 34.05
C25 3PE QA . -42.00 35.70 33.31
C26 3PE QA . -43.27 34.86 33.37
C27 3PE QA . -44.31 35.46 32.41
C28 3PE QA . -44.81 34.37 31.46
C29 3PE QA . -46.32 34.49 31.31
C2A 3PE QA . -46.66 35.76 30.55
C2B 3PE QA . -46.84 35.43 29.07
C2C 3PE QA . -46.93 36.74 28.27
C2D 3PE QA . -47.71 36.49 26.98
C1 CDL RA . -44.79 84.76 46.35
O1 CDL RA . -45.37 85.64 47.26
CA2 CDL RA . -44.74 83.37 46.97
OA2 CDL RA . -46.02 83.01 47.37
PA1 CDL RA . -46.39 81.44 47.61
OA3 CDL RA . -46.01 80.65 46.39
OA4 CDL RA . -47.87 81.29 47.84
OA5 CDL RA . -45.61 80.88 48.96
CA3 CDL RA . -44.47 80.06 48.83
CA4 CDL RA . -44.51 79.01 49.94
OA6 CDL RA . -43.46 78.11 49.78
CA5 CDL RA . -42.21 78.56 50.24
OA7 CDL RA . -42.15 79.46 51.01
C11 CDL RA . -40.93 77.87 49.77
C12 CDL RA . -41.11 76.36 49.82
C13 CDL RA . -40.57 75.72 48.55
C14 CDL RA . -41.70 75.07 47.78
C15 CDL RA . -41.24 74.74 46.36
C16 CDL RA . -41.03 73.24 46.22
C17 CDL RA . -40.03 72.97 45.10
C18 CDL RA . -40.32 71.63 44.43
C19 CDL RA . -39.95 71.72 42.96
C20 CDL RA . -40.49 70.51 42.21
C21 CDL RA . -39.48 69.36 42.30
C22 CDL RA . -40.13 68.14 42.98
C23 CDL RA . -41.44 67.77 42.30
CA6 CDL RA . -45.83 78.26 49.85
OA8 CDL RA . -45.75 77.29 48.85
CA7 CDL RA . -45.74 75.98 49.34
OA9 CDL RA . -45.52 75.76 50.47
C31 CDL RA . -46.04 74.81 48.39
C32 CDL RA . -46.10 73.51 49.20
C33 CDL RA . -47.55 73.17 49.51
C34 CDL RA . -48.26 72.68 48.25
CB2 CDL RA . -43.39 85.24 46.00
OB2 CDL RA . -43.24 85.17 44.62
PB2 CDL RA . -41.90 85.78 43.90
OB3 CDL RA . -42.02 87.28 43.83
OB4 CDL RA . -41.80 85.22 42.52
OB5 CDL RA . -40.56 85.38 44.76
CB3 CDL RA . -39.33 85.30 44.11
CB4 CDL RA . -39.09 83.83 43.76
OB6 CDL RA . -39.33 83.05 44.89
CB5 CDL RA . -40.48 82.27 44.80
OB7 CDL RA . -40.97 82.06 43.75
C51 CDL RA . -41.11 81.68 46.07
C52 CDL RA . -40.59 80.27 46.33
C53 CDL RA . -39.08 80.20 46.13
C54 CDL RA . -38.74 78.92 45.40
C55 CDL RA . -37.83 78.06 46.26
C56 CDL RA . -37.60 76.72 45.57
C57 CDL RA . -36.41 76.00 46.22
C58 CDL RA . -36.36 74.56 45.71
C59 CDL RA . -36.39 74.56 44.18
C60 CDL RA . -36.59 73.13 43.66
CB6 CDL RA . -37.67 83.58 43.28
OB8 CDL RA . -37.63 82.27 42.79
CB7 CDL RA . -36.36 81.69 42.79
OB9 CDL RA . -35.41 82.39 42.90
C71 CDL RA . -36.19 80.18 42.64
C72 CDL RA . -34.92 79.90 41.83
C73 CDL RA . -34.86 78.45 41.39
C74 CDL RA . -34.70 77.53 42.59
C75 CDL RA . -33.21 77.22 42.80
C76 CDL RA . -33.07 76.02 43.73
P 3PE SA . -18.28 -7.41 -17.77
N 3PE SA . -17.55 -3.09 -20.19
O11 3PE SA . -17.44 -8.11 -16.54
O12 3PE SA . -18.79 -8.48 -18.71
O13 3PE SA . -17.31 -6.38 -18.60
O14 3PE SA . -19.45 -6.64 -17.21
C11 3PE SA . -17.90 -5.34 -19.32
C12 3PE SA . -16.90 -4.20 -19.52
C1 3PE SA . -17.98 -8.09 -15.25
C2 3PE SA . -16.91 -8.40 -14.22
C3 3PE SA . -17.08 -7.48 -13.03
O31 3PE SA . -17.64 -8.18 -11.95
O32 3PE SA . -17.36 -7.43 -9.87
C31 3PE SA . -16.93 -8.08 -10.76
C32 3PE SA . -15.60 -8.81 -10.58
C33 3PE SA . -14.65 -7.96 -9.75
C34 3PE SA . -14.13 -8.76 -8.56
C35 3PE SA . -13.46 -10.03 -9.06
C36 3PE SA . -13.14 -10.94 -7.87
C37 3PE SA . -11.92 -10.41 -7.13
C38 3PE SA . -11.23 -11.56 -6.40
O21 3PE SA . -17.04 -9.73 -13.79
O22 3PE SA . -15.83 -10.48 -15.51
C21 3PE SA . -16.15 -10.64 -14.39
C22 3PE SA . -15.62 -11.82 -13.59
C23 3PE SA . -16.07 -13.12 -14.25
C24 3PE SA . -15.12 -14.25 -13.89
C25 3PE SA . -15.11 -14.47 -12.38
C26 3PE SA . -14.39 -15.77 -12.07
C27 3PE SA . -13.96 -15.79 -10.61
O7 ZMP TA . -9.14 -21.23 -84.49
P1 ZMP TA . -9.77 -19.96 -83.97
O6 ZMP TA . -10.87 -19.41 -84.84
O5 ZMP TA . -10.41 -20.29 -82.53
C21 ZMP TA . -11.72 -19.77 -82.21
C18 ZMP TA . -12.01 -20.09 -80.76
C19 ZMP TA . -10.86 -19.57 -79.90
C20 ZMP TA . -12.08 -21.62 -80.59
C17 ZMP TA . -13.31 -19.47 -80.25
O4 ZMP TA . -13.26 -19.39 -78.83
C16 ZMP TA . -14.60 -20.11 -80.73
O3 ZMP TA . -14.96 -19.95 -81.90
N2 ZMP TA . -15.28 -20.85 -79.88
C15 ZMP TA . -16.24 -20.31 -78.91
C14 ZMP TA . -15.90 -20.71 -77.50
C13 ZMP TA . -16.15 -22.19 -77.30
O2 ZMP TA . -17.30 -22.65 -77.30
N1 ZMP TA . -15.08 -22.97 -77.14
C12 ZMP TA . -15.11 -24.39 -77.46
C11 ZMP TA . -13.77 -25.04 -77.27
S1 ZMP TA . -13.21 -24.92 -75.55
C10 ZMP TA . -14.36 -25.96 -74.74
O1 ZMP TA . -15.14 -25.55 -73.91
C9 ZMP TA . -14.29 -27.39 -75.17
C8 ZMP TA . -12.97 -28.03 -74.90
C7 ZMP TA . -12.94 -29.50 -75.28
C6 ZMP TA . -11.57 -30.12 -75.30
C5 ZMP TA . -10.87 -30.16 -73.96
C4 ZMP TA . -11.49 -31.09 -72.97
C3 ZMP TA . -10.62 -31.40 -71.78
C2 ZMP TA . -9.44 -32.28 -72.10
C1 ZMP TA . -8.53 -32.50 -70.92
C22 ZMP TA . -7.41 -33.48 -71.16
C23 ZMP TA . -6.28 -33.36 -70.18
C24 ZMP TA . -5.32 -34.51 -70.14
C25 ZMP TA . -5.96 -35.78 -69.64
C1 CDL UA . 38.86 -2.19 -37.85
O1 CDL UA . 38.72 -0.84 -38.19
CA2 CDL UA . 39.11 -2.28 -36.34
OA2 CDL UA . 39.85 -1.18 -35.93
PA1 CDL UA . 40.06 -0.91 -34.31
OA3 CDL UA . 41.24 -0.01 -34.09
OA4 CDL UA . 38.82 -0.26 -33.74
OA5 CDL UA . 40.33 -2.36 -33.57
CA3 CDL UA . 40.76 -2.35 -32.23
CA4 CDL UA . 39.55 -2.53 -31.31
OA6 CDL UA . 39.63 -1.75 -30.15
CA5 CDL UA . 40.89 -1.30 -29.75
OA7 CDL UA . 41.25 -0.20 -30.03
C11 CDL UA . 41.81 -2.20 -28.92
C12 CDL UA . 42.39 -1.42 -27.73
C13 CDL UA . 42.45 -2.33 -26.52
C14 CDL UA . 43.47 -3.44 -26.78
C15 CDL UA . 43.72 -4.23 -25.50
C16 CDL UA . 44.36 -3.33 -24.45
C17 CDL UA . 45.21 -4.19 -23.52
C18 CDL UA . 45.58 -3.41 -22.27
C19 CDL UA . 45.84 -4.38 -21.12
C20 CDL UA . 47.04 -5.27 -21.47
CA6 CDL UA . 39.43 -4.00 -30.90
OA8 CDL UA . 38.69 -4.12 -29.73
CA7 CDL UA . 39.15 -5.14 -28.89
OA9 CDL UA . 40.20 -5.65 -29.10
C31 CDL UA . 38.31 -5.59 -27.69
C32 CDL UA . 37.97 -7.07 -27.81
C33 CDL UA . 39.11 -7.91 -27.24
C34 CDL UA . 39.42 -9.07 -28.19
C35 CDL UA . 40.09 -10.20 -27.42
CB2 CDL UA . 40.05 -2.77 -38.61
OB2 CDL UA . 40.16 -4.14 -38.37
PB2 CDL UA . 39.74 -5.19 -39.57
OB3 CDL UA . 40.62 -6.41 -39.53
OB4 CDL UA . 39.89 -4.50 -40.91
OB5 CDL UA . 38.17 -5.65 -39.36
CB3 CDL UA . 37.84 -6.25 -38.16
CB4 CDL UA . 36.44 -5.84 -37.75
OB6 CDL UA . 36.24 -5.82 -36.35
CB5 CDL UA . 37.32 -6.07 -35.51
OB7 CDL UA . 38.14 -5.23 -35.33
C51 CDL UA . 37.44 -7.41 -34.79
C52 CDL UA . 38.28 -7.25 -33.53
C53 CDL UA . 38.12 -8.50 -32.66
C54 CDL UA . 38.43 -9.76 -33.46
C55 CDL UA . 38.46 -10.96 -32.51
C56 CDL UA . 39.04 -12.17 -33.23
C57 CDL UA . 38.08 -12.63 -34.32
C58 CDL UA . 38.35 -14.11 -34.61
C59 CDL UA . 37.18 -14.67 -35.43
C60 CDL UA . 37.01 -16.15 -35.13
C61 CDL UA . 36.84 -16.36 -33.62
C62 CDL UA . 36.05 -17.63 -33.36
C63 CDL UA . 36.97 -18.84 -33.45
C64 CDL UA . 36.17 -20.12 -33.22
C65 CDL UA . 35.67 -20.15 -31.77
CB6 CDL UA . 35.43 -6.80 -38.37
OB8 CDL UA . 36.06 -8.01 -38.64
CB7 CDL UA . 35.15 -9.02 -38.99
OB9 CDL UA . 34.03 -8.74 -39.22
C71 CDL UA . 35.60 -10.48 -39.04
C72 CDL UA . 36.27 -10.85 -37.71
C73 CDL UA . 35.35 -10.47 -36.56
C74 CDL UA . 34.00 -11.17 -36.70
C75 CDL UA . 33.40 -11.42 -35.32
C76 CDL UA . 33.98 -12.71 -34.75
C77 CDL UA . 32.92 -13.81 -34.84
C78 CDL UA . 33.23 -14.89 -33.81
C79 CDL UA . 32.62 -14.49 -32.47
C80 CDL UA . 32.36 -15.74 -31.64
C81 CDL UA . 33.66 -16.20 -30.98
C82 CDL UA . 34.00 -15.28 -29.80
C83 CDL UA . 35.47 -15.46 -29.43
C84 CDL UA . 35.81 -14.55 -28.26
C85 CDL UA . 37.33 -14.36 -28.19
C86 CDL UA . 37.72 -13.76 -26.85
C87 CDL UA . 36.93 -12.47 -26.63
O12 PC1 VA . 45.48 -23.74 -14.24
P PC1 VA . 44.20 -22.95 -14.14
O14 PC1 VA . 43.03 -23.80 -14.53
O13 PC1 VA . 44.01 -22.43 -12.58
C11 PC1 VA . 43.43 -21.17 -12.34
C12 PC1 VA . 41.93 -21.31 -12.13
N PC1 VA . 41.54 -21.26 -10.74
C13 PC1 VA . 41.59 -19.88 -10.25
C14 PC1 VA . 40.19 -21.76 -10.60
C15 PC1 VA . 42.41 -22.08 -9.92
O11 PC1 VA . 44.29 -21.65 -15.14
C1 PC1 VA . 43.31 -21.47 -16.12
C2 PC1 VA . 43.40 -20.03 -16.61
O21 PC1 VA . 42.37 -19.74 -17.51
C21 PC1 VA . 41.95 -18.42 -17.47
O22 PC1 VA . 42.28 -17.72 -16.56
C22 PC1 VA . 41.08 -17.84 -18.58
C23 PC1 VA . 40.19 -16.73 -18.01
C24 PC1 VA . 38.99 -16.52 -18.92
C25 PC1 VA . 38.31 -15.18 -18.63
C26 PC1 VA . 38.04 -15.06 -17.14
C27 PC1 VA . 36.78 -15.85 -16.77
C28 PC1 VA . 35.57 -15.35 -17.57
C29 PC1 VA . 35.16 -13.95 -17.09
C2A PC1 VA . 34.69 -13.99 -15.64
C2B PC1 VA . 33.30 -13.34 -15.54
C2C PC1 VA . 32.24 -14.44 -15.44
C2D PC1 VA . 30.98 -13.86 -14.81
C2E PC1 VA . 30.14 -13.18 -15.90
C2F PC1 VA . 28.90 -12.55 -15.26
C2G PC1 VA . 28.13 -13.65 -14.53
C3 PC1 VA . 44.75 -19.83 -17.31
O31 PC1 VA . 44.93 -20.85 -18.25
C31 PC1 VA . 44.55 -20.47 -19.54
O32 PC1 VA . 44.52 -19.32 -19.83
C32 PC1 VA . 44.20 -21.54 -20.57
C33 PC1 VA . 44.64 -21.06 -21.95
C34 PC1 VA . 43.45 -21.14 -22.91
C35 PC1 VA . 43.09 -19.73 -23.39
C36 PC1 VA . 42.36 -18.98 -22.28
C37 PC1 VA . 41.86 -17.64 -22.82
C38 PC1 VA . 41.14 -17.86 -24.14
C39 PC1 VA . 40.28 -16.64 -24.46
C3A PC1 VA . 39.16 -16.54 -23.42
C3B PC1 VA . 38.77 -15.06 -23.28
C3C PC1 VA . 39.90 -14.31 -22.58
C3D PC1 VA . 39.87 -12.85 -23.00
C3E PC1 VA . 38.56 -12.22 -22.53
C3F PC1 VA . 38.46 -12.31 -21.02
C3G PC1 VA . 37.22 -11.53 -20.55
C3H PC1 VA . 35.99 -12.10 -21.23
C3I PC1 VA . 35.67 -13.47 -20.65
P 3PE WA . -20.53 82.63 43.53
N 3PE WA . -19.38 86.34 41.76
O11 3PE WA . -20.75 81.01 43.76
O12 3PE WA . -21.44 83.39 44.47
O13 3PE WA . -20.88 83.03 41.98
O14 3PE WA . -19.10 82.98 43.84
C11 3PE WA . -20.12 84.05 41.39
C12 3PE WA . -20.43 85.37 42.07
C1 3PE WA . -20.28 80.46 44.96
C2 3PE WA . -21.30 79.45 45.48
C3 3PE WA . -22.67 80.09 45.56
O31 3PE WA . -23.58 79.22 46.16
O32 3PE WA . -25.22 80.56 45.43
C31 3PE WA . -24.91 79.65 46.13
C32 3PE WA . -25.96 78.96 46.99
C33 3PE WA . -27.18 78.61 46.13
C34 3PE WA . -26.97 77.24 45.49
C35 3PE WA . -28.31 76.53 45.35
C36 3PE WA . -28.08 75.02 45.25
O21 3PE WA . -21.34 78.35 44.61
O22 3PE WA . -19.38 77.27 44.55
C21 3PE WA . -20.49 77.31 44.97
C22 3PE WA . -20.98 76.22 45.90
C23 3PE WA . -20.51 74.86 45.38
C24 3PE WA . -21.15 73.75 46.20
C25 3PE WA . -20.25 72.51 46.15
C26 3PE WA . -20.83 71.43 47.05
C27 3PE WA . -22.11 70.88 46.45
C28 3PE WA . -21.79 70.14 45.15
C29 3PE WA . -20.85 68.98 45.46
C2A 3PE WA . -21.29 67.73 44.72
C2B 3PE WA . -20.61 67.67 43.36
C2C 3PE WA . -21.08 66.43 42.59
C2D 3PE WA . -22.13 66.83 41.56
C2E 3PE WA . -21.70 66.31 40.18
C2F 3PE WA . -22.91 66.18 39.27
C2G 3PE WA . -22.46 66.28 37.81
C2H 3PE WA . -23.54 65.73 36.87
P 3PE XA . -11.00 53.74 62.36
N 3PE XA . -14.33 55.35 64.84
O11 3PE XA . -9.65 53.85 61.43
O12 3PE XA . -11.00 52.44 63.14
O13 3PE XA . -11.05 55.01 63.42
O14 3PE XA . -12.22 53.77 61.47
C11 3PE XA . -11.97 54.96 64.48
C12 3PE XA . -13.16 55.86 64.16
C1 3PE XA . -9.28 52.72 60.69
C2 3PE XA . -9.35 53.04 59.20
C3 3PE XA . -10.27 54.23 58.97
O31 3PE XA . -10.14 54.68 57.65
O32 3PE XA . -12.29 54.16 57.32
C31 3PE XA . -11.24 54.40 56.83
C32 3PE XA . -11.08 54.40 55.31
C33 3PE XA . -11.54 55.75 54.77
C34 3PE XA . -11.14 55.88 53.29
C35 3PE XA . -11.68 54.70 52.51
C36 3PE XA . -11.04 54.67 51.12
C37 3PE XA . -11.49 55.90 50.33
C38 3PE XA . -11.77 55.53 48.87
C39 3PE XA . -12.53 56.67 48.22
C3A 3PE XA . -12.39 56.60 46.70
C3B 3PE XA . -13.09 55.35 46.17
C3C 3PE XA . -13.68 55.66 44.81
C3D 3PE XA . -14.61 54.54 44.37
C3E 3PE XA . -15.34 54.97 43.12
C3F 3PE XA . -16.49 54.02 42.82
O21 3PE XA . -8.07 53.33 58.74
O22 3PE XA . -8.11 51.75 57.15
C21 3PE XA . -7.83 52.87 57.44
C22 3PE XA . -7.25 53.82 56.39
C23 3PE XA . -6.11 53.13 55.63
C24 3PE XA . -5.84 53.88 54.33
C25 3PE XA . -5.78 55.39 54.59
C26 3PE XA . -5.08 56.09 53.42
C27 3PE XA . -5.82 55.82 52.12
C28 3PE XA . -7.20 56.49 52.15
C29 3PE XA . -7.05 57.99 51.90
C1 CDL YA . 1.46 53.03 18.05
O1 CDL YA . 0.25 52.55 18.56
CA2 CDL YA . 2.60 52.18 18.55
OA2 CDL YA . 2.40 51.94 19.90
PA1 CDL YA . 2.76 50.47 20.52
OA3 CDL YA . 4.19 50.17 20.20
OA4 CDL YA . 1.89 49.41 19.91
OA5 CDL YA . 2.57 50.53 22.14
CA3 CDL YA . 1.31 50.28 22.72
CA4 CDL YA . 1.54 49.79 24.14
OA6 CDL YA . 2.54 48.81 24.24
CA5 CDL YA . 2.59 47.79 23.29
OA7 CDL YA . 1.60 47.31 22.83
C11 CDL YA . 3.96 47.27 22.85
C12 CDL YA . 4.49 46.28 23.87
C13 CDL YA . 3.44 45.19 24.13
C14 CDL YA . 3.02 45.18 25.60
C15 CDL YA . 2.29 43.88 25.85
C16 CDL YA . 1.82 43.78 27.29
C17 CDL YA . 1.01 42.50 27.42
C18 CDL YA . 0.20 42.46 28.70
C19 CDL YA . -0.67 41.22 28.69
C20 CDL YA . -0.67 40.57 30.07
C21 CDL YA . 0.76 40.24 30.48
C22 CDL YA . 0.73 39.44 31.78
C23 CDL YA . 2.15 39.22 32.28
CA6 CDL YA . 0.24 49.28 24.77
OA8 CDL YA . 0.56 48.32 25.75
CA7 CDL YA . 0.18 48.71 27.03
OA9 CDL YA . -0.46 49.69 27.18
C31 CDL YA . 0.60 47.89 28.25
C32 CDL YA . -0.59 47.79 29.20
C33 CDL YA . -0.26 46.87 30.38
C34 CDL YA . 1.05 47.33 31.04
CB2 CDL YA . 1.66 54.46 18.53
OB2 CDL YA . 1.09 54.58 19.80
PB2 CDL YA . 0.36 56.01 20.16
OB3 CDL YA . -0.69 56.28 19.12
OB4 CDL YA . 1.39 57.10 20.20
OB5 CDL YA . -0.35 55.95 21.63
CB3 CDL YA . -1.46 55.13 21.80
CB4 CDL YA . -1.35 54.45 23.13
OB6 CDL YA . -2.63 54.36 23.68
CB5 CDL YA . -2.73 53.30 24.58
OB7 CDL YA . -2.90 53.53 25.73
C51 CDL YA . -2.60 51.87 24.10
C52 CDL YA . -2.75 50.96 25.32
C53 CDL YA . -4.22 50.72 25.64
C54 CDL YA . -4.51 51.23 27.04
C55 CDL YA . -5.08 50.09 27.87
C56 CDL YA . -3.93 49.23 28.38
C57 CDL YA . -4.49 48.23 29.37
C58 CDL YA . -5.49 47.32 28.63
C59 CDL YA . -6.45 46.70 29.64
C60 CDL YA . -5.66 45.98 30.74
C61 CDL YA . -4.98 44.75 30.15
C62 CDL YA . -4.51 43.85 31.29
CB6 CDL YA . -0.44 55.28 24.04
OB8 CDL YA . -0.12 54.57 25.21
CB7 CDL YA . 0.91 53.62 25.07
OB9 CDL YA . 1.43 53.47 24.02
C71 CDL YA . 1.35 52.78 26.25
C72 CDL YA . 0.93 53.46 27.56
C73 CDL YA . 0.58 52.40 28.58
C74 CDL YA . 0.58 53.00 29.99
C75 CDL YA . -0.76 52.74 30.67
C76 CDL YA . -1.05 51.25 30.71
C77 CDL YA . -0.37 50.64 31.94
C78 CDL YA . -0.91 51.32 33.20
C79 CDL YA . -2.10 50.52 33.71
C1 CDL ZA . 2.64 36.21 50.48
O1 CDL ZA . 1.78 36.95 49.66
CA2 CDL ZA . 1.84 35.12 51.15
OA2 CDL ZA . 0.84 35.71 51.92
PA1 CDL ZA . -0.67 35.06 51.89
OA3 CDL ZA . -0.57 33.57 51.73
OA4 CDL ZA . -1.35 35.36 53.20
OA5 CDL ZA . -1.55 35.73 50.68
CA3 CDL ZA . -1.85 35.03 49.51
CA4 CDL ZA . -2.17 36.11 48.50
OA6 CDL ZA . -2.69 37.20 49.18
CA5 CDL ZA . -2.01 38.39 48.92
OA7 CDL ZA . -0.86 38.34 48.65
C11 CDL ZA . -2.73 39.72 48.96
C12 CDL ZA . -2.70 40.33 47.56
C13 CDL ZA . -4.12 40.39 47.02
C14 CDL ZA . -4.25 39.46 45.83
C15 CDL ZA . -4.65 40.25 44.60
C16 CDL ZA . -3.68 39.95 43.46
C17 CDL ZA . -4.34 40.24 42.12
C18 CDL ZA . -3.31 40.05 41.01
C19 CDL ZA . -4.00 39.86 39.67
C20 CDL ZA . -3.90 41.17 38.88
C21 CDL ZA . -4.72 41.03 37.61
C22 CDL ZA . -3.94 40.25 36.57
C23 CDL ZA . -4.54 40.50 35.19
C24 CDL ZA . -4.14 39.38 34.25
C25 CDL ZA . -4.99 39.46 32.98
C26 CDL ZA . -4.25 40.32 31.96
C27 CDL ZA . -4.84 40.04 30.58
CA6 CDL ZA . -3.16 35.64 47.44
OA8 CDL ZA . -2.41 35.42 46.28
CA7 CDL ZA . -3.15 34.97 45.19
OA9 CDL ZA . -4.32 34.91 45.28
C31 CDL ZA . -2.45 34.57 43.91
C32 CDL ZA . -2.37 35.77 42.99
C33 CDL ZA . -1.55 35.44 41.73
C34 CDL ZA . -2.01 34.11 41.15
C35 CDL ZA . -1.88 34.16 39.65
C36 CDL ZA . -0.43 34.39 39.26
C37 CDL ZA . -0.36 34.87 37.81
C38 CDL ZA . -0.59 33.69 36.88
C39 CDL ZA . -1.65 34.05 35.83
C40 CDL ZA . -1.26 35.35 35.12
C41 CDL ZA . -2.39 35.79 34.20
C42 CDL ZA . -2.33 35.00 32.89
C43 CDL ZA . -3.10 35.74 31.81
CB2 CDL ZA . 3.23 37.13 51.54
OB2 CDL ZA . 2.49 38.32 51.64
PB2 CDL ZA . 3.00 39.66 50.82
OB3 CDL ZA . 4.47 39.49 50.48
OB4 CDL ZA . 2.84 40.87 51.69
OB5 CDL ZA . 2.14 39.85 49.43
CB3 CDL ZA . 2.66 40.66 48.42
CB4 CDL ZA . 1.57 41.10 47.44
OB6 CDL ZA . 0.67 40.07 47.12
CB5 CDL ZA . 1.09 39.03 46.26
OB7 CDL ZA . 1.97 38.31 46.59
C51 CDL ZA . 0.39 38.82 44.93
C52 CDL ZA . 1.37 38.92 43.76
C53 CDL ZA . 0.57 38.74 42.46
C54 CDL ZA . 1.42 39.12 41.26
C55 CDL ZA . 1.02 38.24 40.09
C56 CDL ZA . 1.07 39.04 38.79
C57 CDL ZA . 2.52 39.31 38.41
C58 CDL ZA . 3.26 37.98 38.21
CB6 CDL ZA . 2.22 41.64 46.16
OB8 CDL ZA . 2.34 43.03 46.27
CB7 CDL ZA . 1.62 43.74 45.30
OB9 CDL ZA . 2.19 44.42 44.52
C71 CDL ZA . 0.09 43.65 45.26
C72 CDL ZA . -0.43 44.26 43.97
C73 CDL ZA . -0.25 43.28 42.82
C74 CDL ZA . -0.42 44.03 41.50
C75 CDL ZA . -1.13 43.13 40.50
C76 CDL ZA . -1.40 43.93 39.22
C77 CDL ZA . -0.50 43.44 38.09
C78 CDL ZA . -0.66 44.36 36.89
C79 CDL ZA . -0.62 43.55 35.59
O12 PC1 AB . 18.66 28.20 25.17
P PC1 AB . 19.59 29.15 25.91
O14 PC1 AB . 19.78 28.65 27.32
O13 PC1 AB . 21.03 29.22 25.11
C11 PC1 AB . 22.23 29.41 25.83
C12 PC1 AB . 22.13 30.65 26.73
N PC1 AB . 23.45 31.14 27.10
C13 PC1 AB . 24.03 31.85 25.98
C14 PC1 AB . 23.32 32.04 28.23
C15 PC1 AB . 24.31 30.03 27.47
O11 PC1 AB . 18.90 30.64 25.94
C1 PC1 AB . 17.84 30.89 25.07
C2 PC1 AB . 18.39 31.12 23.66
O21 PC1 AB . 18.69 32.48 23.51
C21 PC1 AB . 20.06 32.76 23.50
O22 PC1 AB . 20.81 32.07 24.11
C22 PC1 AB . 20.59 33.95 22.70
C23 PC1 AB . 21.82 34.54 23.38
C24 PC1 AB . 22.28 35.77 22.59
C25 PC1 AB . 21.27 36.91 22.77
C26 PC1 AB . 21.02 37.60 21.44
C27 PC1 AB . 22.34 38.12 20.86
C28 PC1 AB . 22.88 39.25 21.74
C29 PC1 AB . 22.38 40.60 21.22
C2A PC1 AB . 22.93 41.72 22.10
C2B PC1 AB . 22.16 43.01 21.85
C3 PC1 AB . 17.35 30.73 22.61
O31 PC1 AB . 16.13 30.41 23.22
C31 PC1 AB . 15.15 31.40 23.10
O32 PC1 AB . 15.37 32.50 23.45
C32 PC1 AB . 13.78 31.06 22.52
C33 PC1 AB . 13.44 32.13 21.47
C34 PC1 AB . 14.50 32.09 20.37
C35 PC1 AB . 14.53 33.42 19.64
C36 PC1 AB . 13.86 33.27 18.28
C37 PC1 AB . 14.76 32.45 17.37
C38 PC1 AB . 14.56 32.89 15.92
C39 PC1 AB . 13.28 32.27 15.37
C3A PC1 AB . 13.36 30.75 15.52
O12 PC1 BB . 18.89 23.53 26.43
P PC1 BB . 18.78 24.92 25.85
O14 PC1 BB . 18.19 25.85 26.87
O13 PC1 BB . 20.28 25.47 25.41
C11 PC1 BB . 21.41 24.97 26.07
C12 PC1 BB . 21.33 25.24 27.56
N PC1 BB . 22.62 25.01 28.19
C13 PC1 BB . 23.57 26.00 27.74
C14 PC1 BB . 23.11 23.68 27.86
C15 PC1 BB . 22.47 25.11 29.63
O11 PC1 BB . 17.81 24.88 24.52
C1 PC1 BB . 17.06 23.73 24.26
C2 PC1 BB . 16.67 23.70 22.78
O21 PC1 BB . 15.76 24.71 22.51
C21 PC1 BB . 16.28 25.78 21.77
O22 PC1 BB . 17.25 26.34 22.14
C22 PC1 BB . 15.61 26.21 20.47
C23 PC1 BB . 14.47 27.17 20.79
C24 PC1 BB . 14.03 27.85 19.49
C25 PC1 BB . 13.34 26.83 18.58
C26 PC1 BB . 13.25 27.41 17.17
C27 PC1 BB . 12.95 26.27 16.18
C28 PC1 BB . 12.26 26.85 14.95
C3 PC1 BB . 16.05 22.35 22.43
O31 PC1 BB . 14.99 22.53 21.54
C31 PC1 BB . 15.27 22.17 20.22
O32 PC1 BB . 16.39 22.24 19.81
C32 PC1 BB . 14.16 21.68 19.29
C33 PC1 BB . 14.64 20.45 18.53
C34 PC1 BB . 13.77 20.24 17.29
C35 PC1 BB . 14.33 19.10 16.45
C36 PC1 BB . 13.56 18.99 15.14
P 3PE CB . -6.18 58.72 18.71
N 3PE CB . -2.43 58.18 15.38
O11 3PE CB . -6.22 58.11 20.23
O12 3PE CB . -7.56 58.59 18.10
O13 3PE CB . -5.11 57.86 17.81
O14 3PE CB . -5.78 60.16 18.73
C11 3PE CB . -4.31 58.54 16.89
C12 3PE CB . -3.06 57.72 16.61
C1 3PE CB . -7.09 57.04 20.48
C2 3PE CB . -6.55 56.22 21.64
C3 3PE CB . -5.92 57.17 22.65
O31 3PE CB . -5.83 56.51 23.87
O32 3PE CB . -6.44 58.45 24.78
C31 3PE CB . -6.08 57.35 24.96
C32 3PE CB . -5.89 56.83 26.38
C33 3PE CB . -4.52 56.16 26.45
C34 3PE CB . -4.12 55.95 27.90
C35 3PE CB . -2.81 56.69 28.16
C36 3PE CB . -1.96 55.91 29.15
C37 3PE CB . -0.52 56.39 29.07
O21 3PE CB . -7.61 55.53 22.25
O22 3PE CB . -6.76 53.57 21.56
C21 3PE CB . -7.43 54.15 22.35
C22 3PE CB . -8.11 53.35 23.47
C23 3PE CB . -7.13 53.11 24.62
C24 3PE CB . -7.65 51.96 25.48
C25 3PE CB . -8.80 52.43 26.36
C26 3PE CB . -9.31 51.26 27.18
C27 3PE CB . -10.70 51.59 27.71
C28 3PE CB . -11.18 50.50 28.65
C29 3PE CB . -10.30 50.48 29.89
C2A 3PE CB . -11.08 49.97 31.09
C2B 3PE CB . -10.20 50.08 32.31
C2C 3PE CB . -9.42 48.80 32.55
C2D 3PE CB . -7.95 49.02 32.17
C2E 3PE CB . -7.48 50.33 32.77
P 3PE DB . -2.41 71.93 33.83
N 3PE DB . -3.26 75.99 31.75
O11 3PE DB . -1.60 70.51 33.91
O12 3PE DB . -3.80 71.77 34.39
O13 3PE DB . -2.52 72.44 32.27
O14 3PE DB . -1.66 72.97 34.62
C11 3PE DB . -3.31 73.56 32.00
C12 3PE DB . -2.43 74.81 32.00
C1 3PE DB . -2.31 69.31 33.77
C2 3PE DB . -1.73 68.25 34.70
C3 3PE DB . -1.74 68.79 36.13
O31 3PE DB . -3.03 68.67 36.66
O32 3PE DB . -2.23 67.49 38.40
C31 3PE DB . -3.14 67.69 37.66
C32 3PE DB . -4.42 66.87 37.79
C33 3PE DB . -5.17 66.87 36.46
C34 3PE DB . -6.34 65.90 36.54
C35 3PE DB . -7.64 66.69 36.49
C36 3PE DB . -8.59 66.17 37.57
C37 3PE DB . -9.31 64.94 37.04
C38 3PE DB . -10.37 64.49 38.05
C39 3PE DB . -11.54 63.87 37.31
C3A 3PE DB . -11.04 62.85 36.29
C3B 3PE DB . -11.74 61.51 36.54
C3C 3PE DB . -12.97 61.40 35.66
C3D 3PE DB . -14.08 60.69 36.43
C3E 3PE DB . -14.66 59.56 35.58
O21 3PE DB . -2.53 67.09 34.64
O22 3PE DB . -0.65 65.90 34.33
C21 3PE DB . -1.82 65.90 34.51
C22 3PE DB . -2.57 64.56 34.57
C23 3PE DB . -2.74 64.14 36.04
C24 3PE DB . -3.13 62.66 36.09
C25 3PE DB . -3.30 62.23 37.54
C26 3PE DB . -4.76 62.41 37.97
C27 3PE DB . -4.96 61.80 39.36
C28 3PE DB . -6.42 61.92 39.78
C29 3PE DB . -7.14 60.59 39.57
C2A 3PE DB . -8.56 60.68 40.15
C2B 3PE DB . -9.24 59.32 40.08
C2C 3PE DB . -10.59 59.39 40.78
C2D 3PE DB . -11.11 57.98 41.04
C2E 3PE DB . -12.52 58.04 41.63
C2F 3PE DB . -13.49 58.57 40.57
P 3PE EB . 54.25 -54.41 -42.78
N 3PE EB . 57.29 -57.66 -42.08
O11 3PE EB . 53.15 -53.48 -43.57
O12 3PE EB . 55.39 -53.56 -42.28
O13 3PE EB . 54.83 -55.57 -43.79
O14 3PE EB . 53.57 -55.07 -41.59
C11 3PE EB . 56.09 -56.13 -43.53
C12 3PE EB . 56.02 -57.01 -42.29
C1 3PE EB . 53.55 -52.87 -44.77
C2 3PE EB . 52.31 -52.41 -45.53
C3 3PE EB . 51.79 -53.55 -46.40
O31 3PE EB . 50.45 -53.31 -46.73
O32 3PE EB . 49.95 -55.05 -45.41
C31 3PE EB . 49.55 -54.12 -46.03
C32 3PE EB . 48.05 -53.82 -46.05
C33 3PE EB . 47.68 -53.25 -47.42
C34 3PE EB . 46.16 -53.14 -47.53
C35 3PE EB . 45.62 -52.42 -46.31
C36 3PE EB . 44.25 -52.98 -45.95
C37 3PE EB . 43.20 -52.44 -46.91
C38 3PE EB . 41.90 -52.18 -46.16
C39 3PE EB . 41.41 -50.77 -46.47
C3A 3PE EB . 40.62 -50.23 -45.28
C3B 3PE EB . 40.87 -48.73 -45.16
C3C 3PE EB . 40.47 -48.05 -46.48
C3D 3PE EB . 41.60 -47.11 -46.92
C3E 3PE EB . 41.37 -46.72 -48.37
C3F 3PE EB . 42.51 -45.82 -48.85
C3G 3PE EB . 42.23 -45.35 -50.28
C3H 3PE EB . 43.12 -44.17 -50.61
O21 3PE EB . 51.31 -52.04 -44.61
O22 3PE EB . 50.96 -50.10 -43.57
C21 3PE EB . 51.03 -50.67 -44.60
C22 3PE EB . 50.80 -49.91 -45.90
C23 3PE EB . 49.60 -48.99 -45.74
C24 3PE EB . 50.06 -47.57 -45.41
C25 3PE EB . 48.90 -46.81 -44.79
C26 3PE EB . 49.10 -45.31 -45.00
C27 3PE EB . 48.58 -44.91 -46.37
C28 3PE EB . 48.46 -43.39 -46.44
C29 3PE EB . 47.69 -43.01 -47.70
C1 LMN FB . 4.13 -46.65 -12.84
O1 LMN FB . 4.72 -47.45 -13.73
C2 LMN FB . 3.96 -47.43 -11.51
O2 LMN FB . 4.38 -46.59 -10.44
C3 LMN FB . 2.55 -47.88 -11.24
O3 LMN FB . 2.20 -48.87 -12.27
C4 LMN FB . 1.55 -46.82 -11.27
O4 LMN FB . 1.48 -46.18 -9.90
C5 LMN FB . 1.84 -45.76 -12.27
O5 LMN FB . 2.74 -46.27 -13.35
C6 LMN FB . 0.55 -45.31 -12.91
O6 LMN FB . 0.84 -44.67 -14.13
CAA LMN FB . 13.22 -39.98 -18.78
CAB LMN FB . 9.23 -42.37 -23.63
OAI LMN FB . -1.71 -49.16 -9.20
OAJ LMN FB . 1.64 -56.62 -11.00
OAL LMN FB . 2.76 -53.90 -13.69
OAN LMN FB . 7.31 -54.47 -14.16
OAP LMN FB . 6.06 -52.57 -15.62
OAQ LMN FB . -3.74 -45.17 -10.17
OAR LMN FB . 3.88 -59.88 -12.30
OAS LMN FB . -1.99 -43.28 -9.06
OAT LMN FB . 5.63 -58.35 -14.28
OAU LMN FB . 0.76 -43.96 -9.25
OAV LMN FB . 6.86 -57.10 -11.23
CAW LMN FB . 12.24 -40.09 -17.57
CAX LMN FB . 8.46 -43.49 -22.93
CAY LMN FB . 11.06 -41.03 -17.97
CAZ LMN FB . 8.61 -44.81 -23.75
CBA LMN FB . 9.91 -40.88 -16.94
CBB LMN FB . 7.74 -45.93 -23.10
CBC LMN FB . 10.49 -40.85 -15.51
CBD LMN FB . 8.17 -46.11 -21.60
CBE LMN FB . 10.34 -42.25 -14.84
CBF LMN FB . 7.64 -47.46 -21.05
CBG LMN FB . 9.04 -42.98 -15.34
CBH LMN FB . 8.28 -47.71 -19.65
CBI LMN FB . 9.01 -44.45 -14.72
CBJ LMN FB . 7.58 -48.89 -18.94
CBK LMN FB . 7.72 -45.21 -15.19
CBL LMN FB . 7.76 -48.74 -17.37
CBM LMN FB . -2.31 -47.95 -8.83
CBN LMN FB . 2.22 -57.91 -10.94
CBP LMN FB . 3.00 -53.05 -12.60
CBQ LMN FB . 8.04 -46.77 -15.27
CBR LMN FB . 6.44 -48.15 -16.77
CBS LMN FB . 5.46 -46.72 -14.77
CBT LMN FB . 6.87 -48.89 -14.28
OBV LMN FB . 5.94 -49.94 -14.68
OBX LMN FB . 4.52 -51.43 -13.55
OBY LMN FB . -0.71 -46.93 -10.36
OBZ LMN FB . 4.08 -56.35 -11.06
OCB LMN FB . 5.50 -54.69 -11.88
CCC LMN FB . -2.12 -46.93 -9.93
CCD LMN FB . 3.72 -57.79 -11.12
CCF LMN FB . 4.44 -52.61 -12.63
CCH LMN FB . 6.68 -53.36 -13.46
CCJ LMN FB . 5.91 -51.03 -13.80
CCL LMN FB . 6.68 -52.18 -14.39
CCM LMN FB . 6.71 -47.62 -15.28
CCN LMN FB . -2.58 -45.57 -9.44
CCO LMN FB . 4.10 -58.47 -12.43
CCQ LMN FB . 5.33 -53.77 -13.04
CCR LMN FB . 0.21 -46.30 -9.37
CCS LMN FB . 4.96 -55.92 -12.17
CCT LMN FB . -1.52 -44.54 -9.62
CCU LMN FB . 5.53 -58.25 -12.83
CCV LMN FB . -0.27 -44.93 -8.93
CCW LMN FB . 6.08 -56.93 -12.43
P 3PE GB . 50.32 -27.62 -21.77
N 3PE GB . 52.28 -30.16 -18.43
O11 3PE GB . 50.30 -27.11 -23.34
O12 3PE GB . 51.14 -26.66 -20.95
O13 3PE GB . 51.02 -29.10 -21.67
O14 3PE GB . 48.91 -27.68 -21.24
C11 3PE GB . 51.97 -29.30 -20.67
C12 3PE GB . 51.29 -29.69 -19.37
C1 3PE GB . 50.58 -25.77 -23.61
C2 3PE GB . 49.51 -25.19 -24.52
C3 3PE GB . 49.25 -26.16 -25.66
O31 3PE GB . 47.99 -26.74 -25.48
O32 3PE GB . 47.30 -25.42 -27.16
C31 3PE GB . 47.02 -26.26 -26.37
C32 3PE GB . 45.59 -26.79 -26.29
C33 3PE GB . 45.57 -28.24 -26.80
C34 3PE GB . 44.16 -28.62 -27.23
C35 3PE GB . 43.60 -27.53 -28.16
C36 3PE GB . 42.08 -27.59 -28.14
C37 3PE GB . 41.61 -28.62 -29.15
C38 3PE GB . 40.17 -29.02 -28.82
C39 3PE GB . 39.27 -28.68 -30.01
C3A 3PE GB . 37.80 -28.89 -29.61
C3B 3PE GB . 37.45 -27.95 -28.46
C3C 3PE GB . 37.58 -26.51 -28.93
C3D 3PE GB . 36.26 -25.78 -28.72
C3E 3PE GB . 35.32 -26.07 -29.88
C3F 3PE GB . 35.33 -24.89 -30.84
C3G 3PE GB . 34.17 -25.03 -31.83
C3H 3PE GB . 34.22 -23.89 -32.83
C3I 3PE GB . 33.08 -24.05 -33.83
O21 3PE GB . 48.33 -24.99 -23.80
O22 3PE GB . 47.45 -23.19 -22.81
C21 3PE GB . 47.84 -23.68 -23.81
C22 3PE GB . 47.81 -22.88 -25.10
C23 3PE GB . 46.39 -22.34 -25.31
C24 3PE GB . 46.35 -21.55 -26.63
C25 3PE GB . 45.01 -21.78 -27.31
C26 3PE GB . 44.89 -23.24 -27.72
C27 3PE GB . 44.89 -23.35 -29.24
C28 3PE GB . 43.47 -23.12 -29.77
C29 3PE GB . 43.37 -23.68 -31.18
C2A 3PE GB . 41.96 -23.46 -31.73
C2B 3PE GB . 41.82 -22.03 -32.22
C2C 3PE GB . 40.61 -21.95 -33.16
C2D 3PE GB . 40.31 -20.48 -33.48
C2E 3PE GB . 41.28 -19.97 -34.54
C2F 3PE GB . 41.18 -18.45 -34.61
C2G 3PE GB . 41.70 -17.96 -35.97
C2H 3PE GB . 43.12 -18.48 -36.19
C2I 3PE GB . 43.61 -18.01 -37.56
P 3PE HB . 45.39 -6.00 -0.96
N 3PE HB . 40.98 -6.11 1.51
O11 3PE HB . 45.18 -6.47 -2.53
O12 3PE HB . 45.75 -7.19 -0.12
O13 3PE HB . 44.01 -5.33 -0.38
O14 3PE HB . 46.51 -4.99 -0.90
C11 3PE HB . 43.17 -6.11 0.41
C12 3PE HB . 41.97 -5.26 0.87
C1 3PE HB . 45.68 -5.67 -3.56
C2 3PE HB . 44.61 -5.49 -4.63
C3 3PE HB . 44.67 -6.65 -5.61
O31 3PE HB . 44.58 -6.18 -6.92
O32 3PE HB . 44.57 -8.32 -7.59
C31 3PE HB . 44.58 -7.18 -7.90
C32 3PE HB . 44.60 -6.81 -9.39
C33 3PE HB . 43.63 -7.70 -10.17
C34 3PE HB . 42.54 -6.84 -10.80
C35 3PE HB . 42.05 -7.48 -12.10
C36 3PE HB . 41.58 -6.42 -13.10
C37 3PE HB . 42.40 -5.14 -12.93
C38 3PE HB . 42.26 -4.23 -14.15
C39 3PE HB . 42.98 -2.92 -13.86
C3A 3PE HB . 43.60 -2.36 -15.14
C3B 3PE HB . 42.64 -1.36 -15.80
C3C 3PE HB . 42.87 -1.36 -17.30
C3D 3PE HB . 44.30 -0.93 -17.60
C3E 3PE HB . 44.59 -1.13 -19.09
O21 3PE HB . 43.35 -5.47 -4.01
O22 3PE HB . 42.67 -4.05 -2.41
C21 3PE HB . 42.95 -4.21 -3.55
C22 3PE HB . 42.87 -3.02 -4.51
C23 3PE HB . 41.98 -1.95 -3.87
C24 3PE HB . 41.31 -1.15 -4.99
C25 3PE HB . 40.41 -0.08 -4.35
C26 3PE HB . 39.79 0.78 -5.46
C27 3PE HB . 39.41 2.13 -4.87
C28 3PE HB . 38.51 2.88 -5.85
C29 3PE HB . 39.15 2.92 -7.22
C2A 3PE HB . 38.51 4.03 -8.05
#